data_7CG3
#
_entry.id   7CG3
#
_cell.length_a   1.00
_cell.length_b   1.00
_cell.length_c   1.00
_cell.angle_alpha   90.00
_cell.angle_beta   90.00
_cell.angle_gamma   90.00
#
_symmetry.space_group_name_H-M   'P 1'
#
_entity_poly.entity_id   1
_entity_poly.type   'polypeptide(L)'
_entity_poly.pdbx_seq_one_letter_code
;MVDSRNADTEQENENLSKFCIDMTAMAREGKIDPVIGREEEIRRVIRILSRRTKNNPVLIGEPGVGKTTIVEGLAQRIVN
ADVPDNLAACKLLSLDVGALVAGSKYRGEFEERMKGVLKEIQESKETIILFVDEIHLLMGAGSSGEGGMDAANLLKPMLA
RGQLHCIGATTLAEYRKYIEKDAAFERRFQQVLVKEPSITETISILRGLKEKYEVHHGVNIADAAIVAAANLAARYLTSR
RLPDSAVDLIDEAAAAVRVARESQPEIIDSLERRLRQLKIEIHALSREKDEASKARLAQAKQDAQNVEEELRPLREKYER
ERQRGKAIQEAKMKLEALRVKAEDASRMGDHSRAADLQYYAIPEQEAIIKRLEAEKAAADAALNANGADVGGSMITDVVG
PDQINEIVARWTGIPVTRLKTSEKEKLLHMEQALSKIVVGQKEAVQSVSNAIRLQRSGLSNPNQPPSFLFCGPSGTGKTL
LTKALAEFLFDDPKSMIRFDMSEYQERHSLSRMIGAPPGYVGHDAGGQLTEALRRRPFSILLFDEVEKAAKEVLTVLLQL
MDDGRITDGQGRVVDAKNCIVVMTSNLGAEYLSRANNGKDGKIDPTTRELVMNTLRNYFLPEFLNRISSIVIFNRLTRRE
IRKIVDLRIAEIQKRLTDNDRNVTIKVSDEAKDKLGAQGYSPVYGARPLQRLLEKEVLNRLAILILRGQIREGEVACVEL
VDGKVQVLPNHPDSEPEDVDVDMESDDAVDEVAPDSMDEDIYND
;
_entity_poly.pdbx_strand_id   F,A,B,C,D,E
#
# COMPACT_ATOMS: atom_id res chain seq x y z
N ASN A 15 -74.14 -1.38 -17.15
CA ASN A 15 -73.17 -0.32 -16.98
C ASN A 15 -72.24 -0.62 -15.82
N LEU A 16 -70.99 -0.18 -15.92
CA LEU A 16 -70.03 -0.34 -14.83
C LEU A 16 -70.10 0.83 -13.85
N SER A 17 -71.31 1.13 -13.38
CA SER A 17 -71.52 2.02 -12.26
C SER A 17 -71.46 1.26 -10.94
N LYS A 18 -70.77 0.12 -10.94
CA LYS A 18 -70.78 -0.80 -9.80
C LYS A 18 -70.38 -0.11 -8.52
N PHE A 19 -69.20 0.50 -8.50
CA PHE A 19 -68.60 0.97 -7.26
C PHE A 19 -68.24 2.45 -7.27
N CYS A 20 -68.27 3.11 -8.43
CA CYS A 20 -68.02 4.54 -8.48
C CYS A 20 -69.19 5.30 -7.86
N ILE A 21 -68.94 6.56 -7.49
CA ILE A 21 -69.94 7.41 -6.86
C ILE A 21 -69.92 8.77 -7.54
N ASP A 22 -70.95 9.04 -8.32
CA ASP A 22 -71.14 10.36 -8.92
C ASP A 22 -71.59 11.31 -7.83
N MET A 23 -70.64 12.09 -7.31
CA MET A 23 -70.92 12.95 -6.16
C MET A 23 -71.91 14.05 -6.46
N THR A 24 -72.19 14.32 -7.75
CA THR A 24 -73.24 15.28 -8.08
C THR A 24 -74.55 14.92 -7.42
N ALA A 25 -74.86 13.63 -7.32
CA ALA A 25 -76.08 13.20 -6.65
C ALA A 25 -76.05 13.58 -5.18
N MET A 26 -75.03 13.10 -4.46
CA MET A 26 -74.82 13.43 -3.06
C MET A 26 -74.95 14.93 -2.82
N ALA A 27 -74.51 15.72 -3.79
CA ALA A 27 -74.60 17.17 -3.67
C ALA A 27 -76.03 17.65 -3.85
N ARG A 28 -76.65 17.32 -4.99
CA ARG A 28 -78.01 17.76 -5.28
C ARG A 28 -78.97 17.34 -4.17
N GLU A 29 -78.85 16.10 -3.71
CA GLU A 29 -79.66 15.62 -2.61
C GLU A 29 -79.12 16.02 -1.25
N GLY A 30 -78.15 16.93 -1.19
CA GLY A 30 -77.66 17.46 0.06
C GLY A 30 -77.03 16.45 0.98
N LYS A 31 -76.70 15.26 0.49
CA LYS A 31 -76.10 14.23 1.34
C LYS A 31 -74.71 14.59 1.83
N ILE A 32 -74.18 15.74 1.42
CA ILE A 32 -72.85 16.17 1.85
C ILE A 32 -73.00 17.35 2.82
N ASP A 33 -72.30 17.27 3.94
CA ASP A 33 -72.26 18.38 4.87
C ASP A 33 -71.42 19.51 4.29
N PRO A 34 -71.85 20.76 4.43
CA PRO A 34 -71.04 21.87 3.93
C PRO A 34 -69.81 22.12 4.78
N VAL A 35 -68.67 21.71 4.28
CA VAL A 35 -67.39 21.98 4.94
C VAL A 35 -66.89 23.32 4.45
N ILE A 36 -66.14 24.02 5.30
CA ILE A 36 -65.58 25.31 4.94
C ILE A 36 -64.11 25.31 5.32
N GLY A 37 -63.37 26.24 4.74
CA GLY A 37 -61.93 26.30 4.95
C GLY A 37 -61.20 25.79 3.72
N ARG A 38 -60.06 26.39 3.43
CA ARG A 38 -59.22 26.02 2.28
C ARG A 38 -59.96 26.23 0.96
N GLU A 39 -60.28 27.49 0.68
CA GLU A 39 -61.01 27.87 -0.52
C GLU A 39 -60.07 28.18 -1.68
N GLU A 40 -58.93 28.79 -1.36
CA GLU A 40 -57.90 29.01 -2.37
C GLU A 40 -57.61 27.73 -3.14
N GLU A 41 -57.46 26.63 -2.42
CA GLU A 41 -57.23 25.35 -3.09
C GLU A 41 -58.36 25.00 -4.04
N ILE A 42 -59.60 25.32 -3.65
CA ILE A 42 -60.74 25.05 -4.52
C ILE A 42 -60.61 25.80 -5.83
N ARG A 43 -60.45 27.12 -5.73
CA ARG A 43 -60.30 27.91 -6.95
C ARG A 43 -59.11 27.42 -7.77
N ARG A 44 -58.00 27.13 -7.11
CA ARG A 44 -56.78 26.75 -7.81
C ARG A 44 -56.97 25.43 -8.56
N VAL A 45 -57.61 24.46 -7.92
CA VAL A 45 -57.80 23.18 -8.61
C VAL A 45 -58.78 23.36 -9.75
N ILE A 46 -59.77 24.24 -9.61
CA ILE A 46 -60.63 24.58 -10.74
C ILE A 46 -59.78 25.05 -11.91
N ARG A 47 -58.90 26.02 -11.63
CA ARG A 47 -57.98 26.50 -12.66
C ARG A 47 -57.20 25.36 -13.29
N ILE A 48 -56.71 24.44 -12.45
CA ILE A 48 -55.98 23.28 -12.97
C ILE A 48 -56.84 22.52 -13.95
N LEU A 49 -58.11 22.30 -13.61
CA LEU A 49 -59.02 21.59 -14.51
C LEU A 49 -59.17 22.33 -15.82
N SER A 50 -59.11 23.66 -15.79
CA SER A 50 -59.37 24.41 -17.02
C SER A 50 -58.28 24.24 -18.06
N ARG A 51 -57.01 24.27 -17.66
CA ARG A 51 -55.91 24.43 -18.60
C ARG A 51 -55.79 23.21 -19.53
N ARG A 52 -54.95 23.37 -20.56
CA ARG A 52 -54.75 22.32 -21.55
C ARG A 52 -53.56 21.42 -21.24
N THR A 53 -52.57 21.93 -20.51
CA THR A 53 -51.35 21.15 -20.32
C THR A 53 -51.46 20.21 -19.12
N LYS A 54 -51.86 20.73 -17.98
CA LYS A 54 -52.03 19.92 -16.78
C LYS A 54 -53.48 20.10 -16.33
N ASN A 55 -54.38 19.31 -16.90
CA ASN A 55 -55.78 19.38 -16.49
C ASN A 55 -55.98 18.71 -15.14
N ASN A 56 -55.34 17.55 -14.92
CA ASN A 56 -55.60 16.75 -13.75
C ASN A 56 -54.51 16.96 -12.71
N PRO A 57 -54.84 17.50 -11.54
CA PRO A 57 -53.90 17.55 -10.43
C PRO A 57 -54.00 16.32 -9.54
N VAL A 58 -53.26 16.29 -8.44
CA VAL A 58 -53.40 15.27 -7.42
C VAL A 58 -53.22 15.91 -6.05
N LEU A 59 -54.03 15.48 -5.08
CA LEU A 59 -53.93 16.00 -3.73
C LEU A 59 -52.76 15.35 -3.01
N ILE A 60 -51.90 16.16 -2.42
CA ILE A 60 -50.70 15.71 -1.73
C ILE A 60 -50.87 15.99 -0.25
N GLY A 61 -50.91 14.94 0.55
CA GLY A 61 -51.06 15.11 1.99
C GLY A 61 -51.43 13.84 2.74
N GLU A 62 -51.07 13.80 4.01
CA GLU A 62 -51.38 12.65 4.84
C GLU A 62 -52.89 12.53 5.05
N PRO A 63 -53.38 11.33 5.36
CA PRO A 63 -54.83 11.12 5.44
C PRO A 63 -55.48 12.08 6.42
N GLY A 64 -56.71 12.46 6.11
CA GLY A 64 -57.44 13.39 6.94
C GLY A 64 -58.84 13.64 6.39
N VAL A 65 -59.79 13.94 7.28
CA VAL A 65 -61.12 14.31 6.82
C VAL A 65 -61.03 15.45 5.81
N GLY A 66 -60.27 16.50 6.16
CA GLY A 66 -59.99 17.54 5.17
C GLY A 66 -59.28 17.01 3.96
N LYS A 67 -58.26 16.15 4.18
CA LYS A 67 -57.59 15.51 3.07
C LYS A 67 -58.58 14.77 2.17
N THR A 68 -59.68 14.30 2.74
CA THR A 68 -60.72 13.66 1.96
C THR A 68 -61.79 14.63 1.52
N THR A 69 -62.36 15.39 2.45
CA THR A 69 -63.48 16.28 2.16
C THR A 69 -63.00 17.53 1.43
N ILE A 70 -62.58 17.34 0.20
CA ILE A 70 -62.09 18.45 -0.63
C ILE A 70 -62.86 18.55 -1.93
N VAL A 71 -62.78 17.50 -2.75
CA VAL A 71 -63.54 17.48 -3.97
C VAL A 71 -65.02 17.44 -3.65
N GLU A 72 -65.38 17.06 -2.43
CA GLU A 72 -66.76 17.20 -1.97
C GLU A 72 -67.19 18.66 -2.04
N GLY A 73 -66.51 19.54 -1.30
CA GLY A 73 -66.84 20.95 -1.36
C GLY A 73 -66.72 21.51 -2.76
N LEU A 74 -65.79 20.98 -3.55
CA LEU A 74 -65.74 21.34 -4.96
C LEU A 74 -67.08 21.04 -5.64
N ALA A 75 -67.55 19.80 -5.51
CA ALA A 75 -68.85 19.42 -6.05
C ALA A 75 -69.96 20.29 -5.51
N GLN A 76 -69.81 20.78 -4.28
CA GLN A 76 -70.86 21.61 -3.70
C GLN A 76 -70.89 22.97 -4.37
N ARG A 77 -69.74 23.60 -4.49
CA ARG A 77 -69.66 24.81 -5.30
C ARG A 77 -70.17 24.58 -6.72
N ILE A 78 -70.02 23.35 -7.21
CA ILE A 78 -70.52 23.04 -8.55
C ILE A 78 -72.04 23.05 -8.57
N VAL A 79 -72.67 22.22 -7.72
CA VAL A 79 -74.12 22.10 -7.71
C VAL A 79 -74.79 23.43 -7.38
N ASN A 80 -74.08 24.33 -6.72
CA ASN A 80 -74.59 25.66 -6.46
C ASN A 80 -74.40 26.60 -7.66
N ALA A 81 -74.00 26.05 -8.81
CA ALA A 81 -73.88 26.76 -10.08
C ALA A 81 -72.86 27.89 -10.04
N ASP A 82 -72.07 27.99 -8.98
CA ASP A 82 -71.02 29.02 -8.89
C ASP A 82 -69.68 28.46 -9.34
N VAL A 83 -69.66 27.97 -10.58
CA VAL A 83 -68.47 27.32 -11.13
C VAL A 83 -68.31 27.75 -12.60
N PRO A 84 -67.12 27.55 -13.16
CA PRO A 84 -66.91 27.94 -14.56
C PRO A 84 -67.86 27.22 -15.50
N ASP A 85 -68.37 27.99 -16.48
CA ASP A 85 -69.34 27.46 -17.42
C ASP A 85 -68.76 26.34 -18.27
N ASN A 86 -67.57 26.57 -18.85
CA ASN A 86 -66.91 25.52 -19.63
C ASN A 86 -66.65 24.27 -18.80
N LEU A 87 -66.68 24.38 -17.48
CA LEU A 87 -66.62 23.22 -16.60
C LEU A 87 -67.93 22.97 -15.86
N ALA A 88 -68.93 23.83 -16.06
CA ALA A 88 -70.22 23.65 -15.38
C ALA A 88 -70.90 22.37 -15.83
N ALA A 89 -70.72 21.99 -17.09
CA ALA A 89 -71.42 20.82 -17.63
C ALA A 89 -70.92 19.51 -17.02
N CYS A 90 -69.76 19.52 -16.37
CA CYS A 90 -69.17 18.28 -15.90
C CYS A 90 -70.04 17.61 -14.84
N LYS A 91 -69.74 16.33 -14.60
CA LYS A 91 -70.47 15.52 -13.64
C LYS A 91 -69.46 14.79 -12.76
N LEU A 92 -69.75 14.77 -11.45
CA LEU A 92 -68.82 14.21 -10.49
C LEU A 92 -68.63 12.70 -10.69
N LEU A 93 -67.62 12.19 -10.01
CA LEU A 93 -67.38 10.76 -9.93
C LEU A 93 -66.24 10.51 -8.96
N SER A 94 -66.12 9.27 -8.51
CA SER A 94 -65.08 8.87 -7.59
C SER A 94 -64.79 7.40 -7.80
N LEU A 95 -63.63 6.97 -7.35
CA LEU A 95 -63.23 5.58 -7.47
C LEU A 95 -63.08 4.96 -6.09
N ASP A 96 -63.35 3.65 -6.02
CA ASP A 96 -63.13 2.87 -4.81
C ASP A 96 -62.16 1.75 -5.14
N VAL A 97 -60.93 1.86 -4.63
CA VAL A 97 -59.93 0.82 -4.87
C VAL A 97 -60.41 -0.51 -4.30
N GLY A 98 -60.65 -0.54 -2.99
CA GLY A 98 -61.04 -1.78 -2.33
C GLY A 98 -62.29 -2.39 -2.93
N ALA A 99 -63.18 -1.57 -3.47
CA ALA A 99 -64.41 -2.11 -4.06
C ALA A 99 -64.15 -2.75 -5.40
N LEU A 100 -63.29 -2.14 -6.24
CA LEU A 100 -63.01 -2.73 -7.54
C LEU A 100 -62.08 -3.93 -7.44
N VAL A 101 -61.16 -3.94 -6.48
CA VAL A 101 -60.19 -5.04 -6.37
C VAL A 101 -60.77 -6.32 -5.81
N ALA A 102 -62.04 -6.32 -5.41
CA ALA A 102 -62.62 -7.50 -4.77
C ALA A 102 -62.76 -8.69 -5.73
N GLY A 103 -62.41 -8.52 -7.00
CA GLY A 103 -62.56 -9.63 -7.94
C GLY A 103 -61.49 -10.69 -7.78
N SER A 104 -60.26 -10.27 -7.56
CA SER A 104 -59.13 -11.19 -7.54
C SER A 104 -58.08 -10.72 -6.54
N LYS A 105 -56.89 -11.31 -6.65
CA LYS A 105 -55.81 -11.00 -5.71
C LYS A 105 -54.88 -9.92 -6.26
N TYR A 106 -54.34 -10.13 -7.46
CA TYR A 106 -53.52 -9.16 -8.16
C TYR A 106 -54.42 -8.33 -9.06
N ARG A 107 -53.85 -7.60 -10.02
CA ARG A 107 -54.64 -6.79 -10.94
C ARG A 107 -55.72 -7.62 -11.63
N GLY A 108 -55.32 -8.63 -12.42
CA GLY A 108 -56.27 -9.60 -12.96
C GLY A 108 -57.54 -9.04 -13.58
N GLU A 109 -58.70 -9.54 -13.13
CA GLU A 109 -59.96 -9.02 -13.66
C GLU A 109 -60.23 -7.60 -13.16
N PHE A 110 -59.82 -7.30 -11.93
CA PHE A 110 -59.82 -5.91 -11.48
C PHE A 110 -59.14 -5.00 -12.51
N GLU A 111 -58.06 -5.48 -13.13
CA GLU A 111 -57.50 -4.75 -14.26
C GLU A 111 -58.50 -4.66 -15.40
N GLU A 112 -59.21 -5.76 -15.69
CA GLU A 112 -60.26 -5.67 -16.70
C GLU A 112 -61.42 -4.82 -16.21
N ARG A 113 -61.63 -4.75 -14.89
CA ARG A 113 -62.64 -3.83 -14.37
C ARG A 113 -62.27 -2.39 -14.69
N MET A 114 -61.03 -2.01 -14.40
CA MET A 114 -60.55 -0.68 -14.80
C MET A 114 -60.69 -0.49 -16.30
N LYS A 115 -60.41 -1.54 -17.08
CA LYS A 115 -60.58 -1.45 -18.52
C LYS A 115 -62.02 -1.11 -18.87
N GLY A 116 -62.98 -1.82 -18.29
CA GLY A 116 -64.37 -1.58 -18.59
C GLY A 116 -64.82 -0.19 -18.21
N VAL A 117 -64.31 0.32 -17.09
CA VAL A 117 -64.74 1.65 -16.68
C VAL A 117 -64.01 2.76 -17.43
N LEU A 118 -62.84 2.47 -18.01
CA LEU A 118 -62.10 3.46 -18.77
C LEU A 118 -62.98 4.08 -19.84
N LYS A 119 -63.45 3.26 -20.78
CA LYS A 119 -64.22 3.75 -21.91
C LYS A 119 -65.45 4.52 -21.47
N GLU A 120 -66.03 4.17 -20.32
CA GLU A 120 -67.32 4.72 -19.91
C GLU A 120 -67.40 6.23 -20.06
N ILE A 121 -66.29 6.93 -19.87
CA ILE A 121 -66.31 8.38 -20.05
C ILE A 121 -66.37 8.72 -21.54
N GLN A 122 -65.69 7.92 -22.37
CA GLN A 122 -65.82 8.11 -23.82
C GLN A 122 -67.27 8.00 -24.26
N GLU A 123 -68.04 7.12 -23.62
CA GLU A 123 -69.48 7.07 -23.83
C GLU A 123 -70.19 7.92 -22.76
N SER A 124 -69.78 9.18 -22.70
CA SER A 124 -70.42 10.17 -21.84
C SER A 124 -70.44 11.47 -22.63
N LYS A 125 -71.54 11.71 -23.34
CA LYS A 125 -71.66 12.92 -24.14
C LYS A 125 -71.53 14.16 -23.28
N GLU A 126 -72.16 14.15 -22.11
CA GLU A 126 -71.91 15.16 -21.10
C GLU A 126 -70.59 14.87 -20.41
N THR A 127 -69.81 15.92 -20.18
CA THR A 127 -68.49 15.75 -19.58
C THR A 127 -68.61 15.32 -18.12
N ILE A 128 -67.64 14.51 -17.69
CA ILE A 128 -67.62 13.92 -16.36
C ILE A 128 -66.31 14.29 -15.69
N ILE A 129 -66.29 14.25 -14.37
CA ILE A 129 -65.07 14.46 -13.60
C ILE A 129 -64.99 13.37 -12.53
N LEU A 130 -63.88 12.65 -12.51
CA LEU A 130 -63.71 11.47 -11.68
C LEU A 130 -62.76 11.78 -10.53
N PHE A 131 -62.81 10.94 -9.50
CA PHE A 131 -61.82 10.95 -8.43
C PHE A 131 -61.18 9.58 -8.32
N VAL A 132 -59.85 9.54 -8.41
CA VAL A 132 -59.09 8.33 -8.11
C VAL A 132 -57.85 8.68 -7.30
N ASP A 133 -57.92 8.51 -5.99
CA ASP A 133 -56.70 8.59 -5.21
C ASP A 133 -55.90 7.30 -5.34
N GLU A 134 -54.67 7.33 -4.86
CA GLU A 134 -53.83 6.14 -4.73
C GLU A 134 -53.60 5.43 -6.05
N ILE A 135 -53.94 6.06 -7.17
CA ILE A 135 -53.74 5.46 -8.48
C ILE A 135 -52.29 5.04 -8.66
N HIS A 136 -51.36 5.76 -8.05
CA HIS A 136 -49.96 5.36 -8.07
C HIS A 136 -49.79 3.93 -7.57
N LEU A 137 -50.57 3.53 -6.57
CA LEU A 137 -50.58 2.12 -6.19
C LEU A 137 -51.27 1.28 -7.25
N LEU A 138 -52.35 1.80 -7.84
CA LEU A 138 -53.05 1.05 -8.87
C LEU A 138 -52.21 0.88 -10.12
N MET A 139 -51.19 1.73 -10.30
CA MET A 139 -50.29 1.65 -11.44
C MET A 139 -48.89 1.18 -11.08
N GLY A 140 -48.25 1.83 -10.13
CA GLY A 140 -46.91 1.42 -9.71
C GLY A 140 -46.94 0.57 -8.46
N LEU A 155 -49.99 3.11 -15.50
CA LEU A 155 -49.66 2.52 -16.79
C LEU A 155 -50.87 2.49 -17.70
N LYS A 156 -52.06 2.38 -17.09
CA LYS A 156 -53.27 2.18 -17.89
C LYS A 156 -53.73 3.45 -18.58
N PRO A 157 -54.05 4.56 -17.86
CA PRO A 157 -54.73 5.69 -18.49
C PRO A 157 -53.79 6.65 -19.23
N MET A 158 -52.88 6.10 -20.03
CA MET A 158 -52.12 6.94 -20.94
C MET A 158 -53.04 7.66 -21.91
N LEU A 159 -54.28 7.21 -22.04
CA LEU A 159 -55.33 7.87 -22.79
C LEU A 159 -55.80 9.17 -22.14
N ALA A 160 -55.18 9.59 -21.05
CA ALA A 160 -55.59 10.83 -20.40
C ALA A 160 -54.98 12.03 -21.08
N ARG A 161 -55.12 12.12 -22.40
CA ARG A 161 -54.50 13.18 -23.18
C ARG A 161 -55.49 14.27 -23.56
N GLY A 162 -56.61 14.37 -22.85
CA GLY A 162 -57.62 15.35 -23.16
C GLY A 162 -59.00 14.75 -23.24
N GLN A 163 -59.12 13.51 -22.76
CA GLN A 163 -60.38 12.78 -22.82
C GLN A 163 -61.02 12.55 -21.46
N LEU A 164 -60.41 13.03 -20.38
CA LEU A 164 -60.91 12.71 -19.05
C LEU A 164 -60.59 13.82 -18.07
N HIS A 165 -61.12 13.67 -16.87
CA HIS A 165 -60.91 14.61 -15.78
C HIS A 165 -60.94 13.85 -14.47
N CYS A 166 -59.85 13.91 -13.72
CA CYS A 166 -59.74 13.16 -12.48
C CYS A 166 -58.75 13.85 -11.56
N ILE A 167 -58.69 13.34 -10.32
CA ILE A 167 -57.74 13.83 -9.32
C ILE A 167 -57.51 12.71 -8.32
N GLY A 168 -56.35 12.75 -7.67
CA GLY A 168 -56.05 11.80 -6.61
C GLY A 168 -55.74 12.54 -5.32
N ALA A 169 -55.76 11.77 -4.23
CA ALA A 169 -55.42 12.27 -2.89
C ALA A 169 -54.37 11.33 -2.31
N THR A 170 -53.15 11.84 -2.18
CA THR A 170 -52.02 11.02 -1.75
C THR A 170 -51.08 11.91 -0.93
N THR A 171 -49.85 11.46 -0.75
CA THR A 171 -48.83 12.21 -0.04
C THR A 171 -47.65 12.46 -0.97
N LEU A 172 -46.83 13.45 -0.59
CA LEU A 172 -45.64 13.76 -1.37
C LEU A 172 -44.69 12.58 -1.40
N ALA A 173 -44.61 11.82 -0.31
CA ALA A 173 -43.74 10.65 -0.29
C ALA A 173 -44.08 9.70 -1.43
N GLU A 174 -45.30 9.17 -1.41
CA GLU A 174 -45.72 8.25 -2.47
C GLU A 174 -45.73 8.93 -3.82
N TYR A 175 -45.93 10.25 -3.86
CA TYR A 175 -45.85 10.97 -5.12
C TYR A 175 -44.47 10.79 -5.74
N ARG A 176 -43.42 11.13 -4.98
CA ARG A 176 -42.07 10.93 -5.47
C ARG A 176 -41.78 9.46 -5.71
N LYS A 177 -42.43 8.58 -4.94
CA LYS A 177 -42.21 7.15 -5.14
C LYS A 177 -42.65 6.70 -6.53
N TYR A 178 -43.86 7.07 -6.93
CA TYR A 178 -44.44 6.53 -8.16
C TYR A 178 -44.64 7.58 -9.25
N ILE A 179 -45.37 8.66 -8.96
CA ILE A 179 -45.84 9.53 -10.03
C ILE A 179 -44.72 10.39 -10.57
N GLU A 180 -43.95 11.02 -9.68
CA GLU A 180 -42.86 11.89 -10.12
C GLU A 180 -41.91 11.18 -11.07
N LYS A 181 -41.77 9.85 -10.92
CA LYS A 181 -40.77 9.13 -11.69
C LYS A 181 -41.05 9.16 -13.19
N ASP A 182 -42.31 9.22 -13.57
CA ASP A 182 -42.66 9.29 -14.99
C ASP A 182 -42.80 10.75 -15.41
N ALA A 183 -42.05 11.14 -16.45
CA ALA A 183 -42.09 12.52 -16.91
C ALA A 183 -43.46 12.87 -17.46
N ALA A 184 -44.10 11.94 -18.17
CA ALA A 184 -45.41 12.23 -18.74
C ALA A 184 -46.44 12.51 -17.66
N PHE A 185 -46.34 11.80 -16.54
CA PHE A 185 -47.20 12.10 -15.39
C PHE A 185 -47.18 13.58 -15.08
N GLU A 186 -45.98 14.13 -14.86
CA GLU A 186 -45.84 15.57 -14.68
C GLU A 186 -46.44 16.32 -15.85
N ARG A 187 -46.02 15.96 -17.08
CA ARG A 187 -46.46 16.68 -18.27
C ARG A 187 -47.98 16.76 -18.38
N ARG A 188 -48.70 15.93 -17.63
CA ARG A 188 -50.15 16.05 -17.54
C ARG A 188 -50.62 16.61 -16.21
N PHE A 189 -49.72 16.86 -15.27
CA PHE A 189 -50.12 17.07 -13.89
C PHE A 189 -49.38 18.24 -13.26
N GLN A 190 -49.82 18.58 -12.05
CA GLN A 190 -49.13 19.49 -11.14
C GLN A 190 -49.37 18.99 -9.72
N GLN A 191 -49.06 19.83 -8.74
CA GLN A 191 -49.23 19.50 -7.34
C GLN A 191 -50.28 20.41 -6.71
N VAL A 192 -50.55 20.16 -5.43
CA VAL A 192 -51.40 21.04 -4.63
C VAL A 192 -50.98 20.89 -3.18
N LEU A 193 -51.12 21.97 -2.41
CA LEU A 193 -50.57 22.06 -1.07
C LEU A 193 -51.71 22.18 -0.07
N VAL A 194 -51.79 21.22 0.85
CA VAL A 194 -52.82 21.20 1.88
C VAL A 194 -52.10 21.01 3.21
N LYS A 195 -50.85 21.47 3.27
CA LYS A 195 -49.91 21.05 4.30
C LYS A 195 -50.50 21.14 5.71
N GLU A 196 -50.90 22.33 6.14
CA GLU A 196 -51.27 22.54 7.55
C GLU A 196 -52.60 23.25 7.70
N PRO A 197 -53.66 22.54 8.12
CA PRO A 197 -54.87 23.21 8.60
C PRO A 197 -54.65 23.68 10.04
N SER A 198 -54.63 25.00 10.24
CA SER A 198 -54.13 25.55 11.48
C SER A 198 -54.96 25.10 12.67
N ILE A 199 -54.33 25.19 13.84
CA ILE A 199 -54.99 24.80 15.09
C ILE A 199 -56.26 25.61 15.30
N THR A 200 -56.11 26.93 15.39
CA THR A 200 -57.26 27.81 15.49
C THR A 200 -58.22 27.59 14.32
N GLU A 201 -57.69 27.23 13.17
CA GLU A 201 -58.57 27.03 12.03
C GLU A 201 -59.26 25.67 12.09
N THR A 202 -58.60 24.65 12.62
CA THR A 202 -59.32 23.42 12.93
C THR A 202 -60.44 23.69 13.93
N ILE A 203 -60.17 24.54 14.91
CA ILE A 203 -61.20 24.95 15.85
C ILE A 203 -62.33 25.64 15.11
N SER A 204 -62.02 26.43 14.10
CA SER A 204 -63.06 27.11 13.33
C SER A 204 -63.89 26.11 12.53
N ILE A 205 -63.24 25.12 11.93
CA ILE A 205 -63.97 24.02 11.29
C ILE A 205 -64.96 23.43 12.27
N LEU A 206 -64.50 23.17 13.49
CA LEU A 206 -65.40 22.59 14.47
C LEU A 206 -66.45 23.61 14.92
N ARG A 207 -66.13 24.90 14.88
CA ARG A 207 -67.12 25.92 15.21
C ARG A 207 -68.30 25.84 14.25
N GLY A 208 -68.01 25.62 12.97
CA GLY A 208 -69.07 25.37 12.02
C GLY A 208 -69.75 24.03 12.29
N LEU A 209 -68.97 22.98 12.43
CA LEU A 209 -69.46 21.62 12.63
C LEU A 209 -70.21 21.45 13.94
N LYS A 210 -70.23 22.47 14.79
CA LYS A 210 -70.98 22.43 16.04
C LYS A 210 -72.41 21.98 15.81
N GLU A 211 -73.14 22.71 14.96
CA GLU A 211 -74.55 22.41 14.77
C GLU A 211 -74.76 21.06 14.09
N LYS A 212 -73.82 20.64 13.24
CA LYS A 212 -74.00 19.38 12.53
C LYS A 212 -73.80 18.19 13.46
N TYR A 213 -72.70 18.19 14.22
CA TYR A 213 -72.55 17.17 15.25
C TYR A 213 -73.67 17.23 16.26
N GLU A 214 -74.24 18.42 16.50
CA GLU A 214 -75.41 18.52 17.36
C GLU A 214 -76.56 17.70 16.78
N VAL A 215 -77.04 18.09 15.59
CA VAL A 215 -78.17 17.41 14.97
C VAL A 215 -77.90 15.93 14.79
N HIS A 216 -76.64 15.53 14.67
CA HIS A 216 -76.33 14.10 14.62
C HIS A 216 -76.52 13.45 16.00
N HIS A 217 -75.74 13.91 16.97
CA HIS A 217 -75.77 13.31 18.30
C HIS A 217 -76.92 13.83 19.15
N GLY A 218 -77.54 14.95 18.77
CA GLY A 218 -78.62 15.50 19.57
C GLY A 218 -78.19 16.06 20.90
N VAL A 219 -76.99 16.62 21.00
CA VAL A 219 -76.46 17.14 22.25
C VAL A 219 -75.75 18.46 21.99
N ASN A 220 -76.09 19.49 22.76
CA ASN A 220 -75.36 20.74 22.72
C ASN A 220 -73.96 20.54 23.29
N ILE A 221 -73.09 21.54 23.06
CA ILE A 221 -71.78 21.57 23.68
C ILE A 221 -71.42 23.01 24.01
N ALA A 222 -70.76 23.19 25.14
CA ALA A 222 -70.04 24.44 25.38
C ALA A 222 -68.83 24.48 24.44
N ASP A 223 -68.85 25.44 23.52
CA ASP A 223 -67.83 25.48 22.47
C ASP A 223 -66.42 25.44 23.05
N ALA A 224 -66.19 26.17 24.15
CA ALA A 224 -64.87 26.20 24.76
C ALA A 224 -64.41 24.83 25.19
N ALA A 225 -65.34 23.93 25.53
CA ALA A 225 -64.96 22.56 25.85
C ALA A 225 -64.27 21.90 24.67
N ILE A 226 -64.91 21.95 23.50
CA ILE A 226 -64.28 21.41 22.30
C ILE A 226 -62.99 22.15 22.00
N VAL A 227 -62.97 23.47 22.24
CA VAL A 227 -61.77 24.26 22.01
C VAL A 227 -60.59 23.67 22.77
N ALA A 228 -60.73 23.58 24.09
CA ALA A 228 -59.67 23.04 24.92
C ALA A 228 -59.36 21.60 24.55
N ALA A 229 -60.40 20.81 24.22
CA ALA A 229 -60.16 19.45 23.77
C ALA A 229 -59.17 19.45 22.61
N ALA A 230 -59.44 20.27 21.61
CA ALA A 230 -58.55 20.36 20.47
C ALA A 230 -57.18 20.87 20.86
N ASN A 231 -57.13 21.89 21.72
CA ASN A 231 -55.84 22.43 22.15
C ASN A 231 -54.97 21.34 22.75
N LEU A 232 -55.50 20.61 23.71
CA LEU A 232 -54.73 19.56 24.34
C LEU A 232 -54.40 18.44 23.37
N ALA A 233 -55.38 18.02 22.55
CA ALA A 233 -55.08 17.03 21.52
C ALA A 233 -53.92 17.47 20.65
N ALA A 234 -53.81 18.77 20.40
CA ALA A 234 -52.66 19.30 19.67
C ALA A 234 -51.39 19.13 20.49
N ARG A 235 -51.46 19.51 21.77
CA ARG A 235 -50.31 19.32 22.65
C ARG A 235 -49.93 17.85 22.75
N TYR A 236 -50.82 16.97 22.30
CA TYR A 236 -50.72 15.53 22.51
C TYR A 236 -50.37 14.87 21.19
N LEU A 237 -49.20 14.27 21.13
CA LEU A 237 -48.55 13.99 19.86
C LEU A 237 -49.08 12.66 19.33
N THR A 238 -50.29 12.67 18.81
CA THR A 238 -50.94 11.48 18.28
C THR A 238 -50.68 11.37 16.79
N SER A 239 -50.62 10.13 16.30
CA SER A 239 -50.48 9.90 14.86
C SER A 239 -51.57 10.62 14.08
N ARG A 240 -52.77 10.71 14.65
CA ARG A 240 -53.82 11.53 14.09
C ARG A 240 -53.32 12.94 13.82
N ARG A 241 -53.60 13.45 12.63
CA ARG A 241 -53.16 14.80 12.28
C ARG A 241 -54.06 15.82 12.97
N LEU A 242 -53.71 17.10 12.80
CA LEU A 242 -54.25 18.19 13.60
C LEU A 242 -55.78 18.17 13.59
N PRO A 243 -56.45 18.29 12.44
CA PRO A 243 -57.92 18.15 12.47
C PRO A 243 -58.38 16.71 12.57
N ASP A 244 -57.52 15.74 12.25
CA ASP A 244 -57.92 14.35 12.29
C ASP A 244 -58.29 13.92 13.69
N SER A 245 -57.32 14.02 14.61
CA SER A 245 -57.61 13.80 16.02
C SER A 245 -58.86 14.55 16.46
N ALA A 246 -59.03 15.79 15.98
CA ALA A 246 -60.17 16.60 16.38
C ALA A 246 -61.47 15.89 16.05
N VAL A 247 -61.72 15.65 14.76
CA VAL A 247 -62.94 14.96 14.34
C VAL A 247 -63.09 13.66 15.10
N ASP A 248 -62.02 12.86 15.15
CA ASP A 248 -62.09 11.53 15.73
C ASP A 248 -62.58 11.59 17.18
N LEU A 249 -61.81 12.24 18.05
CA LEU A 249 -62.12 12.18 19.47
C LEU A 249 -63.36 13.00 19.80
N ILE A 250 -63.57 14.14 19.14
CA ILE A 250 -64.75 14.94 19.43
C ILE A 250 -66.01 14.16 19.08
N ASP A 251 -66.04 13.51 17.92
CA ASP A 251 -67.26 12.83 17.53
C ASP A 251 -67.47 11.55 18.34
N GLU A 252 -66.39 10.85 18.70
CA GLU A 252 -66.59 9.68 19.55
C GLU A 252 -67.04 10.09 20.95
N ALA A 253 -66.55 11.21 21.47
CA ALA A 253 -67.00 11.69 22.77
C ALA A 253 -68.45 12.16 22.70
N ALA A 254 -68.84 12.75 21.57
CA ALA A 254 -70.24 13.14 21.40
C ALA A 254 -71.15 11.91 21.36
N ALA A 255 -70.70 10.84 20.70
CA ALA A 255 -71.45 9.59 20.73
C ALA A 255 -71.54 9.04 22.15
N ALA A 256 -70.45 9.12 22.90
CA ALA A 256 -70.46 8.65 24.28
C ALA A 256 -71.43 9.45 25.13
N VAL A 257 -71.45 10.77 24.95
CA VAL A 257 -72.37 11.61 25.71
C VAL A 257 -73.81 11.34 25.31
N ARG A 258 -74.06 11.11 24.02
CA ARG A 258 -75.42 10.88 23.57
C ARG A 258 -75.94 9.51 24.00
N VAL A 259 -75.04 8.53 24.20
CA VAL A 259 -75.52 7.26 24.71
C VAL A 259 -75.63 7.30 26.23
N ALA A 260 -74.78 8.07 26.90
CA ALA A 260 -74.88 8.18 28.35
C ALA A 260 -76.08 9.02 28.76
N ARG A 261 -76.53 9.93 27.91
CA ARG A 261 -77.63 10.80 28.25
C ARG A 261 -78.95 10.03 28.30
N GLU A 262 -79.22 9.21 27.29
CA GLU A 262 -80.43 8.41 27.28
C GLU A 262 -80.43 7.34 28.37
N SER A 263 -79.26 6.92 28.84
CA SER A 263 -79.17 5.93 29.89
C SER A 263 -78.91 6.59 31.25
N MET A 394 -79.76 17.64 34.99
CA MET A 394 -79.00 16.46 34.56
C MET A 394 -79.92 15.42 33.93
N ILE A 395 -79.58 14.97 32.72
CA ILE A 395 -78.39 15.44 32.01
C ILE A 395 -78.78 16.32 30.83
N THR A 396 -78.30 17.57 30.86
CA THR A 396 -78.55 18.48 29.75
C THR A 396 -77.82 18.01 28.51
N ASP A 397 -78.25 18.55 27.36
CA ASP A 397 -77.60 18.18 26.10
C ASP A 397 -76.17 18.68 26.04
N VAL A 398 -75.86 19.77 26.75
CA VAL A 398 -74.51 20.32 26.71
C VAL A 398 -73.51 19.30 27.24
N VAL A 399 -72.57 18.91 26.38
CA VAL A 399 -71.53 17.98 26.79
C VAL A 399 -70.67 18.63 27.87
N GLY A 400 -70.46 17.91 28.97
CA GLY A 400 -69.66 18.41 30.06
C GLY A 400 -68.19 18.53 29.69
N PRO A 401 -67.61 19.71 29.92
CA PRO A 401 -66.18 19.88 29.62
C PRO A 401 -65.30 18.93 30.41
N ASP A 402 -65.61 18.74 31.70
CA ASP A 402 -64.83 17.84 32.54
C ASP A 402 -64.76 16.43 31.94
N GLN A 403 -65.88 15.96 31.39
CA GLN A 403 -65.88 14.65 30.73
C GLN A 403 -64.75 14.59 29.71
N ILE A 404 -64.67 15.56 28.83
CA ILE A 404 -63.66 15.56 27.77
C ILE A 404 -62.27 15.72 28.37
N ASN A 405 -62.14 16.54 29.41
CA ASN A 405 -60.85 16.72 30.06
C ASN A 405 -60.31 15.38 30.55
N GLU A 406 -61.13 14.64 31.28
CA GLU A 406 -60.68 13.34 31.77
C GLU A 406 -60.54 12.34 30.63
N ILE A 407 -61.37 12.45 29.59
CA ILE A 407 -61.25 11.58 28.43
C ILE A 407 -59.85 11.69 27.84
N VAL A 408 -59.41 12.91 27.59
CA VAL A 408 -58.12 13.10 26.96
C VAL A 408 -57.01 12.76 27.95
N ALA A 409 -57.19 13.14 29.22
CA ALA A 409 -56.21 12.83 30.24
C ALA A 409 -55.93 11.34 30.30
N ARG A 410 -56.97 10.52 30.20
CA ARG A 410 -56.76 9.07 30.24
C ARG A 410 -56.29 8.54 28.90
N TRP A 411 -56.73 9.13 27.79
CA TRP A 411 -56.25 8.68 26.49
C TRP A 411 -54.74 8.81 26.40
N THR A 412 -54.20 9.91 26.92
CA THR A 412 -52.76 10.06 26.99
C THR A 412 -52.16 9.45 28.25
N GLY A 413 -52.94 9.35 29.31
CA GLY A 413 -52.39 8.92 30.59
C GLY A 413 -51.74 10.02 31.38
N ILE A 414 -51.93 11.28 30.98
CA ILE A 414 -51.34 12.42 31.67
C ILE A 414 -52.39 12.98 32.62
N PRO A 415 -52.03 13.35 33.85
CA PRO A 415 -53.03 13.86 34.80
C PRO A 415 -53.74 15.09 34.26
N VAL A 416 -55.05 15.17 34.55
CA VAL A 416 -55.86 16.31 34.15
C VAL A 416 -55.36 17.60 34.78
N THR A 417 -54.50 17.51 35.80
CA THR A 417 -53.89 18.69 36.38
C THR A 417 -53.28 19.59 35.31
N ARG A 418 -52.73 19.00 34.25
CA ARG A 418 -52.18 19.79 33.16
C ARG A 418 -53.25 20.63 32.49
N LEU A 419 -54.47 20.11 32.39
CA LEU A 419 -55.56 20.89 31.80
C LEU A 419 -55.88 22.10 32.67
N LYS A 420 -55.56 22.05 33.95
CA LYS A 420 -55.70 23.20 34.82
C LYS A 420 -54.44 24.06 34.74
N THR A 421 -54.37 25.05 35.64
CA THR A 421 -53.26 25.98 35.81
C THR A 421 -53.11 26.95 34.65
N SER A 422 -53.87 26.77 33.57
CA SER A 422 -53.91 27.70 32.43
C SER A 422 -52.57 27.82 31.74
N GLU A 423 -51.56 27.09 32.22
CA GLU A 423 -50.19 27.16 31.72
C GLU A 423 -49.67 28.58 31.62
N LYS A 424 -50.31 29.51 32.33
CA LYS A 424 -49.87 30.90 32.41
C LYS A 424 -49.30 31.22 33.77
N GLU A 425 -50.07 31.03 34.84
CA GLU A 425 -49.54 31.26 36.18
C GLU A 425 -48.42 30.29 36.49
N LYS A 426 -48.57 29.03 36.07
CA LYS A 426 -47.48 28.07 36.23
C LYS A 426 -46.24 28.52 35.45
N LEU A 427 -46.43 29.32 34.41
CA LEU A 427 -45.30 29.91 33.71
C LEU A 427 -44.77 31.15 34.41
N LEU A 428 -45.59 31.78 35.26
CA LEU A 428 -45.14 32.91 36.07
C LEU A 428 -44.48 32.45 37.36
N HIS A 429 -45.00 31.39 37.97
CA HIS A 429 -44.44 30.80 39.18
C HIS A 429 -43.58 29.58 38.85
N MET A 430 -43.13 29.47 37.61
CA MET A 430 -42.30 28.36 37.18
C MET A 430 -41.01 28.28 37.98
N GLU A 431 -40.41 29.44 38.27
CA GLU A 431 -39.14 29.49 38.98
C GLU A 431 -39.19 28.76 40.30
N GLN A 432 -40.35 28.76 40.95
CA GLN A 432 -40.54 27.98 42.17
C GLN A 432 -40.17 26.53 41.92
N ALA A 433 -40.88 25.89 40.99
CA ALA A 433 -40.58 24.50 40.65
C ALA A 433 -39.12 24.35 40.22
N LEU A 434 -38.62 25.29 39.42
CA LEU A 434 -37.24 25.21 38.94
C LEU A 434 -36.27 25.05 40.10
N SER A 435 -36.31 26.00 41.04
CA SER A 435 -35.55 25.86 42.28
C SER A 435 -35.79 24.50 42.91
N LYS A 436 -37.06 24.15 43.10
CA LYS A 436 -37.41 22.96 43.86
C LYS A 436 -36.88 21.67 43.24
N ILE A 437 -36.20 21.76 42.11
CA ILE A 437 -35.49 20.61 41.57
C ILE A 437 -34.01 20.77 41.89
N VAL A 438 -33.40 21.83 41.36
CA VAL A 438 -32.05 22.21 41.73
C VAL A 438 -32.05 23.72 41.90
N VAL A 439 -31.18 24.21 42.77
CA VAL A 439 -31.05 25.63 43.04
C VAL A 439 -29.57 26.00 42.92
N GLY A 440 -29.27 27.27 43.17
CA GLY A 440 -27.92 27.77 43.15
C GLY A 440 -27.59 28.63 41.94
N GLN A 441 -28.46 28.65 40.92
CA GLN A 441 -28.24 29.47 39.73
C GLN A 441 -29.53 30.24 39.45
N LYS A 442 -29.67 31.39 40.10
CA LYS A 442 -30.85 32.22 39.88
C LYS A 442 -30.90 32.73 38.45
N GLU A 443 -29.73 33.06 37.89
CA GLU A 443 -29.69 33.57 36.53
C GLU A 443 -30.27 32.54 35.56
N ALA A 444 -30.02 31.25 35.81
CA ALA A 444 -30.58 30.21 34.95
C ALA A 444 -32.10 30.28 34.94
N VAL A 445 -32.70 30.15 36.12
CA VAL A 445 -34.15 30.06 36.20
C VAL A 445 -34.79 31.33 35.66
N GLN A 446 -34.23 32.50 36.00
CA GLN A 446 -34.83 33.74 35.55
C GLN A 446 -34.72 33.89 34.04
N SER A 447 -33.52 33.71 33.49
CA SER A 447 -33.33 33.79 32.04
C SER A 447 -34.30 32.89 31.31
N VAL A 448 -34.33 31.60 31.67
CA VAL A 448 -35.11 30.66 30.88
C VAL A 448 -36.60 30.92 31.07
N SER A 449 -37.04 31.25 32.28
CA SER A 449 -38.45 31.47 32.52
C SER A 449 -38.94 32.71 31.78
N ASN A 450 -38.18 33.79 31.84
CA ASN A 450 -38.57 34.98 31.12
C ASN A 450 -38.49 34.77 29.62
N ALA A 451 -37.56 33.93 29.15
CA ALA A 451 -37.49 33.67 27.72
C ALA A 451 -38.70 32.87 27.23
N ILE A 452 -39.13 31.88 28.02
CA ILE A 452 -40.28 31.09 27.61
C ILE A 452 -41.55 31.91 27.71
N ARG A 453 -41.66 32.78 28.72
CA ARG A 453 -42.79 33.69 28.75
C ARG A 453 -42.74 34.66 27.59
N LEU A 454 -41.55 35.04 27.16
CA LEU A 454 -41.39 35.95 26.02
C LEU A 454 -41.91 35.30 24.74
N GLN A 455 -41.48 34.05 24.49
CA GLN A 455 -42.03 33.33 23.35
C GLN A 455 -43.53 33.14 23.49
N ARG A 456 -44.03 32.99 24.72
CA ARG A 456 -45.47 32.88 24.91
C ARG A 456 -46.14 34.22 24.66
N SER A 457 -45.55 35.30 25.17
CA SER A 457 -46.14 36.63 24.98
C SER A 457 -46.02 37.11 23.54
N GLY A 458 -45.19 36.46 22.73
CA GLY A 458 -45.06 36.83 21.33
C GLY A 458 -44.35 38.13 21.07
N LEU A 459 -43.86 38.81 22.09
CA LEU A 459 -43.10 40.04 21.86
C LEU A 459 -41.89 39.79 20.98
N SER A 460 -41.27 38.62 21.12
CA SER A 460 -40.15 38.22 20.27
C SER A 460 -40.65 37.69 18.94
N ASN A 461 -39.77 37.04 18.20
CA ASN A 461 -40.16 36.35 16.97
C ASN A 461 -41.20 35.29 17.29
N PRO A 462 -42.43 35.42 16.80
CA PRO A 462 -43.52 34.53 17.22
C PRO A 462 -43.50 33.14 16.58
N ASN A 463 -42.40 32.75 15.93
CA ASN A 463 -42.35 31.43 15.29
C ASN A 463 -41.30 30.52 15.91
N GLN A 464 -40.06 30.97 16.04
CA GLN A 464 -39.05 30.09 16.62
C GLN A 464 -39.16 30.10 18.15
N PRO A 465 -39.21 28.93 18.78
CA PRO A 465 -39.18 28.90 20.25
C PRO A 465 -37.83 29.37 20.76
N PRO A 466 -37.73 29.69 22.06
CA PRO A 466 -36.45 30.17 22.58
C PRO A 466 -35.37 29.10 22.48
N SER A 467 -34.14 29.57 22.32
CA SER A 467 -33.00 28.68 22.13
C SER A 467 -31.90 29.04 23.13
N PHE A 468 -31.26 28.01 23.67
CA PHE A 468 -30.39 28.18 24.82
C PHE A 468 -29.12 27.37 24.64
N LEU A 469 -28.01 27.93 25.13
CA LEU A 469 -26.74 27.23 25.22
C LEU A 469 -26.12 27.54 26.57
N PHE A 470 -25.52 26.53 27.19
CA PHE A 470 -24.93 26.68 28.51
C PHE A 470 -23.60 25.95 28.57
N CYS A 471 -22.94 26.05 29.71
CA CYS A 471 -21.57 25.57 29.87
C CYS A 471 -21.28 25.40 31.36
N GLY A 472 -20.01 25.16 31.69
CA GLY A 472 -19.57 25.06 33.05
C GLY A 472 -19.41 23.62 33.51
N PRO A 473 -20.21 23.24 34.50
CA PRO A 473 -20.17 21.86 35.01
C PRO A 473 -20.83 20.90 34.04
N SER A 474 -20.96 19.65 34.48
CA SER A 474 -21.53 18.58 33.66
C SER A 474 -22.48 17.74 34.50
N GLY A 475 -23.72 17.59 34.02
CA GLY A 475 -24.72 16.75 34.66
C GLY A 475 -25.02 17.10 36.09
N THR A 476 -24.43 18.19 36.60
CA THR A 476 -24.65 18.65 37.95
C THR A 476 -26.05 19.19 38.16
N GLY A 477 -26.93 19.03 37.18
CA GLY A 477 -28.24 19.64 37.17
C GLY A 477 -28.64 20.03 35.77
N LYS A 478 -27.68 20.15 34.86
CA LYS A 478 -28.01 20.50 33.49
C LYS A 478 -28.91 19.45 32.86
N THR A 479 -28.51 18.17 32.90
CA THR A 479 -29.43 17.10 32.55
C THR A 479 -30.68 17.16 33.42
N LEU A 480 -30.47 17.32 34.74
CA LEU A 480 -31.59 17.50 35.64
C LEU A 480 -32.47 18.65 35.18
N LEU A 481 -31.86 19.75 34.74
CA LEU A 481 -32.64 20.88 34.26
C LEU A 481 -33.47 20.50 33.06
N THR A 482 -32.85 19.86 32.07
CA THR A 482 -33.59 19.39 30.92
C THR A 482 -34.82 18.61 31.34
N LYS A 483 -34.63 17.56 32.14
CA LYS A 483 -35.74 16.70 32.49
C LYS A 483 -36.79 17.45 33.30
N ALA A 484 -36.35 18.26 34.26
CA ALA A 484 -37.29 19.00 35.10
C ALA A 484 -38.11 19.95 34.28
N LEU A 485 -37.51 20.61 33.30
CA LEU A 485 -38.27 21.53 32.47
C LEU A 485 -39.22 20.77 31.57
N ALA A 486 -38.77 19.65 31.01
CA ALA A 486 -39.65 18.78 30.25
C ALA A 486 -40.91 18.45 31.06
N GLU A 487 -40.73 18.12 32.33
CA GLU A 487 -41.90 17.83 33.17
C GLU A 487 -42.70 19.09 33.45
N PHE A 488 -42.01 20.20 33.70
CA PHE A 488 -42.70 21.45 34.02
C PHE A 488 -43.65 21.84 32.92
N LEU A 489 -43.21 21.77 31.66
CA LEU A 489 -44.10 22.12 30.57
C LEU A 489 -45.20 21.09 30.39
N PHE A 490 -44.84 19.81 30.36
CA PHE A 490 -45.75 18.79 29.88
C PHE A 490 -46.00 17.63 30.85
N ASP A 491 -45.26 17.53 31.95
CA ASP A 491 -45.43 16.42 32.91
C ASP A 491 -45.28 15.07 32.23
N ASP A 492 -44.26 14.93 31.37
CA ASP A 492 -44.07 13.67 30.69
C ASP A 492 -42.59 13.46 30.38
N PRO A 493 -42.05 12.27 30.63
CA PRO A 493 -40.63 12.03 30.39
C PRO A 493 -40.29 11.94 28.91
N LYS A 494 -41.17 11.31 28.12
CA LYS A 494 -40.91 11.13 26.71
C LYS A 494 -40.69 12.45 25.98
N SER A 495 -41.23 13.55 26.52
CA SER A 495 -40.92 14.87 25.98
C SER A 495 -39.41 15.06 25.82
N MET A 496 -38.66 14.64 26.84
CA MET A 496 -37.22 14.63 26.71
C MET A 496 -36.79 13.70 25.59
N ILE A 497 -35.94 14.19 24.70
CA ILE A 497 -35.39 13.41 23.61
C ILE A 497 -33.89 13.56 23.66
N ARG A 498 -33.18 12.44 23.59
CA ARG A 498 -31.72 12.48 23.63
C ARG A 498 -31.17 12.82 22.26
N PHE A 499 -30.08 13.58 22.24
CA PHE A 499 -29.29 13.84 21.05
C PHE A 499 -27.84 13.99 21.46
N ASP A 500 -26.97 13.23 20.81
CA ASP A 500 -25.57 13.17 21.21
C ASP A 500 -24.68 13.56 20.05
N MET A 501 -23.86 14.59 20.26
CA MET A 501 -23.00 15.11 19.21
C MET A 501 -21.66 14.38 19.12
N SER A 502 -21.37 13.46 20.03
CA SER A 502 -20.16 12.67 19.90
C SER A 502 -20.19 11.81 18.65
N GLU A 503 -21.39 11.48 18.17
CA GLU A 503 -21.56 10.61 17.02
C GLU A 503 -21.49 11.38 15.72
N TYR A 504 -22.09 12.56 15.68
CA TYR A 504 -22.31 13.28 14.44
C TYR A 504 -21.11 14.08 13.99
N GLN A 505 -19.91 13.75 14.46
CA GLN A 505 -18.71 14.35 13.89
C GLN A 505 -18.59 14.06 12.41
N GLU A 506 -19.26 13.01 11.93
CA GLU A 506 -19.14 12.54 10.55
C GLU A 506 -20.31 13.02 9.70
N ARG A 507 -20.03 13.26 8.42
CA ARG A 507 -21.00 13.89 7.53
C ARG A 507 -22.06 12.90 7.04
N HIS A 508 -21.67 11.69 6.65
CA HIS A 508 -22.67 10.68 6.35
C HIS A 508 -23.51 10.38 7.57
N SER A 509 -22.94 10.51 8.76
CA SER A 509 -23.74 10.45 9.98
C SER A 509 -24.77 11.55 9.99
N LEU A 510 -24.41 12.76 9.53
CA LEU A 510 -25.39 13.82 9.38
C LEU A 510 -26.50 13.41 8.45
N SER A 511 -26.14 12.98 7.23
CA SER A 511 -27.16 12.61 6.26
C SER A 511 -28.11 11.56 6.84
N ARG A 512 -27.57 10.49 7.42
CA ARG A 512 -28.42 9.47 8.01
C ARG A 512 -29.26 10.03 9.15
N MET A 513 -28.74 11.04 9.86
CA MET A 513 -29.53 11.70 10.89
C MET A 513 -30.66 12.53 10.30
N ILE A 514 -30.52 12.95 9.05
CA ILE A 514 -31.60 13.70 8.40
C ILE A 514 -32.18 12.86 7.26
N GLY A 515 -33.21 12.10 7.57
CA GLY A 515 -33.84 11.28 6.55
C GLY A 515 -32.87 10.27 5.94
N ALA A 516 -33.23 9.83 4.75
CA ALA A 516 -32.44 8.86 4.00
C ALA A 516 -32.81 8.90 2.53
N PRO A 517 -31.85 9.09 1.64
CA PRO A 517 -32.13 8.94 0.22
C PRO A 517 -32.54 7.52 -0.09
N PRO A 518 -33.29 7.30 -1.16
CA PRO A 518 -33.66 5.92 -1.52
C PRO A 518 -32.44 5.04 -1.73
N GLY A 519 -31.41 5.55 -2.38
CA GLY A 519 -30.15 4.86 -2.48
C GLY A 519 -29.23 5.20 -1.31
N TYR A 520 -28.10 4.49 -1.28
CA TYR A 520 -27.01 4.71 -0.33
C TYR A 520 -27.39 4.32 1.10
N VAL A 521 -28.67 4.01 1.32
CA VAL A 521 -29.17 3.74 2.67
C VAL A 521 -30.58 3.15 2.56
N GLY A 522 -30.93 2.28 3.50
CA GLY A 522 -32.30 1.83 3.63
C GLY A 522 -33.23 2.99 3.89
N HIS A 523 -34.33 3.06 3.14
CA HIS A 523 -35.24 4.21 3.21
C HIS A 523 -36.05 4.20 4.50
N ASP A 524 -35.41 4.50 5.62
CA ASP A 524 -36.09 4.66 6.89
C ASP A 524 -37.04 5.85 6.82
N ALA A 525 -38.03 5.86 7.72
CA ALA A 525 -39.00 6.94 7.74
C ALA A 525 -38.34 8.30 7.97
N GLY A 526 -37.16 8.30 8.59
CA GLY A 526 -36.44 9.54 8.80
C GLY A 526 -35.29 9.40 9.75
N GLY A 527 -34.29 10.28 9.62
CA GLY A 527 -33.17 10.24 10.55
C GLY A 527 -33.65 10.45 11.98
N GLN A 528 -33.07 9.65 12.89
CA GLN A 528 -33.53 9.57 14.28
C GLN A 528 -33.95 10.92 14.83
N LEU A 529 -33.14 11.95 14.58
CA LEU A 529 -33.50 13.31 14.94
C LEU A 529 -34.76 13.74 14.20
N THR A 530 -34.67 13.82 12.87
CA THR A 530 -35.81 14.19 12.06
C THR A 530 -36.98 13.25 12.30
N GLU A 531 -36.68 11.97 12.54
CA GLU A 531 -37.70 11.01 12.92
C GLU A 531 -38.50 11.51 14.12
N ALA A 532 -37.80 11.76 15.23
CA ALA A 532 -38.47 12.20 16.44
C ALA A 532 -39.23 13.50 16.20
N LEU A 533 -38.64 14.42 15.45
CA LEU A 533 -39.33 15.68 15.15
C LEU A 533 -40.64 15.41 14.43
N ARG A 534 -40.62 14.52 13.43
CA ARG A 534 -41.82 14.24 12.67
C ARG A 534 -42.88 13.57 13.55
N ARG A 535 -42.48 12.57 14.33
CA ARG A 535 -43.47 11.86 15.13
C ARG A 535 -43.98 12.72 16.28
N ARG A 536 -43.10 13.49 16.92
CA ARG A 536 -43.42 14.17 18.16
C ARG A 536 -43.08 15.66 18.07
N PRO A 537 -44.07 16.53 17.97
CA PRO A 537 -43.78 17.98 17.87
C PRO A 537 -43.66 18.70 19.21
N PHE A 538 -44.15 18.10 20.29
CA PHE A 538 -43.99 18.64 21.63
C PHE A 538 -42.93 17.79 22.32
N SER A 539 -41.68 18.24 22.24
CA SER A 539 -40.58 17.43 22.77
C SER A 539 -39.46 18.37 23.21
N ILE A 540 -38.34 17.77 23.63
CA ILE A 540 -37.19 18.50 24.14
C ILE A 540 -36.01 18.23 23.22
N LEU A 541 -35.36 19.29 22.78
CA LEU A 541 -34.26 19.21 21.84
C LEU A 541 -32.95 19.41 22.59
N LEU A 542 -32.38 18.32 23.06
CA LEU A 542 -31.12 18.33 23.77
C LEU A 542 -29.99 18.38 22.76
N PHE A 543 -28.91 19.09 23.13
CA PHE A 543 -27.76 19.15 22.25
C PHE A 543 -26.51 19.29 23.11
N ASP A 544 -25.74 18.21 23.16
CA ASP A 544 -24.69 18.03 24.15
C ASP A 544 -23.34 18.27 23.49
N GLU A 545 -22.58 19.21 24.05
CA GLU A 545 -21.17 19.36 23.68
C GLU A 545 -21.02 19.56 22.18
N VAL A 546 -21.95 20.30 21.60
CA VAL A 546 -22.16 20.38 20.16
C VAL A 546 -20.86 20.72 19.43
N GLU A 547 -19.93 21.38 20.13
CA GLU A 547 -18.64 21.71 19.52
C GLU A 547 -17.90 20.49 19.00
N LYS A 548 -18.22 19.30 19.52
CA LYS A 548 -17.61 18.10 18.99
C LYS A 548 -17.98 17.90 17.53
N ALA A 549 -19.17 18.30 17.14
CA ALA A 549 -19.66 18.02 15.79
C ALA A 549 -19.01 18.96 14.78
N ALA A 550 -19.36 18.74 13.51
CA ALA A 550 -18.80 19.50 12.41
C ALA A 550 -19.75 20.62 11.98
N LYS A 551 -19.22 21.52 11.14
CA LYS A 551 -19.86 22.81 10.93
C LYS A 551 -21.18 22.69 10.19
N GLU A 552 -21.31 21.71 9.30
CA GLU A 552 -22.53 21.61 8.49
C GLU A 552 -23.76 21.39 9.36
N VAL A 553 -23.67 20.47 10.32
CA VAL A 553 -24.82 20.27 11.21
C VAL A 553 -25.01 21.49 12.09
N LEU A 554 -23.93 22.23 12.37
CA LEU A 554 -24.07 23.49 13.09
C LEU A 554 -24.95 24.45 12.33
N THR A 555 -24.71 24.58 11.02
CA THR A 555 -25.57 25.39 10.18
C THR A 555 -26.99 24.87 10.18
N VAL A 556 -27.14 23.55 10.11
CA VAL A 556 -28.47 22.94 10.19
C VAL A 556 -29.20 23.44 11.42
N LEU A 557 -28.55 23.35 12.58
CA LEU A 557 -29.21 23.72 13.82
C LEU A 557 -29.41 25.21 13.94
N LEU A 558 -28.49 26.01 13.40
CA LEU A 558 -28.74 27.43 13.21
C LEU A 558 -30.08 27.66 12.51
N GLN A 559 -30.21 27.11 11.30
CA GLN A 559 -31.44 27.22 10.54
C GLN A 559 -32.64 26.83 11.37
N LEU A 560 -32.61 25.64 11.97
CA LEU A 560 -33.72 25.17 12.79
C LEU A 560 -34.06 26.14 13.91
N MET A 561 -33.04 26.58 14.67
CA MET A 561 -33.25 27.55 15.72
C MET A 561 -33.96 28.79 15.20
N ASP A 562 -33.66 29.20 13.98
CA ASP A 562 -34.24 30.41 13.44
C ASP A 562 -35.66 30.20 12.93
N ASP A 563 -36.34 29.17 13.44
CA ASP A 563 -37.63 28.59 13.06
C ASP A 563 -37.51 27.75 11.79
N GLY A 564 -36.30 27.28 11.48
CA GLY A 564 -36.08 26.64 10.21
C GLY A 564 -36.37 25.15 10.20
N ARG A 565 -36.42 24.62 8.99
CA ARG A 565 -36.82 23.26 8.70
C ARG A 565 -36.18 22.83 7.39
N ILE A 566 -35.93 21.54 7.25
CA ILE A 566 -35.29 21.00 6.06
C ILE A 566 -36.10 19.82 5.55
N THR A 567 -36.21 19.70 4.23
CA THR A 567 -36.88 18.56 3.64
C THR A 567 -36.18 17.28 4.04
N ASP A 568 -36.96 16.24 4.31
CA ASP A 568 -36.45 14.98 4.80
C ASP A 568 -36.66 13.90 3.73
N GLY A 569 -36.37 12.66 4.10
CA GLY A 569 -36.63 11.55 3.19
C GLY A 569 -38.09 11.50 2.77
N GLN A 570 -39.01 11.65 3.73
CA GLN A 570 -40.41 11.77 3.39
C GLN A 570 -40.71 13.08 2.65
N GLY A 571 -39.83 14.08 2.77
CA GLY A 571 -39.95 15.31 2.05
C GLY A 571 -40.43 16.48 2.88
N ARG A 572 -41.39 16.25 3.79
CA ARG A 572 -41.93 17.35 4.56
C ARG A 572 -40.85 17.98 5.44
N VAL A 573 -40.73 19.30 5.34
CA VAL A 573 -39.86 20.03 6.24
C VAL A 573 -40.43 19.97 7.65
N VAL A 574 -39.55 20.01 8.66
CA VAL A 574 -39.98 19.94 10.05
C VAL A 574 -39.19 20.96 10.86
N ASP A 575 -39.91 21.85 11.52
CA ASP A 575 -39.34 22.79 12.47
C ASP A 575 -40.00 22.59 13.83
N ALA A 576 -39.27 22.95 14.88
CA ALA A 576 -39.75 22.79 16.26
C ALA A 576 -40.85 23.82 16.48
N LYS A 577 -42.05 23.49 16.00
CA LYS A 577 -43.18 24.37 16.23
C LYS A 577 -43.55 24.44 17.70
N ASN A 578 -43.39 23.33 18.43
CA ASN A 578 -43.64 23.33 19.86
C ASN A 578 -42.65 22.47 20.62
N CYS A 579 -41.42 22.37 20.14
CA CYS A 579 -40.37 21.66 20.87
C CYS A 579 -39.53 22.67 21.65
N ILE A 580 -38.59 22.15 22.43
CA ILE A 580 -37.76 22.96 23.32
C ILE A 580 -36.30 22.60 23.09
N VAL A 581 -35.53 23.60 22.64
CA VAL A 581 -34.16 23.38 22.19
C VAL A 581 -33.18 23.93 23.21
N VAL A 582 -32.02 23.27 23.31
CA VAL A 582 -30.96 23.70 24.22
C VAL A 582 -29.65 23.08 23.75
N MET A 583 -28.56 23.78 24.04
CA MET A 583 -27.21 23.35 23.66
C MET A 583 -26.29 23.45 24.86
N THR A 584 -25.15 22.76 24.79
CA THR A 584 -24.20 22.69 25.89
C THR A 584 -22.78 22.92 25.41
N SER A 585 -22.00 23.61 26.25
CA SER A 585 -20.55 23.72 26.12
C SER A 585 -19.89 23.12 27.36
N ASN A 586 -18.57 23.21 27.42
CA ASN A 586 -17.81 22.59 28.50
C ASN A 586 -16.58 23.42 28.83
N LEU A 587 -15.80 22.90 29.78
CA LEU A 587 -14.50 23.40 30.20
C LEU A 587 -14.50 24.90 30.50
N GLY A 588 -15.69 25.46 30.72
CA GLY A 588 -15.74 26.80 31.27
C GLY A 588 -15.47 26.82 32.76
N ALA A 589 -16.06 25.86 33.49
CA ALA A 589 -15.90 25.82 34.94
C ALA A 589 -14.43 25.77 35.35
N GLU A 590 -13.61 25.03 34.61
CA GLU A 590 -12.17 25.02 34.87
C GLU A 590 -11.60 26.43 34.82
N TYR A 591 -12.07 27.24 33.87
CA TYR A 591 -11.71 28.65 33.89
C TYR A 591 -12.38 29.39 35.04
N LEU A 592 -13.62 29.03 35.36
CA LEU A 592 -14.37 29.76 36.40
C LEU A 592 -13.78 29.46 37.77
N SER A 593 -13.02 30.40 38.30
CA SER A 593 -12.52 30.30 39.66
C SER A 593 -13.68 30.43 40.65
N ARG A 594 -13.35 30.38 41.94
CA ARG A 594 -14.38 30.45 42.97
C ARG A 594 -15.08 31.80 42.95
N ALA A 595 -16.29 31.83 43.49
CA ALA A 595 -17.08 33.05 43.53
C ALA A 595 -17.11 33.64 44.94
N ILE A 603 -20.41 34.83 41.31
CA ILE A 603 -19.92 34.67 39.94
C ILE A 603 -19.25 35.94 39.42
N ASP A 604 -18.09 35.78 38.81
CA ASP A 604 -17.34 36.91 38.29
C ASP A 604 -17.96 37.43 37.00
N PRO A 605 -17.57 38.65 36.59
CA PRO A 605 -17.77 39.03 35.19
C PRO A 605 -16.64 38.50 34.32
N THR A 606 -15.45 38.44 34.89
CA THR A 606 -14.21 38.39 34.11
C THR A 606 -14.17 37.22 33.14
N THR A 607 -14.28 36.00 33.66
CA THR A 607 -14.11 34.83 32.81
C THR A 607 -15.15 34.77 31.69
N ARG A 608 -16.33 35.31 31.95
CA ARG A 608 -17.42 35.17 30.98
C ARG A 608 -17.11 35.89 29.69
N GLU A 609 -16.34 36.98 29.74
CA GLU A 609 -15.94 37.63 28.50
C GLU A 609 -15.07 36.72 27.66
N LEU A 610 -14.03 36.13 28.26
CA LEU A 610 -13.18 35.22 27.52
C LEU A 610 -13.98 34.06 26.95
N VAL A 611 -14.91 33.51 27.73
CA VAL A 611 -15.59 32.32 27.22
C VAL A 611 -16.61 32.68 26.15
N MET A 612 -17.25 33.85 26.25
CA MET A 612 -18.17 34.27 25.20
C MET A 612 -17.43 34.59 23.92
N ASN A 613 -16.28 35.25 24.02
CA ASN A 613 -15.45 35.46 22.84
C ASN A 613 -15.00 34.13 22.26
N THR A 614 -14.74 33.14 23.11
CA THR A 614 -14.40 31.80 22.63
C THR A 614 -15.54 31.22 21.81
N LEU A 615 -16.74 31.21 22.38
CA LEU A 615 -17.94 30.80 21.66
C LEU A 615 -18.05 31.51 20.31
N ARG A 616 -17.76 32.81 20.30
CA ARG A 616 -17.82 33.56 19.05
C ARG A 616 -16.79 33.04 18.06
N ASN A 617 -15.51 33.12 18.41
CA ASN A 617 -14.44 32.78 17.49
C ASN A 617 -14.38 31.30 17.13
N TYR A 618 -15.21 30.46 17.75
CA TYR A 618 -15.30 29.08 17.31
C TYR A 618 -16.56 28.81 16.49
N PHE A 619 -17.41 29.80 16.29
CA PHE A 619 -18.70 29.60 15.64
C PHE A 619 -19.09 30.86 14.88
N LEU A 620 -20.38 30.97 14.55
CA LEU A 620 -20.88 32.01 13.67
C LEU A 620 -21.69 33.01 14.47
N PRO A 621 -21.48 34.32 14.26
CA PRO A 621 -22.16 35.31 15.11
C PRO A 621 -23.67 35.23 15.05
N GLU A 622 -24.24 35.19 13.84
CA GLU A 622 -25.69 34.99 13.72
C GLU A 622 -26.11 33.66 14.31
N PHE A 623 -25.22 32.67 14.28
CA PHE A 623 -25.53 31.39 14.92
C PHE A 623 -25.66 31.55 16.42
N LEU A 624 -24.86 32.43 17.01
CA LEU A 624 -25.05 32.78 18.41
C LEU A 624 -26.26 33.70 18.59
N ASN A 625 -26.64 34.42 17.55
CA ASN A 625 -27.88 35.17 17.57
C ASN A 625 -29.06 34.20 17.57
N ARG A 626 -30.24 34.76 17.86
CA ARG A 626 -31.48 33.99 17.95
C ARG A 626 -31.42 32.98 19.09
N ILE A 627 -30.32 33.00 19.85
CA ILE A 627 -30.21 32.23 21.08
C ILE A 627 -30.68 33.11 22.23
N SER A 628 -31.54 32.55 23.08
CA SER A 628 -32.19 33.35 24.12
C SER A 628 -31.17 34.02 25.01
N SER A 629 -30.33 33.22 25.68
CA SER A 629 -29.34 33.77 26.59
C SER A 629 -28.24 32.73 26.79
N ILE A 630 -27.31 33.04 27.68
CA ILE A 630 -26.20 32.17 28.02
C ILE A 630 -26.06 32.18 29.53
N VAL A 631 -26.27 31.02 30.15
CA VAL A 631 -26.17 30.89 31.60
C VAL A 631 -25.14 29.81 31.91
N ILE A 632 -24.19 30.14 32.77
CA ILE A 632 -23.18 29.19 33.21
C ILE A 632 -23.37 29.00 34.71
N PHE A 633 -22.89 27.87 35.24
CA PHE A 633 -23.04 27.57 36.68
C PHE A 633 -21.68 27.64 37.37
N ASN A 634 -21.66 27.28 38.67
CA ASN A 634 -20.42 27.29 39.49
C ASN A 634 -20.33 25.95 40.24
N ARG A 635 -19.11 25.56 40.63
CA ARG A 635 -18.93 24.27 41.36
C ARG A 635 -19.72 24.35 42.67
N LEU A 636 -20.43 23.27 43.01
CA LEU A 636 -21.51 23.34 44.03
C LEU A 636 -20.90 23.65 45.40
N THR A 637 -21.61 24.41 46.23
CA THR A 637 -21.11 24.77 47.59
C THR A 637 -21.62 23.75 48.62
N ARG A 638 -21.43 24.05 49.91
CA ARG A 638 -21.82 23.13 50.98
C ARG A 638 -23.31 23.15 51.23
N ARG A 639 -23.90 24.34 51.40
CA ARG A 639 -25.33 24.46 51.60
C ARG A 639 -26.11 23.67 50.56
N GLU A 640 -25.73 23.84 49.30
CA GLU A 640 -26.49 23.28 48.20
C GLU A 640 -26.26 21.78 48.10
N ILE A 641 -25.02 21.35 48.33
CA ILE A 641 -24.75 19.92 48.44
C ILE A 641 -25.68 19.30 49.48
N ARG A 642 -25.71 19.90 50.67
CA ARG A 642 -26.59 19.43 51.73
C ARG A 642 -28.01 19.29 51.24
N LYS A 643 -28.53 20.36 50.65
CA LYS A 643 -29.93 20.35 50.26
C LYS A 643 -30.21 19.28 49.22
N ILE A 644 -29.36 19.18 48.20
CA ILE A 644 -29.64 18.25 47.11
C ILE A 644 -29.53 16.81 47.61
N VAL A 645 -28.56 16.53 48.47
CA VAL A 645 -28.46 15.15 48.95
C VAL A 645 -29.58 14.85 49.93
N ASP A 646 -30.03 15.85 50.69
CA ASP A 646 -31.13 15.65 51.62
C ASP A 646 -32.40 15.28 50.86
N LEU A 647 -32.72 16.05 49.81
CA LEU A 647 -33.87 15.69 49.01
C LEU A 647 -33.66 14.34 48.31
N ARG A 648 -32.44 14.06 47.89
CA ARG A 648 -32.15 12.76 47.29
C ARG A 648 -32.48 11.63 48.25
N ILE A 649 -32.05 11.74 49.50
CA ILE A 649 -32.27 10.67 50.45
C ILE A 649 -33.73 10.63 50.90
N ALA A 650 -34.41 11.76 50.87
CA ALA A 650 -35.86 11.73 51.07
C ALA A 650 -36.53 10.92 49.97
N GLU A 651 -36.10 11.13 48.74
CA GLU A 651 -36.60 10.32 47.63
C GLU A 651 -36.27 8.85 47.83
N ILE A 652 -35.09 8.57 48.35
CA ILE A 652 -34.72 7.21 48.71
C ILE A 652 -35.72 6.62 49.68
N GLN A 653 -35.94 7.32 50.79
CA GLN A 653 -36.88 6.87 51.81
C GLN A 653 -38.25 6.62 51.21
N LYS A 654 -38.69 7.49 50.30
CA LYS A 654 -40.02 7.33 49.72
C LYS A 654 -40.08 6.12 48.80
N ARG A 655 -39.09 5.96 47.92
CA ARG A 655 -39.11 4.84 46.99
C ARG A 655 -38.92 3.50 47.68
N LEU A 656 -38.27 3.47 48.83
CA LEU A 656 -38.24 2.21 49.59
C LEU A 656 -39.51 2.04 50.41
N THR A 657 -40.17 3.14 50.78
CA THR A 657 -41.48 3.05 51.38
C THR A 657 -42.49 2.47 50.39
N ASP A 658 -42.26 2.69 49.09
CA ASP A 658 -43.03 1.97 48.08
C ASP A 658 -43.06 0.49 48.37
N ASN A 659 -41.88 -0.09 48.61
CA ASN A 659 -41.82 -1.43 49.18
C ASN A 659 -42.54 -1.43 50.53
N ASP A 660 -43.41 -2.41 50.73
CA ASP A 660 -44.24 -2.46 51.93
C ASP A 660 -43.45 -2.20 53.20
N ARG A 661 -42.21 -2.69 53.24
CA ARG A 661 -41.33 -2.40 54.35
C ARG A 661 -41.14 -0.89 54.47
N ASN A 662 -41.61 -0.33 55.60
CA ASN A 662 -41.68 1.11 55.79
C ASN A 662 -40.95 1.47 57.09
N VAL A 663 -39.65 1.71 56.99
CA VAL A 663 -38.86 2.21 58.11
C VAL A 663 -38.55 3.68 57.86
N THR A 664 -38.57 4.46 58.92
CA THR A 664 -38.23 5.87 58.81
C THR A 664 -36.71 6.03 58.80
N ILE A 665 -36.25 7.12 58.19
CA ILE A 665 -34.82 7.33 57.94
C ILE A 665 -34.44 8.70 58.49
N LYS A 666 -33.67 8.70 59.57
CA LYS A 666 -33.01 9.89 60.08
C LYS A 666 -31.53 9.62 60.15
N VAL A 667 -30.74 10.49 59.54
CA VAL A 667 -29.30 10.28 59.41
C VAL A 667 -28.57 11.49 59.97
N SER A 668 -27.30 11.29 60.29
CA SER A 668 -26.48 12.34 60.89
C SER A 668 -26.17 13.41 59.84
N ASP A 669 -26.71 14.61 60.06
CA ASP A 669 -26.42 15.72 59.17
C ASP A 669 -24.93 16.01 59.06
N GLU A 670 -24.17 15.76 60.13
CA GLU A 670 -22.73 15.93 60.03
C GLU A 670 -22.10 14.79 59.25
N ALA A 671 -22.53 13.56 59.51
CA ALA A 671 -22.18 12.47 58.60
C ALA A 671 -22.66 12.75 57.20
N LYS A 672 -23.78 13.46 57.07
CA LYS A 672 -24.23 13.90 55.75
C LYS A 672 -23.23 14.87 55.14
N ASP A 673 -22.64 15.74 55.96
CA ASP A 673 -21.62 16.67 55.48
C ASP A 673 -20.43 15.91 54.95
N LYS A 674 -19.89 15.01 55.78
CA LYS A 674 -18.80 14.16 55.34
C LYS A 674 -19.18 13.39 54.09
N LEU A 675 -20.43 12.94 54.01
CA LEU A 675 -20.92 12.22 52.85
C LEU A 675 -20.80 13.07 51.59
N GLY A 676 -21.35 14.28 51.63
CA GLY A 676 -21.31 15.14 50.47
C GLY A 676 -19.89 15.49 50.06
N ALA A 677 -19.05 15.83 51.04
CA ALA A 677 -17.66 16.11 50.75
C ALA A 677 -16.99 14.91 50.11
N GLN A 678 -17.31 13.71 50.58
CA GLN A 678 -16.82 12.49 49.94
C GLN A 678 -17.39 12.35 48.54
N GLY A 679 -18.56 12.92 48.30
CA GLY A 679 -19.28 12.70 47.06
C GLY A 679 -19.02 13.77 46.02
N TYR A 680 -19.10 15.05 46.41
CA TYR A 680 -18.98 16.11 45.43
C TYR A 680 -17.59 16.15 44.82
N SER A 681 -17.54 16.36 43.52
CA SER A 681 -16.29 16.49 42.81
C SER A 681 -16.26 17.83 42.08
N PRO A 682 -15.08 18.44 41.96
CA PRO A 682 -14.99 19.68 41.19
C PRO A 682 -15.09 19.41 39.70
N VAL A 683 -15.42 18.18 39.33
CA VAL A 683 -15.50 17.76 37.93
C VAL A 683 -16.87 17.21 37.58
N TYR A 684 -17.42 16.35 38.43
CA TYR A 684 -18.65 15.65 38.09
C TYR A 684 -19.81 15.91 39.04
N GLY A 685 -19.60 16.70 40.09
CA GLY A 685 -20.68 17.22 40.91
C GLY A 685 -21.81 16.26 41.21
N ALA A 686 -23.03 16.64 40.87
CA ALA A 686 -24.24 15.90 41.24
C ALA A 686 -24.38 14.57 40.51
N ARG A 687 -23.43 14.17 39.68
CA ARG A 687 -23.63 12.93 38.93
C ARG A 687 -23.32 11.70 39.77
N PRO A 688 -22.18 11.61 40.48
CA PRO A 688 -21.85 10.35 41.16
C PRO A 688 -22.54 10.13 42.50
N LEU A 689 -22.99 11.18 43.19
CA LEU A 689 -23.40 11.04 44.57
C LEU A 689 -24.59 10.10 44.72
N GLN A 690 -25.51 10.09 43.76
CA GLN A 690 -26.63 9.15 43.83
C GLN A 690 -26.11 7.71 43.86
N ARG A 691 -25.17 7.40 42.98
CA ARG A 691 -24.55 6.07 42.98
C ARG A 691 -23.93 5.77 44.34
N LEU A 692 -23.16 6.72 44.87
CA LEU A 692 -22.50 6.49 46.15
C LEU A 692 -23.50 6.20 47.26
N LEU A 693 -24.57 6.99 47.30
CA LEU A 693 -25.58 6.81 48.34
C LEU A 693 -26.29 5.48 48.17
N GLU A 694 -26.61 5.11 46.94
CA GLU A 694 -27.21 3.80 46.69
C GLU A 694 -26.32 2.70 47.26
N LYS A 695 -25.04 2.72 46.87
CA LYS A 695 -24.07 1.74 47.35
C LYS A 695 -24.08 1.65 48.87
N GLU A 696 -23.97 2.80 49.54
CA GLU A 696 -23.89 2.79 51.00
C GLU A 696 -25.21 2.34 51.63
N VAL A 697 -26.34 2.66 51.00
CA VAL A 697 -27.62 2.63 51.69
C VAL A 697 -28.37 1.32 51.44
N LEU A 698 -28.67 1.03 50.18
CA LEU A 698 -29.70 0.04 49.89
C LEU A 698 -29.34 -1.34 50.43
N ASN A 699 -28.05 -1.70 50.36
CA ASN A 699 -27.66 -3.01 50.83
C ASN A 699 -27.67 -3.07 52.35
N ARG A 700 -27.28 -1.98 53.02
CA ARG A 700 -27.47 -1.88 54.46
C ARG A 700 -28.92 -2.12 54.82
N LEU A 701 -29.83 -1.45 54.12
CA LEU A 701 -31.25 -1.62 54.40
C LEU A 701 -31.67 -3.07 54.25
N ALA A 702 -31.30 -3.69 53.12
CA ALA A 702 -31.69 -5.08 52.88
C ALA A 702 -31.13 -6.00 53.95
N ILE A 703 -29.87 -5.82 54.32
CA ILE A 703 -29.25 -6.68 55.33
C ILE A 703 -29.96 -6.52 56.67
N LEU A 704 -30.28 -5.28 57.04
CA LEU A 704 -30.92 -5.06 58.33
C LEU A 704 -32.34 -5.63 58.35
N ILE A 705 -33.08 -5.48 57.25
CA ILE A 705 -34.47 -5.89 57.24
C ILE A 705 -34.57 -7.42 57.19
N LEU A 706 -33.82 -8.05 56.27
CA LEU A 706 -33.77 -9.51 56.27
C LEU A 706 -33.07 -10.06 57.50
N ARG A 707 -32.34 -9.23 58.23
CA ARG A 707 -31.67 -9.63 59.46
C ARG A 707 -32.56 -9.46 60.68
N GLY A 708 -33.67 -8.74 60.56
CA GLY A 708 -34.46 -8.37 61.71
C GLY A 708 -33.81 -7.33 62.61
N GLN A 709 -32.53 -7.03 62.41
CA GLN A 709 -31.85 -6.03 63.22
C GLN A 709 -32.55 -4.69 63.14
N ILE A 710 -33.28 -4.44 62.05
CA ILE A 710 -34.15 -3.28 61.92
C ILE A 710 -35.38 -3.74 61.14
N ARG A 711 -36.56 -3.49 61.70
CA ARG A 711 -37.82 -3.78 61.03
C ARG A 711 -38.66 -2.51 61.02
N GLU A 712 -39.93 -2.64 60.65
CA GLU A 712 -40.78 -1.48 60.44
C GLU A 712 -41.04 -0.75 61.76
N GLY A 713 -41.62 0.45 61.64
CA GLY A 713 -41.86 1.29 62.78
C GLY A 713 -40.63 1.85 63.45
N GLU A 714 -39.45 1.69 62.84
CA GLU A 714 -38.19 2.11 63.44
C GLU A 714 -37.68 3.39 62.76
N VAL A 715 -36.47 3.80 63.15
CA VAL A 715 -35.77 4.93 62.56
C VAL A 715 -34.43 4.43 62.04
N ALA A 716 -34.18 4.60 60.75
CA ALA A 716 -32.93 4.15 60.14
C ALA A 716 -31.81 5.11 60.53
N CYS A 717 -31.40 5.02 61.79
CA CYS A 717 -30.31 5.85 62.29
C CYS A 717 -29.01 5.44 61.62
N VAL A 718 -28.30 6.43 61.09
CA VAL A 718 -27.06 6.19 60.35
C VAL A 718 -26.05 7.21 60.84
N GLU A 719 -24.88 6.75 61.29
CA GLU A 719 -23.93 7.63 61.95
C GLU A 719 -22.53 7.39 61.43
N LEU A 720 -21.74 8.45 61.41
CA LEU A 720 -20.32 8.37 61.06
C LEU A 720 -19.53 7.80 62.23
N VAL A 721 -18.71 6.79 61.94
CA VAL A 721 -17.81 6.20 62.94
C VAL A 721 -16.49 5.87 62.25
N ASP A 722 -15.43 6.58 62.65
CA ASP A 722 -14.08 6.37 62.13
C ASP A 722 -14.04 6.51 60.61
N GLY A 723 -14.38 7.71 60.15
CA GLY A 723 -14.37 8.00 58.72
C GLY A 723 -15.34 7.16 57.93
N LYS A 724 -16.17 6.39 58.62
CA LYS A 724 -17.14 5.50 57.99
C LYS A 724 -18.50 5.76 58.60
N VAL A 725 -19.52 5.84 57.76
CA VAL A 725 -20.88 6.10 58.21
C VAL A 725 -21.67 4.81 58.02
N GLN A 726 -22.19 4.28 59.12
CA GLN A 726 -22.87 2.99 59.11
C GLN A 726 -24.32 3.14 59.54
N VAL A 727 -25.19 2.34 58.94
CA VAL A 727 -26.59 2.30 59.34
C VAL A 727 -26.69 1.45 60.59
N LEU A 728 -26.71 2.09 61.75
CA LEU A 728 -26.67 1.37 63.01
C LEU A 728 -28.01 0.69 63.28
N PRO A 729 -28.03 -0.62 63.49
CA PRO A 729 -29.30 -1.32 63.70
C PRO A 729 -29.83 -1.14 65.11
N ASN A 730 -30.93 -1.82 65.43
CA ASN A 730 -31.53 -1.75 66.75
C ASN A 730 -31.87 -3.10 67.36
N HIS A 731 -31.63 -4.21 66.66
CA HIS A 731 -31.92 -5.55 67.17
C HIS A 731 -30.82 -6.51 66.74
N PRO A 732 -29.62 -6.41 67.34
CA PRO A 732 -28.55 -7.33 66.98
C PRO A 732 -28.95 -8.78 67.20
N ASP A 733 -28.31 -9.67 66.45
CA ASP A 733 -28.63 -11.09 66.50
C ASP A 733 -28.37 -11.69 67.87
N ASN B 15 -53.03 -6.53 -33.91
CA ASN B 15 -52.22 -5.33 -34.04
C ASN B 15 -51.31 -5.14 -32.83
N LEU B 16 -50.01 -5.32 -33.01
CA LEU B 16 -49.07 -5.08 -31.92
C LEU B 16 -48.58 -3.64 -31.95
N SER B 17 -49.52 -2.72 -32.07
CA SER B 17 -49.32 -1.32 -31.72
C SER B 17 -49.77 -1.05 -30.30
N LYS B 18 -49.92 -2.11 -29.52
CA LYS B 18 -50.44 -2.02 -28.16
C LYS B 18 -49.71 -0.96 -27.33
N PHE B 19 -48.51 -0.59 -27.74
CA PHE B 19 -47.71 0.38 -26.98
C PHE B 19 -47.21 1.51 -27.86
N CYS B 20 -47.82 1.70 -29.03
CA CYS B 20 -47.44 2.79 -29.92
C CYS B 20 -48.67 3.36 -30.60
N ILE B 21 -48.63 4.66 -30.89
CA ILE B 21 -49.64 5.34 -31.67
C ILE B 21 -48.95 6.33 -32.60
N ASP B 22 -49.53 6.52 -33.77
CA ASP B 22 -48.87 7.25 -34.84
C ASP B 22 -49.08 8.74 -34.67
N MET B 23 -47.99 9.47 -34.45
CA MET B 23 -48.06 10.93 -34.47
C MET B 23 -48.32 11.43 -35.88
N THR B 24 -47.62 10.87 -36.88
CA THR B 24 -47.84 11.30 -38.25
C THR B 24 -49.31 11.17 -38.63
N ALA B 25 -50.02 10.23 -38.01
CA ALA B 25 -51.47 10.21 -38.12
C ALA B 25 -52.05 11.54 -37.66
N MET B 26 -51.73 11.94 -36.42
CA MET B 26 -52.21 13.20 -35.88
C MET B 26 -51.87 14.36 -36.80
N ALA B 27 -50.73 14.25 -37.50
CA ALA B 27 -50.42 15.21 -38.56
C ALA B 27 -51.49 15.16 -39.64
N ARG B 28 -51.67 13.99 -40.25
CA ARG B 28 -52.76 13.81 -41.20
C ARG B 28 -54.13 13.93 -40.55
N GLU B 29 -54.19 13.97 -39.22
CA GLU B 29 -55.42 14.24 -38.51
C GLU B 29 -55.46 15.63 -37.89
N GLY B 30 -54.44 16.45 -38.15
CA GLY B 30 -54.44 17.83 -37.69
C GLY B 30 -54.64 17.99 -36.20
N LYS B 31 -54.06 17.10 -35.41
CA LYS B 31 -54.29 17.09 -33.97
C LYS B 31 -53.12 17.63 -33.17
N ILE B 32 -52.01 17.99 -33.81
CA ILE B 32 -50.86 18.58 -33.13
C ILE B 32 -50.46 19.85 -33.86
N ASP B 33 -50.26 20.92 -33.11
CA ASP B 33 -49.75 22.16 -33.67
C ASP B 33 -48.29 21.96 -34.08
N PRO B 34 -47.72 22.90 -34.82
CA PRO B 34 -46.27 22.88 -35.04
C PRO B 34 -45.55 23.64 -33.95
N VAL B 35 -44.22 23.54 -33.98
CA VAL B 35 -43.35 24.30 -33.09
C VAL B 35 -42.23 24.88 -33.95
N ILE B 36 -41.63 25.95 -33.45
CA ILE B 36 -40.62 26.66 -34.23
C ILE B 36 -39.27 26.47 -33.55
N GLY B 37 -38.21 26.96 -34.17
CA GLY B 37 -36.88 26.74 -33.67
C GLY B 37 -36.35 25.36 -34.03
N ARG B 38 -35.02 25.26 -33.98
CA ARG B 38 -34.31 23.99 -34.16
C ARG B 38 -34.37 23.45 -35.58
N GLU B 39 -34.84 24.25 -36.53
CA GLU B 39 -35.08 23.74 -37.88
C GLU B 39 -33.79 23.20 -38.50
N GLU B 40 -32.71 23.99 -38.40
CA GLU B 40 -31.41 23.50 -38.83
C GLU B 40 -31.11 22.16 -38.20
N GLU B 41 -31.38 22.04 -36.90
CA GLU B 41 -31.17 20.77 -36.21
C GLU B 41 -32.09 19.70 -36.77
N ILE B 42 -33.30 20.07 -37.17
CA ILE B 42 -34.20 19.09 -37.79
C ILE B 42 -33.56 18.51 -39.04
N ARG B 43 -33.02 19.38 -39.88
CA ARG B 43 -32.37 18.90 -41.10
C ARG B 43 -31.13 18.07 -40.76
N ARG B 44 -30.41 18.47 -39.71
CA ARG B 44 -29.33 17.64 -39.20
C ARG B 44 -29.81 16.23 -38.91
N VAL B 45 -30.91 16.15 -38.15
CA VAL B 45 -31.53 14.86 -37.85
C VAL B 45 -31.74 14.08 -39.15
N ILE B 46 -32.50 14.67 -40.07
CA ILE B 46 -32.84 13.96 -41.32
C ILE B 46 -31.58 13.45 -42.00
N ARG B 47 -30.57 14.31 -42.11
CA ARG B 47 -29.28 13.90 -42.66
C ARG B 47 -28.81 12.61 -42.00
N ILE B 48 -28.71 12.63 -40.67
CA ILE B 48 -28.29 11.42 -39.97
C ILE B 48 -29.22 10.26 -40.27
N LEU B 49 -30.51 10.55 -40.42
CA LEU B 49 -31.48 9.52 -40.76
C LEU B 49 -31.17 8.88 -42.09
N SER B 50 -30.40 9.56 -42.94
CA SER B 50 -29.87 8.94 -44.13
C SER B 50 -28.39 8.61 -44.02
N ARG B 51 -27.79 8.83 -42.84
CA ARG B 51 -26.39 8.49 -42.66
C ARG B 51 -26.20 6.98 -42.73
N ARG B 52 -25.31 6.54 -43.62
CA ARG B 52 -25.20 5.12 -43.89
C ARG B 52 -24.62 4.36 -42.71
N THR B 53 -23.60 4.92 -42.05
CA THR B 53 -22.97 4.19 -40.97
C THR B 53 -23.87 4.10 -39.75
N LYS B 54 -24.72 5.11 -39.53
CA LYS B 54 -25.65 5.06 -38.41
C LYS B 54 -26.83 5.97 -38.75
N ASN B 55 -27.94 5.37 -39.19
CA ASN B 55 -29.14 6.15 -39.39
C ASN B 55 -29.67 6.68 -38.06
N ASN B 56 -29.53 5.91 -37.00
CA ASN B 56 -30.16 6.19 -35.72
C ASN B 56 -29.35 7.19 -34.92
N PRO B 57 -29.82 8.41 -34.78
CA PRO B 57 -29.12 9.41 -33.99
C PRO B 57 -29.60 9.42 -32.55
N VAL B 58 -29.00 10.27 -31.72
CA VAL B 58 -29.47 10.48 -30.35
C VAL B 58 -29.41 11.97 -30.04
N LEU B 59 -30.42 12.46 -29.34
CA LEU B 59 -30.45 13.85 -28.91
C LEU B 59 -29.96 13.97 -27.47
N ILE B 60 -29.59 15.19 -27.10
CA ILE B 60 -29.19 15.50 -25.74
C ILE B 60 -29.99 16.72 -25.32
N GLY B 61 -31.17 16.48 -24.76
CA GLY B 61 -32.06 17.53 -24.34
C GLY B 61 -32.27 17.53 -22.84
N GLU B 62 -32.38 18.71 -22.27
CA GLU B 62 -32.77 18.83 -20.89
C GLU B 62 -34.23 18.37 -20.75
N PRO B 63 -34.65 17.99 -19.54
CA PRO B 63 -35.90 17.24 -19.38
C PRO B 63 -37.09 17.68 -20.21
N GLY B 64 -37.55 16.76 -21.06
CA GLY B 64 -38.81 16.83 -21.79
C GLY B 64 -39.25 18.18 -22.34
N VAL B 65 -38.39 18.87 -23.08
CA VAL B 65 -38.77 20.17 -23.62
C VAL B 65 -39.91 20.05 -24.60
N GLY B 66 -40.26 18.83 -24.98
CA GLY B 66 -40.94 18.63 -26.23
C GLY B 66 -39.99 18.38 -27.37
N LYS B 67 -38.83 17.79 -27.09
CA LYS B 67 -38.01 17.24 -28.18
C LYS B 67 -38.89 16.43 -29.12
N THR B 68 -39.81 15.67 -28.53
CA THR B 68 -40.86 15.02 -29.30
C THR B 68 -41.46 15.97 -30.32
N THR B 69 -41.91 17.15 -29.89
CA THR B 69 -42.52 18.10 -30.81
C THR B 69 -41.62 18.38 -32.00
N ILE B 70 -40.30 18.46 -31.76
CA ILE B 70 -39.36 18.60 -32.86
C ILE B 70 -39.48 17.40 -33.78
N VAL B 71 -39.52 16.20 -33.20
CA VAL B 71 -39.63 15.00 -34.01
C VAL B 71 -40.89 15.03 -34.86
N GLU B 72 -41.98 15.54 -34.29
CA GLU B 72 -43.25 15.49 -35.00
C GLU B 72 -43.33 16.58 -36.05
N GLY B 73 -42.70 17.73 -35.80
CA GLY B 73 -42.57 18.70 -36.87
C GLY B 73 -41.77 18.15 -38.03
N LEU B 74 -40.72 17.38 -37.71
CA LEU B 74 -40.01 16.63 -38.73
C LEU B 74 -40.97 15.75 -39.51
N ALA B 75 -41.67 14.86 -38.80
CA ALA B 75 -42.63 13.97 -39.45
C ALA B 75 -43.71 14.74 -40.19
N GLN B 76 -43.96 15.98 -39.77
CA GLN B 76 -44.98 16.80 -40.41
C GLN B 76 -44.49 17.26 -41.77
N ARG B 77 -43.33 17.92 -41.79
CA ARG B 77 -42.68 18.23 -43.06
C ARG B 77 -42.64 17.01 -43.96
N ILE B 78 -42.37 15.85 -43.38
CA ILE B 78 -42.41 14.60 -44.15
C ILE B 78 -43.77 14.41 -44.78
N VAL B 79 -44.81 14.34 -43.95
CA VAL B 79 -46.16 14.06 -44.43
C VAL B 79 -46.70 15.28 -45.17
N ASN B 80 -45.90 16.35 -45.21
CA ASN B 80 -46.14 17.45 -46.13
C ASN B 80 -45.36 17.29 -47.41
N ALA B 81 -44.79 16.10 -47.65
CA ALA B 81 -44.12 15.77 -48.90
C ALA B 81 -43.01 16.77 -49.19
N ASP B 82 -42.05 16.84 -48.27
CA ASP B 82 -41.00 17.84 -48.33
C ASP B 82 -39.62 17.28 -48.00
N VAL B 83 -39.50 15.97 -47.85
CA VAL B 83 -38.27 15.35 -47.39
C VAL B 83 -37.87 14.30 -48.42
N PRO B 84 -36.62 13.83 -48.38
CA PRO B 84 -36.19 12.80 -49.33
C PRO B 84 -37.07 11.56 -49.27
N ASP B 85 -37.25 10.94 -50.44
CA ASP B 85 -38.17 9.82 -50.59
C ASP B 85 -37.83 8.68 -49.64
N ASN B 86 -36.53 8.35 -49.51
CA ASN B 86 -36.09 7.31 -48.60
C ASN B 86 -36.73 7.48 -47.23
N LEU B 87 -37.05 8.72 -46.87
CA LEU B 87 -37.77 9.00 -45.64
C LEU B 87 -39.17 9.52 -45.89
N ALA B 88 -39.46 10.06 -47.08
CA ALA B 88 -40.79 10.57 -47.37
C ALA B 88 -41.82 9.45 -47.40
N ALA B 89 -41.40 8.22 -47.67
CA ALA B 89 -42.30 7.07 -47.66
C ALA B 89 -42.31 6.36 -46.32
N CYS B 90 -41.64 6.91 -45.32
CA CYS B 90 -41.43 6.20 -44.07
C CYS B 90 -42.67 6.35 -43.18
N LYS B 91 -42.53 5.96 -41.91
CA LYS B 91 -43.61 6.05 -40.94
C LYS B 91 -43.00 6.16 -39.55
N LEU B 92 -43.77 6.72 -38.63
CA LEU B 92 -43.30 6.94 -37.27
C LEU B 92 -44.36 6.55 -36.26
N LEU B 93 -43.98 5.72 -35.30
CA LEU B 93 -44.84 5.39 -34.17
C LEU B 93 -44.33 6.10 -32.93
N SER B 94 -45.01 5.89 -31.81
CA SER B 94 -44.68 6.57 -30.57
C SER B 94 -44.75 5.55 -29.44
N LEU B 95 -43.58 5.10 -29.00
CA LEU B 95 -43.53 4.03 -28.01
C LEU B 95 -44.06 4.50 -26.67
N ASP B 96 -44.71 3.58 -25.95
CA ASP B 96 -44.92 3.73 -24.51
C ASP B 96 -43.97 2.74 -23.84
N VAL B 97 -42.73 3.19 -23.65
CA VAL B 97 -41.72 2.34 -23.01
C VAL B 97 -42.19 1.92 -21.63
N GLY B 98 -42.94 2.77 -20.95
CA GLY B 98 -43.51 2.42 -19.66
C GLY B 98 -44.45 1.24 -19.76
N ALA B 99 -45.56 1.41 -20.49
CA ALA B 99 -46.55 0.34 -20.63
C ALA B 99 -45.95 -0.97 -21.13
N LEU B 100 -44.77 -0.93 -21.72
CA LEU B 100 -44.05 -2.17 -21.97
C LEU B 100 -43.37 -2.66 -20.71
N VAL B 101 -42.52 -1.83 -20.11
CA VAL B 101 -41.84 -2.21 -18.88
C VAL B 101 -42.79 -2.18 -17.68
N ALA B 102 -44.06 -1.78 -17.89
CA ALA B 102 -45.05 -1.83 -16.84
C ALA B 102 -46.21 -2.79 -17.12
N GLY B 103 -46.49 -3.08 -18.38
CA GLY B 103 -47.58 -3.98 -18.73
C GLY B 103 -47.23 -5.43 -18.45
N SER B 104 -45.96 -5.77 -18.60
CA SER B 104 -45.45 -7.09 -18.27
C SER B 104 -44.89 -7.09 -16.85
N LYS B 105 -44.77 -8.29 -16.28
CA LYS B 105 -44.19 -8.40 -14.96
C LYS B 105 -42.73 -7.96 -14.97
N TYR B 106 -41.86 -8.76 -15.59
CA TYR B 106 -40.42 -8.49 -15.68
C TYR B 106 -39.97 -8.79 -17.10
N ARG B 107 -38.66 -8.82 -17.29
CA ARG B 107 -38.11 -9.44 -18.49
C ARG B 107 -38.54 -10.91 -18.52
N GLY B 108 -38.59 -11.46 -19.74
CA GLY B 108 -39.10 -12.81 -19.91
C GLY B 108 -40.41 -12.80 -20.68
N GLU B 109 -41.25 -11.81 -20.42
CA GLU B 109 -42.43 -11.55 -21.22
C GLU B 109 -42.44 -10.16 -21.83
N PHE B 110 -42.02 -9.16 -21.06
CA PHE B 110 -41.65 -7.87 -21.63
C PHE B 110 -40.74 -8.06 -22.83
N GLU B 111 -39.69 -8.85 -22.66
CA GLU B 111 -38.85 -9.23 -23.79
C GLU B 111 -39.67 -9.95 -24.85
N GLU B 112 -40.64 -10.76 -24.44
CA GLU B 112 -41.45 -11.47 -25.42
C GLU B 112 -42.36 -10.52 -26.18
N ARG B 113 -42.95 -9.55 -25.50
CA ARG B 113 -43.74 -8.55 -26.22
C ARG B 113 -42.86 -7.76 -27.18
N MET B 114 -41.65 -7.44 -26.75
CA MET B 114 -40.67 -6.87 -27.66
C MET B 114 -40.54 -7.72 -28.90
N LYS B 115 -40.10 -8.97 -28.74
CA LYS B 115 -39.95 -9.86 -29.89
C LYS B 115 -41.20 -9.87 -30.75
N GLY B 116 -42.37 -9.93 -30.12
CA GLY B 116 -43.62 -9.94 -30.85
C GLY B 116 -43.75 -8.74 -31.77
N VAL B 117 -43.47 -7.55 -31.27
CA VAL B 117 -43.60 -6.38 -32.14
C VAL B 117 -42.46 -6.35 -33.16
N LEU B 118 -41.28 -6.84 -32.76
CA LEU B 118 -40.11 -6.75 -33.63
C LEU B 118 -40.35 -7.40 -34.98
N LYS B 119 -40.85 -8.64 -34.98
CA LYS B 119 -41.16 -9.27 -36.25
C LYS B 119 -42.12 -8.41 -37.05
N GLU B 120 -43.25 -8.02 -36.46
CA GLU B 120 -44.15 -7.10 -37.14
C GLU B 120 -43.38 -5.90 -37.67
N ILE B 121 -42.46 -5.37 -36.86
CA ILE B 121 -41.54 -4.37 -37.38
C ILE B 121 -40.65 -4.99 -38.47
N GLN B 122 -40.08 -6.15 -38.19
CA GLN B 122 -39.28 -6.84 -39.21
C GLN B 122 -40.09 -7.08 -40.47
N GLU B 123 -41.39 -7.33 -40.32
CA GLU B 123 -42.27 -7.45 -41.47
C GLU B 123 -43.14 -6.22 -41.68
N SER B 124 -42.66 -5.04 -41.30
CA SER B 124 -43.37 -3.82 -41.63
C SER B 124 -43.51 -3.70 -43.14
N LYS B 125 -44.73 -3.40 -43.59
CA LYS B 125 -45.01 -3.35 -45.02
C LYS B 125 -44.25 -2.24 -45.73
N GLU B 126 -43.67 -1.32 -44.98
CA GLU B 126 -42.82 -0.27 -45.53
C GLU B 126 -41.91 0.23 -44.43
N THR B 127 -41.00 1.13 -44.78
CA THR B 127 -40.06 1.64 -43.80
C THR B 127 -40.77 2.48 -42.75
N ILE B 128 -40.32 2.32 -41.51
CA ILE B 128 -40.97 2.92 -40.36
C ILE B 128 -39.91 3.36 -39.37
N ILE B 129 -40.29 4.28 -38.49
CA ILE B 129 -39.42 4.76 -37.43
C ILE B 129 -40.19 4.70 -36.13
N LEU B 130 -39.48 4.44 -35.04
CA LEU B 130 -40.03 4.61 -33.72
C LEU B 130 -39.14 5.58 -32.96
N PHE B 131 -39.71 6.21 -31.94
CA PHE B 131 -38.90 6.91 -30.96
C PHE B 131 -39.19 6.35 -29.58
N VAL B 132 -38.20 6.46 -28.70
CA VAL B 132 -38.32 6.02 -27.32
C VAL B 132 -37.88 7.17 -26.43
N ASP B 133 -38.82 7.80 -25.75
CA ASP B 133 -38.47 8.76 -24.73
C ASP B 133 -37.69 8.06 -23.63
N GLU B 134 -36.76 8.80 -23.00
CA GLU B 134 -35.93 8.26 -21.93
C GLU B 134 -35.27 6.96 -22.37
N ILE B 135 -34.93 6.91 -23.67
CA ILE B 135 -34.58 5.67 -24.36
C ILE B 135 -33.60 4.83 -23.56
N HIS B 136 -32.72 5.48 -22.79
CA HIS B 136 -31.77 4.74 -21.96
C HIS B 136 -32.46 3.80 -20.99
N LEU B 137 -33.77 3.98 -20.77
CA LEU B 137 -34.55 3.06 -19.95
C LEU B 137 -34.20 1.62 -20.27
N LEU B 138 -34.17 1.28 -21.56
CA LEU B 138 -33.90 -0.09 -21.97
C LEU B 138 -32.58 -0.60 -21.41
N MET B 139 -31.61 0.30 -21.22
CA MET B 139 -30.39 -0.04 -20.50
C MET B 139 -30.39 0.49 -19.08
N GLY B 140 -31.37 1.31 -18.71
CA GLY B 140 -31.43 1.88 -17.39
C GLY B 140 -31.40 3.40 -17.41
N LEU B 155 -27.76 -4.62 -26.04
CA LEU B 155 -28.48 -5.63 -25.26
C LEU B 155 -29.57 -6.27 -26.11
N LYS B 156 -30.80 -6.20 -25.62
CA LYS B 156 -31.93 -6.83 -26.32
C LYS B 156 -32.13 -6.33 -27.74
N PRO B 157 -32.05 -5.02 -28.05
CA PRO B 157 -32.39 -4.61 -29.42
C PRO B 157 -31.21 -4.76 -30.38
N MET B 158 -30.53 -5.89 -30.28
CA MET B 158 -29.38 -6.14 -31.13
C MET B 158 -29.75 -6.64 -32.50
N LEU B 159 -31.01 -6.45 -32.91
CA LEU B 159 -31.43 -6.81 -34.26
C LEU B 159 -31.34 -5.65 -35.23
N ALA B 160 -30.88 -4.48 -34.78
CA ALA B 160 -30.84 -3.32 -35.66
C ALA B 160 -29.83 -3.53 -36.77
N ARG B 161 -30.33 -3.78 -37.98
CA ARG B 161 -29.45 -4.00 -39.13
C ARG B 161 -29.63 -2.94 -40.20
N GLY B 162 -30.01 -1.73 -39.81
CA GLY B 162 -30.27 -0.68 -40.76
C GLY B 162 -31.73 -0.51 -41.12
N GLN B 163 -32.47 -1.60 -41.32
CA GLN B 163 -33.91 -1.52 -41.54
C GLN B 163 -34.66 -1.06 -40.30
N LEU B 164 -33.95 -0.81 -39.19
CA LEU B 164 -34.54 -0.30 -37.97
C LEU B 164 -34.24 1.19 -37.85
N HIS B 165 -35.18 1.93 -37.28
CA HIS B 165 -35.05 3.37 -37.24
C HIS B 165 -35.58 3.91 -35.93
N CYS B 166 -34.69 4.53 -35.16
CA CYS B 166 -35.07 5.12 -33.89
C CYS B 166 -34.11 6.26 -33.59
N ILE B 167 -34.48 7.07 -32.60
CA ILE B 167 -33.66 8.17 -32.14
C ILE B 167 -33.72 8.16 -30.63
N GLY B 168 -32.84 8.95 -29.99
CA GLY B 168 -32.81 9.04 -28.56
C GLY B 168 -32.69 10.47 -28.09
N ALA B 169 -32.91 10.67 -26.80
CA ALA B 169 -32.79 11.97 -26.16
C ALA B 169 -32.77 11.82 -24.65
N THR B 170 -31.83 12.49 -23.99
CA THR B 170 -31.69 12.44 -22.53
C THR B 170 -30.66 13.48 -22.14
N THR B 171 -30.46 13.64 -20.83
CA THR B 171 -29.36 14.43 -20.34
C THR B 171 -28.05 13.73 -20.69
N LEU B 172 -26.98 14.52 -20.79
CA LEU B 172 -25.67 13.96 -21.05
C LEU B 172 -25.35 12.82 -20.09
N ALA B 173 -25.89 12.90 -18.88
CA ALA B 173 -25.58 11.91 -17.84
C ALA B 173 -25.97 10.51 -18.26
N GLU B 174 -27.27 10.29 -18.51
CA GLU B 174 -27.74 8.95 -18.83
C GLU B 174 -27.11 8.46 -20.12
N TYR B 175 -27.02 9.33 -21.12
CA TYR B 175 -26.40 8.97 -22.38
C TYR B 175 -25.00 8.42 -22.14
N ARG B 176 -24.18 9.18 -21.42
CA ARG B 176 -22.84 8.70 -21.07
C ARG B 176 -22.92 7.36 -20.36
N LYS B 177 -23.64 7.30 -19.25
CA LYS B 177 -23.55 6.17 -18.35
C LYS B 177 -24.12 4.88 -18.95
N TYR B 178 -24.96 4.97 -19.97
CA TYR B 178 -25.56 3.76 -20.51
C TYR B 178 -25.22 3.52 -21.97
N ILE B 179 -25.44 4.50 -22.84
CA ILE B 179 -25.34 4.24 -24.26
C ILE B 179 -23.93 4.54 -24.78
N GLU B 180 -23.34 5.64 -24.30
CA GLU B 180 -21.94 5.92 -24.61
C GLU B 180 -21.03 4.76 -24.19
N LYS B 181 -21.44 3.97 -23.20
CA LYS B 181 -20.65 2.82 -22.79
C LYS B 181 -20.68 1.71 -23.83
N ASP B 182 -21.77 1.58 -24.57
CA ASP B 182 -21.92 0.44 -25.47
C ASP B 182 -21.08 0.64 -26.73
N ALA B 183 -20.48 -0.46 -27.19
CA ALA B 183 -19.68 -0.42 -28.39
C ALA B 183 -20.56 -0.28 -29.63
N ALA B 184 -21.46 -1.24 -29.84
CA ALA B 184 -22.29 -1.24 -31.03
C ALA B 184 -23.15 0.02 -31.10
N PHE B 185 -23.68 0.46 -29.96
CA PHE B 185 -24.50 1.66 -29.94
C PHE B 185 -23.70 2.85 -30.45
N GLU B 186 -22.56 3.11 -29.81
CA GLU B 186 -21.65 4.13 -30.29
C GLU B 186 -21.43 4.01 -31.80
N ARG B 187 -21.07 2.81 -32.26
CA ARG B 187 -20.87 2.58 -33.68
C ARG B 187 -22.16 2.79 -34.48
N ARG B 188 -23.30 2.96 -33.81
CA ARG B 188 -24.56 3.07 -34.53
C ARG B 188 -25.45 4.18 -33.97
N PHE B 189 -24.84 5.18 -33.32
CA PHE B 189 -25.62 6.26 -32.75
C PHE B 189 -24.89 7.58 -32.92
N GLN B 190 -25.65 8.67 -32.98
CA GLN B 190 -25.10 10.00 -33.22
C GLN B 190 -25.66 10.99 -32.21
N GLN B 191 -24.78 11.57 -31.41
CA GLN B 191 -25.16 12.71 -30.58
C GLN B 191 -25.76 13.81 -31.42
N VAL B 192 -26.90 14.33 -30.98
CA VAL B 192 -27.49 15.54 -31.53
C VAL B 192 -27.77 16.46 -30.35
N LEU B 193 -26.79 17.28 -29.98
CA LEU B 193 -26.95 18.17 -28.85
C LEU B 193 -27.85 19.34 -29.23
N VAL B 194 -28.76 19.67 -28.33
CA VAL B 194 -29.55 20.90 -28.44
C VAL B 194 -29.09 21.84 -27.34
N LYS B 195 -29.56 23.08 -27.41
CA LYS B 195 -29.10 24.12 -26.51
C LYS B 195 -30.29 24.75 -25.80
N GLU B 196 -29.97 25.52 -24.77
CA GLU B 196 -31.01 26.23 -24.05
C GLU B 196 -31.72 27.21 -24.98
N PRO B 197 -32.99 27.46 -24.74
CA PRO B 197 -33.70 28.47 -25.53
C PRO B 197 -33.15 29.87 -25.27
N SER B 198 -33.52 30.80 -26.14
CA SER B 198 -33.07 32.18 -26.05
C SER B 198 -34.26 33.13 -25.94
N ILE B 199 -34.01 34.28 -25.32
CA ILE B 199 -35.09 35.20 -24.96
C ILE B 199 -35.91 35.57 -26.18
N THR B 200 -35.25 36.09 -27.21
CA THR B 200 -35.99 36.55 -28.38
C THR B 200 -36.70 35.39 -29.08
N GLU B 201 -36.01 34.28 -29.29
CA GLU B 201 -36.65 33.17 -30.00
C GLU B 201 -37.76 32.57 -29.15
N THR B 202 -37.61 32.59 -27.83
CA THR B 202 -38.75 32.27 -26.99
C THR B 202 -39.91 33.19 -27.36
N ILE B 203 -39.70 34.49 -27.22
CA ILE B 203 -40.71 35.50 -27.55
C ILE B 203 -41.45 35.09 -28.82
N SER B 204 -40.68 34.68 -29.81
CA SER B 204 -41.27 34.20 -31.06
C SER B 204 -42.19 33.00 -30.82
N ILE B 205 -41.65 31.92 -30.26
CA ILE B 205 -42.47 30.71 -30.10
C ILE B 205 -43.65 30.97 -29.19
N LEU B 206 -43.50 31.93 -28.29
CA LEU B 206 -44.62 32.37 -27.46
C LEU B 206 -45.71 32.95 -28.31
N ARG B 207 -45.36 33.91 -29.17
CA ARG B 207 -46.33 34.42 -30.14
C ARG B 207 -46.94 33.29 -30.92
N GLY B 208 -46.17 32.26 -31.22
CA GLY B 208 -46.66 31.11 -31.96
C GLY B 208 -47.78 30.40 -31.23
N LEU B 209 -47.47 29.89 -30.04
CA LEU B 209 -48.49 29.21 -29.23
C LEU B 209 -49.60 30.15 -28.80
N LYS B 210 -49.39 31.46 -28.95
CA LYS B 210 -50.36 32.43 -28.49
C LYS B 210 -51.72 32.19 -29.11
N GLU B 211 -51.76 31.96 -30.42
CA GLU B 211 -53.05 31.86 -31.09
C GLU B 211 -53.79 30.61 -30.65
N LYS B 212 -53.14 29.44 -30.71
CA LYS B 212 -53.81 28.22 -30.30
C LYS B 212 -54.29 28.32 -28.86
N TYR B 213 -53.49 28.91 -27.98
CA TYR B 213 -53.92 28.99 -26.59
C TYR B 213 -55.08 29.95 -26.43
N GLU B 214 -55.04 31.09 -27.11
CA GLU B 214 -56.17 32.01 -27.06
C GLU B 214 -57.44 31.34 -27.56
N VAL B 215 -57.32 30.50 -28.58
CA VAL B 215 -58.45 29.70 -29.01
C VAL B 215 -58.91 28.76 -27.91
N HIS B 216 -57.97 28.26 -27.11
CA HIS B 216 -58.31 27.23 -26.12
C HIS B 216 -59.46 27.68 -25.21
N HIS B 217 -59.59 28.98 -24.95
CA HIS B 217 -60.76 29.46 -24.20
C HIS B 217 -61.37 30.73 -24.76
N GLY B 218 -60.85 31.29 -25.84
CA GLY B 218 -61.52 32.39 -26.50
C GLY B 218 -61.20 33.77 -25.97
N VAL B 219 -60.05 33.95 -25.33
CA VAL B 219 -59.61 35.28 -24.91
C VAL B 219 -58.16 35.45 -25.34
N ASN B 220 -57.80 36.68 -25.71
CA ASN B 220 -56.48 36.94 -26.27
C ASN B 220 -55.54 37.47 -25.18
N ILE B 221 -54.35 37.90 -25.60
CA ILE B 221 -53.27 38.20 -24.67
C ILE B 221 -52.68 39.55 -25.02
N ALA B 222 -52.07 40.20 -24.02
CA ALA B 222 -51.27 41.39 -24.24
C ALA B 222 -49.83 40.99 -24.53
N ASP B 223 -49.25 41.58 -25.57
CA ASP B 223 -47.92 41.24 -26.01
C ASP B 223 -46.89 41.50 -24.92
N ALA B 224 -46.78 42.76 -24.50
CA ALA B 224 -45.81 43.14 -23.48
C ALA B 224 -45.98 42.29 -22.23
N ALA B 225 -47.20 41.85 -21.93
CA ALA B 225 -47.40 40.92 -20.84
C ALA B 225 -46.61 39.64 -21.06
N ILE B 226 -46.67 39.10 -22.28
CA ILE B 226 -45.90 37.90 -22.60
C ILE B 226 -44.42 38.17 -22.46
N VAL B 227 -43.96 39.28 -23.04
CA VAL B 227 -42.56 39.65 -22.96
C VAL B 227 -42.10 39.68 -21.51
N ALA B 228 -42.87 40.36 -20.68
CA ALA B 228 -42.60 40.47 -19.26
C ALA B 228 -42.49 39.08 -18.68
N ALA B 229 -43.60 38.33 -18.68
CA ALA B 229 -43.64 36.98 -18.13
C ALA B 229 -42.41 36.16 -18.50
N ALA B 230 -42.05 36.20 -19.79
CA ALA B 230 -40.83 35.56 -20.25
C ALA B 230 -39.64 36.04 -19.43
N ASN B 231 -39.45 37.34 -19.38
CA ASN B 231 -38.31 37.89 -18.66
C ASN B 231 -38.38 37.57 -17.18
N LEU B 232 -39.59 37.42 -16.65
CA LEU B 232 -39.77 37.08 -15.24
C LEU B 232 -39.26 35.67 -14.97
N ALA B 233 -39.59 34.74 -15.87
CA ALA B 233 -39.02 33.41 -15.73
C ALA B 233 -37.54 33.41 -16.07
N ALA B 234 -37.06 34.41 -16.79
CA ALA B 234 -35.64 34.48 -17.10
C ALA B 234 -34.84 34.88 -15.86
N ARG B 235 -35.12 36.08 -15.36
CA ARG B 235 -34.45 36.63 -14.18
C ARG B 235 -34.93 35.99 -12.89
N TYR B 236 -35.97 35.18 -12.94
CA TYR B 236 -36.69 34.72 -11.78
C TYR B 236 -37.13 33.28 -12.01
N LEU B 237 -37.63 32.64 -10.95
CA LEU B 237 -37.80 31.19 -10.92
C LEU B 237 -36.48 30.50 -11.19
N THR B 238 -35.38 31.14 -10.79
CA THR B 238 -34.04 30.72 -11.18
C THR B 238 -33.70 29.29 -10.75
N SER B 239 -34.57 28.64 -9.99
CA SER B 239 -34.46 27.21 -9.78
C SER B 239 -35.40 26.46 -10.72
N ARG B 240 -36.63 26.92 -10.85
CA ARG B 240 -37.57 26.36 -11.80
C ARG B 240 -37.13 26.81 -13.19
N ARG B 241 -36.35 25.99 -13.87
CA ARG B 241 -35.56 26.48 -14.98
C ARG B 241 -36.02 25.89 -16.31
N LEU B 242 -35.33 26.35 -17.36
CA LEU B 242 -35.93 26.48 -18.69
C LEU B 242 -35.14 25.70 -19.73
N PRO B 243 -35.44 24.45 -19.93
CA PRO B 243 -35.16 23.81 -21.22
C PRO B 243 -36.18 24.26 -22.25
N ASP B 244 -36.85 25.38 -21.97
CA ASP B 244 -38.16 25.84 -22.44
C ASP B 244 -39.24 25.23 -21.57
N SER B 245 -38.90 24.34 -20.63
CA SER B 245 -39.87 23.90 -19.65
C SER B 245 -40.49 25.10 -18.96
N ALA B 246 -39.66 25.91 -18.33
CA ALA B 246 -40.14 27.13 -17.70
C ALA B 246 -40.88 28.01 -18.68
N VAL B 247 -40.56 27.93 -19.97
CA VAL B 247 -41.37 28.62 -20.96
C VAL B 247 -42.80 28.11 -20.92
N ASP B 248 -42.97 26.80 -21.12
CA ASP B 248 -44.29 26.19 -21.02
C ASP B 248 -44.94 26.51 -19.68
N LEU B 249 -44.13 26.76 -18.66
CA LEU B 249 -44.66 27.11 -17.36
C LEU B 249 -45.23 28.52 -17.38
N ILE B 250 -44.48 29.47 -17.95
CA ILE B 250 -45.04 30.78 -18.27
C ILE B 250 -46.36 30.61 -18.99
N ASP B 251 -46.43 29.63 -19.86
CA ASP B 251 -47.58 29.51 -20.73
C ASP B 251 -48.79 29.06 -19.93
N GLU B 252 -48.66 27.93 -19.24
CA GLU B 252 -49.72 27.48 -18.34
C GLU B 252 -50.03 28.54 -17.29
N ALA B 253 -49.05 29.36 -16.94
CA ALA B 253 -49.29 30.47 -16.06
C ALA B 253 -50.32 31.40 -16.69
N ALA B 254 -50.00 31.93 -17.87
CA ALA B 254 -50.95 32.72 -18.64
C ALA B 254 -52.30 32.01 -18.74
N ALA B 255 -52.27 30.68 -18.85
CA ALA B 255 -53.51 29.91 -18.88
C ALA B 255 -54.31 30.17 -17.62
N ALA B 256 -53.73 29.84 -16.47
CA ALA B 256 -54.38 30.10 -15.19
C ALA B 256 -54.86 31.55 -15.11
N VAL B 257 -54.07 32.48 -15.66
CA VAL B 257 -54.47 33.88 -15.69
C VAL B 257 -55.81 34.01 -16.39
N ARG B 258 -55.88 33.56 -17.64
CA ARG B 258 -57.13 33.66 -18.38
C ARG B 258 -58.26 32.96 -17.63
N VAL B 259 -57.95 31.90 -16.89
CA VAL B 259 -58.96 31.23 -16.08
C VAL B 259 -59.53 32.19 -15.05
N ALA B 260 -58.66 32.87 -14.34
CA ALA B 260 -59.10 33.96 -13.48
C ALA B 260 -59.97 34.93 -14.27
N ARG B 261 -59.48 35.35 -15.43
CA ARG B 261 -60.27 36.20 -16.31
C ARG B 261 -61.53 35.49 -16.78
N GLU B 262 -61.45 34.18 -17.00
CA GLU B 262 -62.65 33.41 -17.31
C GLU B 262 -63.66 33.51 -16.19
N SER B 263 -63.20 33.62 -14.94
CA SER B 263 -64.08 33.71 -13.79
C SER B 263 -64.69 35.10 -13.68
N MET B 394 -64.11 46.32 -16.29
CA MET B 394 -64.39 44.91 -16.09
C MET B 394 -63.17 44.04 -16.39
N ILE B 395 -63.39 42.93 -17.07
CA ILE B 395 -62.35 41.99 -17.48
C ILE B 395 -62.26 42.00 -18.99
N THR B 396 -61.17 42.54 -19.51
CA THR B 396 -60.97 42.61 -20.94
C THR B 396 -60.70 41.22 -21.51
N ASP B 397 -60.51 41.17 -22.83
CA ASP B 397 -60.17 39.90 -23.46
C ASP B 397 -58.67 39.64 -23.43
N VAL B 398 -57.86 40.69 -23.36
CA VAL B 398 -56.40 40.54 -23.38
C VAL B 398 -55.90 40.21 -21.99
N VAL B 399 -54.85 39.39 -21.93
CA VAL B 399 -54.23 39.02 -20.66
C VAL B 399 -53.42 40.20 -20.13
N GLY B 400 -53.86 40.77 -19.02
CA GLY B 400 -53.22 41.93 -18.44
C GLY B 400 -51.92 41.59 -17.73
N PRO B 401 -50.94 42.49 -17.85
CA PRO B 401 -49.64 42.24 -17.20
C PRO B 401 -49.74 42.20 -15.69
N ASP B 402 -50.62 43.04 -15.12
CA ASP B 402 -50.88 43.00 -13.68
C ASP B 402 -51.04 41.59 -13.17
N GLN B 403 -51.93 40.81 -13.80
CA GLN B 403 -52.15 39.44 -13.35
C GLN B 403 -50.90 38.60 -13.52
N ILE B 404 -50.17 38.81 -14.62
CA ILE B 404 -48.89 38.14 -14.81
C ILE B 404 -48.03 38.31 -13.57
N ASN B 405 -47.90 39.55 -13.12
CA ASN B 405 -47.05 39.84 -11.98
C ASN B 405 -47.63 39.23 -10.72
N GLU B 406 -48.94 39.35 -10.53
CA GLU B 406 -49.58 38.78 -9.35
C GLU B 406 -49.30 37.29 -9.25
N ILE B 407 -49.29 36.61 -10.38
CA ILE B 407 -49.18 35.16 -10.32
C ILE B 407 -47.74 34.73 -10.19
N VAL B 408 -46.81 35.40 -10.87
CA VAL B 408 -45.42 35.07 -10.62
C VAL B 408 -45.10 35.32 -9.16
N ALA B 409 -45.70 36.36 -8.58
CA ALA B 409 -45.59 36.57 -7.13
C ALA B 409 -46.12 35.37 -6.37
N ARG B 410 -47.41 35.05 -6.56
CA ARG B 410 -48.02 33.95 -5.84
C ARG B 410 -47.25 32.65 -6.03
N TRP B 411 -46.39 32.59 -7.04
CA TRP B 411 -45.49 31.46 -7.18
C TRP B 411 -44.19 31.66 -6.44
N THR B 412 -43.79 32.91 -6.20
CA THR B 412 -42.55 33.18 -5.49
C THR B 412 -42.66 34.15 -4.34
N GLY B 413 -43.75 34.92 -4.23
CA GLY B 413 -43.98 35.74 -3.06
C GLY B 413 -43.18 37.03 -3.00
N ILE B 414 -43.35 37.90 -3.99
CA ILE B 414 -42.75 39.23 -3.98
C ILE B 414 -43.75 40.24 -4.53
N PRO B 415 -43.99 41.35 -3.85
CA PRO B 415 -44.89 42.38 -4.39
C PRO B 415 -44.42 42.87 -5.74
N VAL B 416 -45.37 43.29 -6.56
CA VAL B 416 -45.09 43.66 -7.93
C VAL B 416 -44.16 44.87 -8.03
N THR B 417 -44.14 45.71 -7.00
CA THR B 417 -43.31 46.91 -7.04
C THR B 417 -41.84 46.57 -7.17
N ARG B 418 -41.38 45.59 -6.37
CA ARG B 418 -39.99 45.19 -6.35
C ARG B 418 -39.48 44.71 -7.70
N LEU B 419 -40.36 44.56 -8.69
CA LEU B 419 -40.02 43.87 -9.92
C LEU B 419 -40.11 44.73 -11.17
N LYS B 420 -40.95 45.76 -11.18
CA LYS B 420 -41.06 46.62 -12.36
C LYS B 420 -40.13 47.81 -12.26
N THR B 421 -38.85 47.53 -12.01
CA THR B 421 -37.84 48.57 -11.82
C THR B 421 -36.96 48.79 -13.04
N SER B 422 -37.25 48.12 -14.16
CA SER B 422 -36.47 48.26 -15.38
C SER B 422 -35.02 47.83 -15.16
N GLU B 423 -34.72 47.33 -13.97
CA GLU B 423 -33.37 47.04 -13.50
C GLU B 423 -32.46 48.27 -13.57
N LYS B 424 -33.02 49.46 -13.75
CA LYS B 424 -32.22 50.66 -13.86
C LYS B 424 -32.71 51.73 -12.90
N GLU B 425 -34.03 51.81 -12.72
CA GLU B 425 -34.56 52.66 -11.65
C GLU B 425 -33.87 52.34 -10.34
N LYS B 426 -33.59 51.06 -10.10
CA LYS B 426 -32.73 50.69 -8.98
C LYS B 426 -31.34 51.27 -9.15
N LEU B 427 -30.81 51.25 -10.37
CA LEU B 427 -29.50 51.85 -10.60
C LEU B 427 -29.50 53.35 -10.38
N LEU B 428 -30.66 53.95 -10.14
CA LEU B 428 -30.73 55.35 -9.78
C LEU B 428 -30.73 55.58 -8.27
N HIS B 429 -31.00 54.54 -7.48
CA HIS B 429 -31.10 54.70 -6.04
C HIS B 429 -30.48 53.54 -5.29
N MET B 430 -29.47 52.89 -5.89
CA MET B 430 -28.74 51.84 -5.19
C MET B 430 -28.16 52.36 -3.89
N GLU B 431 -27.24 53.32 -4.00
CA GLU B 431 -26.60 53.91 -2.83
C GLU B 431 -27.62 54.37 -1.81
N GLN B 432 -28.78 54.83 -2.27
CA GLN B 432 -29.86 55.17 -1.34
C GLN B 432 -30.19 54.00 -0.44
N ALA B 433 -30.60 52.88 -1.04
CA ALA B 433 -30.95 51.69 -0.28
C ALA B 433 -29.80 51.26 0.62
N LEU B 434 -28.59 51.21 0.06
CA LEU B 434 -27.45 50.70 0.82
C LEU B 434 -27.17 51.55 2.04
N SER B 435 -27.09 52.87 1.87
CA SER B 435 -26.98 53.78 3.00
C SER B 435 -28.08 53.50 4.01
N LYS B 436 -29.32 53.40 3.54
CA LYS B 436 -30.43 53.05 4.43
C LYS B 436 -30.16 51.76 5.18
N ILE B 437 -29.26 50.92 4.69
CA ILE B 437 -28.90 49.67 5.35
C ILE B 437 -27.53 49.77 6.01
N VAL B 438 -26.49 50.01 5.23
CA VAL B 438 -25.13 50.02 5.75
C VAL B 438 -24.48 51.36 5.41
N VAL B 439 -23.63 51.84 6.33
CA VAL B 439 -22.93 53.10 6.17
C VAL B 439 -21.50 52.90 6.65
N GLY B 440 -20.56 53.64 6.05
CA GLY B 440 -19.19 53.63 6.50
C GLY B 440 -18.18 53.70 5.37
N GLN B 441 -18.56 53.20 4.19
CA GLN B 441 -17.69 53.22 3.03
C GLN B 441 -18.48 53.65 1.80
N LYS B 442 -19.24 54.75 1.95
CA LYS B 442 -20.10 55.24 0.87
C LYS B 442 -19.35 55.32 -0.45
N GLU B 443 -18.06 55.64 -0.39
CA GLU B 443 -17.23 55.59 -1.58
C GLU B 443 -17.18 54.19 -2.17
N ALA B 444 -16.93 53.18 -1.33
CA ALA B 444 -16.96 51.81 -1.81
C ALA B 444 -18.33 51.45 -2.33
N VAL B 445 -19.38 51.96 -1.70
CA VAL B 445 -20.75 51.77 -2.18
C VAL B 445 -20.87 52.24 -3.62
N GLN B 446 -20.54 53.51 -3.85
CA GLN B 446 -20.64 54.07 -5.19
C GLN B 446 -19.81 53.26 -6.17
N SER B 447 -18.59 52.88 -5.77
CA SER B 447 -17.71 52.18 -6.70
C SER B 447 -18.27 50.83 -7.09
N VAL B 448 -18.74 50.05 -6.11
CA VAL B 448 -19.27 48.73 -6.42
C VAL B 448 -20.53 48.86 -7.25
N SER B 449 -21.34 49.88 -6.97
CA SER B 449 -22.53 50.11 -7.79
C SER B 449 -22.14 50.41 -9.23
N ASN B 450 -21.10 51.21 -9.42
CA ASN B 450 -20.62 51.49 -10.77
C ASN B 450 -20.16 50.22 -11.44
N ALA B 451 -19.35 49.41 -10.76
CA ALA B 451 -18.80 48.21 -11.35
C ALA B 451 -19.90 47.24 -11.77
N ILE B 452 -20.89 47.03 -10.89
CA ILE B 452 -21.96 46.12 -11.23
C ILE B 452 -22.82 46.72 -12.34
N ARG B 453 -22.88 48.05 -12.45
CA ARG B 453 -23.52 48.65 -13.60
C ARG B 453 -22.75 48.31 -14.87
N LEU B 454 -21.43 48.43 -14.82
CA LEU B 454 -20.60 48.05 -15.97
C LEU B 454 -20.95 46.65 -16.44
N GLN B 455 -20.92 45.70 -15.52
CA GLN B 455 -21.35 44.35 -15.86
C GLN B 455 -22.75 44.38 -16.47
N ARG B 456 -23.67 45.08 -15.80
CA ARG B 456 -25.05 45.09 -16.24
C ARG B 456 -25.20 45.87 -17.55
N SER B 457 -24.49 46.99 -17.67
CA SER B 457 -24.45 47.69 -18.95
C SER B 457 -23.57 47.00 -19.98
N GLY B 458 -22.80 46.00 -19.56
CA GLY B 458 -21.97 45.24 -20.49
C GLY B 458 -20.86 46.02 -21.14
N LEU B 459 -20.56 47.24 -20.67
CA LEU B 459 -19.48 48.01 -21.27
C LEU B 459 -18.12 47.38 -21.04
N SER B 460 -18.01 46.48 -20.06
CA SER B 460 -16.80 45.72 -19.85
C SER B 460 -16.86 44.45 -20.69
N ASN B 461 -15.96 43.51 -20.43
CA ASN B 461 -16.02 42.22 -21.09
C ASN B 461 -17.32 41.53 -20.70
N PRO B 462 -18.17 41.14 -21.66
CA PRO B 462 -19.43 40.47 -21.32
C PRO B 462 -19.19 39.02 -20.91
N ASN B 463 -17.94 38.67 -20.63
CA ASN B 463 -17.59 37.33 -20.19
C ASN B 463 -16.92 37.30 -18.83
N GLN B 464 -16.48 38.45 -18.31
CA GLN B 464 -15.92 38.49 -16.97
C GLN B 464 -16.98 38.96 -15.99
N PRO B 465 -17.56 38.09 -15.18
CA PRO B 465 -18.52 38.53 -14.16
C PRO B 465 -17.84 39.39 -13.11
N PRO B 466 -18.61 40.17 -12.34
CA PRO B 466 -17.98 41.12 -11.41
C PRO B 466 -17.19 40.41 -10.32
N SER B 467 -16.28 41.17 -9.72
CA SER B 467 -15.33 40.65 -8.75
C SER B 467 -15.12 41.68 -7.65
N PHE B 468 -15.18 41.23 -6.40
CA PHE B 468 -14.99 42.14 -5.28
C PHE B 468 -14.42 41.42 -4.08
N LEU B 469 -13.42 42.03 -3.46
CA LEU B 469 -12.89 41.60 -2.18
C LEU B 469 -13.10 42.72 -1.18
N PHE B 470 -13.42 42.35 0.05
CA PHE B 470 -13.54 43.32 1.12
C PHE B 470 -12.30 43.24 2.01
N CYS B 471 -11.99 44.35 2.66
CA CYS B 471 -10.79 44.45 3.49
C CYS B 471 -11.10 45.12 4.81
N GLY B 472 -12.15 44.67 5.49
CA GLY B 472 -12.49 45.21 6.78
C GLY B 472 -13.15 44.22 7.72
N PRO B 473 -13.38 44.63 8.95
CA PRO B 473 -14.03 43.76 9.92
C PRO B 473 -15.55 43.84 9.84
N SER B 474 -16.19 42.82 10.39
CA SER B 474 -17.64 42.78 10.45
C SER B 474 -18.15 43.78 11.48
N GLY B 475 -19.46 43.77 11.71
CA GLY B 475 -20.08 44.80 12.49
C GLY B 475 -20.37 46.06 11.71
N THR B 476 -19.38 46.57 10.98
CA THR B 476 -19.59 47.65 10.03
C THR B 476 -20.73 47.37 9.08
N GLY B 477 -20.95 46.11 8.72
CA GLY B 477 -21.99 45.75 7.79
C GLY B 477 -21.53 44.97 6.57
N LYS B 478 -20.29 44.49 6.54
CA LYS B 478 -19.74 43.85 5.35
C LYS B 478 -20.65 42.72 4.87
N THR B 479 -20.91 41.75 5.74
CA THR B 479 -21.86 40.70 5.42
C THR B 479 -23.26 41.29 5.23
N LEU B 480 -23.62 42.23 6.09
CA LEU B 480 -24.89 42.94 5.92
C LEU B 480 -24.93 43.64 4.57
N LEU B 481 -23.82 44.25 4.17
CA LEU B 481 -23.74 44.72 2.79
C LEU B 481 -24.08 43.61 1.82
N THR B 482 -23.24 42.56 1.77
CA THR B 482 -23.44 41.49 0.81
C THR B 482 -24.90 41.09 0.70
N LYS B 483 -25.55 40.86 1.84
CA LYS B 483 -26.93 40.38 1.80
C LYS B 483 -27.89 41.45 1.28
N ALA B 484 -27.78 42.68 1.79
CA ALA B 484 -28.69 43.73 1.32
C ALA B 484 -28.45 44.01 -0.16
N LEU B 485 -27.20 43.97 -0.58
CA LEU B 485 -26.85 44.09 -1.98
C LEU B 485 -27.60 43.07 -2.81
N ALA B 486 -27.38 41.79 -2.52
CA ALA B 486 -28.08 40.74 -3.25
C ALA B 486 -29.58 40.99 -3.27
N GLU B 487 -30.16 41.28 -2.10
CA GLU B 487 -31.59 41.51 -2.03
C GLU B 487 -32.02 42.62 -2.99
N PHE B 488 -31.34 43.76 -2.93
CA PHE B 488 -31.67 44.87 -3.80
C PHE B 488 -31.39 44.53 -5.26
N LEU B 489 -30.62 43.48 -5.51
CA LEU B 489 -30.28 43.10 -6.87
C LEU B 489 -30.93 41.80 -7.31
N PHE B 490 -31.43 40.99 -6.39
CA PHE B 490 -32.00 39.70 -6.74
C PHE B 490 -33.33 39.40 -6.08
N ASP B 491 -33.80 40.25 -5.16
CA ASP B 491 -35.12 40.12 -4.55
C ASP B 491 -35.26 38.83 -3.75
N ASP B 492 -34.17 38.35 -3.17
CA ASP B 492 -34.23 37.18 -2.30
C ASP B 492 -33.05 37.13 -1.35
N PRO B 493 -33.29 37.07 -0.05
CA PRO B 493 -32.16 37.00 0.88
C PRO B 493 -31.40 35.70 0.76
N LYS B 494 -32.11 34.58 0.67
CA LYS B 494 -31.47 33.27 0.59
C LYS B 494 -30.61 33.12 -0.65
N SER B 495 -30.68 34.05 -1.60
CA SER B 495 -29.81 33.99 -2.76
C SER B 495 -28.35 34.00 -2.37
N MET B 496 -28.03 34.38 -1.13
CA MET B 496 -26.66 34.28 -0.66
C MET B 496 -26.28 32.81 -0.53
N ILE B 497 -25.03 32.50 -0.85
CA ILE B 497 -24.49 31.15 -0.68
C ILE B 497 -23.11 31.27 -0.08
N ARG B 498 -22.95 30.78 1.14
CA ARG B 498 -21.74 30.98 1.92
C ARG B 498 -20.74 29.86 1.67
N PHE B 499 -19.46 30.20 1.75
CA PHE B 499 -18.38 29.22 1.62
C PHE B 499 -17.20 29.69 2.45
N ASP B 500 -16.64 28.77 3.24
CA ASP B 500 -15.56 29.08 4.15
C ASP B 500 -14.26 28.52 3.62
N MET B 501 -13.22 29.36 3.55
CA MET B 501 -11.93 28.89 3.09
C MET B 501 -11.26 28.02 4.15
N SER B 502 -11.62 28.21 5.41
CA SER B 502 -11.29 27.21 6.41
C SER B 502 -11.91 25.88 6.05
N GLU B 503 -13.11 25.90 5.50
CA GLU B 503 -13.76 24.69 5.01
C GLU B 503 -13.22 24.25 3.67
N TYR B 504 -12.27 24.99 3.09
CA TYR B 504 -11.66 24.56 1.84
C TYR B 504 -10.16 24.78 1.82
N GLN B 505 -9.55 25.21 2.94
CA GLN B 505 -8.11 25.13 3.07
C GLN B 505 -7.60 23.72 2.83
N GLU B 506 -8.45 22.72 3.02
CA GLU B 506 -8.13 21.35 2.66
C GLU B 506 -8.21 21.20 1.14
N ARG B 507 -7.10 20.79 0.54
CA ARG B 507 -7.00 20.77 -0.92
C ARG B 507 -7.93 19.72 -1.52
N HIS B 508 -8.00 18.54 -0.93
CA HIS B 508 -8.75 17.43 -1.51
C HIS B 508 -10.25 17.68 -1.48
N SER B 509 -10.70 18.67 -0.70
CA SER B 509 -12.11 19.04 -0.67
C SER B 509 -12.60 19.58 -2.02
N LEU B 510 -11.72 19.69 -3.02
CA LEU B 510 -12.15 20.10 -4.34
C LEU B 510 -13.29 19.26 -4.87
N SER B 511 -13.41 18.02 -4.37
CA SER B 511 -14.55 17.20 -4.74
C SER B 511 -15.84 17.77 -4.18
N ARG B 512 -15.89 18.01 -2.87
CA ARG B 512 -17.02 18.72 -2.28
C ARG B 512 -17.22 20.08 -2.91
N MET B 513 -16.19 20.63 -3.55
CA MET B 513 -16.30 21.93 -4.20
C MET B 513 -17.03 21.83 -5.52
N ILE B 514 -16.57 20.96 -6.43
CA ILE B 514 -17.09 20.92 -7.78
C ILE B 514 -17.70 19.56 -8.10
N GLY B 515 -17.24 18.52 -7.42
CA GLY B 515 -17.60 17.16 -7.73
C GLY B 515 -16.40 16.25 -7.80
N ALA B 516 -16.69 14.96 -7.88
CA ALA B 516 -15.67 13.93 -7.94
C ALA B 516 -15.98 12.95 -9.06
N PRO B 517 -14.97 12.26 -9.58
CA PRO B 517 -15.23 11.23 -10.58
C PRO B 517 -16.15 10.17 -10.01
N PRO B 518 -16.97 9.53 -10.85
CA PRO B 518 -17.88 8.50 -10.36
C PRO B 518 -17.20 7.39 -9.57
N GLY B 519 -15.89 7.22 -9.72
CA GLY B 519 -15.16 6.22 -8.97
C GLY B 519 -14.66 6.73 -7.63
N TYR B 520 -15.24 7.81 -7.15
CA TYR B 520 -14.92 8.37 -5.84
C TYR B 520 -16.14 8.27 -4.94
N VAL B 521 -15.91 7.90 -3.68
CA VAL B 521 -17.03 7.68 -2.76
C VAL B 521 -17.86 8.94 -2.60
N GLY B 522 -17.22 10.11 -2.60
CA GLY B 522 -17.90 11.37 -2.50
C GLY B 522 -18.82 11.71 -3.65
N HIS B 523 -18.90 10.86 -4.67
CA HIS B 523 -19.83 11.10 -5.78
C HIS B 523 -21.29 10.96 -5.36
N ASP B 524 -21.56 10.75 -4.07
CA ASP B 524 -22.94 10.70 -3.61
C ASP B 524 -23.62 12.04 -3.81
N ALA B 525 -22.88 13.13 -3.57
CA ALA B 525 -23.37 14.49 -3.79
C ALA B 525 -22.58 15.21 -4.88
N GLY B 526 -21.26 15.26 -4.76
CA GLY B 526 -20.43 15.97 -5.71
C GLY B 526 -19.89 17.27 -5.13
N GLY B 527 -19.97 18.35 -5.89
CA GLY B 527 -19.57 19.64 -5.37
C GLY B 527 -20.74 20.58 -5.19
N GLN B 528 -21.14 20.80 -3.93
CA GLN B 528 -22.36 21.54 -3.65
C GLN B 528 -22.34 22.93 -4.25
N LEU B 529 -21.16 23.53 -4.37
CA LEU B 529 -21.04 24.85 -4.99
C LEU B 529 -21.51 24.79 -6.44
N THR B 530 -20.92 23.89 -7.23
CA THR B 530 -21.36 23.70 -8.60
C THR B 530 -22.85 23.36 -8.66
N GLU B 531 -23.36 22.65 -7.66
CA GLU B 531 -24.77 22.29 -7.68
C GLU B 531 -25.64 23.52 -7.50
N ALA B 532 -25.31 24.37 -6.52
CA ALA B 532 -26.04 25.62 -6.36
C ALA B 532 -25.92 26.50 -7.58
N LEU B 533 -24.76 26.45 -8.25
CA LEU B 533 -24.61 27.11 -9.53
C LEU B 533 -25.68 26.62 -10.50
N ARG B 534 -25.73 25.30 -10.70
CA ARG B 534 -26.80 24.69 -11.48
C ARG B 534 -28.17 25.12 -10.98
N ARG B 535 -28.27 25.54 -9.72
CA ARG B 535 -29.51 26.01 -9.15
C ARG B 535 -29.67 27.52 -9.22
N ARG B 536 -28.56 28.26 -9.26
CA ARG B 536 -28.60 29.71 -9.07
C ARG B 536 -27.83 30.42 -10.17
N PRO B 537 -28.49 30.83 -11.23
CA PRO B 537 -27.88 31.78 -12.16
C PRO B 537 -27.63 33.11 -11.49
N PHE B 538 -28.68 33.69 -10.93
CA PHE B 538 -28.66 35.05 -10.40
C PHE B 538 -28.38 34.99 -8.91
N SER B 539 -27.14 35.27 -8.50
CA SER B 539 -26.80 35.34 -7.08
C SER B 539 -25.45 36.02 -6.94
N ILE B 540 -24.92 35.99 -5.71
CA ILE B 540 -23.55 36.41 -5.42
C ILE B 540 -22.95 35.34 -4.52
N LEU B 541 -21.67 35.04 -4.72
CA LEU B 541 -21.06 33.84 -4.16
C LEU B 541 -19.96 34.21 -3.18
N LEU B 542 -20.02 33.61 -2.00
CA LEU B 542 -19.22 34.04 -0.86
C LEU B 542 -17.93 33.24 -0.78
N PHE B 543 -16.80 33.96 -0.62
CA PHE B 543 -15.49 33.33 -0.45
C PHE B 543 -14.65 34.25 0.43
N ASP B 544 -14.50 33.89 1.69
CA ASP B 544 -13.92 34.77 2.70
C ASP B 544 -12.58 34.21 3.18
N GLU B 545 -11.57 35.07 3.20
CA GLU B 545 -10.25 34.77 3.77
C GLU B 545 -9.59 33.59 3.03
N VAL B 546 -9.33 33.80 1.74
CA VAL B 546 -8.80 32.76 0.88
C VAL B 546 -7.38 32.35 1.27
N GLU B 547 -6.68 33.18 2.06
CA GLU B 547 -5.27 32.95 2.35
C GLU B 547 -4.99 31.53 2.84
N LYS B 548 -6.00 30.83 3.34
CA LYS B 548 -5.88 29.43 3.70
C LYS B 548 -6.37 28.50 2.61
N ALA B 549 -7.30 28.95 1.76
CA ALA B 549 -7.92 28.08 0.77
C ALA B 549 -6.87 27.56 -0.22
N ALA B 550 -7.27 26.51 -0.94
CA ALA B 550 -6.37 25.88 -1.90
C ALA B 550 -6.11 26.81 -3.08
N LYS B 551 -4.86 26.82 -3.55
CA LYS B 551 -4.52 27.62 -4.72
C LYS B 551 -5.16 27.04 -5.98
N GLU B 552 -5.50 25.76 -5.97
CA GLU B 552 -6.10 25.14 -7.15
C GLU B 552 -7.58 25.49 -7.27
N VAL B 553 -8.32 25.39 -6.16
CA VAL B 553 -9.69 25.90 -6.18
C VAL B 553 -9.67 27.40 -6.41
N LEU B 554 -8.60 28.08 -5.97
CA LEU B 554 -8.42 29.48 -6.34
C LEU B 554 -8.32 29.64 -7.85
N THR B 555 -7.55 28.76 -8.50
CA THR B 555 -7.46 28.79 -9.95
C THR B 555 -8.82 28.55 -10.58
N VAL B 556 -9.64 27.73 -9.91
CA VAL B 556 -10.99 27.49 -10.40
C VAL B 556 -11.82 28.78 -10.30
N LEU B 557 -11.68 29.49 -9.19
CA LEU B 557 -12.29 30.81 -9.06
C LEU B 557 -11.83 31.72 -10.18
N LEU B 558 -10.55 31.61 -10.57
CA LEU B 558 -10.05 32.33 -11.71
C LEU B 558 -10.81 31.95 -12.98
N GLN B 559 -10.78 30.67 -13.33
CA GLN B 559 -11.52 30.12 -14.46
C GLN B 559 -12.90 30.74 -14.55
N LEU B 560 -13.56 30.81 -13.40
CA LEU B 560 -14.83 31.53 -13.34
C LEU B 560 -14.64 32.99 -13.74
N MET B 561 -13.76 33.71 -13.02
CA MET B 561 -13.65 35.15 -13.18
C MET B 561 -13.38 35.55 -14.62
N ASP B 562 -12.26 35.10 -15.18
CA ASP B 562 -11.86 35.53 -16.51
C ASP B 562 -12.84 35.07 -17.58
N ASP B 563 -13.66 34.06 -17.30
CA ASP B 563 -14.46 33.43 -18.32
C ASP B 563 -15.95 33.40 -18.00
N GLY B 564 -16.31 33.22 -16.74
CA GLY B 564 -17.70 33.11 -16.34
C GLY B 564 -18.20 31.70 -16.11
N ARG B 565 -17.31 30.72 -16.03
CA ARG B 565 -17.71 29.33 -15.82
C ARG B 565 -16.48 28.48 -15.58
N ILE B 566 -16.72 27.28 -15.07
CA ILE B 566 -15.71 26.25 -14.87
C ILE B 566 -16.30 24.92 -15.34
N THR B 567 -15.57 23.84 -15.15
CA THR B 567 -16.09 22.50 -15.37
C THR B 567 -16.04 21.71 -14.08
N ASP B 568 -16.77 20.60 -14.05
CA ASP B 568 -16.76 19.70 -12.90
C ASP B 568 -15.67 18.66 -13.10
N GLY B 569 -15.66 17.63 -12.27
CA GLY B 569 -14.76 16.53 -12.46
C GLY B 569 -15.30 15.49 -13.42
N GLN B 570 -16.62 15.48 -13.60
CA GLN B 570 -17.30 14.50 -14.44
C GLN B 570 -17.68 15.07 -15.80
N GLY B 571 -16.86 15.96 -16.34
CA GLY B 571 -17.08 16.46 -17.69
C GLY B 571 -18.14 17.53 -17.79
N ARG B 572 -19.03 17.59 -16.80
CA ARG B 572 -20.15 18.52 -16.81
C ARG B 572 -19.63 19.93 -16.55
N VAL B 573 -19.42 20.69 -17.63
CA VAL B 573 -19.02 22.08 -17.48
C VAL B 573 -20.15 22.86 -16.83
N VAL B 574 -19.85 24.02 -16.28
CA VAL B 574 -20.85 24.84 -15.63
C VAL B 574 -21.04 26.12 -16.43
N ASP B 575 -21.99 26.94 -16.00
CA ASP B 575 -22.29 28.23 -16.62
C ASP B 575 -22.69 29.20 -15.53
N ALA B 576 -21.89 30.25 -15.35
CA ALA B 576 -22.09 31.22 -14.27
C ALA B 576 -22.04 32.64 -14.82
N LYS B 577 -22.74 32.87 -15.92
CA LYS B 577 -22.78 34.19 -16.53
C LYS B 577 -23.79 35.11 -15.87
N ASN B 578 -24.26 34.79 -14.67
CA ASN B 578 -25.31 35.60 -14.06
C ASN B 578 -25.11 35.84 -12.57
N CYS B 579 -23.96 35.50 -12.02
CA CYS B 579 -23.72 35.69 -10.60
C CYS B 579 -22.44 36.50 -10.40
N ILE B 580 -22.12 36.79 -9.15
CA ILE B 580 -20.98 37.59 -8.78
C ILE B 580 -20.21 36.88 -7.69
N VAL B 581 -18.90 37.04 -7.70
CA VAL B 581 -18.05 36.58 -6.62
C VAL B 581 -17.81 37.74 -5.67
N VAL B 582 -17.89 37.46 -4.37
CA VAL B 582 -17.57 38.44 -3.34
C VAL B 582 -16.55 37.81 -2.40
N MET B 583 -15.59 38.62 -1.97
CA MET B 583 -14.57 38.14 -1.05
C MET B 583 -14.36 39.19 0.03
N THR B 584 -13.76 38.76 1.14
CA THR B 584 -13.57 39.63 2.29
C THR B 584 -12.19 39.39 2.88
N SER B 585 -11.69 40.42 3.56
CA SER B 585 -10.45 40.30 4.30
C SER B 585 -10.56 41.15 5.56
N ASN B 586 -9.74 40.78 6.54
CA ASN B 586 -9.52 41.60 7.72
C ASN B 586 -8.03 41.64 8.05
N LEU B 587 -7.20 41.41 7.04
CA LEU B 587 -5.76 41.23 7.20
C LEU B 587 -4.99 42.53 7.17
N GLY B 588 -5.64 43.66 7.44
CA GLY B 588 -4.96 44.93 7.48
C GLY B 588 -5.12 45.62 8.81
N ALA B 589 -5.32 44.82 9.87
CA ALA B 589 -5.50 45.37 11.21
C ALA B 589 -4.34 46.23 11.67
N GLU B 590 -3.19 46.14 11.01
CA GLU B 590 -2.02 46.95 11.32
C GLU B 590 -2.38 48.43 11.25
N TYR B 591 -2.74 48.88 10.06
CA TYR B 591 -3.13 50.27 9.85
C TYR B 591 -4.55 50.57 10.28
N LEU B 592 -5.32 49.56 10.65
CA LEU B 592 -6.74 49.73 10.93
C LEU B 592 -6.94 50.69 12.09
N SER B 593 -7.46 51.88 11.79
CA SER B 593 -7.64 52.93 12.78
C SER B 593 -8.91 53.70 12.43
N ARG B 594 -9.27 54.65 13.30
CA ARG B 594 -10.49 55.44 13.15
C ARG B 594 -10.09 56.84 12.69
N ALA B 595 -10.12 57.05 11.38
CA ALA B 595 -9.78 58.35 10.80
C ALA B 595 -10.67 58.67 9.61
N ILE B 603 -9.03 60.61 6.70
CA ILE B 603 -8.79 59.60 5.69
C ILE B 603 -7.31 59.55 5.33
N ASP B 604 -6.69 58.38 5.52
CA ASP B 604 -5.29 58.15 5.19
C ASP B 604 -5.22 57.03 4.15
N PRO B 605 -5.47 57.33 2.88
CA PRO B 605 -5.36 56.29 1.84
C PRO B 605 -3.95 55.73 1.71
N THR B 606 -2.93 56.44 2.18
CA THR B 606 -1.59 55.87 2.24
C THR B 606 -1.61 54.56 3.01
N THR B 607 -2.13 54.59 4.24
CA THR B 607 -2.36 53.35 4.99
C THR B 607 -3.18 52.37 4.18
N ARG B 608 -4.23 52.84 3.52
CA ARG B 608 -4.98 52.00 2.60
C ARG B 608 -4.06 51.45 1.51
N GLU B 609 -3.23 52.30 0.93
CA GLU B 609 -2.30 51.84 -0.10
C GLU B 609 -1.26 50.88 0.47
N LEU B 610 -0.87 51.05 1.73
CA LEU B 610 0.13 50.14 2.30
C LEU B 610 -0.45 48.78 2.60
N VAL B 611 -1.69 48.74 3.11
CA VAL B 611 -2.39 47.47 3.21
C VAL B 611 -2.57 46.86 1.82
N MET B 612 -2.76 47.71 0.80
CA MET B 612 -2.89 47.19 -0.55
C MET B 612 -1.59 46.55 -1.02
N ASN B 613 -0.45 47.13 -0.67
CA ASN B 613 0.83 46.48 -0.93
C ASN B 613 0.92 45.15 -0.20
N THR B 614 0.47 45.12 1.04
CA THR B 614 0.44 43.88 1.81
C THR B 614 -0.35 42.80 1.06
N LEU B 615 -1.53 43.17 0.57
CA LEU B 615 -2.38 42.20 -0.12
C LEU B 615 -1.79 41.84 -1.48
N ARG B 616 -1.11 42.79 -2.13
CA ARG B 616 -0.41 42.51 -3.37
C ARG B 616 0.62 41.41 -3.17
N ASN B 617 1.46 41.56 -2.16
CA ASN B 617 2.50 40.56 -1.93
C ASN B 617 1.92 39.29 -1.31
N TYR B 618 0.67 39.35 -0.84
CA TYR B 618 0.05 38.16 -0.27
C TYR B 618 0.03 37.00 -1.27
N PHE B 619 -0.52 37.21 -2.46
CA PHE B 619 -0.73 36.12 -3.40
C PHE B 619 -0.54 36.58 -4.84
N LEU B 620 -1.00 35.74 -5.76
CA LEU B 620 -0.68 35.88 -7.17
C LEU B 620 -1.17 37.21 -7.73
N PRO B 621 -0.32 37.90 -8.50
CA PRO B 621 -0.71 39.22 -9.02
C PRO B 621 -1.88 39.17 -9.99
N GLU B 622 -1.94 38.16 -10.84
CA GLU B 622 -3.06 38.03 -11.76
C GLU B 622 -4.38 37.97 -11.01
N PHE B 623 -4.38 37.30 -9.86
CA PHE B 623 -5.57 37.27 -9.02
C PHE B 623 -6.00 38.69 -8.64
N LEU B 624 -5.05 39.53 -8.23
CA LEU B 624 -5.34 40.95 -8.05
C LEU B 624 -5.91 41.55 -9.33
N ASN B 625 -5.31 41.20 -10.47
CA ASN B 625 -5.76 41.75 -11.75
C ASN B 625 -7.15 41.22 -12.11
N ARG B 626 -7.77 40.46 -11.22
CA ARG B 626 -9.15 40.04 -11.44
C ARG B 626 -10.10 40.81 -10.54
N ILE B 627 -9.66 41.15 -9.33
CA ILE B 627 -10.48 41.96 -8.43
C ILE B 627 -10.43 43.41 -8.88
N SER B 628 -11.47 43.85 -9.58
CA SER B 628 -11.42 45.16 -10.24
C SER B 628 -11.29 46.29 -9.24
N SER B 629 -12.32 46.52 -8.43
CA SER B 629 -12.34 47.63 -7.47
C SER B 629 -12.08 47.04 -6.09
N ILE B 630 -10.81 46.87 -5.77
CA ILE B 630 -10.43 46.36 -4.45
C ILE B 630 -10.76 47.41 -3.41
N VAL B 631 -11.64 47.06 -2.49
CA VAL B 631 -12.23 48.04 -1.58
C VAL B 631 -11.94 47.63 -0.15
N ILE B 632 -11.79 48.64 0.72
CA ILE B 632 -11.32 48.45 2.08
C ILE B 632 -12.23 49.25 3.01
N PHE B 633 -12.39 48.76 4.22
CA PHE B 633 -13.31 49.34 5.19
C PHE B 633 -12.61 50.39 6.03
N ASN B 634 -13.28 50.81 7.10
CA ASN B 634 -12.76 51.84 7.99
C ASN B 634 -13.38 51.67 9.36
N ARG B 635 -12.56 51.86 10.40
CA ARG B 635 -13.04 51.72 11.76
C ARG B 635 -14.14 52.73 12.04
N LEU B 636 -15.25 52.24 12.57
CA LEU B 636 -16.49 53.01 12.61
C LEU B 636 -16.35 54.22 13.52
N THR B 637 -16.54 55.41 12.96
CA THR B 637 -16.51 56.63 13.75
C THR B 637 -17.73 56.69 14.68
N ARG B 638 -17.59 57.51 15.72
CA ARG B 638 -18.62 57.61 16.75
C ARG B 638 -19.98 57.94 16.15
N ARG B 639 -20.01 58.89 15.22
CA ARG B 639 -21.27 59.34 14.63
C ARG B 639 -22.02 58.18 13.98
N GLU B 640 -21.33 57.42 13.14
CA GLU B 640 -21.99 56.32 12.45
C GLU B 640 -22.40 55.23 13.42
N ILE B 641 -21.63 55.01 14.48
CA ILE B 641 -22.06 54.11 15.53
C ILE B 641 -23.40 54.57 16.10
N ARG B 642 -23.48 55.85 16.46
CA ARG B 642 -24.73 56.41 16.96
C ARG B 642 -25.86 56.17 15.98
N LYS B 643 -25.59 56.34 14.69
CA LYS B 643 -26.63 56.13 13.69
C LYS B 643 -27.10 54.68 13.68
N ILE B 644 -26.16 53.73 13.72
CA ILE B 644 -26.54 52.33 13.74
C ILE B 644 -27.35 52.00 14.99
N VAL B 645 -27.02 52.65 16.11
CA VAL B 645 -27.81 52.43 17.31
C VAL B 645 -29.21 53.00 17.17
N ASP B 646 -29.32 54.14 16.49
CA ASP B 646 -30.65 54.70 16.20
C ASP B 646 -31.46 53.72 15.36
N LEU B 647 -30.83 53.15 14.35
CA LEU B 647 -31.51 52.12 13.56
C LEU B 647 -31.84 50.92 14.43
N ARG B 648 -31.01 50.63 15.42
CA ARG B 648 -31.30 49.53 16.33
C ARG B 648 -32.57 49.79 17.12
N ILE B 649 -32.68 50.98 17.71
CA ILE B 649 -33.88 51.29 18.48
C ILE B 649 -35.09 51.33 17.58
N ALA B 650 -34.90 51.72 16.33
CA ALA B 650 -35.99 51.63 15.36
C ALA B 650 -36.42 50.18 15.15
N GLU B 651 -35.44 49.28 15.03
CA GLU B 651 -35.74 47.86 14.94
C GLU B 651 -36.53 47.38 16.15
N ILE B 652 -36.14 47.86 17.33
CA ILE B 652 -36.83 47.47 18.54
C ILE B 652 -38.27 47.96 18.51
N GLN B 653 -38.47 49.21 18.10
CA GLN B 653 -39.83 49.73 17.99
C GLN B 653 -40.64 48.95 16.97
N LYS B 654 -39.99 48.51 15.90
CA LYS B 654 -40.65 47.63 14.94
C LYS B 654 -41.14 46.36 15.62
N ARG B 655 -40.20 45.61 16.23
CA ARG B 655 -40.56 44.38 16.90
C ARG B 655 -41.67 44.59 17.92
N LEU B 656 -41.65 45.73 18.61
CA LEU B 656 -42.72 46.07 19.53
C LEU B 656 -44.04 46.21 18.81
N THR B 657 -44.09 47.12 17.84
CA THR B 657 -45.28 47.38 17.04
C THR B 657 -45.76 46.17 16.25
N ASP B 658 -44.98 45.08 16.21
CA ASP B 658 -45.39 43.89 15.47
C ASP B 658 -46.80 43.47 15.83
N ASN B 659 -47.24 43.76 17.05
CA ASN B 659 -48.62 43.66 17.46
C ASN B 659 -49.00 44.94 18.21
N ASP B 660 -50.17 44.90 18.87
CA ASP B 660 -50.70 46.08 19.54
C ASP B 660 -49.82 46.55 20.68
N ARG B 661 -48.76 45.81 20.98
CA ARG B 661 -47.76 46.27 21.93
C ARG B 661 -47.12 47.54 21.40
N ASN B 662 -47.39 48.68 22.04
CA ASN B 662 -46.95 49.96 21.52
C ASN B 662 -46.67 50.88 22.70
N VAL B 663 -45.38 51.07 23.00
CA VAL B 663 -44.93 51.97 24.05
C VAL B 663 -43.67 52.65 23.56
N THR B 664 -43.67 53.98 23.51
CA THR B 664 -42.69 54.71 22.74
C THR B 664 -41.30 54.58 23.38
N ILE B 665 -40.39 53.94 22.67
CA ILE B 665 -39.01 53.85 23.12
C ILE B 665 -38.42 55.25 23.25
N LYS B 666 -37.76 55.51 24.37
CA LYS B 666 -37.11 56.79 24.63
C LYS B 666 -35.74 56.50 25.21
N VAL B 667 -34.73 56.43 24.35
CA VAL B 667 -33.36 56.17 24.77
C VAL B 667 -32.67 57.49 25.05
N SER B 668 -31.94 57.54 26.16
CA SER B 668 -31.11 58.69 26.44
C SER B 668 -29.96 58.76 25.47
N ASP B 669 -29.53 59.97 25.16
CA ASP B 669 -28.38 60.16 24.27
C ASP B 669 -27.13 59.51 24.87
N GLU B 670 -26.73 59.95 26.05
CA GLU B 670 -25.56 59.37 26.70
C GLU B 670 -25.72 57.88 26.95
N ALA B 671 -26.96 57.41 27.08
CA ALA B 671 -27.18 55.97 27.13
C ALA B 671 -26.62 55.30 25.89
N LYS B 672 -27.06 55.75 24.72
CA LYS B 672 -26.52 55.24 23.47
C LYS B 672 -25.01 55.43 23.40
N ASP B 673 -24.52 56.59 23.84
CA ASP B 673 -23.09 56.87 23.74
C ASP B 673 -22.27 55.88 24.54
N LYS B 674 -22.70 55.60 25.77
CA LYS B 674 -22.03 54.60 26.59
C LYS B 674 -22.14 53.22 25.97
N LEU B 675 -23.36 52.86 25.53
CA LEU B 675 -23.57 51.59 24.85
C LEU B 675 -22.53 51.39 23.76
N GLY B 676 -22.32 52.42 22.95
CA GLY B 676 -21.39 52.30 21.84
C GLY B 676 -19.95 52.27 22.29
N ALA B 677 -19.55 53.24 23.12
CA ALA B 677 -18.19 53.28 23.64
C ALA B 677 -17.78 51.94 24.22
N GLN B 678 -18.71 51.27 24.89
CA GLN B 678 -18.50 49.88 25.26
C GLN B 678 -18.36 49.01 24.02
N GLY B 679 -19.43 48.94 23.24
CA GLY B 679 -19.64 47.91 22.24
C GLY B 679 -18.57 47.81 21.19
N TYR B 680 -17.67 48.78 21.07
CA TYR B 680 -16.63 48.59 20.09
C TYR B 680 -15.68 47.52 20.59
N SER B 681 -15.97 46.28 20.24
CA SER B 681 -15.00 45.22 20.45
C SER B 681 -13.77 45.52 19.60
N PRO B 682 -12.58 45.20 20.11
CA PRO B 682 -11.38 45.41 19.31
C PRO B 682 -11.37 44.60 18.03
N VAL B 683 -12.08 43.47 17.99
CA VAL B 683 -12.05 42.60 16.82
C VAL B 683 -13.46 42.37 16.29
N TYR B 684 -14.33 41.79 17.12
CA TYR B 684 -15.62 41.28 16.67
C TYR B 684 -16.58 42.35 16.20
N GLY B 685 -16.24 43.62 16.31
CA GLY B 685 -17.22 44.63 15.98
C GLY B 685 -18.34 44.69 16.99
N ALA B 686 -19.33 45.52 16.68
CA ALA B 686 -20.42 45.78 17.61
C ALA B 686 -21.55 44.75 17.51
N ARG B 687 -21.51 43.86 16.53
CA ARG B 687 -22.51 42.81 16.45
C ARG B 687 -22.80 42.14 17.78
N PRO B 688 -21.80 41.80 18.60
CA PRO B 688 -22.14 41.35 19.97
C PRO B 688 -22.95 42.38 20.73
N LEU B 689 -22.44 43.61 20.83
CA LEU B 689 -23.14 44.67 21.57
C LEU B 689 -24.59 44.79 21.15
N GLN B 690 -24.88 44.65 19.87
CA GLN B 690 -26.26 44.66 19.40
C GLN B 690 -27.11 43.71 20.23
N ARG B 691 -26.76 42.42 20.21
CA ARG B 691 -27.52 41.43 20.97
C ARG B 691 -27.46 41.71 22.46
N LEU B 692 -26.33 42.22 22.94
CA LEU B 692 -26.19 42.50 24.37
C LEU B 692 -27.22 43.51 24.83
N LEU B 693 -27.18 44.71 24.25
CA LEU B 693 -28.17 45.73 24.58
C LEU B 693 -29.58 45.24 24.31
N GLU B 694 -29.76 44.41 23.28
CA GLU B 694 -31.07 43.82 23.03
C GLU B 694 -31.54 43.05 24.25
N LYS B 695 -30.70 42.17 24.76
CA LYS B 695 -31.00 41.46 25.99
C LYS B 695 -31.30 42.44 27.12
N GLU B 696 -30.38 43.41 27.31
CA GLU B 696 -30.50 44.41 28.37
C GLU B 696 -31.90 45.00 28.41
N VAL B 697 -32.35 45.55 27.27
CA VAL B 697 -33.68 46.12 27.22
C VAL B 697 -34.72 45.03 27.38
N LEU B 698 -34.79 44.12 26.40
CA LEU B 698 -35.89 43.19 26.29
C LEU B 698 -36.22 42.47 27.60
N ASN B 699 -35.21 42.14 28.39
CA ASN B 699 -35.52 41.36 29.59
C ASN B 699 -36.47 42.13 30.51
N ARG B 700 -35.98 43.23 31.08
CA ARG B 700 -36.81 44.02 31.98
C ARG B 700 -37.97 44.65 31.23
N LEU B 701 -37.80 44.86 29.92
CA LEU B 701 -38.89 45.35 29.10
C LEU B 701 -40.10 44.43 29.18
N ALA B 702 -39.93 43.19 28.72
CA ALA B 702 -41.00 42.20 28.81
C ALA B 702 -41.44 41.97 30.24
N ILE B 703 -40.50 42.10 31.18
CA ILE B 703 -40.84 41.95 32.60
C ILE B 703 -41.90 42.97 32.99
N LEU B 704 -41.58 44.24 32.82
CA LEU B 704 -42.50 45.32 33.17
C LEU B 704 -43.75 45.28 32.32
N ILE B 705 -43.66 44.69 31.13
CA ILE B 705 -44.82 44.54 30.27
C ILE B 705 -45.82 43.56 30.88
N LEU B 706 -45.39 42.31 31.06
CA LEU B 706 -46.30 41.30 31.56
C LEU B 706 -46.73 41.57 32.99
N ARG B 707 -45.83 42.16 33.79
CA ARG B 707 -46.12 42.44 35.18
C ARG B 707 -47.02 43.64 35.39
N GLY B 708 -47.33 44.39 34.34
CA GLY B 708 -48.07 45.61 34.48
C GLY B 708 -47.30 46.76 35.09
N GLN B 709 -46.03 46.54 35.46
CA GLN B 709 -45.17 47.63 35.89
C GLN B 709 -44.93 48.62 34.76
N ILE B 710 -45.10 48.19 33.51
CA ILE B 710 -45.18 49.07 32.35
C ILE B 710 -46.35 48.60 31.51
N ARG B 711 -47.27 49.52 31.20
CA ARG B 711 -48.49 49.19 30.49
C ARG B 711 -48.54 49.92 29.15
N GLU B 712 -49.54 49.53 28.35
CA GLU B 712 -49.66 49.98 26.97
C GLU B 712 -49.88 51.50 26.90
N GLY B 713 -49.54 52.07 25.74
CA GLY B 713 -49.72 53.49 25.51
C GLY B 713 -48.86 54.37 26.40
N GLU B 714 -47.62 54.00 26.63
CA GLU B 714 -46.71 54.75 27.49
C GLU B 714 -45.41 55.06 26.74
N VAL B 715 -44.44 55.61 27.47
CA VAL B 715 -43.14 55.99 26.92
C VAL B 715 -42.11 55.01 27.48
N ALA B 716 -41.52 54.21 26.60
CA ALA B 716 -40.47 53.28 26.99
C ALA B 716 -39.21 54.10 27.25
N CYS B 717 -39.16 54.67 28.46
CA CYS B 717 -38.07 55.56 28.86
C CYS B 717 -36.82 54.72 29.10
N VAL B 718 -36.09 54.45 28.02
CA VAL B 718 -34.83 53.73 28.12
C VAL B 718 -33.83 54.64 28.81
N GLU B 719 -33.46 54.29 30.04
CA GLU B 719 -32.69 55.17 30.91
C GLU B 719 -31.42 54.48 31.37
N LEU B 720 -30.28 55.15 31.17
CA LEU B 720 -29.00 54.70 31.68
C LEU B 720 -28.85 55.12 33.14
N VAL B 721 -29.82 54.77 33.98
CA VAL B 721 -29.81 55.24 35.35
C VAL B 721 -28.69 54.56 36.13
N ASP B 722 -28.00 55.34 36.96
CA ASP B 722 -26.84 54.89 37.72
C ASP B 722 -25.71 54.47 36.78
N GLY B 723 -25.51 55.25 35.73
CA GLY B 723 -24.46 54.95 34.76
C GLY B 723 -24.57 53.58 34.13
N LYS B 724 -25.79 53.12 33.88
CA LYS B 724 -26.02 51.80 33.28
C LYS B 724 -27.47 51.73 32.84
N VAL B 725 -27.69 51.21 31.63
CA VAL B 725 -29.05 51.16 31.09
C VAL B 725 -29.90 50.23 31.95
N GLN B 726 -31.06 50.73 32.38
CA GLN B 726 -31.99 49.96 33.20
C GLN B 726 -33.40 50.39 32.82
N VAL B 727 -34.25 49.41 32.49
CA VAL B 727 -35.61 49.70 32.08
C VAL B 727 -36.40 50.16 33.30
N LEU B 728 -36.66 51.46 33.38
CA LEU B 728 -37.40 52.02 34.51
C LEU B 728 -38.89 51.81 34.31
N PRO B 729 -39.55 51.05 35.16
CA PRO B 729 -41.01 50.96 35.08
C PRO B 729 -41.67 52.26 35.51
N ASN B 730 -42.99 52.32 35.42
CA ASN B 730 -43.76 53.44 35.93
C ASN B 730 -44.83 53.01 36.92
N HIS B 731 -44.95 51.71 37.17
CA HIS B 731 -45.95 51.15 38.07
C HIS B 731 -45.27 50.13 38.97
N PRO B 732 -45.74 49.97 40.20
CA PRO B 732 -45.12 48.98 41.10
C PRO B 732 -45.56 47.56 40.78
N ASP B 733 -45.15 46.61 41.61
CA ASP B 733 -45.52 45.20 41.43
C ASP B 733 -46.82 44.90 42.16
N ASN C 15 -31.16 -24.94 -31.83
CA ASN C 15 -29.85 -24.49 -32.26
C ASN C 15 -29.53 -23.11 -31.71
N LEU C 16 -28.66 -23.04 -30.70
CA LEU C 16 -28.29 -21.75 -30.12
C LEU C 16 -27.04 -21.19 -30.79
N SER C 17 -27.04 -21.18 -32.12
CA SER C 17 -26.02 -20.47 -32.87
C SER C 17 -26.41 -19.03 -33.11
N LYS C 18 -27.53 -18.59 -32.54
CA LYS C 18 -28.01 -17.24 -32.76
C LYS C 18 -26.99 -16.20 -32.33
N PHE C 19 -26.25 -16.48 -31.25
CA PHE C 19 -25.40 -15.47 -30.66
C PHE C 19 -24.21 -15.13 -31.56
N CYS C 20 -23.67 -16.13 -32.25
CA CYS C 20 -22.66 -15.87 -33.26
C CYS C 20 -23.31 -15.34 -34.51
N ILE C 21 -22.48 -14.92 -35.46
CA ILE C 21 -22.94 -14.44 -36.75
C ILE C 21 -22.01 -15.01 -37.81
N ASP C 22 -22.57 -15.69 -38.80
CA ASP C 22 -21.72 -16.30 -39.82
C ASP C 22 -21.25 -15.21 -40.76
N MET C 23 -20.11 -14.61 -40.45
CA MET C 23 -19.49 -13.68 -41.39
C MET C 23 -19.39 -14.29 -42.77
N THR C 24 -19.00 -15.56 -42.83
CA THR C 24 -18.85 -16.23 -44.12
C THR C 24 -20.17 -16.26 -44.88
N ALA C 25 -21.29 -16.17 -44.17
CA ALA C 25 -22.57 -16.08 -44.86
C ALA C 25 -22.64 -14.80 -45.68
N MET C 26 -22.63 -13.64 -45.01
CA MET C 26 -22.71 -12.38 -45.75
C MET C 26 -21.61 -12.29 -46.78
N ALA C 27 -20.48 -12.93 -46.51
CA ALA C 27 -19.48 -13.10 -47.55
C ALA C 27 -20.10 -13.77 -48.77
N ARG C 28 -20.73 -14.92 -48.58
CA ARG C 28 -21.47 -15.54 -49.67
C ARG C 28 -22.54 -14.59 -50.20
N GLU C 29 -23.29 -13.95 -49.30
CA GLU C 29 -24.28 -12.99 -49.78
C GLU C 29 -23.62 -11.70 -50.24
N GLY C 30 -22.30 -11.61 -50.13
CA GLY C 30 -21.60 -10.44 -50.60
C GLY C 30 -21.91 -9.16 -49.86
N LYS C 31 -22.56 -9.25 -48.70
CA LYS C 31 -22.94 -8.04 -47.96
C LYS C 31 -21.73 -7.33 -47.40
N ILE C 32 -20.53 -7.81 -47.72
CA ILE C 32 -19.34 -7.26 -47.11
C ILE C 32 -18.51 -6.49 -48.14
N ASP C 33 -17.86 -5.44 -47.68
CA ASP C 33 -17.05 -4.55 -48.50
C ASP C 33 -15.67 -4.40 -47.88
N PRO C 34 -14.66 -5.03 -48.43
CA PRO C 34 -13.37 -5.07 -47.73
C PRO C 34 -12.60 -3.76 -47.80
N VAL C 35 -12.20 -3.25 -46.63
CA VAL C 35 -11.08 -2.34 -46.62
C VAL C 35 -9.87 -3.08 -47.20
N ILE C 36 -8.93 -2.33 -47.74
CA ILE C 36 -7.81 -2.92 -48.45
C ILE C 36 -6.53 -2.62 -47.69
N GLY C 37 -5.41 -3.11 -48.17
CA GLY C 37 -4.17 -3.02 -47.42
C GLY C 37 -4.17 -4.01 -46.28
N ARG C 38 -3.13 -3.92 -45.46
CA ARG C 38 -3.04 -4.68 -44.22
C ARG C 38 -3.02 -6.18 -44.45
N GLU C 39 -2.79 -6.59 -45.71
CA GLU C 39 -2.76 -8.00 -46.05
C GLU C 39 -1.76 -8.75 -45.20
N GLU C 40 -0.51 -8.31 -45.24
CA GLU C 40 0.57 -8.85 -44.42
C GLU C 40 0.10 -9.21 -43.02
N GLU C 41 -0.68 -8.33 -42.41
CA GLU C 41 -1.25 -8.62 -41.11
C GLU C 41 -2.14 -9.85 -41.17
N ILE C 42 -3.00 -9.92 -42.18
CA ILE C 42 -3.86 -11.10 -42.33
C ILE C 42 -3.00 -12.35 -42.52
N ARG C 43 -1.88 -12.20 -43.20
CA ARG C 43 -0.92 -13.29 -43.31
C ARG C 43 -0.48 -13.74 -41.94
N ARG C 44 0.04 -12.81 -41.14
CA ARG C 44 0.35 -13.08 -39.73
C ARG C 44 -0.76 -13.88 -39.09
N VAL C 45 -2.00 -13.45 -39.30
CA VAL C 45 -3.14 -14.16 -38.75
C VAL C 45 -3.09 -15.62 -39.17
N ILE C 46 -3.11 -15.85 -40.48
CA ILE C 46 -3.06 -17.21 -41.01
C ILE C 46 -1.94 -18.01 -40.34
N ARG C 47 -0.76 -17.41 -40.29
CA ARG C 47 0.40 -18.06 -39.68
C ARG C 47 0.05 -18.57 -38.29
N ILE C 48 -0.51 -17.70 -37.45
CA ILE C 48 -0.86 -18.14 -36.11
C ILE C 48 -1.96 -19.18 -36.16
N LEU C 49 -2.82 -19.12 -37.17
CA LEU C 49 -3.80 -20.17 -37.35
C LEU C 49 -3.14 -21.49 -37.74
N SER C 50 -1.87 -21.43 -38.10
CA SER C 50 -1.07 -22.64 -38.28
C SER C 50 -0.20 -22.93 -37.07
N ARG C 51 -0.25 -22.10 -36.03
CA ARG C 51 0.59 -22.29 -34.86
C ARG C 51 0.07 -23.47 -34.06
N ARG C 52 0.64 -24.64 -34.29
CA ARG C 52 0.20 -25.83 -33.55
C ARG C 52 0.33 -25.61 -32.05
N THR C 53 1.22 -24.71 -31.63
CA THR C 53 1.41 -24.48 -30.21
C THR C 53 0.32 -23.59 -29.65
N LYS C 54 0.24 -22.35 -30.11
CA LYS C 54 -0.79 -21.43 -29.68
C LYS C 54 -1.51 -20.93 -30.94
N ASN C 55 -2.51 -21.70 -31.36
CA ASN C 55 -3.26 -21.35 -32.56
C ASN C 55 -3.90 -19.99 -32.43
N ASN C 56 -4.47 -19.69 -31.27
CA ASN C 56 -5.26 -18.50 -31.09
C ASN C 56 -4.36 -17.28 -30.93
N PRO C 57 -4.40 -16.36 -31.87
CA PRO C 57 -3.70 -15.10 -31.69
C PRO C 57 -4.55 -14.10 -30.95
N VAL C 58 -4.04 -12.90 -30.71
CA VAL C 58 -4.86 -11.80 -30.21
C VAL C 58 -4.45 -10.53 -30.95
N LEU C 59 -5.43 -9.87 -31.55
CA LEU C 59 -5.20 -8.61 -32.23
C LEU C 59 -5.28 -7.47 -31.23
N ILE C 60 -4.54 -6.40 -31.49
CA ILE C 60 -4.54 -5.24 -30.60
C ILE C 60 -4.50 -3.98 -31.45
N GLY C 61 -5.46 -3.11 -31.23
CA GLY C 61 -5.53 -1.83 -31.92
C GLY C 61 -6.31 -0.83 -31.10
N GLU C 62 -6.90 0.13 -31.80
CA GLU C 62 -7.54 1.27 -31.17
C GLU C 62 -8.99 1.37 -31.60
N PRO C 63 -9.82 2.06 -30.84
CA PRO C 63 -11.23 2.22 -31.23
C PRO C 63 -11.34 2.80 -32.63
N GLY C 64 -12.43 2.46 -33.29
CA GLY C 64 -12.70 2.97 -34.62
C GLY C 64 -12.12 2.19 -35.76
N VAL C 65 -10.89 1.68 -35.63
CA VAL C 65 -10.27 0.94 -36.72
C VAL C 65 -11.01 -0.35 -37.01
N GLY C 66 -12.00 -0.69 -36.20
CA GLY C 66 -12.91 -1.79 -36.48
C GLY C 66 -12.23 -3.02 -37.01
N LYS C 67 -11.19 -3.50 -36.32
CA LYS C 67 -10.46 -4.70 -36.74
C LYS C 67 -11.42 -5.81 -37.16
N THR C 68 -12.66 -5.73 -36.68
CA THR C 68 -13.77 -6.39 -37.35
C THR C 68 -13.58 -6.35 -38.86
N THR C 69 -13.29 -5.18 -39.42
CA THR C 69 -12.85 -5.09 -40.80
C THR C 69 -11.88 -6.20 -41.15
N ILE C 70 -10.84 -6.38 -40.33
CA ILE C 70 -9.78 -7.31 -40.67
C ILE C 70 -10.32 -8.73 -40.72
N VAL C 71 -11.02 -9.15 -39.67
CA VAL C 71 -11.52 -10.52 -39.65
C VAL C 71 -12.51 -10.74 -40.79
N GLU C 72 -13.28 -9.71 -41.14
CA GLU C 72 -14.19 -9.84 -42.26
C GLU C 72 -13.42 -10.04 -43.55
N GLY C 73 -12.32 -9.33 -43.73
CA GLY C 73 -11.50 -9.56 -44.91
C GLY C 73 -10.96 -10.97 -44.94
N LEU C 74 -10.59 -11.50 -43.78
CA LEU C 74 -10.18 -12.89 -43.75
C LEU C 74 -11.31 -13.79 -44.22
N ALA C 75 -12.52 -13.53 -43.72
CA ALA C 75 -13.68 -14.29 -44.18
C ALA C 75 -13.87 -14.16 -45.68
N GLN C 76 -13.59 -12.97 -46.21
CA GLN C 76 -13.63 -12.78 -47.65
C GLN C 76 -12.69 -13.77 -48.32
N ARG C 77 -11.44 -13.80 -47.89
CA ARG C 77 -10.50 -14.72 -48.51
C ARG C 77 -10.92 -16.16 -48.30
N ILE C 78 -11.75 -16.42 -47.29
CA ILE C 78 -12.36 -17.74 -47.16
C ILE C 78 -13.32 -17.99 -48.32
N VAL C 79 -14.35 -17.14 -48.43
CA VAL C 79 -15.51 -17.50 -49.26
C VAL C 79 -15.10 -17.79 -50.70
N ASN C 80 -14.14 -17.05 -51.23
CA ASN C 80 -13.67 -17.30 -52.58
C ASN C 80 -12.70 -18.46 -52.66
N ALA C 81 -12.63 -19.27 -51.60
CA ALA C 81 -11.74 -20.42 -51.52
C ALA C 81 -10.28 -20.03 -51.66
N ASP C 82 -9.96 -18.77 -51.42
CA ASP C 82 -8.59 -18.28 -51.51
C ASP C 82 -7.96 -18.22 -50.12
N VAL C 83 -7.84 -19.40 -49.54
CA VAL C 83 -7.28 -19.58 -48.20
C VAL C 83 -6.57 -20.92 -48.14
N PRO C 84 -5.72 -21.12 -47.13
CA PRO C 84 -5.13 -22.43 -46.94
C PRO C 84 -6.19 -23.46 -46.58
N ASP C 85 -6.19 -24.57 -47.33
CA ASP C 85 -7.27 -25.54 -47.23
C ASP C 85 -7.38 -26.16 -45.85
N ASN C 86 -6.31 -26.12 -45.04
CA ASN C 86 -6.42 -26.54 -43.65
C ASN C 86 -7.45 -25.67 -42.98
N LEU C 87 -7.78 -24.55 -43.61
CA LEU C 87 -8.80 -23.64 -43.13
C LEU C 87 -10.00 -23.59 -44.05
N ALA C 88 -10.07 -24.46 -45.07
CA ALA C 88 -11.11 -24.36 -46.08
C ALA C 88 -12.50 -24.44 -45.46
N ALA C 89 -12.80 -25.56 -44.82
CA ALA C 89 -14.14 -25.78 -44.30
C ALA C 89 -14.39 -25.06 -42.98
N CYS C 90 -13.43 -24.29 -42.48
CA CYS C 90 -13.62 -23.61 -41.21
C CYS C 90 -14.75 -22.60 -41.31
N LYS C 91 -15.72 -22.73 -40.42
CA LYS C 91 -16.83 -21.80 -40.33
C LYS C 91 -16.43 -20.69 -39.37
N LEU C 92 -16.46 -19.46 -39.85
CA LEU C 92 -16.04 -18.30 -39.07
C LEU C 92 -17.27 -17.55 -38.60
N LEU C 93 -17.52 -17.62 -37.29
CA LEU C 93 -18.64 -16.95 -36.67
C LEU C 93 -18.11 -16.22 -35.45
N SER C 94 -18.93 -15.33 -34.91
CA SER C 94 -18.51 -14.53 -33.76
C SER C 94 -19.73 -14.20 -32.92
N LEU C 95 -19.79 -14.76 -31.73
CA LEU C 95 -20.73 -14.31 -30.74
C LEU C 95 -20.31 -12.94 -30.22
N ASP C 96 -21.28 -12.21 -29.69
CA ASP C 96 -20.96 -11.08 -28.85
C ASP C 96 -21.02 -11.51 -27.41
N VAL C 97 -20.07 -11.05 -26.61
CA VAL C 97 -20.13 -11.30 -25.18
C VAL C 97 -21.38 -10.65 -24.59
N GLY C 98 -21.73 -9.47 -25.10
CA GLY C 98 -22.97 -8.83 -24.67
C GLY C 98 -24.20 -9.67 -25.00
N ALA C 99 -24.18 -10.33 -26.16
CA ALA C 99 -25.26 -11.25 -26.51
C ALA C 99 -25.47 -12.30 -25.43
N LEU C 100 -24.51 -12.45 -24.53
CA LEU C 100 -24.67 -13.31 -23.38
C LEU C 100 -24.76 -12.53 -22.08
N VAL C 101 -24.44 -11.24 -22.09
CA VAL C 101 -24.69 -10.41 -20.91
C VAL C 101 -26.18 -10.12 -20.77
N ALA C 102 -26.94 -10.26 -21.86
CA ALA C 102 -28.36 -9.92 -21.83
C ALA C 102 -29.20 -11.02 -21.20
N GLY C 103 -29.18 -12.21 -21.80
CA GLY C 103 -29.94 -13.33 -21.26
C GLY C 103 -29.21 -13.97 -20.10
N SER C 104 -29.14 -13.28 -18.96
CA SER C 104 -28.39 -13.77 -17.82
C SER C 104 -29.07 -13.30 -16.53
N LYS C 105 -29.87 -14.18 -15.93
CA LYS C 105 -30.40 -13.88 -14.61
C LYS C 105 -29.33 -13.98 -13.53
N TYR C 106 -28.26 -14.73 -13.78
CA TYR C 106 -27.09 -14.74 -12.92
C TYR C 106 -25.92 -15.31 -13.70
N ARG C 107 -24.71 -15.12 -13.14
CA ARG C 107 -23.49 -15.65 -13.74
C ARG C 107 -23.61 -17.14 -14.05
N GLY C 108 -24.30 -17.90 -13.19
CA GLY C 108 -24.54 -19.30 -13.49
C GLY C 108 -25.33 -19.47 -14.78
N GLU C 109 -26.42 -18.72 -14.91
CA GLU C 109 -27.18 -18.74 -16.15
C GLU C 109 -26.34 -18.23 -17.32
N PHE C 110 -25.58 -17.16 -17.09
CA PHE C 110 -24.52 -16.78 -18.03
C PHE C 110 -23.68 -17.98 -18.40
N GLU C 111 -23.05 -18.60 -17.39
CA GLU C 111 -22.27 -19.80 -17.63
C GLU C 111 -23.12 -20.94 -18.17
N GLU C 112 -24.42 -20.95 -17.85
CA GLU C 112 -25.29 -21.97 -18.41
C GLU C 112 -25.35 -21.88 -19.92
N ARG C 113 -25.74 -20.72 -20.44
CA ARG C 113 -25.74 -20.52 -21.88
C ARG C 113 -24.35 -20.72 -22.46
N MET C 114 -23.32 -20.30 -21.70
CA MET C 114 -21.94 -20.55 -22.12
C MET C 114 -21.74 -22.03 -22.43
N LYS C 115 -21.99 -22.89 -21.45
CA LYS C 115 -21.90 -24.32 -21.69
C LYS C 115 -22.75 -24.73 -22.89
N GLY C 116 -24.02 -24.31 -22.89
CA GLY C 116 -24.95 -24.73 -23.93
C GLY C 116 -24.40 -24.53 -25.32
N VAL C 117 -23.99 -23.31 -25.63
CA VAL C 117 -23.39 -23.07 -26.94
C VAL C 117 -22.08 -23.84 -27.07
N LEU C 118 -21.22 -23.74 -26.04
CA LEU C 118 -19.97 -24.48 -26.04
C LEU C 118 -20.19 -25.97 -26.28
N LYS C 119 -21.29 -26.52 -25.74
CA LYS C 119 -21.63 -27.88 -26.09
C LYS C 119 -21.75 -28.02 -27.60
N GLU C 120 -22.67 -27.26 -28.19
CA GLU C 120 -22.72 -27.14 -29.65
C GLU C 120 -21.35 -26.83 -30.22
N ILE C 121 -20.58 -26.00 -29.51
CA ILE C 121 -19.24 -25.65 -29.99
C ILE C 121 -18.31 -26.84 -29.87
N GLN C 122 -18.11 -27.32 -28.64
CA GLN C 122 -17.24 -28.48 -28.46
C GLN C 122 -17.68 -29.66 -29.30
N GLU C 123 -18.96 -29.73 -29.66
CA GLU C 123 -19.38 -30.66 -30.69
C GLU C 123 -18.55 -30.41 -31.93
N SER C 124 -17.72 -31.37 -32.29
CA SER C 124 -16.72 -31.18 -33.33
C SER C 124 -17.25 -31.71 -34.66
N LYS C 125 -18.29 -31.05 -35.15
CA LYS C 125 -18.92 -31.43 -36.42
C LYS C 125 -17.92 -31.29 -37.55
N GLU C 126 -17.47 -30.07 -37.81
CA GLU C 126 -16.50 -29.78 -38.85
C GLU C 126 -15.54 -28.72 -38.33
N THR C 127 -14.53 -28.40 -39.13
CA THR C 127 -13.59 -27.35 -38.75
C THR C 127 -14.33 -26.02 -38.64
N ILE C 128 -14.12 -25.35 -37.51
CA ILE C 128 -14.84 -24.12 -37.17
C ILE C 128 -13.90 -23.22 -36.39
N ILE C 129 -13.96 -21.93 -36.64
CA ILE C 129 -13.15 -20.96 -35.91
C ILE C 129 -14.06 -19.82 -35.45
N LEU C 130 -13.82 -19.35 -34.23
CA LEU C 130 -14.63 -18.33 -33.60
C LEU C 130 -13.86 -17.02 -33.51
N PHE C 131 -14.59 -15.92 -33.37
CA PHE C 131 -14.02 -14.64 -32.99
C PHE C 131 -14.87 -14.02 -31.90
N VAL C 132 -14.23 -13.22 -31.05
CA VAL C 132 -14.96 -12.47 -30.03
C VAL C 132 -14.34 -11.09 -29.91
N ASP C 133 -15.15 -10.05 -30.12
CA ASP C 133 -14.73 -8.70 -29.83
C ASP C 133 -14.68 -8.49 -28.32
N GLU C 134 -13.80 -7.57 -27.90
CA GLU C 134 -13.62 -7.27 -26.47
C GLU C 134 -13.39 -8.53 -25.67
N ILE C 135 -12.83 -9.55 -26.33
CA ILE C 135 -12.80 -10.92 -25.83
C ILE C 135 -12.26 -10.97 -24.40
N HIS C 136 -11.42 -10.01 -24.03
CA HIS C 136 -11.00 -9.87 -22.63
C HIS C 136 -12.17 -9.94 -21.67
N LEU C 137 -13.34 -9.50 -22.12
CA LEU C 137 -14.51 -9.46 -21.25
C LEU C 137 -14.83 -10.82 -20.67
N LEU C 138 -14.47 -11.91 -21.36
CA LEU C 138 -14.72 -13.23 -20.83
C LEU C 138 -14.03 -13.43 -19.48
N MET C 139 -12.88 -12.79 -19.29
CA MET C 139 -12.27 -12.76 -17.97
C MET C 139 -13.21 -12.05 -17.00
N GLY C 140 -13.49 -10.79 -17.26
CA GLY C 140 -14.34 -9.99 -16.41
C GLY C 140 -14.68 -8.65 -17.02
N LEU C 155 -12.35 -17.77 -19.96
CA LEU C 155 -12.57 -18.06 -18.55
C LEU C 155 -13.15 -19.46 -18.38
N LYS C 156 -14.46 -19.55 -18.58
CA LYS C 156 -15.11 -20.86 -18.52
C LYS C 156 -14.51 -21.84 -19.53
N PRO C 157 -14.31 -21.49 -20.80
CA PRO C 157 -13.65 -22.46 -21.69
C PRO C 157 -12.14 -22.41 -21.57
N MET C 158 -11.63 -22.37 -20.33
CA MET C 158 -10.22 -22.70 -20.15
C MET C 158 -9.97 -24.14 -20.54
N LEU C 159 -11.01 -24.96 -20.48
CA LEU C 159 -11.00 -26.29 -21.07
C LEU C 159 -10.48 -26.29 -22.49
N ALA C 160 -10.51 -25.16 -23.16
CA ALA C 160 -10.12 -25.11 -24.56
C ALA C 160 -8.62 -25.42 -24.68
N ARG C 161 -8.31 -26.63 -25.14
CA ARG C 161 -6.91 -27.02 -25.35
C ARG C 161 -6.32 -26.40 -26.59
N GLY C 162 -7.15 -25.92 -27.51
CA GLY C 162 -6.68 -25.62 -28.84
C GLY C 162 -7.17 -26.58 -29.90
N GLN C 163 -7.84 -27.66 -29.52
CA GLN C 163 -8.61 -28.45 -30.46
C GLN C 163 -9.58 -27.60 -31.26
N LEU C 164 -9.91 -26.42 -30.74
CA LEU C 164 -10.78 -25.42 -31.32
C LEU C 164 -9.93 -24.23 -31.77
N HIS C 165 -10.58 -23.17 -32.24
CA HIS C 165 -9.86 -21.98 -32.69
C HIS C 165 -10.70 -20.74 -32.41
N CYS C 166 -10.05 -19.70 -31.92
CA CYS C 166 -10.72 -18.42 -31.74
C CYS C 166 -9.73 -17.28 -31.94
N ILE C 167 -10.26 -16.06 -31.83
CA ILE C 167 -9.49 -14.85 -32.07
C ILE C 167 -10.26 -13.69 -31.47
N GLY C 168 -9.53 -12.63 -31.11
CA GLY C 168 -10.15 -11.48 -30.51
C GLY C 168 -9.23 -10.28 -30.55
N ALA C 169 -9.71 -9.18 -30.00
CA ALA C 169 -8.95 -7.94 -30.03
C ALA C 169 -9.53 -6.98 -29.00
N THR C 170 -8.67 -6.10 -28.51
CA THR C 170 -9.04 -5.08 -27.54
C THR C 170 -7.86 -4.13 -27.39
N THR C 171 -8.01 -3.17 -26.46
CA THR C 171 -6.90 -2.29 -26.14
C THR C 171 -5.82 -3.05 -25.37
N LEU C 172 -4.63 -2.46 -25.35
CA LEU C 172 -3.52 -3.04 -24.60
C LEU C 172 -3.83 -3.12 -23.11
N ALA C 173 -4.58 -2.14 -22.61
CA ALA C 173 -4.69 -1.97 -21.16
C ALA C 173 -5.46 -3.11 -20.51
N GLU C 174 -6.73 -3.28 -20.88
CA GLU C 174 -7.51 -4.34 -20.27
C GLU C 174 -6.95 -5.71 -20.63
N TYR C 175 -6.29 -5.81 -21.78
CA TYR C 175 -5.57 -7.03 -22.10
C TYR C 175 -4.55 -7.35 -21.02
N ARG C 176 -3.71 -6.38 -20.68
CA ARG C 176 -2.76 -6.58 -19.60
C ARG C 176 -3.46 -6.78 -18.26
N LYS C 177 -4.67 -6.23 -18.12
CA LYS C 177 -5.40 -6.34 -16.86
C LYS C 177 -5.89 -7.77 -16.64
N TYR C 178 -6.36 -8.42 -17.70
CA TYR C 178 -7.04 -9.71 -17.57
C TYR C 178 -6.22 -10.87 -18.10
N ILE C 179 -5.77 -10.80 -19.36
CA ILE C 179 -5.17 -11.97 -19.98
C ILE C 179 -3.75 -12.18 -19.47
N GLU C 180 -3.05 -11.09 -19.13
CA GLU C 180 -1.73 -11.22 -18.52
C GLU C 180 -1.75 -12.06 -17.26
N LYS C 181 -2.90 -12.18 -16.59
CA LYS C 181 -2.95 -12.82 -15.29
C LYS C 181 -2.70 -14.32 -15.41
N ASP C 182 -3.59 -15.04 -16.11
CA ASP C 182 -3.43 -16.47 -16.24
C ASP C 182 -2.20 -16.80 -17.09
N ALA C 183 -1.40 -17.73 -16.60
CA ALA C 183 -0.31 -18.26 -17.43
C ALA C 183 -0.86 -18.95 -18.66
N ALA C 184 -1.80 -19.88 -18.46
CA ALA C 184 -2.31 -20.69 -19.55
C ALA C 184 -2.81 -19.82 -20.71
N PHE C 185 -3.81 -18.99 -20.44
CA PHE C 185 -4.41 -18.18 -21.49
C PHE C 185 -3.37 -17.33 -22.20
N GLU C 186 -2.69 -16.46 -21.44
CA GLU C 186 -1.69 -15.57 -22.03
C GLU C 186 -0.71 -16.34 -22.90
N ARG C 187 -0.28 -17.51 -22.45
CA ARG C 187 0.63 -18.30 -23.27
C ARG C 187 -0.06 -18.78 -24.53
N ARG C 188 -1.35 -19.10 -24.44
CA ARG C 188 -2.05 -19.62 -25.60
C ARG C 188 -2.31 -18.57 -26.67
N PHE C 189 -1.90 -17.33 -26.45
CA PHE C 189 -2.31 -16.24 -27.33
C PHE C 189 -1.11 -15.57 -27.95
N GLN C 190 -1.38 -14.74 -28.97
CA GLN C 190 -0.35 -13.97 -29.70
C GLN C 190 -0.87 -12.54 -29.93
N GLN C 191 -0.23 -11.60 -29.21
CA GLN C 191 -0.35 -10.12 -29.27
C GLN C 191 0.11 -9.60 -30.64
N VAL C 192 -0.84 -9.09 -31.43
CA VAL C 192 -0.54 -8.50 -32.78
C VAL C 192 -1.01 -7.05 -32.78
N LEU C 193 -0.17 -6.12 -33.24
CA LEU C 193 -0.54 -4.67 -33.26
C LEU C 193 -1.04 -4.30 -34.66
N VAL C 194 -2.26 -3.76 -34.74
CA VAL C 194 -2.87 -3.38 -36.05
C VAL C 194 -2.04 -2.27 -36.71
N LYS C 195 -1.65 -1.25 -35.93
CA LYS C 195 -0.83 -0.05 -36.28
C LYS C 195 -1.71 1.07 -36.87
N GLU C 196 -1.25 2.33 -36.78
CA GLU C 196 -2.03 3.47 -37.32
C GLU C 196 -1.98 3.46 -38.85
N PRO C 197 -3.12 3.65 -39.56
CA PRO C 197 -3.15 3.66 -41.03
C PRO C 197 -2.45 4.88 -41.62
N SER C 198 -1.76 4.70 -42.75
CA SER C 198 -1.06 5.83 -43.43
C SER C 198 -2.09 6.78 -44.04
N ILE C 199 -1.79 8.07 -44.08
CA ILE C 199 -2.73 9.08 -44.65
C ILE C 199 -2.96 8.75 -46.13
N THR C 200 -1.89 8.40 -46.85
CA THR C 200 -1.99 8.05 -48.29
C THR C 200 -2.85 6.79 -48.43
N GLU C 201 -2.66 5.84 -47.52
CA GLU C 201 -3.42 4.56 -47.52
C GLU C 201 -4.90 4.86 -47.28
N THR C 202 -5.20 5.81 -46.41
CA THR C 202 -6.61 6.20 -46.10
C THR C 202 -7.27 6.72 -47.38
N ILE C 203 -6.55 7.51 -48.17
CA ILE C 203 -7.11 8.05 -49.45
C ILE C 203 -7.44 6.87 -50.36
N SER C 204 -6.55 5.89 -50.43
CA SER C 204 -6.78 4.67 -51.27
C SER C 204 -8.00 3.92 -50.73
N ILE C 205 -8.11 3.83 -49.39
CA ILE C 205 -9.26 3.13 -48.75
C ILE C 205 -10.54 3.90 -49.12
N LEU C 206 -10.48 5.24 -49.09
CA LEU C 206 -11.65 6.08 -49.43
C LEU C 206 -12.06 5.78 -50.89
N ARG C 207 -11.06 5.74 -51.78
CA ARG C 207 -11.30 5.45 -53.19
C ARG C 207 -12.16 4.20 -53.34
N GLY C 208 -11.66 3.09 -52.81
CA GLY C 208 -12.40 1.84 -52.88
C GLY C 208 -13.79 1.93 -52.29
N LEU C 209 -14.00 2.89 -51.40
CA LEU C 209 -15.30 3.07 -50.78
C LEU C 209 -16.18 4.01 -51.57
N LYS C 210 -15.58 4.82 -52.43
CA LYS C 210 -16.23 5.93 -53.10
C LYS C 210 -17.42 5.42 -53.88
N GLU C 211 -17.14 4.63 -54.90
CA GLU C 211 -18.20 4.09 -55.75
C GLU C 211 -19.29 3.44 -54.92
N LYS C 212 -18.91 2.67 -53.89
CA LYS C 212 -19.91 2.02 -53.07
C LYS C 212 -20.87 3.03 -52.46
N TYR C 213 -20.32 4.05 -51.81
CA TYR C 213 -21.18 5.03 -51.18
C TYR C 213 -21.98 5.81 -52.22
N GLU C 214 -21.33 6.17 -53.33
CA GLU C 214 -22.02 6.89 -54.38
C GLU C 214 -23.24 6.13 -54.85
N VAL C 215 -23.08 4.83 -55.12
CA VAL C 215 -24.24 3.98 -55.39
C VAL C 215 -25.26 4.11 -54.28
N HIS C 216 -24.80 4.03 -53.03
CA HIS C 216 -25.73 4.16 -51.92
C HIS C 216 -26.46 5.50 -51.92
N HIS C 217 -25.96 6.48 -52.68
CA HIS C 217 -26.62 7.79 -52.69
C HIS C 217 -26.80 8.42 -54.07
N GLY C 218 -26.14 7.93 -55.11
CA GLY C 218 -26.24 8.56 -56.42
C GLY C 218 -25.61 9.94 -56.45
N VAL C 219 -24.31 10.01 -56.15
CA VAL C 219 -23.56 11.26 -56.07
C VAL C 219 -22.19 11.01 -56.69
N ASN C 220 -21.44 12.10 -56.90
CA ASN C 220 -20.05 12.00 -57.34
C ASN C 220 -19.25 13.08 -56.65
N ILE C 221 -17.94 12.84 -56.50
CA ILE C 221 -17.05 13.75 -55.79
C ILE C 221 -15.70 13.74 -56.49
N ALA C 222 -14.98 14.85 -56.36
CA ALA C 222 -13.62 14.94 -56.87
C ALA C 222 -12.66 14.29 -55.90
N ASP C 223 -11.87 13.33 -56.40
CA ASP C 223 -10.91 12.63 -55.57
C ASP C 223 -10.03 13.58 -54.77
N ALA C 224 -9.60 14.68 -55.39
CA ALA C 224 -8.70 15.59 -54.71
C ALA C 224 -9.37 16.25 -53.51
N ALA C 225 -10.61 16.71 -53.68
CA ALA C 225 -11.37 17.23 -52.55
C ALA C 225 -11.46 16.19 -51.44
N ILE C 226 -11.62 14.93 -51.82
CA ILE C 226 -11.68 13.86 -50.83
C ILE C 226 -10.36 13.77 -50.08
N VAL C 227 -9.25 13.82 -50.81
CA VAL C 227 -7.93 13.80 -50.19
C VAL C 227 -7.81 14.94 -49.20
N ALA C 228 -8.20 16.13 -49.62
CA ALA C 228 -8.24 17.28 -48.74
C ALA C 228 -8.98 16.95 -47.47
N ALA C 229 -10.23 16.53 -47.60
CA ALA C 229 -11.07 16.13 -46.47
C ALA C 229 -10.33 15.19 -45.53
N ALA C 230 -9.70 14.17 -46.11
CA ALA C 230 -8.91 13.25 -45.31
C ALA C 230 -7.89 14.01 -44.48
N ASN C 231 -7.08 14.83 -45.14
CA ASN C 231 -6.06 15.59 -44.44
C ASN C 231 -6.67 16.46 -43.36
N LEU C 232 -7.88 16.95 -43.60
CA LEU C 232 -8.54 17.80 -42.61
C LEU C 232 -8.88 17.00 -41.37
N ALA C 233 -9.60 15.90 -41.54
CA ALA C 233 -9.87 15.00 -40.43
C ALA C 233 -8.59 14.60 -39.72
N ALA C 234 -7.50 14.48 -40.47
CA ALA C 234 -6.22 14.25 -39.83
C ALA C 234 -5.86 15.39 -38.89
N ARG C 235 -5.90 16.62 -39.42
CA ARG C 235 -5.45 17.75 -38.64
C ARG C 235 -6.40 18.12 -37.52
N TYR C 236 -7.60 17.56 -37.49
CA TYR C 236 -8.57 17.92 -36.46
C TYR C 236 -9.31 16.67 -36.02
N LEU C 237 -10.38 16.87 -35.26
CA LEU C 237 -11.28 15.79 -34.87
C LEU C 237 -10.54 14.63 -34.20
N THR C 238 -9.36 14.93 -33.65
CA THR C 238 -8.53 13.90 -33.04
C THR C 238 -9.30 13.07 -32.03
N SER C 239 -10.40 13.61 -31.51
CA SER C 239 -11.40 12.81 -30.81
C SER C 239 -11.65 11.49 -31.51
N ARG C 240 -11.78 11.53 -32.83
CA ARG C 240 -12.10 10.34 -33.61
C ARG C 240 -10.81 9.70 -34.11
N ARG C 241 -10.95 8.71 -34.98
CA ARG C 241 -9.82 7.99 -35.52
C ARG C 241 -10.03 7.77 -37.01
N LEU C 242 -8.97 7.99 -37.78
CA LEU C 242 -9.02 7.59 -39.17
C LEU C 242 -9.15 6.07 -39.22
N PRO C 243 -9.63 5.53 -40.34
CA PRO C 243 -10.15 6.27 -41.48
C PRO C 243 -11.64 6.38 -41.38
N ASP C 244 -12.26 5.49 -40.61
CA ASP C 244 -13.71 5.45 -40.51
C ASP C 244 -14.28 6.83 -40.21
N SER C 245 -13.50 7.67 -39.52
CA SER C 245 -13.89 9.07 -39.37
C SER C 245 -14.04 9.75 -40.72
N ALA C 246 -13.02 9.62 -41.58
CA ALA C 246 -13.12 10.23 -42.91
C ALA C 246 -14.30 9.67 -43.68
N VAL C 247 -14.56 8.38 -43.50
CA VAL C 247 -15.79 7.82 -44.04
C VAL C 247 -16.98 8.63 -43.56
N ASP C 248 -17.15 8.72 -42.25
CA ASP C 248 -18.21 9.53 -41.66
C ASP C 248 -18.31 10.88 -42.34
N LEU C 249 -17.18 11.49 -42.63
CA LEU C 249 -17.16 12.75 -43.36
C LEU C 249 -17.86 12.60 -44.70
N ILE C 250 -17.40 11.64 -45.49
CA ILE C 250 -17.96 11.44 -46.82
C ILE C 250 -19.46 11.19 -46.71
N ASP C 251 -19.86 10.44 -45.69
CA ASP C 251 -21.27 10.20 -45.43
C ASP C 251 -21.99 11.52 -45.23
N GLU C 252 -21.40 12.42 -44.46
CA GLU C 252 -22.04 13.71 -44.25
C GLU C 252 -22.15 14.48 -45.56
N ALA C 253 -21.14 14.35 -46.41
CA ALA C 253 -21.19 14.97 -47.72
C ALA C 253 -22.38 14.44 -48.50
N ALA C 254 -22.48 13.12 -48.62
CA ALA C 254 -23.62 12.50 -49.25
C ALA C 254 -24.92 12.96 -48.64
N ALA C 255 -24.92 13.23 -47.33
CA ALA C 255 -26.12 13.70 -46.67
C ALA C 255 -26.53 15.07 -47.19
N ALA C 256 -25.60 16.01 -47.13
CA ALA C 256 -25.84 17.34 -47.68
C ALA C 256 -26.36 17.24 -49.11
N VAL C 257 -25.82 16.30 -49.88
CA VAL C 257 -26.30 16.11 -51.23
C VAL C 257 -27.75 15.65 -51.21
N ARG C 258 -28.00 14.51 -50.57
CA ARG C 258 -29.34 13.94 -50.53
C ARG C 258 -30.36 14.92 -49.98
N VAL C 259 -29.89 15.98 -49.33
CA VAL C 259 -30.75 17.13 -49.10
C VAL C 259 -30.89 17.95 -50.38
N ALA C 260 -29.78 18.44 -50.90
CA ALA C 260 -29.80 19.44 -51.96
C ALA C 260 -30.45 18.89 -53.23
N ARG C 261 -29.85 17.86 -53.82
CA ARG C 261 -30.30 17.31 -55.09
C ARG C 261 -31.78 16.92 -55.06
N GLU C 262 -32.36 16.82 -53.87
CA GLU C 262 -33.73 16.38 -53.72
C GLU C 262 -34.60 17.40 -53.02
N SER C 263 -34.03 18.54 -52.62
CA SER C 263 -34.80 19.60 -51.99
C SER C 263 -35.78 20.21 -52.98
N MET C 394 -25.98 24.71 -62.15
CA MET C 394 -27.06 23.78 -62.45
C MET C 394 -26.55 22.59 -63.27
N ILE C 395 -26.79 21.37 -62.80
CA ILE C 395 -27.51 21.14 -61.55
C ILE C 395 -26.52 20.78 -60.45
N THR C 396 -26.88 21.08 -59.21
CA THR C 396 -26.04 20.75 -58.05
C THR C 396 -26.14 19.25 -57.78
N ASP C 397 -25.10 18.49 -58.14
CA ASP C 397 -25.15 17.05 -58.02
C ASP C 397 -23.93 16.45 -57.33
N VAL C 398 -22.80 17.15 -57.39
CA VAL C 398 -21.53 16.61 -56.93
C VAL C 398 -21.08 17.37 -55.69
N VAL C 399 -19.97 16.91 -55.11
CA VAL C 399 -19.46 17.45 -53.86
C VAL C 399 -18.15 18.16 -54.14
N GLY C 400 -18.11 19.45 -53.84
CA GLY C 400 -16.87 20.18 -53.85
C GLY C 400 -16.23 20.15 -52.47
N PRO C 401 -15.06 20.77 -52.34
CA PRO C 401 -14.50 20.97 -51.00
C PRO C 401 -15.41 21.78 -50.11
N ASP C 402 -16.28 22.59 -50.71
CA ASP C 402 -17.13 23.51 -49.97
C ASP C 402 -17.84 22.83 -48.81
N GLN C 403 -18.50 21.71 -49.07
CA GLN C 403 -19.33 21.08 -48.05
C GLN C 403 -18.50 20.44 -46.96
N ILE C 404 -17.42 19.78 -47.36
CA ILE C 404 -16.40 19.36 -46.41
C ILE C 404 -16.08 20.50 -45.46
N ASN C 405 -15.80 21.67 -46.04
CA ASN C 405 -15.42 22.82 -45.23
C ASN C 405 -16.56 23.23 -44.32
N GLU C 406 -17.78 23.24 -44.84
CA GLU C 406 -18.96 23.54 -44.02
C GLU C 406 -18.93 22.69 -42.76
N ILE C 407 -18.66 21.40 -42.92
CA ILE C 407 -18.82 20.51 -41.79
C ILE C 407 -17.64 20.62 -40.84
N VAL C 408 -16.42 20.71 -41.38
CA VAL C 408 -15.28 20.88 -40.49
C VAL C 408 -15.44 22.16 -39.69
N ALA C 409 -16.01 23.19 -40.29
CA ALA C 409 -16.33 24.41 -39.55
C ALA C 409 -17.37 24.13 -38.48
N ARG C 410 -18.49 23.54 -38.89
CA ARG C 410 -19.56 23.23 -37.96
C ARG C 410 -19.06 22.41 -36.78
N TRP C 411 -17.91 21.80 -36.91
CA TRP C 411 -17.29 21.12 -35.79
C TRP C 411 -16.08 21.84 -35.24
N THR C 412 -15.71 22.99 -35.81
CA THR C 412 -14.64 23.79 -35.22
C THR C 412 -14.94 25.28 -35.19
N GLY C 413 -15.94 25.77 -35.90
CA GLY C 413 -16.25 27.20 -35.90
C GLY C 413 -15.11 28.05 -36.42
N ILE C 414 -14.71 27.80 -37.66
CA ILE C 414 -13.56 28.49 -38.27
C ILE C 414 -13.87 28.75 -39.74
N PRO C 415 -13.55 29.93 -40.26
CA PRO C 415 -13.76 30.18 -41.69
C PRO C 415 -12.92 29.22 -42.52
N VAL C 416 -13.53 28.75 -43.61
CA VAL C 416 -12.80 27.93 -44.58
C VAL C 416 -11.51 28.62 -44.99
N THR C 417 -11.51 29.94 -45.02
CA THR C 417 -10.30 30.71 -45.25
C THR C 417 -9.13 30.18 -44.44
N ARG C 418 -9.29 30.19 -43.12
CA ARG C 418 -8.28 29.65 -42.21
C ARG C 418 -8.06 28.16 -42.40
N LEU C 419 -8.87 27.52 -43.23
CA LEU C 419 -8.71 26.11 -43.52
C LEU C 419 -8.31 25.87 -44.96
N LYS C 420 -8.90 26.62 -45.90
CA LYS C 420 -8.42 26.65 -47.27
C LYS C 420 -7.14 27.49 -47.25
N THR C 421 -6.06 26.86 -46.87
CA THR C 421 -4.81 27.57 -46.62
C THR C 421 -3.63 27.04 -47.41
N SER C 422 -3.50 25.71 -47.51
CA SER C 422 -2.30 25.03 -47.99
C SER C 422 -1.16 25.23 -47.01
N GLU C 423 -1.37 26.08 -46.00
CA GLU C 423 -0.38 26.37 -44.97
C GLU C 423 0.96 26.75 -45.57
N LYS C 424 0.95 27.70 -46.49
CA LYS C 424 2.24 28.30 -46.86
C LYS C 424 2.24 29.81 -46.75
N GLU C 425 1.16 30.47 -47.16
CA GLU C 425 1.13 31.93 -47.12
C GLU C 425 1.25 32.43 -45.69
N LYS C 426 0.47 31.84 -44.79
CA LYS C 426 0.59 32.14 -43.36
C LYS C 426 2.04 32.02 -42.92
N LEU C 427 2.72 30.94 -43.34
CA LEU C 427 4.14 30.80 -43.06
C LEU C 427 4.92 31.99 -43.57
N LEU C 428 4.65 32.38 -44.81
CA LEU C 428 5.39 33.47 -45.44
C LEU C 428 5.01 34.82 -44.88
N HIS C 429 3.98 34.90 -44.05
CA HIS C 429 3.48 36.20 -43.62
C HIS C 429 3.09 36.21 -42.15
N MET C 430 3.71 35.34 -41.35
CA MET C 430 3.43 35.33 -39.92
C MET C 430 3.75 36.68 -39.29
N GLU C 431 4.85 37.30 -39.73
CA GLU C 431 5.22 38.61 -39.22
C GLU C 431 4.07 39.59 -39.34
N GLN C 432 3.33 39.51 -40.45
CA GLN C 432 2.20 40.41 -40.65
C GLN C 432 1.20 40.29 -39.51
N ALA C 433 0.64 39.09 -39.34
CA ALA C 433 -0.30 38.86 -38.24
C ALA C 433 0.28 39.29 -36.91
N LEU C 434 1.47 38.79 -36.59
CA LEU C 434 2.12 39.13 -35.33
C LEU C 434 2.12 40.63 -35.10
N SER C 435 2.76 41.37 -36.01
CA SER C 435 2.73 42.82 -35.96
C SER C 435 1.33 43.34 -35.65
N LYS C 436 0.34 42.83 -36.39
CA LYS C 436 -1.04 43.21 -36.12
C LYS C 436 -1.55 42.67 -34.79
N ILE C 437 -0.74 41.92 -34.05
CA ILE C 437 -1.10 41.47 -32.73
C ILE C 437 -0.05 41.94 -31.74
N VAL C 438 1.20 41.50 -31.93
CA VAL C 438 2.29 41.75 -31.00
C VAL C 438 3.34 42.60 -31.71
N VAL C 439 4.02 43.45 -30.95
CA VAL C 439 5.05 44.33 -31.48
C VAL C 439 6.13 44.49 -30.43
N GLY C 440 7.39 44.39 -30.86
CA GLY C 440 8.49 44.72 -29.97
C GLY C 440 9.67 43.75 -29.97
N GLN C 441 9.54 42.61 -30.63
CA GLN C 441 10.59 41.60 -30.61
C GLN C 441 10.77 40.99 -32.00
N LYS C 442 10.81 41.88 -33.01
CA LYS C 442 10.85 41.44 -34.40
C LYS C 442 11.92 40.39 -34.65
N GLU C 443 13.09 40.56 -33.99
CA GLU C 443 14.16 39.58 -34.13
C GLU C 443 13.68 38.18 -33.77
N ALA C 444 13.08 38.04 -32.58
CA ALA C 444 12.56 36.75 -32.18
C ALA C 444 11.44 36.29 -33.09
N VAL C 445 10.64 37.25 -33.60
CA VAL C 445 9.57 36.91 -34.52
C VAL C 445 10.13 36.14 -35.70
N GLN C 446 11.05 36.77 -36.43
CA GLN C 446 11.62 36.11 -37.60
C GLN C 446 12.39 34.86 -37.20
N SER C 447 13.04 34.88 -36.03
CA SER C 447 13.78 33.71 -35.58
C SER C 447 12.89 32.50 -35.46
N VAL C 448 11.84 32.60 -34.64
CA VAL C 448 10.92 31.50 -34.46
C VAL C 448 10.24 31.15 -35.77
N SER C 449 10.01 32.15 -36.63
CA SER C 449 9.39 31.88 -37.92
C SER C 449 10.25 30.93 -38.74
N ASN C 450 11.53 31.25 -38.89
CA ASN C 450 12.41 30.37 -39.65
C ASN C 450 12.60 29.05 -38.94
N ALA C 451 12.60 29.04 -37.61
CA ALA C 451 12.73 27.79 -36.88
C ALA C 451 11.59 26.84 -37.21
N ILE C 452 10.36 27.32 -37.07
CA ILE C 452 9.21 26.48 -37.37
C ILE C 452 9.13 26.18 -38.86
N ARG C 453 9.67 27.07 -39.70
CA ARG C 453 9.76 26.77 -41.12
C ARG C 453 10.64 25.55 -41.34
N LEU C 454 11.87 25.61 -40.84
CA LEU C 454 12.76 24.46 -40.85
C LEU C 454 12.05 23.21 -40.36
N GLN C 455 11.31 23.35 -39.26
CA GLN C 455 10.44 22.26 -38.82
C GLN C 455 9.61 21.72 -39.97
N ARG C 456 8.80 22.59 -40.58
CA ARG C 456 7.98 22.16 -41.70
C ARG C 456 8.78 21.91 -42.96
N SER C 457 9.98 22.50 -43.07
CA SER C 457 10.80 22.31 -44.26
C SER C 457 11.14 20.84 -44.47
N GLY C 458 11.13 20.05 -43.40
CA GLY C 458 11.64 18.71 -43.43
C GLY C 458 13.14 18.62 -43.27
N LEU C 459 13.87 19.66 -43.66
CA LEU C 459 15.32 19.67 -43.45
C LEU C 459 15.67 19.67 -41.97
N SER C 460 14.71 19.95 -41.10
CA SER C 460 14.94 19.84 -39.66
C SER C 460 15.09 18.38 -39.29
N ASN C 461 15.44 18.13 -38.04
CA ASN C 461 15.45 16.77 -37.53
C ASN C 461 14.02 16.23 -37.55
N PRO C 462 13.78 15.05 -38.09
CA PRO C 462 12.39 14.57 -38.24
C PRO C 462 11.65 14.39 -36.92
N ASN C 463 12.36 14.31 -35.80
CA ASN C 463 11.73 14.03 -34.52
C ASN C 463 12.14 15.04 -33.45
N GLN C 464 12.44 16.27 -33.85
CA GLN C 464 12.83 17.33 -32.94
C GLN C 464 11.81 18.46 -33.01
N PRO C 465 10.72 18.37 -32.25
CA PRO C 465 9.75 19.47 -32.19
C PRO C 465 10.41 20.74 -31.67
N PRO C 466 9.83 21.91 -31.98
CA PRO C 466 10.52 23.17 -31.68
C PRO C 466 10.61 23.51 -30.20
N SER C 467 11.27 24.63 -29.92
CA SER C 467 11.59 25.06 -28.57
C SER C 467 12.18 26.46 -28.63
N PHE C 468 11.75 27.35 -27.73
CA PHE C 468 12.09 28.75 -27.84
C PHE C 468 12.34 29.37 -26.48
N LEU C 469 13.57 29.83 -26.27
CA LEU C 469 13.96 30.45 -25.01
C LEU C 469 13.31 31.81 -24.84
N PHE C 470 12.97 32.15 -23.59
CA PHE C 470 12.38 33.43 -23.26
C PHE C 470 13.20 34.09 -22.16
N CYS C 471 13.57 35.37 -22.39
CA CYS C 471 14.30 36.16 -21.40
C CYS C 471 13.77 37.59 -21.47
N GLY C 472 12.81 37.90 -20.61
CA GLY C 472 12.21 39.21 -20.56
C GLY C 472 11.00 39.22 -19.66
N PRO C 473 10.45 40.42 -19.39
CA PRO C 473 9.29 40.52 -18.52
C PRO C 473 8.07 39.85 -19.14
N SER C 474 7.05 39.63 -18.31
CA SER C 474 5.90 38.84 -18.70
C SER C 474 4.78 39.74 -19.24
N GLY C 475 3.98 39.16 -20.12
CA GLY C 475 2.91 39.88 -20.77
C GLY C 475 3.36 40.84 -21.84
N THR C 476 4.61 41.31 -21.80
CA THR C 476 5.08 42.39 -22.68
C THR C 476 4.70 42.13 -24.14
N GLY C 477 4.25 40.94 -24.43
CA GLY C 477 3.92 40.50 -25.75
C GLY C 477 4.19 39.01 -25.79
N LYS C 478 5.14 38.54 -24.98
CA LYS C 478 5.55 37.15 -25.05
C LYS C 478 4.41 36.20 -24.69
N THR C 479 3.64 36.52 -23.65
CA THR C 479 2.42 35.76 -23.41
C THR C 479 1.47 35.92 -24.58
N LEU C 480 1.18 37.18 -24.92
CA LEU C 480 0.42 37.48 -26.12
C LEU C 480 1.02 36.82 -27.34
N LEU C 481 2.35 36.74 -27.39
CA LEU C 481 3.04 36.05 -28.47
C LEU C 481 2.57 34.60 -28.54
N THR C 482 2.84 33.82 -27.50
CA THR C 482 2.41 32.45 -27.39
C THR C 482 0.95 32.28 -27.83
N LYS C 483 0.10 33.19 -27.34
CA LYS C 483 -1.29 33.18 -27.76
C LYS C 483 -1.39 33.22 -29.28
N ALA C 484 -0.89 34.30 -29.88
CA ALA C 484 -0.96 34.47 -31.33
C ALA C 484 -0.39 33.26 -32.05
N LEU C 485 0.71 32.72 -31.54
CA LEU C 485 1.30 31.50 -32.09
C LEU C 485 0.24 30.43 -32.19
N ALA C 486 -0.44 30.16 -31.09
CA ALA C 486 -1.50 29.16 -31.10
C ALA C 486 -2.58 29.52 -32.11
N GLU C 487 -3.24 30.66 -31.92
CA GLU C 487 -4.41 31.00 -32.72
C GLU C 487 -4.08 31.19 -34.19
N PHE C 488 -2.82 31.25 -34.55
CA PHE C 488 -2.45 31.43 -35.95
C PHE C 488 -1.88 30.19 -36.59
N LEU C 489 -1.06 29.43 -35.86
CA LEU C 489 -0.52 28.20 -36.42
C LEU C 489 -1.52 27.07 -36.30
N PHE C 490 -1.88 26.70 -35.08
CA PHE C 490 -2.87 25.66 -34.87
C PHE C 490 -4.28 26.20 -34.81
N ASP C 491 -4.44 27.52 -34.75
CA ASP C 491 -5.73 28.16 -34.91
C ASP C 491 -6.69 27.79 -33.79
N ASP C 492 -6.17 27.80 -32.56
CA ASP C 492 -7.02 27.63 -31.38
C ASP C 492 -6.40 28.31 -30.17
N PRO C 493 -7.16 29.14 -29.48
CA PRO C 493 -6.63 29.77 -28.25
C PRO C 493 -6.24 28.76 -27.20
N LYS C 494 -7.15 27.85 -26.86
CA LYS C 494 -6.91 26.89 -25.78
C LYS C 494 -5.73 25.99 -26.04
N SER C 495 -5.19 25.97 -27.26
CA SER C 495 -4.06 25.12 -27.58
C SER C 495 -2.84 25.41 -26.70
N MET C 496 -2.87 26.48 -25.92
CA MET C 496 -1.81 26.76 -24.96
C MET C 496 -2.19 26.16 -23.61
N ILE C 497 -1.24 25.48 -22.98
CA ILE C 497 -1.44 24.86 -21.68
C ILE C 497 -0.34 25.39 -20.77
N ARG C 498 -0.68 26.36 -19.93
CA ARG C 498 0.29 26.94 -19.02
C ARG C 498 0.78 25.90 -18.02
N PHE C 499 1.95 26.17 -17.44
CA PHE C 499 2.50 25.34 -16.38
C PHE C 499 3.44 26.20 -15.56
N ASP C 500 3.07 26.49 -14.32
CA ASP C 500 3.88 27.30 -13.41
C ASP C 500 4.88 26.39 -12.71
N MET C 501 6.12 26.39 -13.21
CA MET C 501 7.18 25.61 -12.59
C MET C 501 7.47 26.03 -11.15
N SER C 502 7.01 27.21 -10.74
CA SER C 502 7.15 27.61 -9.34
C SER C 502 6.55 26.57 -8.40
N GLU C 503 5.51 25.89 -8.85
CA GLU C 503 4.95 24.75 -8.13
C GLU C 503 5.61 23.44 -8.51
N TYR C 504 6.55 23.45 -9.46
CA TYR C 504 7.24 22.24 -9.87
C TYR C 504 8.69 22.21 -9.41
N GLN C 505 9.04 23.05 -8.44
CA GLN C 505 10.35 23.00 -7.81
C GLN C 505 10.50 21.81 -6.87
N GLU C 506 9.46 20.99 -6.74
CA GLU C 506 9.43 19.85 -5.84
C GLU C 506 9.62 18.55 -6.64
N ARG C 507 10.28 17.57 -6.01
CA ARG C 507 10.45 16.27 -6.66
C ARG C 507 9.11 15.61 -6.91
N HIS C 508 8.21 15.65 -5.93
CA HIS C 508 6.88 15.07 -6.11
C HIS C 508 6.10 15.79 -7.21
N SER C 509 6.55 16.98 -7.62
CA SER C 509 5.92 17.62 -8.77
C SER C 509 6.12 16.80 -10.04
N LEU C 510 7.13 15.93 -10.07
CA LEU C 510 7.25 14.99 -11.17
C LEU C 510 6.05 14.04 -11.21
N SER C 511 5.71 13.46 -10.05
CA SER C 511 4.49 12.70 -9.95
C SER C 511 3.28 13.55 -10.32
N ARG C 512 3.26 14.81 -9.90
CA ARG C 512 2.08 15.64 -10.11
C ARG C 512 1.91 16.02 -11.57
N MET C 513 3.00 16.03 -12.34
CA MET C 513 2.92 16.44 -13.74
C MET C 513 2.85 15.28 -14.71
N ILE C 514 3.75 14.31 -14.58
CA ILE C 514 3.82 13.22 -15.54
C ILE C 514 3.43 11.92 -14.86
N GLY C 515 3.54 11.90 -13.54
CA GLY C 515 3.25 10.72 -12.77
C GLY C 515 4.48 10.12 -12.12
N ALA C 516 4.28 8.96 -11.53
CA ALA C 516 5.26 8.22 -10.76
C ALA C 516 4.78 6.77 -10.75
N PRO C 517 5.50 5.83 -10.14
CA PRO C 517 4.96 4.46 -10.01
C PRO C 517 3.50 4.48 -9.58
N PRO C 518 2.69 3.55 -10.10
CA PRO C 518 1.22 3.73 -10.01
C PRO C 518 0.69 3.90 -8.61
N GLY C 519 1.36 3.35 -7.60
CA GLY C 519 0.82 3.40 -6.25
C GLY C 519 1.20 4.61 -5.45
N TYR C 520 0.93 5.81 -5.98
CA TYR C 520 1.22 7.07 -5.30
C TYR C 520 0.02 7.98 -5.37
N VAL C 521 0.08 9.10 -4.64
CA VAL C 521 -1.02 10.06 -4.63
C VAL C 521 -0.82 11.10 -5.73
N GLY C 522 0.43 11.40 -6.09
CA GLY C 522 0.69 12.43 -7.08
C GLY C 522 0.52 11.91 -8.50
N HIS C 523 0.70 10.61 -8.70
CA HIS C 523 0.65 10.03 -10.04
C HIS C 523 -0.66 10.34 -10.75
N ASP C 524 -1.77 10.40 -10.00
CA ASP C 524 -3.06 10.70 -10.63
C ASP C 524 -3.10 12.13 -11.16
N ALA C 525 -2.43 13.05 -10.48
CA ALA C 525 -2.28 14.39 -11.02
C ALA C 525 -1.35 14.39 -12.22
N GLY C 526 -0.40 13.45 -12.26
CA GLY C 526 0.53 13.38 -13.36
C GLY C 526 -0.14 13.10 -14.68
N GLY C 527 0.69 13.05 -15.72
CA GLY C 527 0.20 12.78 -17.05
C GLY C 527 -0.48 13.94 -17.72
N GLN C 528 -0.50 15.12 -17.08
CA GLN C 528 -1.15 16.29 -17.67
C GLN C 528 -0.72 16.51 -19.12
N LEU C 529 0.49 16.10 -19.45
CA LEU C 529 0.96 16.19 -20.83
C LEU C 529 0.42 15.05 -21.67
N THR C 530 0.19 13.90 -21.05
CA THR C 530 -0.19 12.70 -21.81
C THR C 530 -1.52 12.90 -22.51
N GLU C 531 -2.59 13.08 -21.74
CA GLU C 531 -3.91 13.27 -22.33
C GLU C 531 -3.92 14.53 -23.19
N ALA C 532 -3.11 15.53 -22.81
CA ALA C 532 -3.01 16.74 -23.60
C ALA C 532 -2.61 16.43 -25.03
N LEU C 533 -1.49 15.74 -25.20
CA LEU C 533 -1.01 15.42 -26.53
C LEU C 533 -1.97 14.47 -27.24
N ARG C 534 -2.48 13.46 -26.52
CA ARG C 534 -3.40 12.52 -27.14
C ARG C 534 -4.61 13.24 -27.71
N ARG C 535 -5.14 14.22 -27.00
CA ARG C 535 -6.29 14.97 -27.50
C ARG C 535 -5.86 16.15 -28.35
N ARG C 536 -4.64 16.63 -28.15
CA ARG C 536 -4.13 17.77 -28.90
C ARG C 536 -2.71 17.46 -29.38
N PRO C 537 -2.56 16.84 -30.54
CA PRO C 537 -1.20 16.69 -31.09
C PRO C 537 -0.59 18.04 -31.46
N PHE C 538 -1.30 18.82 -32.26
CA PHE C 538 -0.84 20.15 -32.65
C PHE C 538 -1.13 21.12 -31.52
N SER C 539 -0.20 21.24 -30.58
CA SER C 539 -0.34 22.19 -29.49
C SER C 539 1.04 22.64 -29.06
N ILE C 540 1.07 23.37 -27.94
CA ILE C 540 2.29 23.97 -27.43
C ILE C 540 2.32 23.77 -25.93
N LEU C 541 3.52 23.69 -25.36
CA LEU C 541 3.71 23.37 -23.96
C LEU C 541 4.41 24.54 -23.26
N LEU C 542 3.64 25.29 -22.49
CA LEU C 542 4.14 26.47 -21.78
C LEU C 542 4.73 26.05 -20.44
N PHE C 543 5.90 26.59 -20.12
CA PHE C 543 6.49 26.42 -18.81
C PHE C 543 7.18 27.72 -18.41
N ASP C 544 7.08 28.08 -17.14
CA ASP C 544 7.46 29.41 -16.67
C ASP C 544 8.51 29.28 -15.57
N GLU C 545 9.64 29.97 -15.75
CA GLU C 545 10.70 30.01 -14.75
C GLU C 545 11.16 28.59 -14.40
N VAL C 546 11.49 27.84 -15.45
CA VAL C 546 11.77 26.41 -15.31
C VAL C 546 13.02 26.13 -14.49
N GLU C 547 13.98 27.07 -14.47
CA GLU C 547 15.21 26.85 -13.72
C GLU C 547 14.93 26.50 -12.26
N LYS C 548 13.87 27.09 -11.69
CA LYS C 548 13.52 26.80 -10.30
C LYS C 548 12.87 25.43 -10.15
N ALA C 549 12.25 24.91 -11.21
CA ALA C 549 11.60 23.61 -11.13
C ALA C 549 12.60 22.53 -10.76
N ALA C 550 12.09 21.48 -10.11
CA ALA C 550 12.96 20.41 -9.64
C ALA C 550 13.72 19.79 -10.81
N LYS C 551 14.91 19.30 -10.51
CA LYS C 551 15.83 18.87 -11.57
C LYS C 551 15.33 17.62 -12.27
N GLU C 552 14.54 16.78 -11.60
CA GLU C 552 13.93 15.64 -12.28
C GLU C 552 12.80 16.08 -13.20
N VAL C 553 12.11 17.16 -12.84
CA VAL C 553 11.12 17.75 -13.73
C VAL C 553 11.78 18.20 -15.03
N LEU C 554 12.86 18.97 -14.90
CA LEU C 554 13.61 19.37 -16.09
C LEU C 554 14.20 18.18 -16.81
N THR C 555 14.57 17.13 -16.07
CA THR C 555 15.07 15.91 -16.69
C THR C 555 14.03 15.29 -17.61
N VAL C 556 12.82 15.09 -17.10
CA VAL C 556 11.79 14.46 -17.91
C VAL C 556 11.34 15.38 -19.03
N LEU C 557 11.31 16.70 -18.78
CA LEU C 557 11.03 17.64 -19.85
C LEU C 557 12.05 17.53 -20.97
N LEU C 558 13.33 17.41 -20.61
CA LEU C 558 14.36 17.20 -21.62
C LEU C 558 14.13 15.91 -22.37
N GLN C 559 14.03 14.79 -21.64
CA GLN C 559 13.82 13.50 -22.27
C GLN C 559 12.57 13.48 -23.14
N LEU C 560 11.66 14.44 -22.94
CA LEU C 560 10.63 14.69 -23.93
C LEU C 560 11.19 15.45 -25.13
N MET C 561 11.69 16.66 -24.89
CA MET C 561 11.93 17.61 -25.98
C MET C 561 12.95 17.06 -26.97
N ASP C 562 13.99 16.40 -26.48
CA ASP C 562 14.93 15.76 -27.38
C ASP C 562 14.24 14.74 -28.26
N ASP C 563 13.57 13.78 -27.64
CA ASP C 563 12.99 12.64 -28.34
C ASP C 563 11.61 12.93 -28.92
N GLY C 564 11.03 14.08 -28.61
CA GLY C 564 9.63 14.26 -28.99
C GLY C 564 8.72 13.24 -28.38
N ARG C 565 9.08 12.70 -27.22
CA ARG C 565 8.35 11.64 -26.55
C ARG C 565 8.98 11.45 -25.18
N ILE C 566 8.15 11.11 -24.19
CA ILE C 566 8.62 10.99 -22.81
C ILE C 566 7.78 9.94 -22.09
N THR C 567 8.43 9.20 -21.20
CA THR C 567 7.72 8.27 -20.32
C THR C 567 6.72 9.02 -19.45
N ASP C 568 5.73 8.28 -18.95
CA ASP C 568 4.79 8.79 -17.97
C ASP C 568 4.74 7.85 -16.76
N GLY C 569 4.19 8.36 -15.66
CA GLY C 569 4.03 7.52 -14.49
C GLY C 569 3.10 6.34 -14.72
N GLN C 570 2.27 6.41 -15.75
CA GLN C 570 1.36 5.32 -16.07
C GLN C 570 2.04 4.17 -16.79
N GLY C 571 3.21 4.39 -17.38
CA GLY C 571 3.90 3.33 -18.08
C GLY C 571 3.79 3.41 -19.60
N ARG C 572 3.97 4.60 -20.16
CA ARG C 572 3.90 4.77 -21.61
C ARG C 572 4.65 6.02 -22.02
N VAL C 573 5.00 6.10 -23.29
CA VAL C 573 5.75 7.22 -23.85
C VAL C 573 4.90 7.87 -24.94
N VAL C 574 4.40 9.06 -24.64
CA VAL C 574 3.46 9.75 -25.52
C VAL C 574 4.17 10.26 -26.75
N ASP C 575 3.41 10.67 -27.76
CA ASP C 575 3.95 11.31 -28.96
C ASP C 575 3.90 12.83 -28.80
N ALA C 576 4.88 13.50 -29.41
CA ALA C 576 4.96 14.96 -29.33
C ALA C 576 5.36 15.59 -30.65
N LYS C 577 5.16 14.90 -31.78
CA LYS C 577 5.63 15.38 -33.07
C LYS C 577 4.93 16.65 -33.54
N ASN C 578 4.03 17.22 -32.75
CA ASN C 578 3.44 18.50 -33.09
C ASN C 578 3.38 19.43 -31.88
N CYS C 579 4.31 19.27 -30.95
CA CYS C 579 4.37 20.11 -29.76
C CYS C 579 5.42 21.19 -29.97
N ILE C 580 5.49 22.11 -29.02
CA ILE C 580 6.48 23.18 -29.01
C ILE C 580 6.87 23.46 -27.56
N VAL C 581 8.17 23.44 -27.30
CA VAL C 581 8.69 23.61 -25.96
C VAL C 581 8.79 25.10 -25.65
N VAL C 582 8.38 25.48 -24.44
CA VAL C 582 8.35 26.89 -24.06
C VAL C 582 8.79 27.00 -22.60
N MET C 583 9.96 27.58 -22.37
CA MET C 583 10.40 27.98 -21.05
C MET C 583 10.49 29.50 -21.01
N THR C 584 10.04 30.09 -19.91
CA THR C 584 9.85 31.54 -19.83
C THR C 584 10.30 32.07 -18.48
N SER C 585 11.16 33.07 -18.49
CA SER C 585 11.64 33.74 -17.28
C SER C 585 12.39 35.00 -17.69
N ASN C 586 12.75 35.80 -16.68
CA ASN C 586 13.52 37.02 -16.88
C ASN C 586 14.63 37.10 -15.83
N LEU C 587 15.38 36.01 -15.67
CA LEU C 587 16.43 35.90 -14.66
C LEU C 587 17.56 36.90 -14.85
N GLY C 588 17.67 37.54 -16.01
CA GLY C 588 18.73 38.50 -16.23
C GLY C 588 18.28 39.74 -16.95
N ALA C 589 16.95 39.89 -17.09
CA ALA C 589 16.39 41.03 -17.81
C ALA C 589 16.69 42.34 -17.11
N GLU C 590 16.93 42.32 -15.81
CA GLU C 590 17.21 43.55 -15.07
C GLU C 590 18.53 44.19 -15.51
N TYR C 591 19.34 43.46 -16.28
CA TYR C 591 20.59 44.03 -16.78
C TYR C 591 20.36 45.19 -17.74
N LEU C 592 19.11 45.45 -18.13
CA LEU C 592 18.80 46.22 -19.32
C LEU C 592 18.14 47.55 -18.96
N SER C 593 18.17 48.46 -19.93
CA SER C 593 17.49 49.74 -19.89
C SER C 593 16.48 49.80 -21.03
N ARG C 594 15.90 50.98 -21.24
CA ARG C 594 14.89 51.18 -22.27
C ARG C 594 15.57 51.43 -23.61
N ALA C 595 16.44 50.50 -23.99
CA ALA C 595 17.19 50.61 -25.24
C ALA C 595 17.31 49.27 -25.95
N ILE C 603 21.39 46.19 -29.67
CA ILE C 603 21.26 46.13 -28.23
C ILE C 603 22.49 45.44 -27.66
N ASP C 604 22.96 45.92 -26.51
CA ASP C 604 24.25 45.54 -25.95
C ASP C 604 24.40 44.02 -25.83
N PRO C 605 25.37 43.41 -26.52
CA PRO C 605 25.55 41.96 -26.40
C PRO C 605 26.13 41.52 -25.06
N THR C 606 26.77 42.43 -24.32
CA THR C 606 27.42 42.02 -23.07
C THR C 606 26.41 41.59 -22.02
N THR C 607 25.51 42.51 -21.63
CA THR C 607 24.39 42.13 -20.79
C THR C 607 23.67 40.92 -21.36
N ARG C 608 23.50 40.92 -22.68
CA ARG C 608 22.99 39.74 -23.37
C ARG C 608 23.89 38.52 -23.12
N GLU C 609 25.20 38.67 -23.35
CA GLU C 609 26.11 37.57 -23.05
C GLU C 609 26.18 37.29 -21.55
N LEU C 610 25.98 38.31 -20.72
CA LEU C 610 25.94 38.08 -19.28
C LEU C 610 24.82 37.11 -18.93
N VAL C 611 23.62 37.36 -19.45
CA VAL C 611 22.53 36.41 -19.26
C VAL C 611 22.88 35.06 -19.88
N MET C 612 23.55 35.07 -21.04
CA MET C 612 23.97 33.84 -21.67
C MET C 612 24.72 32.96 -20.67
N ASN C 613 25.71 33.55 -20.00
CA ASN C 613 26.46 32.81 -18.98
C ASN C 613 25.56 32.45 -17.80
N THR C 614 24.91 33.44 -17.20
CA THR C 614 24.12 33.22 -15.99
C THR C 614 22.96 32.28 -16.21
N LEU C 615 22.71 31.85 -17.44
CA LEU C 615 21.71 30.83 -17.73
C LEU C 615 22.31 29.51 -18.19
N ARG C 616 23.30 29.53 -19.07
CA ARG C 616 23.96 28.28 -19.45
C ARG C 616 24.59 27.60 -18.25
N ASN C 617 24.97 28.37 -17.24
CA ASN C 617 25.47 27.78 -16.00
C ASN C 617 24.41 26.91 -15.34
N TYR C 618 23.15 27.35 -15.37
CA TYR C 618 22.11 26.74 -14.54
C TYR C 618 21.99 25.24 -14.70
N PHE C 619 22.39 24.69 -15.85
CA PHE C 619 22.30 23.26 -16.08
C PHE C 619 23.46 22.84 -16.96
N LEU C 620 23.35 21.66 -17.53
CA LEU C 620 24.11 21.30 -18.72
C LEU C 620 23.80 22.35 -19.77
N PRO C 621 24.78 23.15 -20.19
CA PRO C 621 24.52 24.10 -21.26
C PRO C 621 24.02 23.39 -22.52
N GLU C 622 24.31 22.09 -22.62
CA GLU C 622 23.75 21.29 -23.71
C GLU C 622 22.26 21.07 -23.52
N PHE C 623 21.80 20.99 -22.27
CA PHE C 623 20.36 21.00 -22.00
C PHE C 623 19.71 22.24 -22.58
N LEU C 624 20.41 23.38 -22.55
CA LEU C 624 19.95 24.55 -23.27
C LEU C 624 20.28 24.47 -24.76
N ASN C 625 21.17 23.57 -25.15
CA ASN C 625 21.59 23.43 -26.53
C ASN C 625 20.85 22.33 -27.26
N ARG C 626 19.79 21.80 -26.67
CA ARG C 626 18.78 21.09 -27.43
C ARG C 626 17.59 21.97 -27.72
N ILE C 627 17.50 23.13 -27.05
CA ILE C 627 16.53 24.15 -27.44
C ILE C 627 16.76 24.55 -28.88
N SER C 628 15.67 24.77 -29.60
CA SER C 628 15.79 25.10 -31.02
C SER C 628 16.51 26.43 -31.22
N SER C 629 16.61 27.26 -30.20
CA SER C 629 17.24 28.58 -30.36
C SER C 629 17.63 29.11 -28.99
N ILE C 630 18.02 30.38 -28.98
CA ILE C 630 18.33 31.15 -27.78
C ILE C 630 17.82 32.55 -28.01
N VAL C 631 16.88 33.00 -27.19
CA VAL C 631 16.13 34.21 -27.48
C VAL C 631 15.92 35.00 -26.20
N ILE C 632 15.99 36.32 -26.33
CA ILE C 632 15.87 37.26 -25.21
C ILE C 632 14.72 38.21 -25.49
N PHE C 633 14.50 39.17 -24.61
CA PHE C 633 13.54 40.24 -24.83
C PHE C 633 14.18 41.56 -24.44
N ASN C 634 13.40 42.63 -24.36
CA ASN C 634 13.94 43.94 -24.06
C ASN C 634 12.94 44.75 -23.27
N ARG C 635 13.29 46.01 -23.02
CA ARG C 635 12.39 47.00 -22.47
C ARG C 635 11.98 47.91 -23.61
N LEU C 636 10.69 47.88 -23.94
CA LEU C 636 10.21 48.52 -25.15
C LEU C 636 10.59 49.99 -25.18
N THR C 637 10.83 50.51 -26.38
CA THR C 637 11.10 51.93 -26.54
C THR C 637 9.86 52.72 -26.18
N ARG C 638 10.08 53.89 -25.57
CA ARG C 638 8.99 54.81 -25.25
C ARG C 638 8.04 54.96 -26.43
N ARG C 639 8.59 55.07 -27.63
CA ARG C 639 7.76 55.25 -28.81
C ARG C 639 6.93 54.00 -29.10
N GLU C 640 7.55 52.83 -29.06
CA GLU C 640 6.76 51.63 -29.29
C GLU C 640 5.93 51.26 -28.08
N ILE C 641 6.35 51.69 -26.89
CA ILE C 641 5.44 51.69 -25.75
C ILE C 641 4.15 52.39 -26.13
N ARG C 642 4.26 53.65 -26.55
CA ARG C 642 3.10 54.40 -27.01
C ARG C 642 2.39 53.70 -28.15
N LYS C 643 3.13 52.96 -28.96
CA LYS C 643 2.51 52.21 -30.06
C LYS C 643 1.54 51.17 -29.52
N ILE C 644 2.00 50.34 -28.59
CA ILE C 644 1.11 49.33 -28.03
C ILE C 644 -0.01 50.00 -27.22
N VAL C 645 0.27 51.18 -26.67
CA VAL C 645 -0.81 51.99 -26.08
C VAL C 645 -1.87 52.29 -27.11
N ASP C 646 -1.45 52.76 -28.29
CA ASP C 646 -2.38 53.06 -29.36
C ASP C 646 -3.17 51.81 -29.76
N LEU C 647 -2.48 50.68 -29.86
CA LEU C 647 -3.16 49.41 -30.09
C LEU C 647 -4.25 49.21 -29.05
N ARG C 648 -3.91 49.42 -27.78
CA ARG C 648 -4.87 49.26 -26.71
C ARG C 648 -6.08 50.14 -26.93
N ILE C 649 -5.87 51.47 -26.99
CA ILE C 649 -6.97 52.40 -27.17
C ILE C 649 -7.77 52.06 -28.40
N ALA C 650 -7.15 51.43 -29.39
CA ALA C 650 -7.88 51.01 -30.57
C ALA C 650 -8.85 49.89 -30.23
N GLU C 651 -8.36 48.83 -29.56
CA GLU C 651 -9.28 47.78 -29.16
C GLU C 651 -10.33 48.30 -28.19
N ILE C 652 -10.01 49.37 -27.47
CA ILE C 652 -10.98 49.94 -26.54
C ILE C 652 -12.09 50.65 -27.30
N GLN C 653 -11.71 51.46 -28.30
CA GLN C 653 -12.71 52.05 -29.18
C GLN C 653 -13.50 50.97 -29.88
N LYS C 654 -12.86 49.84 -30.20
CA LYS C 654 -13.57 48.69 -30.72
C LYS C 654 -14.66 48.25 -29.76
N ARG C 655 -14.27 47.94 -28.52
CA ARG C 655 -15.23 47.59 -27.48
C ARG C 655 -16.37 48.60 -27.40
N LEU C 656 -16.03 49.88 -27.52
CA LEU C 656 -17.05 50.93 -27.54
C LEU C 656 -18.03 50.67 -28.68
N THR C 657 -17.50 50.46 -29.88
CA THR C 657 -18.35 50.23 -31.05
C THR C 657 -19.13 48.93 -30.94
N ASP C 658 -18.71 48.00 -30.08
CA ASP C 658 -19.44 46.75 -29.91
C ASP C 658 -20.88 47.02 -29.48
N ASN C 659 -21.05 47.92 -28.53
CA ASN C 659 -22.38 48.37 -28.15
C ASN C 659 -22.74 49.63 -28.93
N ASP C 660 -24.04 49.84 -29.12
CA ASP C 660 -24.50 50.94 -29.96
C ASP C 660 -24.09 52.31 -29.43
N ARG C 661 -23.63 52.40 -28.19
CA ARG C 661 -23.07 53.65 -27.69
C ARG C 661 -21.77 53.93 -28.42
N ASN C 662 -21.75 55.00 -29.21
CA ASN C 662 -20.63 55.34 -30.07
C ASN C 662 -20.03 56.66 -29.61
N VAL C 663 -18.75 56.63 -29.25
CA VAL C 663 -18.03 57.80 -28.76
C VAL C 663 -16.59 57.65 -29.22
N THR C 664 -15.97 58.76 -29.59
CA THR C 664 -14.66 58.75 -30.23
C THR C 664 -13.56 58.86 -29.17
N ILE C 665 -12.83 57.76 -28.97
CA ILE C 665 -11.59 57.83 -28.19
C ILE C 665 -10.64 58.79 -28.87
N LYS C 666 -10.31 59.88 -28.20
CA LYS C 666 -9.30 60.82 -28.68
C LYS C 666 -8.17 60.85 -27.64
N VAL C 667 -7.29 59.86 -27.72
CA VAL C 667 -6.18 59.77 -26.78
C VAL C 667 -5.12 60.77 -27.20
N SER C 668 -4.97 61.83 -26.41
CA SER C 668 -3.89 62.76 -26.67
C SER C 668 -2.55 62.05 -26.52
N ASP C 669 -1.65 62.33 -27.45
CA ASP C 669 -0.25 61.93 -27.30
C ASP C 669 0.28 62.32 -25.93
N GLU C 670 -0.20 63.42 -25.37
CA GLU C 670 0.16 63.77 -24.00
C GLU C 670 -0.34 62.74 -23.01
N ALA C 671 -1.64 62.44 -23.04
CA ALA C 671 -2.18 61.37 -22.21
C ALA C 671 -1.53 60.05 -22.54
N LYS C 672 -1.20 59.83 -23.81
CA LYS C 672 -0.52 58.62 -24.23
C LYS C 672 0.79 58.45 -23.46
N ASP C 673 1.70 59.41 -23.61
CA ASP C 673 2.95 59.42 -22.85
C ASP C 673 2.70 59.28 -21.36
N LYS C 674 1.71 60.01 -20.85
CA LYS C 674 1.44 60.00 -19.42
C LYS C 674 1.16 58.59 -18.93
N LEU C 675 0.10 57.98 -19.46
CA LEU C 675 -0.27 56.65 -19.04
C LEU C 675 0.88 55.68 -19.26
N GLY C 676 1.52 55.73 -20.42
CA GLY C 676 2.59 54.81 -20.73
C GLY C 676 3.69 54.86 -19.71
N ALA C 677 4.33 56.03 -19.59
CA ALA C 677 5.40 56.20 -18.62
C ALA C 677 4.95 55.80 -17.22
N GLN C 678 3.73 56.17 -16.83
CA GLN C 678 3.23 55.84 -15.51
C GLN C 678 3.26 54.33 -15.30
N GLY C 679 2.46 53.62 -16.08
CA GLY C 679 2.38 52.18 -15.93
C GLY C 679 3.64 51.46 -16.31
N TYR C 680 4.54 52.10 -17.06
CA TYR C 680 5.81 51.47 -17.35
C TYR C 680 6.56 51.22 -16.06
N SER C 681 6.76 49.94 -15.75
CA SER C 681 7.46 49.57 -14.53
C SER C 681 8.51 48.51 -14.85
N PRO C 682 9.63 48.50 -14.13
CA PRO C 682 10.70 47.54 -14.44
C PRO C 682 10.34 46.09 -14.20
N VAL C 683 9.10 45.77 -13.82
CA VAL C 683 8.73 44.40 -13.51
C VAL C 683 8.12 43.71 -14.73
N TYR C 684 7.02 44.26 -15.25
CA TYR C 684 6.33 43.69 -16.40
C TYR C 684 6.21 44.69 -17.54
N GLY C 685 7.12 45.65 -17.60
CA GLY C 685 6.90 46.79 -18.47
C GLY C 685 5.69 47.55 -17.99
N ALA C 686 4.60 47.47 -18.75
CA ALA C 686 3.37 48.16 -18.39
C ALA C 686 2.13 47.31 -18.65
N ARG C 687 2.29 45.98 -18.67
CA ARG C 687 1.11 45.12 -18.82
C ARG C 687 0.05 45.38 -17.77
N PRO C 688 0.36 45.51 -16.48
CA PRO C 688 -0.67 45.96 -15.54
C PRO C 688 -1.22 47.32 -15.91
N LEU C 689 -0.40 48.17 -16.52
CA LEU C 689 -0.90 49.46 -16.97
C LEU C 689 -2.07 49.30 -17.92
N GLN C 690 -2.13 48.19 -18.65
CA GLN C 690 -3.31 47.95 -19.47
C GLN C 690 -4.58 48.10 -18.64
N ARG C 691 -4.68 47.31 -17.57
CA ARG C 691 -5.83 47.45 -16.68
C ARG C 691 -5.87 48.82 -16.02
N LEU C 692 -4.71 49.40 -15.76
CA LEU C 692 -4.70 50.72 -15.11
C LEU C 692 -5.38 51.76 -15.96
N LEU C 693 -4.84 52.01 -17.16
CA LEU C 693 -5.48 52.90 -18.10
C LEU C 693 -6.91 52.49 -18.38
N GLU C 694 -7.19 51.19 -18.38
CA GLU C 694 -8.57 50.74 -18.55
C GLU C 694 -9.46 51.29 -17.47
N LYS C 695 -9.02 51.16 -16.22
CA LYS C 695 -9.73 51.79 -15.11
C LYS C 695 -9.85 53.28 -15.36
N GLU C 696 -8.79 53.89 -15.87
CA GLU C 696 -8.79 55.33 -16.08
C GLU C 696 -9.85 55.73 -17.09
N VAL C 697 -10.11 54.89 -18.08
CA VAL C 697 -11.01 55.30 -19.15
C VAL C 697 -12.40 54.72 -18.90
N LEU C 698 -12.49 53.38 -18.89
CA LEU C 698 -13.77 52.70 -18.71
C LEU C 698 -14.59 53.34 -17.60
N ASN C 699 -13.95 53.63 -16.47
CA ASN C 699 -14.66 54.27 -15.36
C ASN C 699 -15.31 55.57 -15.81
N ARG C 700 -14.51 56.51 -16.30
CA ARG C 700 -15.03 57.84 -16.61
C ARG C 700 -16.04 57.77 -17.74
N LEU C 701 -15.71 57.02 -18.80
CA LEU C 701 -16.61 56.93 -19.93
C LEU C 701 -17.94 56.33 -19.52
N ALA C 702 -17.93 55.27 -18.71
CA ALA C 702 -19.18 54.69 -18.26
C ALA C 702 -19.92 55.61 -17.31
N ILE C 703 -19.18 56.37 -16.51
CA ILE C 703 -19.79 57.38 -15.65
C ILE C 703 -20.62 58.34 -16.49
N LEU C 704 -19.99 58.94 -17.49
CA LEU C 704 -20.69 59.86 -18.39
C LEU C 704 -21.71 59.14 -19.26
N ILE C 705 -21.56 57.83 -19.44
CA ILE C 705 -22.53 57.05 -20.21
C ILE C 705 -23.83 56.91 -19.43
N LEU C 706 -23.72 56.55 -18.16
CA LEU C 706 -24.89 56.38 -17.31
C LEU C 706 -25.32 57.66 -16.64
N ARG C 707 -24.61 58.76 -16.88
CA ARG C 707 -25.01 60.07 -16.38
C ARG C 707 -25.73 60.91 -17.43
N GLY C 708 -25.43 60.70 -18.71
CA GLY C 708 -26.02 61.50 -19.76
C GLY C 708 -25.23 62.76 -20.01
N GLN C 709 -23.92 62.62 -20.20
CA GLN C 709 -23.04 63.75 -20.48
C GLN C 709 -22.47 63.69 -21.88
N ILE C 710 -21.81 62.61 -22.26
CA ILE C 710 -21.27 62.42 -23.59
C ILE C 710 -22.21 61.47 -24.32
N ARG C 711 -22.96 62.00 -25.29
CA ARG C 711 -23.95 61.22 -26.01
C ARG C 711 -23.28 60.45 -27.15
N GLU C 712 -24.11 59.85 -28.01
CA GLU C 712 -23.60 59.11 -29.17
C GLU C 712 -22.78 60.01 -30.08
N GLY C 713 -21.60 59.52 -30.45
CA GLY C 713 -20.74 60.28 -31.35
C GLY C 713 -19.97 61.37 -30.64
N GLU C 714 -20.58 61.96 -29.61
CA GLU C 714 -19.94 63.03 -28.87
C GLU C 714 -18.55 62.60 -28.41
N VAL C 715 -17.62 63.54 -28.50
CA VAL C 715 -16.20 63.23 -28.47
C VAL C 715 -15.77 62.76 -27.08
N ALA C 716 -14.79 61.87 -27.05
CA ALA C 716 -14.04 61.55 -25.85
C ALA C 716 -12.60 61.98 -26.09
N CYS C 717 -12.31 63.26 -25.82
CA CYS C 717 -10.94 63.76 -25.88
C CYS C 717 -10.21 63.21 -24.67
N VAL C 718 -9.46 62.13 -24.87
CA VAL C 718 -8.67 61.54 -23.78
C VAL C 718 -7.45 62.42 -23.63
N GLU C 719 -7.55 63.41 -22.75
CA GLU C 719 -6.56 64.49 -22.68
C GLU C 719 -5.96 64.51 -21.28
N LEU C 720 -4.70 64.88 -21.21
CA LEU C 720 -3.96 64.96 -19.94
C LEU C 720 -4.04 66.39 -19.43
N VAL C 721 -4.74 66.59 -18.31
CA VAL C 721 -4.92 67.90 -17.72
C VAL C 721 -4.19 67.94 -16.37
N ASP C 722 -3.17 68.79 -16.28
CA ASP C 722 -2.43 69.04 -15.04
C ASP C 722 -1.83 67.74 -14.49
N GLY C 723 -1.09 67.03 -15.33
CA GLY C 723 -0.45 65.81 -14.89
C GLY C 723 -1.40 64.72 -14.42
N LYS C 724 -2.67 64.82 -14.77
CA LYS C 724 -3.66 63.80 -14.46
C LYS C 724 -4.62 63.71 -15.64
N VAL C 725 -4.48 62.66 -16.44
CA VAL C 725 -5.36 62.49 -17.60
C VAL C 725 -6.81 62.48 -17.13
N GLN C 726 -7.66 63.12 -17.92
CA GLN C 726 -9.08 63.18 -17.60
C GLN C 726 -9.85 63.58 -18.85
N VAL C 727 -10.92 62.85 -19.13
CA VAL C 727 -11.80 63.19 -20.23
C VAL C 727 -12.65 64.39 -19.82
N LEU C 728 -12.60 65.45 -20.61
CA LEU C 728 -13.41 66.62 -20.35
C LEU C 728 -14.88 66.26 -20.53
N PRO C 729 -15.71 66.39 -19.50
CA PRO C 729 -17.14 66.08 -19.66
C PRO C 729 -17.77 66.97 -20.70
N ASN C 730 -18.31 66.34 -21.75
CA ASN C 730 -18.77 67.09 -22.91
C ASN C 730 -19.98 67.97 -22.56
N HIS C 731 -20.92 67.44 -21.81
CA HIS C 731 -22.09 68.20 -21.37
C HIS C 731 -22.28 67.98 -19.87
N PRO C 732 -21.97 68.98 -19.05
CA PRO C 732 -22.14 68.80 -17.60
C PRO C 732 -23.58 68.53 -17.23
N ASP C 733 -23.76 67.84 -16.11
CA ASP C 733 -25.08 67.44 -15.64
C ASP C 733 -25.88 68.66 -15.19
N ASN D 15 -16.97 -39.32 -7.36
CA ASN D 15 -16.16 -39.23 -8.56
C ASN D 15 -16.26 -37.85 -9.19
N LEU D 16 -15.78 -36.83 -8.47
CA LEU D 16 -15.77 -35.46 -8.97
C LEU D 16 -14.63 -35.29 -9.97
N SER D 17 -14.76 -36.01 -11.09
CA SER D 17 -13.78 -35.89 -12.17
C SER D 17 -13.97 -34.63 -12.98
N LYS D 18 -14.95 -33.80 -12.63
CA LYS D 18 -15.04 -32.45 -13.17
C LYS D 18 -13.72 -31.71 -13.09
N PHE D 19 -12.93 -31.99 -12.04
CA PHE D 19 -11.62 -31.38 -11.90
C PHE D 19 -10.48 -32.36 -12.05
N CYS D 20 -10.74 -33.66 -11.95
CA CYS D 20 -9.71 -34.64 -12.24
C CYS D 20 -9.40 -34.63 -13.73
N ILE D 21 -8.14 -34.44 -14.07
CA ILE D 21 -7.67 -34.36 -15.46
C ILE D 21 -6.38 -35.16 -15.55
N ASP D 22 -6.46 -36.35 -16.15
CA ASP D 22 -5.31 -37.24 -16.14
C ASP D 22 -4.33 -36.88 -17.25
N MET D 23 -3.05 -36.91 -16.88
CA MET D 23 -1.98 -36.82 -17.86
C MET D 23 -1.60 -38.18 -18.41
N THR D 24 -1.51 -39.19 -17.53
CA THR D 24 -1.19 -40.54 -17.98
C THR D 24 -2.11 -41.01 -19.09
N ALA D 25 -3.30 -40.43 -19.20
CA ALA D 25 -4.16 -40.76 -20.32
C ALA D 25 -3.49 -40.39 -21.62
N MET D 26 -3.29 -39.09 -21.84
CA MET D 26 -2.61 -38.63 -23.05
C MET D 26 -1.28 -39.34 -23.24
N ALA D 27 -0.61 -39.66 -22.14
CA ALA D 27 0.55 -40.54 -22.21
C ALA D 27 0.19 -41.84 -22.93
N ARG D 28 -0.90 -42.48 -22.52
CA ARG D 28 -1.24 -43.79 -23.07
C ARG D 28 -1.55 -43.71 -24.57
N GLU D 29 -1.66 -42.51 -25.13
CA GLU D 29 -1.82 -42.36 -26.56
C GLU D 29 -0.72 -41.54 -27.19
N GLY D 30 0.41 -41.38 -26.50
CA GLY D 30 1.51 -40.60 -27.03
C GLY D 30 1.12 -39.17 -27.35
N LYS D 31 0.01 -38.72 -26.78
CA LYS D 31 -0.50 -37.39 -27.09
C LYS D 31 0.39 -36.28 -26.56
N ILE D 32 1.51 -36.61 -25.94
CA ILE D 32 2.58 -35.66 -25.64
C ILE D 32 3.89 -36.26 -26.11
N ASP D 33 4.63 -35.49 -26.88
CA ASP D 33 5.90 -35.92 -27.46
C ASP D 33 6.85 -36.38 -26.36
N PRO D 34 7.91 -37.10 -26.70
CA PRO D 34 8.93 -37.41 -25.71
C PRO D 34 9.64 -36.15 -25.26
N VAL D 35 10.54 -36.32 -24.32
CA VAL D 35 11.29 -35.21 -23.76
C VAL D 35 12.73 -35.65 -23.63
N ILE D 36 13.64 -34.68 -23.69
CA ILE D 36 15.05 -35.01 -23.80
C ILE D 36 15.79 -34.40 -22.63
N GLY D 37 16.94 -34.99 -22.31
CA GLY D 37 17.76 -34.56 -21.21
C GLY D 37 16.94 -34.54 -19.94
N ARG D 38 17.34 -33.66 -19.03
CA ARG D 38 16.58 -33.37 -17.82
C ARG D 38 16.35 -34.61 -16.96
N GLU D 39 17.00 -35.73 -17.29
CA GLU D 39 16.63 -36.99 -16.68
C GLU D 39 17.04 -37.05 -15.21
N GLU D 40 18.28 -36.67 -14.91
CA GLU D 40 18.73 -36.65 -13.52
C GLU D 40 17.77 -35.89 -12.65
N GLU D 41 17.21 -34.80 -13.18
CA GLU D 41 16.15 -34.10 -12.48
C GLU D 41 15.04 -35.05 -12.12
N ILE D 42 14.53 -35.76 -13.12
CA ILE D 42 13.43 -36.70 -12.91
C ILE D 42 13.78 -37.67 -11.79
N ARG D 43 14.98 -38.24 -11.85
CA ARG D 43 15.37 -39.22 -10.85
C ARG D 43 15.38 -38.60 -9.47
N ARG D 44 15.91 -37.39 -9.36
CA ARG D 44 15.86 -36.67 -8.08
C ARG D 44 14.42 -36.54 -7.60
N VAL D 45 13.52 -36.14 -8.50
CA VAL D 45 12.12 -36.01 -8.15
C VAL D 45 11.59 -37.31 -7.59
N ILE D 46 11.89 -38.40 -8.29
CA ILE D 46 11.48 -39.72 -7.81
C ILE D 46 11.94 -39.93 -6.38
N ARG D 47 13.24 -39.75 -6.16
CA ARG D 47 13.79 -39.89 -4.81
C ARG D 47 12.97 -39.11 -3.81
N ILE D 48 12.79 -37.83 -4.07
CA ILE D 48 12.06 -36.98 -3.14
C ILE D 48 10.66 -37.55 -2.88
N LEU D 49 10.00 -37.99 -3.94
CA LEU D 49 8.68 -38.57 -3.78
C LEU D 49 8.71 -39.78 -2.88
N SER D 50 9.82 -40.52 -2.90
CA SER D 50 9.92 -41.70 -2.06
C SER D 50 10.11 -41.34 -0.59
N ARG D 51 10.73 -40.19 -0.31
CA ARG D 51 11.21 -39.92 1.05
C ARG D 51 10.05 -39.91 2.04
N ARG D 52 10.39 -40.07 3.31
CA ARG D 52 9.41 -40.06 4.37
C ARG D 52 9.22 -38.68 4.99
N THR D 53 10.12 -37.74 4.72
CA THR D 53 10.04 -36.47 5.42
C THR D 53 9.07 -35.52 4.73
N LYS D 54 9.34 -35.21 3.47
CA LYS D 54 8.49 -34.34 2.68
C LYS D 54 8.50 -34.89 1.26
N ASN D 55 7.56 -35.78 0.97
CA ASN D 55 7.49 -36.38 -0.36
C ASN D 55 7.42 -35.33 -1.44
N ASN D 56 6.71 -34.25 -1.18
CA ASN D 56 6.38 -33.26 -2.20
C ASN D 56 7.58 -32.38 -2.49
N PRO D 57 8.21 -32.56 -3.64
CA PRO D 57 9.31 -31.69 -4.04
C PRO D 57 8.79 -30.39 -4.61
N VAL D 58 9.69 -29.46 -4.86
CA VAL D 58 9.33 -28.17 -5.42
C VAL D 58 10.27 -27.83 -6.57
N LEU D 59 9.72 -27.17 -7.59
CA LEU D 59 10.49 -26.72 -8.74
C LEU D 59 10.56 -25.21 -8.77
N ILE D 60 11.65 -24.69 -9.33
CA ILE D 60 11.82 -23.27 -9.55
C ILE D 60 12.44 -23.06 -10.92
N GLY D 61 11.87 -22.14 -11.68
CA GLY D 61 12.37 -21.87 -13.02
C GLY D 61 11.64 -20.70 -13.65
N GLU D 62 11.87 -20.54 -14.94
CA GLU D 62 11.25 -19.45 -15.67
C GLU D 62 9.88 -19.86 -16.17
N PRO D 63 9.03 -18.89 -16.54
CA PRO D 63 7.63 -19.20 -16.79
C PRO D 63 7.43 -20.27 -17.86
N GLY D 64 6.59 -21.26 -17.53
CA GLY D 64 6.12 -22.26 -18.47
C GLY D 64 7.19 -22.90 -19.32
N VAL D 65 8.44 -22.89 -18.84
CA VAL D 65 9.56 -23.29 -19.69
C VAL D 65 9.64 -24.79 -19.84
N GLY D 66 8.60 -25.50 -19.45
CA GLY D 66 8.62 -26.93 -19.53
C GLY D 66 8.74 -27.61 -18.19
N LYS D 67 8.61 -26.86 -17.10
CA LYS D 67 8.33 -27.51 -15.84
C LYS D 67 7.24 -28.56 -16.03
N THR D 68 6.12 -28.13 -16.59
CA THR D 68 5.07 -29.06 -16.99
C THR D 68 5.63 -30.24 -17.77
N THR D 69 6.56 -29.98 -18.69
CA THR D 69 7.13 -31.07 -19.47
C THR D 69 7.82 -32.06 -18.57
N ILE D 70 8.49 -31.59 -17.53
CA ILE D 70 9.19 -32.52 -16.65
C ILE D 70 8.20 -33.43 -15.96
N VAL D 71 7.13 -32.85 -15.43
CA VAL D 71 6.06 -33.64 -14.81
C VAL D 71 5.56 -34.70 -15.78
N GLU D 72 5.09 -34.26 -16.94
CA GLU D 72 4.46 -35.20 -17.86
C GLU D 72 5.45 -36.24 -18.35
N GLY D 73 6.73 -35.89 -18.49
CA GLY D 73 7.71 -36.87 -18.91
C GLY D 73 7.96 -37.89 -17.81
N LEU D 74 7.97 -37.45 -16.56
CA LEU D 74 7.96 -38.40 -15.46
C LEU D 74 6.81 -39.37 -15.62
N ALA D 75 5.62 -38.84 -15.89
CA ALA D 75 4.47 -39.72 -16.10
C ALA D 75 4.70 -40.67 -17.26
N GLN D 76 5.38 -40.18 -18.30
CA GLN D 76 5.71 -41.03 -19.44
C GLN D 76 6.57 -42.18 -19.00
N ARG D 77 7.67 -41.88 -18.31
CA ARG D 77 8.47 -42.91 -17.68
C ARG D 77 7.58 -43.89 -16.93
N ILE D 78 6.60 -43.38 -16.20
CA ILE D 78 5.69 -44.23 -15.45
C ILE D 78 5.03 -45.24 -16.37
N VAL D 79 4.32 -44.76 -17.40
CA VAL D 79 3.47 -45.64 -18.18
C VAL D 79 4.25 -46.78 -18.82
N ASN D 80 5.56 -46.66 -18.91
CA ASN D 80 6.36 -47.68 -19.59
C ASN D 80 7.39 -48.33 -18.68
N ALA D 81 7.02 -48.55 -17.42
CA ALA D 81 7.68 -49.52 -16.55
C ALA D 81 9.18 -49.23 -16.41
N ASP D 82 9.47 -48.08 -15.79
CA ASP D 82 10.79 -47.81 -15.26
C ASP D 82 10.76 -47.36 -13.81
N VAL D 83 9.69 -46.69 -13.40
CA VAL D 83 9.49 -46.26 -12.02
C VAL D 83 9.43 -47.50 -11.13
N PRO D 84 9.59 -47.35 -9.83
CA PRO D 84 9.47 -48.51 -8.93
C PRO D 84 8.02 -48.78 -8.55
N ASP D 85 7.86 -49.80 -7.71
CA ASP D 85 6.54 -50.34 -7.39
C ASP D 85 5.63 -49.27 -6.79
N ASN D 86 6.07 -48.63 -5.71
CA ASN D 86 5.30 -47.54 -5.12
C ASN D 86 4.78 -46.59 -6.18
N LEU D 87 5.55 -46.37 -7.22
CA LEU D 87 5.11 -45.54 -8.32
C LEU D 87 4.36 -46.34 -9.37
N ALA D 88 4.73 -47.61 -9.53
CA ALA D 88 3.91 -48.49 -10.36
C ALA D 88 2.47 -48.50 -9.88
N ALA D 89 2.25 -48.29 -8.60
CA ALA D 89 0.93 -48.15 -8.03
C ALA D 89 0.46 -46.70 -7.96
N CYS D 90 1.07 -45.80 -8.71
CA CYS D 90 0.66 -44.41 -8.68
C CYS D 90 -0.26 -44.06 -9.84
N LYS D 91 -1.33 -43.34 -9.52
CA LYS D 91 -2.09 -42.60 -10.50
C LYS D 91 -1.75 -41.13 -10.35
N LEU D 92 -1.55 -40.46 -11.49
CA LEU D 92 -1.06 -39.10 -11.48
C LEU D 92 -1.78 -38.29 -12.55
N LEU D 93 -1.94 -37.00 -12.28
CA LEU D 93 -2.76 -36.15 -13.10
C LEU D 93 -2.48 -34.71 -12.70
N SER D 94 -2.91 -33.78 -13.55
CA SER D 94 -2.79 -32.37 -13.23
C SER D 94 -4.04 -31.91 -12.50
N LEU D 95 -4.13 -30.61 -12.27
CA LEU D 95 -5.16 -30.04 -11.42
C LEU D 95 -5.96 -28.99 -12.19
N ASP D 96 -7.27 -28.98 -11.96
CA ASP D 96 -8.12 -27.88 -12.39
C ASP D 96 -7.95 -26.69 -11.45
N VAL D 97 -6.71 -26.22 -11.37
CA VAL D 97 -6.37 -25.14 -10.44
C VAL D 97 -7.18 -23.89 -10.74
N GLY D 98 -7.01 -23.34 -11.94
CA GLY D 98 -7.75 -22.15 -12.31
C GLY D 98 -9.24 -22.34 -12.24
N ALA D 99 -9.72 -23.56 -12.53
CA ALA D 99 -11.14 -23.86 -12.41
C ALA D 99 -11.64 -23.55 -11.00
N LEU D 100 -10.91 -23.99 -9.98
CA LEU D 100 -11.33 -23.68 -8.63
C LEU D 100 -11.01 -22.23 -8.28
N VAL D 101 -10.06 -21.61 -9.00
CA VAL D 101 -9.88 -20.18 -8.86
C VAL D 101 -11.03 -19.44 -9.54
N ALA D 102 -11.68 -20.07 -10.51
CA ALA D 102 -12.76 -19.43 -11.24
C ALA D 102 -14.15 -19.84 -10.75
N GLY D 103 -14.23 -20.62 -9.68
CA GLY D 103 -15.53 -21.04 -9.16
C GLY D 103 -16.34 -19.89 -8.58
N SER D 104 -15.85 -19.31 -7.49
CA SER D 104 -16.52 -18.20 -6.84
C SER D 104 -15.46 -17.36 -6.13
N LYS D 105 -15.60 -16.03 -6.22
CA LYS D 105 -14.57 -15.14 -5.71
C LYS D 105 -14.40 -15.19 -4.20
N TYR D 106 -15.36 -15.78 -3.47
CA TYR D 106 -15.19 -16.03 -2.05
C TYR D 106 -14.85 -17.49 -1.82
N ARG D 107 -14.26 -17.76 -0.65
CA ARG D 107 -13.76 -19.10 -0.36
C ARG D 107 -14.87 -20.13 -0.46
N GLY D 108 -15.91 -19.99 0.36
CA GLY D 108 -17.21 -20.57 0.10
C GLY D 108 -17.26 -22.01 -0.39
N GLU D 109 -17.73 -22.18 -1.63
CA GLU D 109 -17.96 -23.50 -2.18
C GLU D 109 -16.72 -24.12 -2.80
N PHE D 110 -15.84 -23.34 -3.41
CA PHE D 110 -14.61 -23.95 -3.90
C PHE D 110 -13.77 -24.45 -2.74
N GLU D 111 -13.98 -23.91 -1.54
CA GLU D 111 -13.60 -24.64 -0.34
C GLU D 111 -14.24 -26.03 -0.34
N GLU D 112 -15.56 -26.08 -0.50
CA GLU D 112 -16.28 -27.34 -0.35
C GLU D 112 -16.00 -28.27 -1.52
N ARG D 113 -16.04 -27.76 -2.74
CA ARG D 113 -15.66 -28.59 -3.88
C ARG D 113 -14.21 -29.04 -3.75
N MET D 114 -13.35 -28.15 -3.26
CA MET D 114 -11.96 -28.50 -2.99
C MET D 114 -11.87 -29.65 -2.01
N LYS D 115 -12.69 -29.64 -0.98
CA LYS D 115 -12.71 -30.76 -0.04
C LYS D 115 -13.24 -32.02 -0.71
N GLY D 116 -14.32 -31.88 -1.49
CA GLY D 116 -14.91 -32.99 -2.19
C GLY D 116 -13.86 -33.75 -2.98
N VAL D 117 -13.16 -33.04 -3.86
CA VAL D 117 -12.08 -33.68 -4.60
C VAL D 117 -11.01 -34.18 -3.63
N LEU D 118 -10.62 -33.33 -2.68
CA LEU D 118 -9.75 -33.76 -1.59
C LEU D 118 -10.28 -35.04 -0.95
N LYS D 119 -11.57 -35.04 -0.61
CA LYS D 119 -12.20 -36.27 -0.20
C LYS D 119 -12.08 -37.31 -1.30
N GLU D 120 -12.53 -36.97 -2.51
CA GLU D 120 -12.42 -37.87 -3.66
C GLU D 120 -11.03 -38.47 -3.77
N ILE D 121 -10.00 -37.71 -3.37
CA ILE D 121 -8.67 -38.29 -3.27
C ILE D 121 -8.69 -39.52 -2.36
N GLN D 122 -9.16 -39.35 -1.12
CA GLN D 122 -9.22 -40.46 -0.19
C GLN D 122 -9.92 -41.66 -0.81
N GLU D 123 -10.94 -41.41 -1.64
CA GLU D 123 -11.56 -42.48 -2.40
C GLU D 123 -10.62 -42.87 -3.53
N SER D 124 -9.72 -43.81 -3.25
CA SER D 124 -8.64 -44.13 -4.16
C SER D 124 -8.39 -45.62 -4.17
N LYS D 125 -8.29 -46.19 -5.37
CA LYS D 125 -7.87 -47.58 -5.50
C LYS D 125 -6.35 -47.70 -5.33
N GLU D 126 -5.60 -47.04 -6.19
CA GLU D 126 -4.15 -47.02 -6.09
C GLU D 126 -3.68 -45.67 -5.56
N THR D 127 -2.37 -45.55 -5.38
CA THR D 127 -1.81 -44.35 -4.76
C THR D 127 -1.96 -43.18 -5.71
N ILE D 128 -2.94 -42.36 -5.46
CA ILE D 128 -3.25 -41.23 -6.33
C ILE D 128 -2.26 -40.11 -6.06
N ILE D 129 -1.70 -39.56 -7.12
CA ILE D 129 -0.73 -38.47 -7.04
C ILE D 129 -1.29 -37.29 -7.82
N LEU D 130 -1.31 -36.12 -7.20
CA LEU D 130 -1.80 -34.92 -7.84
C LEU D 130 -0.71 -33.87 -7.82
N PHE D 131 0.07 -33.82 -8.89
CA PHE D 131 0.88 -32.64 -9.11
C PHE D 131 0.00 -31.40 -9.16
N VAL D 132 0.56 -30.29 -8.66
CA VAL D 132 -0.07 -29.00 -8.76
C VAL D 132 1.01 -27.98 -9.07
N ASP D 133 0.69 -27.04 -9.94
CA ASP D 133 1.55 -25.89 -10.18
C ASP D 133 0.95 -24.66 -9.53
N GLU D 134 1.70 -23.57 -9.54
CA GLU D 134 1.24 -22.27 -9.08
C GLU D 134 0.80 -22.30 -7.63
N ILE D 135 1.30 -23.29 -6.89
CA ILE D 135 0.75 -23.67 -5.59
C ILE D 135 0.54 -22.45 -4.71
N HIS D 136 1.35 -21.42 -4.92
CA HIS D 136 1.11 -20.11 -4.31
C HIS D 136 -0.34 -19.70 -4.44
N LEU D 137 -1.01 -20.10 -5.52
CA LEU D 137 -2.39 -19.69 -5.76
C LEU D 137 -3.29 -20.02 -4.57
N LEU D 138 -2.95 -21.06 -3.82
CA LEU D 138 -3.74 -21.38 -2.63
C LEU D 138 -3.26 -20.63 -1.41
N MET D 139 -2.14 -19.91 -1.50
CA MET D 139 -1.64 -19.09 -0.42
C MET D 139 -1.73 -17.60 -0.71
N GLY D 140 -1.76 -17.21 -1.97
CA GLY D 140 -1.85 -15.81 -2.34
C GLY D 140 -1.22 -15.50 -3.69
N LEU D 155 -2.82 -24.48 3.15
CA LEU D 155 -3.21 -24.52 4.55
C LEU D 155 -4.46 -25.36 4.71
N LYS D 156 -5.39 -25.18 3.77
CA LYS D 156 -6.56 -26.07 3.74
C LYS D 156 -6.14 -27.53 3.61
N PRO D 157 -5.24 -27.93 2.69
CA PRO D 157 -4.91 -29.35 2.61
C PRO D 157 -3.82 -29.76 3.59
N MET D 158 -3.93 -29.26 4.82
CA MET D 158 -3.03 -29.64 5.89
C MET D 158 -3.52 -30.90 6.59
N LEU D 159 -4.55 -31.54 6.04
CA LEU D 159 -5.21 -32.62 6.76
C LEU D 159 -4.32 -33.85 6.91
N ALA D 160 -3.90 -34.45 5.80
CA ALA D 160 -3.35 -35.79 5.82
C ALA D 160 -2.00 -35.82 5.12
N ARG D 161 -0.95 -36.06 5.89
CA ARG D 161 0.34 -36.41 5.34
C ARG D 161 0.35 -37.90 5.08
N GLY D 162 0.88 -38.29 3.93
CA GLY D 162 0.79 -39.67 3.49
C GLY D 162 -0.32 -39.95 2.52
N GLN D 163 -1.48 -39.31 2.67
CA GLN D 163 -2.57 -39.55 1.74
C GLN D 163 -2.35 -38.83 0.42
N LEU D 164 -2.03 -37.54 0.47
CA LEU D 164 -1.94 -36.70 -0.72
C LEU D 164 -0.49 -36.58 -1.15
N HIS D 165 -0.28 -36.24 -2.43
CA HIS D 165 1.05 -36.21 -3.03
C HIS D 165 1.06 -35.26 -4.21
N CYS D 166 1.92 -34.24 -4.14
CA CYS D 166 2.07 -33.28 -5.22
C CYS D 166 3.54 -33.02 -5.48
N ILE D 167 3.79 -32.22 -6.51
CA ILE D 167 5.12 -31.72 -6.81
C ILE D 167 5.02 -30.22 -6.88
N GLY D 168 6.03 -29.53 -6.36
CA GLY D 168 6.00 -28.08 -6.32
C GLY D 168 6.69 -27.47 -7.51
N ALA D 169 6.18 -26.31 -7.94
CA ALA D 169 6.77 -25.60 -9.06
C ALA D 169 6.25 -24.16 -9.11
N THR D 170 7.16 -23.19 -9.14
CA THR D 170 6.81 -21.79 -9.34
C THR D 170 8.09 -20.99 -9.57
N THR D 171 7.95 -19.68 -9.55
CA THR D 171 9.08 -18.76 -9.59
C THR D 171 9.70 -18.62 -8.21
N LEU D 172 11.04 -18.51 -8.20
CA LEU D 172 11.78 -18.24 -6.97
C LEU D 172 11.16 -17.10 -6.19
N ALA D 173 10.73 -16.05 -6.90
CA ALA D 173 9.95 -15.00 -6.29
C ALA D 173 8.81 -15.57 -5.46
N GLU D 174 7.94 -16.35 -6.09
CA GLU D 174 6.82 -16.94 -5.36
C GLU D 174 7.30 -17.81 -4.22
N TYR D 175 8.45 -18.47 -4.40
CA TYR D 175 9.03 -19.26 -3.32
C TYR D 175 9.18 -18.42 -2.07
N ARG D 176 9.90 -17.32 -2.17
CA ARG D 176 10.06 -16.49 -0.99
C ARG D 176 8.76 -15.82 -0.57
N LYS D 177 7.84 -15.58 -1.51
CA LYS D 177 6.64 -14.85 -1.14
C LYS D 177 5.70 -15.69 -0.28
N TYR D 178 5.50 -16.95 -0.64
CA TYR D 178 4.51 -17.75 0.07
C TYR D 178 5.05 -19.06 0.60
N ILE D 179 6.03 -19.65 -0.09
CA ILE D 179 6.62 -20.89 0.38
C ILE D 179 7.27 -20.69 1.74
N GLU D 180 8.02 -19.60 1.89
CA GLU D 180 8.83 -19.40 3.08
C GLU D 180 8.08 -18.73 4.22
N LYS D 181 6.76 -18.56 4.11
CA LYS D 181 5.99 -17.91 5.18
C LYS D 181 5.42 -18.92 6.17
N ASP D 182 4.55 -19.82 5.70
CA ASP D 182 4.00 -20.85 6.58
C ASP D 182 5.07 -21.88 6.89
N ALA D 183 5.52 -21.90 8.15
CA ALA D 183 6.55 -22.85 8.54
C ALA D 183 6.11 -24.28 8.31
N ALA D 184 4.80 -24.55 8.36
CA ALA D 184 4.31 -25.90 8.11
C ALA D 184 4.77 -26.39 6.75
N PHE D 185 4.37 -25.68 5.69
CA PHE D 185 4.87 -26.01 4.35
C PHE D 185 6.38 -26.04 4.33
N GLU D 186 7.03 -25.16 5.10
CA GLU D 186 8.49 -25.10 5.10
C GLU D 186 9.09 -26.42 5.57
N ARG D 187 8.47 -27.06 6.55
CA ARG D 187 8.88 -28.41 6.91
C ARG D 187 8.28 -29.46 5.98
N ARG D 188 7.32 -29.09 5.12
CA ARG D 188 6.61 -30.07 4.31
C ARG D 188 7.07 -30.12 2.87
N PHE D 189 8.11 -29.39 2.48
CA PHE D 189 8.51 -29.39 1.08
C PHE D 189 10.02 -29.26 0.97
N GLN D 190 10.51 -29.52 -0.24
CA GLN D 190 11.91 -29.31 -0.58
C GLN D 190 11.97 -28.87 -2.04
N GLN D 191 12.82 -27.88 -2.29
CA GLN D 191 12.89 -27.24 -3.59
C GLN D 191 13.96 -27.87 -4.46
N VAL D 192 13.69 -27.95 -5.75
CA VAL D 192 14.70 -28.26 -6.77
C VAL D 192 14.52 -27.28 -7.90
N LEU D 193 15.50 -26.40 -8.08
CA LEU D 193 15.45 -25.41 -9.12
C LEU D 193 15.61 -26.07 -10.49
N VAL D 194 15.58 -25.25 -11.53
CA VAL D 194 15.77 -25.72 -12.89
C VAL D 194 16.77 -24.79 -13.55
N LYS D 195 17.98 -25.30 -13.77
CA LYS D 195 18.95 -24.52 -14.52
C LYS D 195 18.43 -24.28 -15.94
N GLU D 196 18.82 -23.14 -16.49
CA GLU D 196 18.43 -22.83 -17.85
C GLU D 196 19.12 -23.79 -18.80
N PRO D 197 18.40 -24.41 -19.73
CA PRO D 197 19.04 -25.34 -20.64
C PRO D 197 20.07 -24.62 -21.50
N SER D 198 20.97 -25.40 -22.09
CA SER D 198 21.98 -24.77 -22.93
C SER D 198 21.70 -25.03 -24.41
N ILE D 199 22.58 -24.48 -25.23
CA ILE D 199 22.31 -24.39 -26.66
C ILE D 199 22.35 -25.75 -27.32
N THR D 200 23.41 -26.54 -27.05
CA THR D 200 23.50 -27.85 -27.65
C THR D 200 22.30 -28.71 -27.27
N GLU D 201 21.89 -28.62 -26.01
CA GLU D 201 20.71 -29.31 -25.55
C GLU D 201 19.49 -28.86 -26.31
N THR D 202 19.40 -27.55 -26.55
CA THR D 202 18.38 -27.04 -27.44
C THR D 202 18.41 -27.76 -28.77
N ILE D 203 19.59 -27.86 -29.36
CA ILE D 203 19.72 -28.49 -30.67
C ILE D 203 19.15 -29.89 -30.64
N SER D 204 19.52 -30.64 -29.61
CA SER D 204 19.07 -32.03 -29.49
C SER D 204 17.54 -32.09 -29.37
N ILE D 205 17.00 -31.48 -28.33
CA ILE D 205 15.56 -31.54 -28.11
C ILE D 205 14.82 -31.00 -29.31
N LEU D 206 15.44 -30.08 -30.03
CA LEU D 206 14.82 -29.54 -31.23
C LEU D 206 14.86 -30.53 -32.38
N ARG D 207 15.90 -31.37 -32.46
CA ARG D 207 15.83 -32.46 -33.42
C ARG D 207 14.64 -33.35 -33.11
N GLY D 208 14.51 -33.70 -31.83
CA GLY D 208 13.40 -34.50 -31.37
C GLY D 208 12.09 -33.91 -31.84
N LEU D 209 11.84 -32.67 -31.45
CA LEU D 209 10.65 -31.95 -31.89
C LEU D 209 10.54 -31.95 -33.39
N LYS D 210 11.58 -31.47 -34.07
CA LYS D 210 11.66 -31.39 -35.52
C LYS D 210 11.01 -32.57 -36.17
N GLU D 211 11.31 -33.76 -35.68
CA GLU D 211 10.65 -34.94 -36.21
C GLU D 211 9.15 -34.74 -36.23
N LYS D 212 8.53 -34.62 -35.05
CA LYS D 212 7.08 -34.56 -34.98
C LYS D 212 6.53 -33.30 -35.63
N TYR D 213 7.25 -32.20 -35.52
CA TYR D 213 6.77 -30.94 -36.07
C TYR D 213 6.66 -31.02 -37.59
N GLU D 214 7.73 -31.47 -38.24
CA GLU D 214 7.63 -31.72 -39.67
C GLU D 214 6.49 -32.69 -39.96
N VAL D 215 6.41 -33.77 -39.19
CA VAL D 215 5.27 -34.68 -39.37
C VAL D 215 3.96 -33.90 -39.36
N HIS D 216 3.89 -32.87 -38.53
CA HIS D 216 2.70 -32.03 -38.52
C HIS D 216 2.61 -31.15 -39.76
N HIS D 217 3.74 -30.83 -40.38
CA HIS D 217 3.65 -29.98 -41.56
C HIS D 217 4.61 -30.38 -42.67
N GLY D 218 5.02 -31.65 -42.71
CA GLY D 218 5.55 -32.27 -43.92
C GLY D 218 6.51 -31.45 -44.74
N VAL D 219 7.44 -30.76 -44.09
CA VAL D 219 8.47 -30.00 -44.80
C VAL D 219 9.79 -30.15 -44.05
N ASN D 220 10.84 -30.48 -44.79
CA ASN D 220 12.13 -30.75 -44.16
C ASN D 220 12.84 -29.46 -43.78
N ILE D 221 13.76 -29.58 -42.82
CA ILE D 221 14.49 -28.44 -42.30
C ILE D 221 15.95 -28.81 -42.15
N ALA D 222 16.83 -27.91 -42.55
CA ALA D 222 18.25 -28.08 -42.29
C ALA D 222 18.51 -28.01 -40.79
N ASP D 223 19.05 -29.10 -40.25
CA ASP D 223 19.53 -29.09 -38.87
C ASP D 223 20.35 -27.84 -38.60
N ALA D 224 21.41 -27.64 -39.36
CA ALA D 224 22.28 -26.48 -39.17
C ALA D 224 21.50 -25.18 -39.18
N ALA D 225 20.47 -25.09 -40.03
CA ALA D 225 19.58 -23.95 -39.97
C ALA D 225 18.98 -23.81 -38.59
N ILE D 226 18.53 -24.93 -38.02
CA ILE D 226 17.95 -24.89 -36.68
C ILE D 226 18.99 -24.41 -35.68
N VAL D 227 20.23 -24.88 -35.84
CA VAL D 227 21.31 -24.47 -34.95
C VAL D 227 21.47 -22.97 -34.97
N ALA D 228 21.65 -22.42 -36.16
CA ALA D 228 21.63 -20.98 -36.32
C ALA D 228 20.45 -20.38 -35.57
N ALA D 229 19.24 -20.79 -35.94
CA ALA D 229 18.02 -20.21 -35.38
C ALA D 229 18.08 -20.13 -33.88
N ALA D 230 18.49 -21.23 -33.24
CA ALA D 230 18.65 -21.23 -31.81
C ALA D 230 19.62 -20.16 -31.36
N ASN D 231 20.83 -20.16 -31.93
CA ASN D 231 21.81 -19.16 -31.54
C ASN D 231 21.26 -17.76 -31.72
N LEU D 232 20.49 -17.56 -32.78
CA LEU D 232 19.91 -16.25 -33.07
C LEU D 232 18.98 -15.81 -31.96
N ALA D 233 17.97 -16.64 -31.68
CA ALA D 233 17.05 -16.33 -30.58
C ALA D 233 17.81 -16.07 -29.30
N ALA D 234 18.81 -16.90 -29.02
CA ALA D 234 19.63 -16.71 -27.84
C ALA D 234 20.29 -15.35 -27.84
N ARG D 235 20.70 -14.88 -29.00
CA ARG D 235 21.45 -13.64 -29.07
C ARG D 235 20.55 -12.42 -28.99
N TYR D 236 19.32 -12.55 -29.44
CA TYR D 236 18.53 -11.32 -29.54
C TYR D 236 17.16 -11.39 -28.89
N LEU D 237 16.50 -12.54 -28.94
CA LEU D 237 15.12 -12.56 -28.49
C LEU D 237 15.02 -12.80 -27.00
N THR D 238 15.73 -11.98 -26.22
CA THR D 238 15.79 -12.20 -24.78
C THR D 238 14.47 -11.97 -24.08
N SER D 239 13.41 -11.61 -24.79
CA SER D 239 12.10 -11.47 -24.18
C SER D 239 11.73 -12.72 -23.39
N ARG D 240 11.66 -13.85 -24.08
CA ARG D 240 11.52 -15.13 -23.40
C ARG D 240 12.90 -15.74 -23.21
N ARG D 241 12.94 -17.00 -22.78
CA ARG D 241 14.19 -17.70 -22.61
C ARG D 241 14.39 -18.74 -23.70
N LEU D 242 15.59 -19.28 -23.73
CA LEU D 242 15.81 -20.56 -24.37
C LEU D 242 14.96 -21.61 -23.67
N PRO D 243 14.53 -22.65 -24.38
CA PRO D 243 14.61 -22.89 -25.82
C PRO D 243 13.27 -22.69 -26.51
N ASP D 244 12.22 -22.70 -25.70
CA ASP D 244 10.84 -22.49 -26.13
C ASP D 244 10.77 -21.42 -27.20
N SER D 245 11.53 -20.35 -27.01
CA SER D 245 11.57 -19.27 -27.99
C SER D 245 11.98 -19.80 -29.36
N ALA D 246 13.18 -20.37 -29.45
CA ALA D 246 13.62 -20.91 -30.73
C ALA D 246 12.68 -22.00 -31.23
N VAL D 247 12.00 -22.68 -30.31
CA VAL D 247 10.95 -23.60 -30.73
C VAL D 247 9.90 -22.84 -31.53
N ASP D 248 9.36 -21.77 -30.94
CA ASP D 248 8.41 -20.93 -31.63
C ASP D 248 8.98 -20.45 -32.94
N LEU D 249 10.29 -20.21 -32.98
CA LEU D 249 10.91 -19.75 -34.23
C LEU D 249 10.80 -20.82 -35.30
N ILE D 250 11.18 -22.04 -34.98
CA ILE D 250 10.99 -23.14 -35.92
C ILE D 250 9.54 -23.21 -36.34
N ASP D 251 8.64 -23.00 -35.39
CA ASP D 251 7.22 -23.02 -35.72
C ASP D 251 6.89 -21.93 -36.72
N GLU D 252 7.45 -20.74 -36.51
CA GLU D 252 7.23 -19.64 -37.44
C GLU D 252 7.77 -20.00 -38.81
N ALA D 253 8.87 -20.75 -38.84
CA ALA D 253 9.41 -21.19 -40.12
C ALA D 253 8.44 -22.10 -40.83
N ALA D 254 7.98 -23.14 -40.12
CA ALA D 254 6.97 -24.02 -40.68
C ALA D 254 5.75 -23.23 -41.15
N ALA D 255 5.40 -22.20 -40.41
CA ALA D 255 4.27 -21.36 -40.78
C ALA D 255 4.55 -20.63 -42.08
N ALA D 256 5.69 -19.94 -42.15
CA ALA D 256 6.08 -19.26 -43.37
C ALA D 256 6.07 -20.22 -44.54
N VAL D 257 6.44 -21.47 -44.30
CA VAL D 257 6.37 -22.46 -45.37
C VAL D 257 4.93 -22.71 -45.77
N ARG D 258 4.12 -23.13 -44.81
CA ARG D 258 2.74 -23.48 -45.09
C ARG D 258 1.94 -22.31 -45.62
N VAL D 259 2.46 -21.09 -45.52
CA VAL D 259 1.78 -19.95 -46.10
C VAL D 259 2.40 -19.54 -47.43
N ALA D 260 3.67 -19.88 -47.67
CA ALA D 260 4.19 -19.79 -49.02
C ALA D 260 3.48 -20.77 -49.92
N ARG D 261 2.94 -21.83 -49.33
CA ARG D 261 1.90 -22.65 -49.94
C ARG D 261 0.57 -22.24 -49.33
N GLU D 262 -0.53 -22.86 -49.76
CA GLU D 262 -1.83 -22.50 -49.22
C GLU D 262 -2.61 -23.75 -48.85
N SER D 263 -1.98 -24.62 -48.06
CA SER D 263 -2.29 -26.05 -48.02
C SER D 263 -2.08 -26.61 -49.43
N GLN D 264 -1.04 -26.12 -50.07
CA GLN D 264 -0.67 -26.30 -51.46
C GLN D 264 0.80 -26.69 -51.47
N PRO D 265 1.40 -26.89 -52.64
CA PRO D 265 2.85 -26.72 -52.74
C PRO D 265 3.21 -25.25 -52.72
N GLU D 266 4.51 -24.98 -52.59
CA GLU D 266 4.92 -23.59 -52.49
C GLU D 266 5.19 -22.96 -53.86
N ILE D 267 5.92 -23.65 -54.73
CA ILE D 267 6.10 -23.15 -56.08
C ILE D 267 4.76 -23.13 -56.82
N ILE D 268 3.90 -24.11 -56.52
CA ILE D 268 2.53 -24.09 -57.04
C ILE D 268 1.79 -22.85 -56.56
N ASP D 269 2.01 -22.43 -55.31
CA ASP D 269 1.34 -21.26 -54.79
C ASP D 269 1.93 -19.96 -55.32
N SER D 270 3.22 -19.95 -55.67
CA SER D 270 3.77 -18.76 -56.33
C SER D 270 3.29 -18.67 -57.77
N LEU D 271 3.20 -19.79 -58.47
CA LEU D 271 2.51 -19.79 -59.75
C LEU D 271 1.04 -19.46 -59.59
N GLU D 272 0.48 -19.68 -58.40
CA GLU D 272 -0.88 -19.21 -58.12
C GLU D 272 -0.91 -17.70 -57.92
N ARG D 273 0.15 -17.12 -57.36
CA ARG D 273 0.29 -15.66 -57.39
C ARG D 273 0.29 -15.17 -58.84
N ARG D 274 1.10 -15.83 -59.67
CA ARG D 274 1.12 -15.49 -61.09
C ARG D 274 -0.25 -15.68 -61.73
N LEU D 275 -1.00 -16.69 -61.28
CA LEU D 275 -2.31 -16.97 -61.84
C LEU D 275 -3.33 -15.93 -61.39
N ARG D 276 -3.22 -15.46 -60.14
CA ARG D 276 -4.04 -14.34 -59.70
C ARG D 276 -3.74 -13.09 -60.51
N GLN D 277 -2.47 -12.87 -60.84
CA GLN D 277 -2.13 -11.78 -61.73
C GLN D 277 -2.73 -11.99 -63.12
N LEU D 278 -2.74 -13.24 -63.59
CA LEU D 278 -3.36 -13.54 -64.87
C LEU D 278 -4.86 -13.27 -64.83
N LYS D 279 -5.50 -13.51 -63.69
CA LYS D 279 -6.92 -13.20 -63.54
C LYS D 279 -7.14 -11.69 -63.49
N ILE D 280 -6.20 -10.97 -62.88
CA ILE D 280 -6.21 -9.51 -62.97
C ILE D 280 -6.17 -9.08 -64.43
N GLU D 281 -5.31 -9.73 -65.23
CA GLU D 281 -5.28 -9.46 -66.67
C GLU D 281 -6.63 -9.75 -67.30
N ILE D 282 -7.20 -10.92 -67.01
CA ILE D 282 -8.49 -11.32 -67.58
C ILE D 282 -9.55 -10.26 -67.30
N HIS D 283 -9.60 -9.77 -66.07
CA HIS D 283 -10.64 -8.80 -65.72
C HIS D 283 -10.35 -7.43 -66.33
N ALA D 284 -9.09 -6.99 -66.30
CA ALA D 284 -8.73 -5.72 -66.90
C ALA D 284 -8.85 -5.72 -68.41
N LEU D 285 -8.93 -6.90 -69.03
CA LEU D 285 -9.13 -7.01 -70.46
C LEU D 285 -10.59 -7.19 -70.83
N SER D 286 -11.38 -7.84 -69.98
CA SER D 286 -12.84 -7.78 -70.15
C SER D 286 -13.35 -6.36 -69.91
N ARG D 287 -12.59 -5.56 -69.14
CA ARG D 287 -12.94 -4.17 -68.92
C ARG D 287 -12.91 -3.37 -70.22
N GLU D 288 -11.97 -3.70 -71.11
CA GLU D 288 -11.82 -2.98 -72.37
C GLU D 288 -12.72 -3.59 -73.43
N LYS D 289 -13.45 -2.73 -74.15
CA LYS D 289 -14.45 -3.17 -75.12
C LYS D 289 -13.87 -3.13 -76.54
N ASP D 290 -12.98 -4.08 -76.81
CA ASP D 290 -12.41 -4.21 -78.15
C ASP D 290 -11.91 -5.64 -78.34
N GLU D 291 -11.43 -5.91 -79.55
CA GLU D 291 -11.12 -7.29 -79.94
C GLU D 291 -9.77 -7.76 -79.41
N ALA D 292 -8.73 -6.93 -79.51
CA ALA D 292 -7.42 -7.32 -79.01
C ALA D 292 -7.45 -7.53 -77.50
N SER D 293 -8.30 -6.80 -76.79
CA SER D 293 -8.44 -7.00 -75.36
C SER D 293 -9.01 -8.38 -75.05
N LYS D 294 -10.06 -8.78 -75.76
CA LYS D 294 -10.60 -10.12 -75.58
C LYS D 294 -9.60 -11.19 -75.99
N ALA D 295 -8.80 -10.92 -77.02
CA ALA D 295 -7.80 -11.90 -77.46
C ALA D 295 -6.71 -12.09 -76.39
N ARG D 296 -6.21 -11.00 -75.82
CA ARG D 296 -5.22 -11.16 -74.76
C ARG D 296 -5.85 -11.63 -73.46
N LEU D 297 -7.16 -11.45 -73.29
CA LEU D 297 -7.87 -12.10 -72.20
C LEU D 297 -7.84 -13.61 -72.39
N ALA D 298 -8.09 -14.08 -73.61
CA ALA D 298 -7.96 -15.50 -73.91
C ALA D 298 -6.53 -15.97 -73.74
N GLN D 299 -5.56 -15.12 -74.02
CA GLN D 299 -4.16 -15.45 -73.76
C GLN D 299 -3.92 -15.66 -72.26
N ALA D 300 -4.39 -14.72 -71.45
CA ALA D 300 -4.29 -14.86 -70.00
C ALA D 300 -5.04 -16.09 -69.50
N LYS D 301 -6.13 -16.46 -70.17
CA LYS D 301 -6.90 -17.63 -69.75
C LYS D 301 -6.18 -18.93 -70.14
N GLN D 302 -5.53 -18.94 -71.30
CA GLN D 302 -4.69 -20.09 -71.65
C GLN D 302 -3.52 -20.22 -70.67
N ASP D 303 -2.92 -19.09 -70.30
CA ASP D 303 -1.89 -19.11 -69.26
C ASP D 303 -2.45 -19.63 -67.95
N ALA D 304 -3.68 -19.24 -67.62
CA ALA D 304 -4.34 -19.77 -66.44
C ALA D 304 -4.50 -21.27 -66.51
N GLN D 305 -4.89 -21.78 -67.69
CA GLN D 305 -5.05 -23.22 -67.85
C GLN D 305 -3.71 -23.93 -67.70
N ASN D 306 -2.63 -23.33 -68.21
CA ASN D 306 -1.33 -23.98 -68.10
C ASN D 306 -0.80 -23.95 -66.66
N VAL D 307 -0.95 -22.82 -65.98
CA VAL D 307 -0.56 -22.78 -64.58
C VAL D 307 -1.44 -23.71 -63.76
N GLU D 308 -2.67 -23.96 -64.19
CA GLU D 308 -3.50 -24.96 -63.52
C GLU D 308 -2.99 -26.36 -63.80
N GLU D 309 -2.59 -26.65 -65.03
CA GLU D 309 -2.15 -27.98 -65.40
C GLU D 309 -0.79 -28.31 -64.80
N GLU D 310 -0.05 -27.30 -64.35
CA GLU D 310 1.12 -27.57 -63.52
C GLU D 310 0.79 -27.49 -62.04
N LEU D 311 -0.17 -26.65 -61.68
CA LEU D 311 -0.66 -26.53 -60.31
C LEU D 311 -1.11 -27.89 -59.78
N ARG D 312 -1.96 -28.56 -60.56
CA ARG D 312 -2.57 -29.80 -60.11
C ARG D 312 -1.55 -30.88 -59.78
N PRO D 313 -0.74 -31.39 -60.73
CA PRO D 313 0.06 -32.59 -60.44
C PRO D 313 0.82 -32.52 -59.13
N LEU D 314 1.61 -31.44 -58.93
CA LEU D 314 2.36 -31.32 -57.69
C LEU D 314 1.44 -31.03 -56.50
N ARG D 315 0.28 -30.41 -56.72
CA ARG D 315 -0.62 -30.16 -55.61
C ARG D 315 -1.21 -31.45 -55.07
N GLU D 316 -1.71 -32.31 -55.96
CA GLU D 316 -2.17 -33.60 -55.52
C GLU D 316 -1.01 -34.45 -55.02
N LYS D 317 0.19 -34.26 -55.55
CA LYS D 317 1.36 -34.90 -54.97
C LYS D 317 1.52 -34.48 -53.52
N TYR D 318 1.34 -33.20 -53.23
CA TYR D 318 1.46 -32.69 -51.87
C TYR D 318 0.38 -33.28 -50.97
N GLU D 319 -0.86 -33.27 -51.45
CA GLU D 319 -1.95 -33.87 -50.69
C GLU D 319 -1.67 -35.34 -50.41
N ARG D 320 -1.25 -36.08 -51.44
CA ARG D 320 -0.95 -37.48 -51.30
C ARG D 320 0.18 -37.72 -50.30
N GLU D 321 1.22 -36.88 -50.33
CA GLU D 321 2.34 -37.13 -49.44
C GLU D 321 1.98 -36.77 -48.00
N ARG D 322 1.12 -35.76 -47.80
CA ARG D 322 0.68 -35.51 -46.43
C ARG D 322 -0.26 -36.60 -45.94
N GLN D 323 -1.05 -37.19 -46.84
CA GLN D 323 -1.80 -38.40 -46.48
C GLN D 323 -0.85 -39.53 -46.14
N ARG D 324 0.25 -39.64 -46.87
CA ARG D 324 1.26 -40.64 -46.56
C ARG D 324 1.88 -40.37 -45.19
N GLY D 325 2.11 -39.10 -44.89
CA GLY D 325 2.64 -38.74 -43.59
C GLY D 325 1.70 -39.09 -42.45
N LYS D 326 0.40 -38.84 -42.65
CA LYS D 326 -0.56 -39.25 -41.62
C LYS D 326 -0.63 -40.76 -41.54
N ALA D 327 -0.49 -41.44 -42.67
CA ALA D 327 -0.37 -42.89 -42.63
C ALA D 327 0.79 -43.31 -41.73
N ILE D 328 1.96 -42.71 -41.95
CA ILE D 328 3.12 -43.00 -41.10
C ILE D 328 2.79 -42.76 -39.64
N GLN D 329 2.26 -41.58 -39.32
CA GLN D 329 2.13 -41.20 -37.92
C GLN D 329 1.04 -41.99 -37.22
N GLU D 330 -0.08 -42.26 -37.90
CA GLU D 330 -1.09 -43.14 -37.33
C GLU D 330 -0.58 -44.57 -37.23
N ALA D 331 0.32 -44.98 -38.13
CA ALA D 331 0.96 -46.28 -37.97
C ALA D 331 1.80 -46.30 -36.70
N LYS D 332 2.55 -45.23 -36.44
CA LYS D 332 3.32 -45.15 -35.21
C LYS D 332 2.41 -45.05 -33.99
N MET D 333 1.24 -44.43 -34.15
CA MET D 333 0.31 -44.31 -33.04
C MET D 333 -0.27 -45.67 -32.69
N LYS D 334 -0.73 -46.41 -33.69
CA LYS D 334 -1.12 -47.79 -33.47
C LYS D 334 0.05 -48.61 -32.93
N LEU D 335 1.27 -48.30 -33.36
CA LEU D 335 2.45 -48.97 -32.85
C LEU D 335 2.56 -48.79 -31.34
N GLU D 336 2.52 -47.52 -30.89
CA GLU D 336 2.50 -47.23 -29.47
C GLU D 336 1.32 -47.89 -28.78
N ALA D 337 0.16 -47.90 -29.44
CA ALA D 337 -1.03 -48.50 -28.85
C ALA D 337 -0.80 -49.97 -28.56
N LEU D 338 -0.36 -50.73 -29.57
CA LEU D 338 -0.09 -52.14 -29.39
C LEU D 338 1.09 -52.39 -28.47
N ARG D 339 2.07 -51.48 -28.45
CA ARG D 339 3.23 -51.65 -27.57
C ARG D 339 2.81 -51.55 -26.12
N VAL D 340 2.25 -50.40 -25.73
CA VAL D 340 1.76 -50.24 -24.37
C VAL D 340 0.65 -51.24 -24.08
N LYS D 341 -0.03 -51.73 -25.12
CA LYS D 341 -1.05 -52.75 -24.92
C LYS D 341 -0.42 -54.08 -24.53
N ALA D 342 0.68 -54.46 -25.18
CA ALA D 342 1.44 -55.62 -24.74
C ALA D 342 2.01 -55.40 -23.35
N GLU D 343 2.37 -54.16 -23.03
CA GLU D 343 2.86 -53.84 -21.69
C GLU D 343 1.80 -54.10 -20.62
N ASP D 344 0.69 -53.36 -20.67
CA ASP D 344 -0.38 -53.59 -19.70
C ASP D 344 -1.04 -54.95 -19.88
N ALA D 345 -0.77 -55.65 -20.98
CA ALA D 345 -1.28 -56.98 -21.18
C ALA D 345 -0.45 -58.01 -20.41
N SER D 346 0.87 -57.91 -20.49
CA SER D 346 1.72 -58.66 -19.57
C SER D 346 1.40 -58.27 -18.12
N ARG D 347 0.94 -57.04 -17.91
CA ARG D 347 0.43 -56.67 -16.60
C ARG D 347 -0.83 -57.47 -16.25
N MET D 348 -1.70 -57.71 -17.25
CA MET D 348 -2.94 -58.43 -17.00
C MET D 348 -2.89 -59.90 -17.43
N GLY D 349 -2.21 -60.22 -18.53
CA GLY D 349 -2.17 -61.59 -19.01
C GLY D 349 -2.65 -61.81 -20.42
N ASP D 350 -2.55 -60.80 -21.29
CA ASP D 350 -3.00 -60.93 -22.68
C ASP D 350 -1.94 -60.34 -23.62
N HIS D 351 -0.67 -60.67 -23.37
CA HIS D 351 0.40 -60.13 -24.19
C HIS D 351 0.41 -60.74 -25.59
N SER D 352 -0.31 -61.85 -25.81
CA SER D 352 -0.26 -62.53 -27.09
C SER D 352 -0.95 -61.72 -28.18
N ARG D 353 -2.09 -61.10 -27.88
CA ARG D 353 -2.82 -60.35 -28.89
C ARG D 353 -2.00 -59.18 -29.41
N ALA D 354 -1.67 -58.24 -28.52
CA ALA D 354 -0.85 -57.10 -28.92
C ALA D 354 0.50 -57.56 -29.44
N ALA D 355 1.03 -58.67 -28.90
CA ALA D 355 2.24 -59.25 -29.45
C ALA D 355 2.10 -59.50 -30.93
N ASP D 356 1.10 -60.31 -31.31
CA ASP D 356 0.87 -60.64 -32.71
C ASP D 356 0.61 -59.37 -33.54
N LEU D 357 -0.12 -58.42 -32.97
CA LEU D 357 -0.38 -57.19 -33.69
C LEU D 357 0.93 -56.48 -34.06
N GLN D 358 1.79 -56.24 -33.06
CA GLN D 358 3.12 -55.69 -33.34
C GLN D 358 3.87 -56.54 -34.35
N TYR D 359 3.82 -57.85 -34.18
CA TYR D 359 4.58 -58.77 -35.03
C TYR D 359 4.21 -58.59 -36.50
N TYR D 360 2.92 -58.51 -36.79
CA TYR D 360 2.44 -58.67 -38.15
C TYR D 360 1.81 -57.41 -38.72
N ALA D 361 0.86 -56.81 -38.02
CA ALA D 361 0.15 -55.67 -38.61
C ALA D 361 1.07 -54.46 -38.72
N ILE D 362 2.00 -54.31 -37.78
CA ILE D 362 2.87 -53.13 -37.76
C ILE D 362 3.88 -53.17 -38.90
N PRO D 363 4.75 -54.20 -39.00
CA PRO D 363 5.84 -54.11 -40.00
C PRO D 363 5.32 -54.07 -41.43
N GLU D 364 4.29 -54.85 -41.75
CA GLU D 364 3.80 -54.93 -43.12
C GLU D 364 3.16 -53.61 -43.56
N GLN D 365 2.28 -53.05 -42.72
CA GLN D 365 1.66 -51.79 -43.07
C GLN D 365 2.68 -50.65 -43.09
N GLU D 366 3.62 -50.65 -42.15
CA GLU D 366 4.69 -49.67 -42.21
C GLU D 366 5.48 -49.79 -43.51
N ALA D 367 5.74 -51.03 -43.95
CA ALA D 367 6.49 -51.24 -45.18
C ALA D 367 5.71 -50.74 -46.40
N ILE D 368 4.41 -50.98 -46.45
CA ILE D 368 3.65 -50.52 -47.60
C ILE D 368 3.53 -48.99 -47.60
N ILE D 369 3.43 -48.39 -46.41
CA ILE D 369 3.44 -46.94 -46.33
C ILE D 369 4.78 -46.38 -46.79
N LYS D 370 5.87 -47.03 -46.38
CA LYS D 370 7.19 -46.64 -46.87
C LYS D 370 7.28 -46.81 -48.39
N ARG D 371 6.59 -47.80 -48.94
CA ARG D 371 6.57 -47.99 -50.39
C ARG D 371 5.87 -46.82 -51.06
N LEU D 372 4.74 -46.40 -50.52
CA LEU D 372 4.07 -45.20 -51.03
C LEU D 372 5.01 -43.99 -50.93
N GLU D 373 5.74 -43.88 -49.82
CA GLU D 373 6.70 -42.79 -49.67
C GLU D 373 7.76 -42.84 -50.75
N ALA D 374 8.32 -44.02 -50.99
CA ALA D 374 9.37 -44.16 -52.00
C ALA D 374 8.85 -43.83 -53.38
N GLU D 375 7.63 -44.25 -53.70
CA GLU D 375 7.09 -43.99 -55.03
C GLU D 375 6.82 -42.49 -55.22
N LYS D 376 6.37 -41.80 -54.17
CA LYS D 376 6.17 -40.36 -54.30
C LYS D 376 7.49 -39.61 -54.37
N ALA D 377 8.49 -40.05 -53.60
CA ALA D 377 9.84 -39.50 -53.76
C ALA D 377 10.33 -39.71 -55.17
N ALA D 378 9.96 -40.84 -55.79
CA ALA D 378 10.27 -41.06 -57.20
C ALA D 378 9.55 -40.07 -58.09
N ALA D 379 8.29 -39.77 -57.77
CA ALA D 379 7.57 -38.73 -58.50
C ALA D 379 8.26 -37.37 -58.41
N ASP D 380 9.24 -37.23 -57.52
CA ASP D 380 10.00 -36.00 -57.38
C ASP D 380 11.36 -36.14 -58.06
N SER D 393 14.37 -27.20 -64.75
CA SER D 393 15.37 -27.50 -63.74
C SER D 393 14.72 -28.01 -62.46
N MET D 394 15.20 -27.53 -61.32
CA MET D 394 14.71 -27.95 -60.02
C MET D 394 14.32 -26.74 -59.19
N ILE D 395 13.51 -27.00 -58.16
CA ILE D 395 12.90 -25.98 -57.31
C ILE D 395 12.84 -26.51 -55.89
N THR D 396 13.04 -25.63 -54.91
CA THR D 396 13.05 -26.03 -53.51
C THR D 396 11.82 -25.47 -52.80
N ASP D 397 11.32 -26.24 -51.84
CA ASP D 397 10.24 -25.79 -50.99
C ASP D 397 10.43 -26.16 -49.53
N VAL D 398 11.66 -26.40 -49.08
CA VAL D 398 11.91 -26.75 -47.69
C VAL D 398 12.60 -25.59 -46.97
N VAL D 399 12.70 -25.70 -45.66
CA VAL D 399 13.16 -24.58 -44.84
C VAL D 399 14.65 -24.35 -45.04
N GLY D 400 15.07 -23.10 -44.91
CA GLY D 400 16.46 -22.73 -44.93
C GLY D 400 16.75 -21.63 -43.93
N PRO D 401 18.03 -21.46 -43.59
CA PRO D 401 18.42 -20.38 -42.66
C PRO D 401 17.84 -19.03 -43.05
N ASP D 402 17.77 -18.77 -44.34
CA ASP D 402 17.31 -17.47 -44.85
C ASP D 402 15.98 -17.05 -44.24
N GLN D 403 14.95 -17.88 -44.39
CA GLN D 403 13.62 -17.49 -43.95
C GLN D 403 13.60 -17.24 -42.46
N ILE D 404 14.28 -18.08 -41.70
CA ILE D 404 14.44 -17.85 -40.27
C ILE D 404 14.97 -16.45 -40.03
N ASN D 405 16.08 -16.14 -40.67
CA ASN D 405 16.70 -14.84 -40.51
C ASN D 405 15.71 -13.73 -40.85
N GLU D 406 14.96 -13.92 -41.92
CA GLU D 406 14.01 -12.91 -42.35
C GLU D 406 12.95 -12.70 -41.29
N ILE D 407 12.48 -13.79 -40.69
CA ILE D 407 11.47 -13.68 -39.66
C ILE D 407 12.02 -12.97 -38.44
N VAL D 408 13.24 -13.34 -38.02
CA VAL D 408 13.78 -12.70 -36.83
C VAL D 408 14.00 -11.21 -37.08
N ALA D 409 14.44 -10.86 -38.28
CA ALA D 409 14.49 -9.45 -38.67
C ALA D 409 13.14 -8.79 -38.47
N ARG D 410 12.11 -9.33 -39.15
CA ARG D 410 10.76 -8.83 -38.99
C ARG D 410 10.37 -8.68 -37.53
N TRP D 411 10.90 -9.56 -36.68
CA TRP D 411 10.56 -9.48 -35.27
C TRP D 411 11.27 -8.33 -34.58
N THR D 412 12.53 -8.12 -34.96
CA THR D 412 13.35 -7.02 -34.36
C THR D 412 13.57 -5.92 -35.41
N GLY D 413 13.46 -6.26 -36.69
CA GLY D 413 13.65 -5.30 -37.80
C GLY D 413 15.11 -5.10 -38.18
N ILE D 414 16.01 -5.87 -37.56
CA ILE D 414 17.47 -5.76 -37.87
C ILE D 414 17.70 -6.30 -39.28
N PRO D 415 18.67 -5.74 -40.06
CA PRO D 415 18.93 -6.21 -41.42
C PRO D 415 19.44 -7.66 -41.41
N VAL D 416 19.04 -8.45 -42.41
CA VAL D 416 19.45 -9.88 -42.51
C VAL D 416 20.98 -9.96 -42.65
N THR D 417 21.56 -9.05 -43.44
CA THR D 417 23.02 -9.01 -43.66
C THR D 417 23.74 -8.73 -42.32
N ARG D 418 23.16 -7.86 -41.50
CA ARG D 418 23.75 -7.50 -40.19
C ARG D 418 23.82 -8.74 -39.29
N LEU D 419 22.78 -9.59 -39.34
CA LEU D 419 22.75 -10.82 -38.51
C LEU D 419 23.91 -11.75 -38.90
N LYS D 420 24.16 -11.88 -40.21
CA LYS D 420 24.91 -13.04 -40.76
C LYS D 420 26.41 -12.71 -40.87
N THR D 421 26.81 -11.50 -40.46
CA THR D 421 28.24 -11.10 -40.56
C THR D 421 29.11 -12.02 -39.70
N SER D 422 28.63 -12.35 -38.49
CA SER D 422 29.28 -13.23 -37.45
C SER D 422 30.43 -12.54 -36.71
N GLU D 423 30.40 -12.59 -35.37
CA GLU D 423 31.44 -11.97 -34.49
C GLU D 423 32.85 -12.31 -34.99
N LYS D 424 33.04 -12.43 -36.32
CA LYS D 424 34.37 -12.74 -36.88
C LYS D 424 34.74 -11.70 -37.94
N GLU D 425 33.83 -11.46 -38.90
CA GLU D 425 34.06 -10.51 -40.01
C GLU D 425 34.26 -9.09 -39.49
N LYS D 426 33.48 -8.70 -38.48
CA LYS D 426 33.59 -7.32 -37.90
C LYS D 426 34.99 -7.13 -37.31
N LEU D 427 35.52 -8.15 -36.64
CA LEU D 427 36.88 -8.08 -36.03
C LEU D 427 37.92 -7.82 -37.13
N LEU D 428 37.74 -8.40 -38.30
CA LEU D 428 38.69 -8.21 -39.39
C LEU D 428 38.53 -6.85 -40.07
N HIS D 429 37.41 -6.17 -39.84
CA HIS D 429 37.11 -4.95 -40.57
C HIS D 429 36.53 -3.86 -39.69
N MET D 430 36.42 -4.08 -38.39
CA MET D 430 35.83 -3.07 -37.51
C MET D 430 36.55 -1.74 -37.62
N GLU D 431 37.83 -1.71 -37.26
CA GLU D 431 38.62 -0.49 -37.21
C GLU D 431 38.29 0.44 -38.36
N GLN D 432 38.19 -0.13 -39.57
CA GLN D 432 37.77 0.62 -40.73
C GLN D 432 36.40 1.26 -40.51
N ALA D 433 35.39 0.44 -40.25
CA ALA D 433 34.03 0.97 -40.09
C ALA D 433 33.94 1.99 -38.97
N LEU D 434 34.76 1.83 -37.94
CA LEU D 434 34.74 2.75 -36.82
C LEU D 434 35.36 4.08 -37.20
N SER D 435 36.53 4.03 -37.84
CA SER D 435 37.09 5.22 -38.46
C SER D 435 36.06 5.92 -39.34
N LYS D 436 35.21 5.15 -40.02
CA LYS D 436 34.14 5.75 -40.81
C LYS D 436 33.19 6.58 -39.97
N ILE D 437 33.35 6.60 -38.65
CA ILE D 437 32.47 7.39 -37.81
C ILE D 437 33.24 8.56 -37.21
N VAL D 438 34.25 8.26 -36.38
CA VAL D 438 35.17 9.27 -35.89
C VAL D 438 36.54 8.63 -35.83
N VAL D 439 37.57 9.48 -35.76
CA VAL D 439 38.96 9.05 -35.74
C VAL D 439 39.74 9.86 -34.71
N GLY D 440 41.05 9.64 -34.66
CA GLY D 440 41.95 10.43 -33.85
C GLY D 440 42.66 9.63 -32.77
N GLN D 441 41.96 8.69 -32.15
CA GLN D 441 42.53 7.86 -31.10
C GLN D 441 42.76 6.44 -31.62
N LYS D 442 43.32 6.34 -32.83
CA LYS D 442 43.58 5.09 -33.51
C LYS D 442 44.09 4.03 -32.55
N GLU D 443 45.04 4.42 -31.69
CA GLU D 443 45.54 3.52 -30.67
C GLU D 443 44.41 2.91 -29.85
N ALA D 444 43.42 3.72 -29.46
CA ALA D 444 42.36 3.20 -28.61
C ALA D 444 41.42 2.30 -29.40
N VAL D 445 41.18 2.65 -30.66
CA VAL D 445 40.46 1.75 -31.56
C VAL D 445 41.12 0.38 -31.55
N GLN D 446 42.40 0.36 -31.90
CA GLN D 446 43.20 -0.86 -31.87
C GLN D 446 43.03 -1.59 -30.54
N SER D 447 43.16 -0.85 -29.44
CA SER D 447 43.14 -1.45 -28.11
C SER D 447 41.82 -2.16 -27.85
N VAL D 448 40.72 -1.40 -27.92
CA VAL D 448 39.40 -1.98 -27.67
C VAL D 448 39.13 -3.12 -28.62
N SER D 449 39.64 -3.03 -29.85
CA SER D 449 39.48 -4.13 -30.79
C SER D 449 40.15 -5.39 -30.27
N ASN D 450 41.41 -5.26 -29.83
CA ASN D 450 42.11 -6.40 -29.26
C ASN D 450 41.35 -6.93 -28.06
N ALA D 451 40.76 -6.04 -27.28
CA ALA D 451 39.99 -6.46 -26.11
C ALA D 451 38.81 -7.32 -26.52
N ILE D 452 38.07 -6.87 -27.53
CA ILE D 452 36.93 -7.64 -27.99
C ILE D 452 37.38 -8.98 -28.54
N ARG D 453 38.51 -8.99 -29.22
CA ARG D 453 39.14 -10.24 -29.62
C ARG D 453 39.34 -11.14 -28.41
N LEU D 454 40.09 -10.65 -27.43
CA LEU D 454 40.35 -11.36 -26.18
C LEU D 454 39.10 -12.03 -25.66
N GLN D 455 38.01 -11.27 -25.59
CA GLN D 455 36.72 -11.84 -25.20
C GLN D 455 36.38 -13.01 -26.11
N ARG D 456 36.23 -12.72 -27.41
CA ARG D 456 35.93 -13.78 -28.34
C ARG D 456 37.04 -14.82 -28.40
N SER D 457 38.28 -14.41 -28.16
CA SER D 457 39.37 -15.38 -28.09
C SER D 457 39.13 -16.37 -26.96
N GLY D 458 38.59 -15.89 -25.84
CA GLY D 458 38.47 -16.69 -24.65
C GLY D 458 39.75 -16.92 -23.90
N LEU D 459 40.90 -16.57 -24.48
CA LEU D 459 42.17 -16.81 -23.82
C LEU D 459 42.31 -16.00 -22.55
N SER D 460 41.61 -14.87 -22.47
CA SER D 460 41.61 -14.07 -21.26
C SER D 460 40.72 -14.73 -20.22
N ASN D 461 40.48 -14.04 -19.11
CA ASN D 461 39.53 -14.51 -18.10
C ASN D 461 38.23 -14.92 -18.78
N PRO D 462 37.87 -16.21 -18.75
CA PRO D 462 36.73 -16.68 -19.54
C PRO D 462 35.41 -16.08 -19.14
N ASN D 463 35.35 -15.32 -18.07
CA ASN D 463 34.10 -14.76 -17.62
C ASN D 463 34.12 -13.25 -17.44
N GLN D 464 35.24 -12.70 -16.99
CA GLN D 464 35.30 -11.26 -16.72
C GLN D 464 35.02 -10.46 -17.99
N PRO D 465 33.91 -9.75 -18.03
CA PRO D 465 33.59 -8.94 -19.21
C PRO D 465 34.62 -7.83 -19.37
N PRO D 466 34.72 -7.25 -20.56
CA PRO D 466 35.74 -6.22 -20.77
C PRO D 466 35.39 -4.92 -20.06
N SER D 467 36.40 -4.08 -19.86
CA SER D 467 36.27 -2.92 -18.98
C SER D 467 37.34 -1.88 -19.32
N PHE D 468 36.91 -0.64 -19.52
CA PHE D 468 37.79 0.39 -20.05
C PHE D 468 37.43 1.75 -19.47
N LEU D 469 38.42 2.41 -18.89
CA LEU D 469 38.23 3.66 -18.16
C LEU D 469 38.68 4.80 -19.06
N PHE D 470 37.73 5.59 -19.55
CA PHE D 470 38.07 6.61 -20.53
C PHE D 470 38.77 7.78 -19.87
N CYS D 471 39.78 8.31 -20.57
CA CYS D 471 40.57 9.43 -20.07
C CYS D 471 40.90 10.34 -21.24
N GLY D 472 40.31 11.53 -21.25
CA GLY D 472 40.59 12.52 -22.26
C GLY D 472 39.53 13.60 -22.34
N PRO D 473 39.72 14.54 -23.27
CA PRO D 473 38.83 15.70 -23.33
C PRO D 473 37.51 15.34 -24.00
N SER D 474 36.42 15.85 -23.44
CA SER D 474 35.11 15.67 -24.05
C SER D 474 34.96 16.61 -25.24
N GLY D 475 34.19 16.17 -26.24
CA GLY D 475 33.90 17.01 -27.38
C GLY D 475 34.45 16.52 -28.70
N THR D 476 34.63 15.21 -28.84
CA THR D 476 35.07 14.63 -30.10
C THR D 476 34.11 13.55 -30.53
N GLY D 477 33.54 12.85 -29.55
CA GLY D 477 32.69 11.73 -29.85
C GLY D 477 33.05 10.46 -29.10
N LYS D 478 33.74 10.57 -27.98
CA LYS D 478 33.91 9.43 -27.08
C LYS D 478 32.59 8.69 -26.94
N THR D 479 31.58 9.44 -26.50
CA THR D 479 30.20 9.00 -26.58
C THR D 479 29.90 8.40 -27.94
N LEU D 480 30.06 9.20 -29.00
CA LEU D 480 29.82 8.75 -30.36
C LEU D 480 30.63 7.51 -30.68
N LEU D 481 31.89 7.49 -30.26
CA LEU D 481 32.74 6.32 -30.44
C LEU D 481 32.05 5.07 -29.93
N THR D 482 31.69 5.08 -28.66
CA THR D 482 31.04 3.92 -28.06
C THR D 482 29.73 3.60 -28.73
N LYS D 483 28.98 4.63 -29.12
CA LYS D 483 27.69 4.42 -29.77
C LYS D 483 27.85 3.61 -31.03
N ALA D 484 28.62 4.14 -31.99
CA ALA D 484 28.86 3.41 -33.23
C ALA D 484 29.53 2.08 -32.96
N LEU D 485 30.40 2.03 -31.96
CA LEU D 485 30.98 0.77 -31.54
C LEU D 485 29.90 -0.29 -31.33
N ALA D 486 28.98 0.00 -30.41
CA ALA D 486 27.92 -0.96 -30.12
C ALA D 486 27.10 -1.26 -31.36
N GLU D 487 26.58 -0.23 -32.02
CA GLU D 487 25.75 -0.45 -33.20
C GLU D 487 26.50 -1.17 -34.30
N PHE D 488 27.81 -1.32 -34.17
CA PHE D 488 28.53 -2.26 -35.03
C PHE D 488 28.62 -3.62 -34.40
N LEU D 489 28.64 -3.70 -33.07
CA LEU D 489 28.75 -4.99 -32.40
C LEU D 489 27.39 -5.67 -32.32
N PHE D 490 26.45 -5.03 -31.63
CA PHE D 490 25.12 -5.59 -31.47
C PHE D 490 24.10 -4.95 -32.39
N ASP D 491 24.48 -3.88 -33.08
CA ASP D 491 23.63 -3.26 -34.10
C ASP D 491 22.31 -2.79 -33.49
N ASP D 492 22.45 -1.93 -32.49
CA ASP D 492 21.32 -1.42 -31.75
C ASP D 492 21.70 -0.12 -31.05
N PRO D 493 20.98 0.95 -31.30
CA PRO D 493 21.16 2.14 -30.46
C PRO D 493 20.85 1.85 -29.01
N LYS D 494 19.63 1.36 -28.76
CA LYS D 494 19.18 1.10 -27.40
C LYS D 494 20.06 0.10 -26.68
N SER D 495 20.88 -0.65 -27.40
CA SER D 495 21.87 -1.51 -26.75
C SER D 495 22.82 -0.73 -25.87
N MET D 496 22.78 0.59 -25.91
CA MET D 496 23.60 1.44 -25.06
C MET D 496 22.76 2.05 -23.97
N ILE D 497 23.35 2.16 -22.78
CA ILE D 497 22.76 2.89 -21.67
C ILE D 497 23.84 3.72 -21.01
N ARG D 498 23.47 4.89 -20.49
CA ARG D 498 24.41 5.84 -19.91
C ARG D 498 24.07 6.06 -18.45
N PHE D 499 25.12 6.28 -17.65
CA PHE D 499 24.97 6.52 -16.22
C PHE D 499 25.98 7.55 -15.78
N ASP D 500 25.56 8.47 -14.92
CA ASP D 500 26.43 9.53 -14.41
C ASP D 500 26.34 9.56 -12.89
N MET D 501 27.48 9.42 -12.22
CA MET D 501 27.52 9.30 -10.77
C MET D 501 27.08 10.57 -10.05
N SER D 502 26.69 11.61 -10.79
CA SER D 502 26.23 12.85 -10.17
C SER D 502 25.14 12.60 -9.15
N GLU D 503 24.33 11.57 -9.34
CA GLU D 503 23.24 11.23 -8.44
C GLU D 503 23.48 9.89 -7.79
N TYR D 504 24.72 9.64 -7.38
CA TYR D 504 25.06 8.34 -6.81
C TYR D 504 25.92 8.44 -5.56
N GLN D 505 26.29 9.64 -5.12
CA GLN D 505 27.06 9.78 -3.89
C GLN D 505 26.27 9.39 -2.65
N GLU D 506 25.01 9.00 -2.80
CA GLU D 506 24.15 8.70 -1.68
C GLU D 506 23.89 7.20 -1.57
N ARG D 507 23.49 6.77 -0.38
CA ARG D 507 23.20 5.36 -0.15
C ARG D 507 21.93 4.94 -0.86
N HIS D 508 20.84 5.67 -0.62
CA HIS D 508 19.58 5.39 -1.29
C HIS D 508 19.75 5.35 -2.80
N SER D 509 20.70 6.12 -3.34
CA SER D 509 20.95 6.07 -4.77
C SER D 509 21.54 4.72 -5.17
N LEU D 510 22.50 4.21 -4.40
CA LEU D 510 22.98 2.86 -4.61
C LEU D 510 21.83 1.86 -4.57
N SER D 511 20.94 2.01 -3.58
CA SER D 511 19.79 1.13 -3.48
C SER D 511 18.98 1.14 -4.77
N ARG D 512 18.48 2.32 -5.15
CA ARG D 512 17.69 2.44 -6.37
C ARG D 512 18.44 1.91 -7.57
N MET D 513 19.76 2.12 -7.62
CA MET D 513 20.55 1.64 -8.74
C MET D 513 20.60 0.12 -8.77
N ILE D 514 20.45 -0.53 -7.63
CA ILE D 514 20.43 -1.98 -7.58
C ILE D 514 19.09 -2.53 -7.13
N GLY D 515 18.36 -1.84 -6.29
CA GLY D 515 17.18 -2.38 -5.66
C GLY D 515 17.36 -2.49 -4.16
N ALA D 516 16.43 -3.23 -3.54
CA ALA D 516 16.40 -3.33 -2.08
C ALA D 516 15.44 -4.42 -1.63
N PRO D 517 15.46 -4.82 -0.36
CA PRO D 517 14.41 -5.70 0.17
C PRO D 517 13.05 -5.05 0.11
N PRO D 518 11.96 -5.82 0.24
CA PRO D 518 10.63 -5.26 -0.05
C PRO D 518 10.23 -4.08 0.81
N GLY D 519 10.72 -3.98 2.04
CA GLY D 519 10.37 -2.85 2.88
C GLY D 519 11.12 -1.60 2.46
N TYR D 520 10.86 -1.15 1.23
CA TYR D 520 11.61 -0.07 0.61
C TYR D 520 10.96 0.25 -0.73
N VAL D 521 11.49 1.26 -1.41
CA VAL D 521 11.09 1.53 -2.80
C VAL D 521 12.06 0.89 -3.78
N GLY D 522 13.27 0.52 -3.34
CA GLY D 522 14.22 -0.12 -4.24
C GLY D 522 13.69 -1.40 -4.85
N HIS D 523 12.79 -2.10 -4.14
CA HIS D 523 12.10 -3.23 -4.73
C HIS D 523 11.34 -2.81 -5.98
N ASP D 524 10.55 -1.74 -5.86
CA ASP D 524 9.93 -1.13 -7.04
C ASP D 524 11.02 -0.69 -8.01
N ALA D 525 10.89 -1.12 -9.27
CA ALA D 525 11.82 -0.83 -10.36
C ALA D 525 13.18 -1.50 -10.18
N GLY D 526 13.41 -2.19 -9.07
CA GLY D 526 14.67 -2.92 -8.90
C GLY D 526 15.88 -2.02 -9.05
N GLY D 527 16.77 -2.41 -9.94
CA GLY D 527 17.97 -1.64 -10.21
C GLY D 527 18.20 -1.51 -11.70
N GLN D 528 18.71 -0.34 -12.10
CA GLN D 528 18.90 -0.06 -13.51
C GLN D 528 19.78 -1.11 -14.18
N LEU D 529 20.88 -1.48 -13.53
CA LEU D 529 21.80 -2.42 -14.13
C LEU D 529 21.15 -3.78 -14.31
N THR D 530 20.53 -4.30 -13.26
CA THR D 530 19.93 -5.63 -13.37
C THR D 530 18.74 -5.62 -14.32
N GLU D 531 17.88 -4.60 -14.23
CA GLU D 531 16.74 -4.53 -15.11
C GLU D 531 17.18 -4.44 -16.56
N ALA D 532 18.28 -3.73 -16.81
CA ALA D 532 18.79 -3.62 -18.16
C ALA D 532 19.33 -4.96 -18.63
N LEU D 533 20.25 -5.53 -17.85
CA LEU D 533 20.83 -6.82 -18.21
C LEU D 533 19.76 -7.83 -18.56
N ARG D 534 18.68 -7.87 -17.78
CA ARG D 534 17.52 -8.66 -18.16
C ARG D 534 16.98 -8.20 -19.51
N ARG D 535 16.54 -6.95 -19.59
CA ARG D 535 15.93 -6.44 -20.81
C ARG D 535 16.86 -6.58 -22.00
N ARG D 536 18.16 -6.54 -21.78
CA ARG D 536 19.07 -6.82 -22.87
C ARG D 536 20.39 -7.32 -22.31
N PRO D 537 20.68 -8.60 -22.45
CA PRO D 537 21.92 -9.15 -21.92
C PRO D 537 23.15 -8.59 -22.63
N PHE D 538 23.16 -8.63 -23.95
CA PHE D 538 24.24 -7.98 -24.69
C PHE D 538 24.06 -6.47 -24.60
N SER D 539 25.09 -5.76 -24.18
CA SER D 539 25.04 -4.30 -24.11
C SER D 539 26.42 -3.76 -23.81
N ILE D 540 26.50 -2.43 -23.74
CA ILE D 540 27.63 -1.72 -23.20
C ILE D 540 27.09 -0.79 -22.14
N LEU D 541 27.88 -0.52 -21.10
CA LEU D 541 27.39 0.19 -19.93
C LEU D 541 28.28 1.40 -19.65
N LEU D 542 27.74 2.60 -19.90
CA LEU D 542 28.46 3.83 -19.66
C LEU D 542 28.34 4.24 -18.19
N PHE D 543 29.47 4.67 -17.61
CA PHE D 543 29.46 5.28 -16.28
C PHE D 543 30.38 6.50 -16.33
N ASP D 544 29.81 7.63 -16.75
CA ASP D 544 30.59 8.83 -16.98
C ASP D 544 30.86 9.57 -15.66
N GLU D 545 31.90 10.42 -15.68
CA GLU D 545 32.33 11.19 -14.52
C GLU D 545 32.42 10.31 -13.27
N VAL D 546 32.80 9.05 -13.47
CA VAL D 546 32.82 8.08 -12.39
C VAL D 546 33.71 8.53 -11.24
N GLU D 547 34.65 9.44 -11.48
CA GLU D 547 35.51 9.95 -10.41
C GLU D 547 34.71 10.57 -9.27
N LYS D 548 33.45 10.92 -9.49
CA LYS D 548 32.61 11.49 -8.46
C LYS D 548 31.78 10.45 -7.74
N ALA D 549 31.98 9.17 -8.04
CA ALA D 549 31.08 8.14 -7.55
C ALA D 549 31.24 7.91 -6.05
N ALA D 550 30.17 7.41 -5.44
CA ALA D 550 30.25 6.84 -4.11
C ALA D 550 30.99 5.52 -4.19
N LYS D 551 32.01 5.37 -3.34
CA LYS D 551 32.97 4.29 -3.52
C LYS D 551 32.35 2.93 -3.29
N GLU D 552 31.15 2.87 -2.74
CA GLU D 552 30.46 1.60 -2.59
C GLU D 552 29.70 1.23 -3.85
N VAL D 553 29.18 2.23 -4.55
CA VAL D 553 28.73 2.00 -5.92
C VAL D 553 29.91 1.53 -6.77
N LEU D 554 31.06 2.18 -6.59
CA LEU D 554 32.29 1.70 -7.21
C LEU D 554 32.55 0.25 -6.85
N THR D 555 32.25 -0.12 -5.61
CA THR D 555 32.45 -1.49 -5.17
C THR D 555 31.55 -2.45 -5.94
N VAL D 556 30.27 -2.11 -6.05
CA VAL D 556 29.35 -3.02 -6.74
C VAL D 556 29.71 -3.11 -8.22
N LEU D 557 30.18 -2.01 -8.80
CA LEU D 557 30.65 -2.06 -10.17
C LEU D 557 31.88 -2.95 -10.30
N LEU D 558 32.81 -2.83 -9.37
CA LEU D 558 33.99 -3.70 -9.39
C LEU D 558 33.59 -5.17 -9.31
N GLN D 559 32.60 -5.47 -8.47
CA GLN D 559 32.04 -6.82 -8.44
C GLN D 559 31.58 -7.23 -9.83
N LEU D 560 30.68 -6.44 -10.42
CA LEU D 560 30.28 -6.67 -11.80
C LEU D 560 31.46 -6.99 -12.69
N MET D 561 32.56 -6.23 -12.54
CA MET D 561 33.75 -6.50 -13.32
C MET D 561 34.31 -7.89 -13.03
N ASP D 562 34.22 -8.32 -11.77
CA ASP D 562 34.87 -9.56 -11.36
C ASP D 562 33.90 -10.68 -11.00
N ASP D 563 32.61 -10.50 -11.20
CA ASP D 563 31.67 -11.60 -10.99
C ASP D 563 31.19 -12.25 -12.28
N GLY D 564 31.04 -11.48 -13.35
CA GLY D 564 30.28 -11.89 -14.50
C GLY D 564 28.79 -11.71 -14.30
N ARG D 565 28.39 -11.40 -13.06
CA ARG D 565 27.01 -11.20 -12.68
C ARG D 565 26.98 -10.20 -11.52
N ILE D 566 25.86 -10.08 -10.81
CA ILE D 566 25.80 -9.25 -9.63
C ILE D 566 24.79 -9.82 -8.66
N THR D 567 25.07 -9.69 -7.37
CA THR D 567 24.13 -10.04 -6.31
C THR D 567 23.34 -8.80 -5.92
N ASP D 568 22.03 -8.97 -5.78
CA ASP D 568 21.12 -7.86 -5.61
C ASP D 568 20.42 -7.92 -4.26
N GLY D 569 19.46 -7.02 -4.07
CA GLY D 569 18.64 -7.06 -2.88
C GLY D 569 17.87 -8.35 -2.75
N GLN D 570 17.55 -8.99 -3.89
CA GLN D 570 16.99 -10.33 -3.87
C GLN D 570 18.06 -11.41 -3.88
N GLY D 571 19.34 -11.02 -3.91
CA GLY D 571 20.42 -11.99 -3.86
C GLY D 571 20.67 -12.66 -5.20
N ARG D 572 19.62 -12.78 -6.01
CA ARG D 572 19.73 -13.44 -7.29
C ARG D 572 20.80 -12.77 -8.14
N VAL D 573 21.33 -13.52 -9.10
CA VAL D 573 22.48 -13.08 -9.89
C VAL D 573 22.15 -13.23 -11.37
N VAL D 574 22.53 -12.23 -12.16
CA VAL D 574 22.23 -12.19 -13.58
C VAL D 574 23.52 -11.95 -14.34
N ASP D 575 23.80 -12.82 -15.31
CA ASP D 575 25.11 -12.82 -15.97
C ASP D 575 25.30 -11.61 -16.88
N ALA D 576 26.48 -11.01 -16.82
CA ALA D 576 26.88 -9.94 -17.71
C ALA D 576 28.09 -10.31 -18.55
N LYS D 577 28.43 -11.60 -18.62
CA LYS D 577 29.56 -12.04 -19.42
C LYS D 577 29.44 -11.55 -20.86
N ASN D 578 28.21 -11.52 -21.39
CA ASN D 578 27.96 -11.05 -22.73
C ASN D 578 27.76 -9.54 -22.79
N CYS D 579 28.27 -8.81 -21.80
CA CYS D 579 28.13 -7.37 -21.73
C CYS D 579 29.50 -6.75 -21.50
N ILE D 580 29.58 -5.43 -21.72
CA ILE D 580 30.79 -4.65 -21.50
C ILE D 580 30.39 -3.36 -20.82
N VAL D 581 31.39 -2.61 -20.35
CA VAL D 581 31.16 -1.45 -19.51
C VAL D 581 32.01 -0.29 -19.98
N VAL D 582 31.58 0.91 -19.63
CA VAL D 582 32.24 2.15 -20.03
C VAL D 582 32.23 3.12 -18.86
N MET D 583 33.38 3.75 -18.62
CA MET D 583 33.50 4.79 -17.61
C MET D 583 34.58 5.76 -18.03
N THR D 584 34.34 7.04 -17.75
CA THR D 584 35.14 8.11 -18.33
C THR D 584 35.60 9.08 -17.24
N SER D 585 36.60 9.87 -17.60
CA SER D 585 37.04 10.99 -16.77
C SER D 585 37.67 12.03 -17.68
N ASN D 586 37.87 13.23 -17.14
CA ASN D 586 38.43 14.31 -17.93
C ASN D 586 39.45 15.11 -17.14
N LEU D 587 40.18 14.46 -16.24
CA LEU D 587 41.16 15.18 -15.44
C LEU D 587 42.36 15.59 -16.28
N GLY D 588 42.86 14.69 -17.13
CA GLY D 588 44.10 14.89 -17.87
C GLY D 588 44.18 16.21 -18.62
N ALA D 589 43.04 16.90 -18.82
CA ALA D 589 43.05 18.16 -19.54
C ALA D 589 44.15 19.10 -19.08
N GLU D 590 44.49 19.04 -17.79
CA GLU D 590 45.72 19.65 -17.31
C GLU D 590 46.90 19.31 -18.21
N TYR D 591 47.17 18.02 -18.37
CA TYR D 591 48.27 17.59 -19.21
C TYR D 591 47.99 17.75 -20.70
N LEU D 592 46.75 18.05 -21.08
CA LEU D 592 46.43 18.17 -22.50
C LEU D 592 47.13 19.33 -23.16
N SER D 593 48.15 19.02 -23.96
CA SER D 593 48.80 20.02 -24.81
C SER D 593 49.44 19.24 -25.95
N ARG D 594 48.85 19.36 -27.14
CA ARG D 594 49.27 18.56 -28.28
C ARG D 594 50.72 18.85 -28.67
N ALA D 595 51.28 17.95 -29.47
CA ALA D 595 52.66 18.07 -29.93
C ALA D 595 52.70 18.46 -31.41
N ILE D 603 52.06 12.02 -29.04
CA ILE D 603 51.63 11.27 -27.86
C ILE D 603 52.82 11.05 -26.93
N ASP D 604 52.67 11.48 -25.68
CA ASP D 604 53.75 11.42 -24.72
C ASP D 604 53.41 10.52 -23.56
N PRO D 605 54.36 9.70 -23.10
CA PRO D 605 54.08 8.85 -21.93
C PRO D 605 54.03 9.60 -20.61
N THR D 606 54.98 10.52 -20.39
CA THR D 606 55.18 11.10 -19.06
C THR D 606 53.86 11.50 -18.41
N THR D 607 52.93 12.04 -19.19
CA THR D 607 51.64 12.44 -18.66
C THR D 607 50.83 11.24 -18.19
N ARG D 608 50.90 10.12 -18.94
CA ARG D 608 50.00 9.01 -18.69
C ARG D 608 50.17 8.46 -17.28
N GLU D 609 51.40 8.46 -16.77
CA GLU D 609 51.62 7.96 -15.40
C GLU D 609 51.11 8.95 -14.38
N LEU D 610 51.26 10.25 -14.65
CA LEU D 610 50.60 11.25 -13.82
C LEU D 610 49.12 10.95 -13.72
N VAL D 611 48.48 10.64 -14.84
CA VAL D 611 47.05 10.33 -14.81
C VAL D 611 46.81 9.04 -14.04
N MET D 612 47.67 8.04 -14.26
CA MET D 612 47.49 6.76 -13.58
C MET D 612 47.49 6.95 -12.08
N ASN D 613 48.43 7.72 -11.56
CA ASN D 613 48.43 7.98 -10.12
C ASN D 613 47.26 8.86 -9.72
N THR D 614 46.92 9.82 -10.58
CA THR D 614 45.76 10.67 -10.37
C THR D 614 44.52 9.83 -10.09
N LEU D 615 44.45 8.64 -10.67
CA LEU D 615 43.26 7.82 -10.49
C LEU D 615 43.51 6.70 -9.50
N ARG D 616 44.77 6.30 -9.31
CA ARG D 616 45.11 5.39 -8.23
C ARG D 616 44.66 5.96 -6.90
N ASN D 617 44.95 7.23 -6.66
CA ASN D 617 44.49 7.88 -5.43
C ASN D 617 42.97 7.97 -5.36
N TYR D 618 42.27 7.67 -6.44
CA TYR D 618 40.82 7.75 -6.48
C TYR D 618 40.12 6.41 -6.30
N PHE D 619 40.80 5.30 -6.55
CA PHE D 619 40.15 4.00 -6.54
C PHE D 619 41.12 2.97 -5.97
N LEU D 620 40.73 1.73 -6.00
CA LEU D 620 41.62 0.72 -5.47
C LEU D 620 42.60 0.26 -6.54
N PRO D 621 43.83 -0.05 -6.13
CA PRO D 621 44.83 -0.53 -7.09
C PRO D 621 44.35 -1.73 -7.90
N GLU D 622 43.96 -2.81 -7.23
CA GLU D 622 43.44 -3.97 -7.95
C GLU D 622 42.20 -3.62 -8.76
N PHE D 623 41.37 -2.71 -8.24
CA PHE D 623 40.25 -2.20 -9.02
C PHE D 623 40.71 -1.68 -10.36
N LEU D 624 41.68 -0.76 -10.34
CA LEU D 624 42.29 -0.29 -11.57
C LEU D 624 43.05 -1.38 -12.31
N ASN D 625 43.28 -2.53 -11.68
CA ASN D 625 43.92 -3.65 -12.36
C ASN D 625 42.92 -4.69 -12.82
N ARG D 626 41.82 -4.86 -12.09
CA ARG D 626 40.78 -5.75 -12.59
C ARG D 626 40.11 -5.21 -13.84
N ILE D 627 40.55 -4.05 -14.34
CA ILE D 627 40.09 -3.51 -15.60
C ILE D 627 40.63 -4.35 -16.73
N SER D 628 40.09 -4.14 -17.93
CA SER D 628 40.64 -4.80 -19.11
C SER D 628 41.78 -3.98 -19.71
N SER D 629 41.57 -2.68 -19.89
CA SER D 629 42.61 -1.83 -20.43
C SER D 629 42.30 -0.37 -20.11
N ILE D 630 43.36 0.41 -19.98
CA ILE D 630 43.23 1.84 -19.76
C ILE D 630 42.90 2.52 -21.08
N VAL D 631 42.17 3.62 -21.01
CA VAL D 631 41.79 4.36 -22.21
C VAL D 631 42.37 5.76 -22.13
N ILE D 632 42.69 6.30 -23.28
CA ILE D 632 43.37 7.59 -23.38
C ILE D 632 42.79 8.34 -24.56
N PHE D 633 42.67 9.66 -24.42
CA PHE D 633 42.23 10.51 -25.51
C PHE D 633 43.16 11.72 -25.62
N ASN D 634 42.78 12.66 -26.47
CA ASN D 634 43.58 13.86 -26.68
C ASN D 634 42.73 14.88 -27.44
N ARG D 635 43.34 16.00 -27.81
CA ARG D 635 42.66 17.01 -28.60
C ARG D 635 42.65 16.57 -30.06
N LEU D 636 42.28 17.48 -30.95
CA LEU D 636 42.10 17.13 -32.35
C LEU D 636 43.02 17.95 -33.23
N THR D 637 43.65 17.29 -34.20
CA THR D 637 44.40 18.01 -35.22
C THR D 637 43.46 18.87 -36.04
N ARG D 638 43.87 20.11 -36.27
CA ARG D 638 43.09 21.03 -37.08
C ARG D 638 42.69 20.39 -38.40
N ARG D 639 43.54 19.52 -38.94
CA ARG D 639 43.19 18.83 -40.17
C ARG D 639 42.06 17.85 -39.93
N GLU D 640 42.18 17.02 -38.89
CA GLU D 640 41.07 16.13 -38.58
C GLU D 640 39.85 16.92 -38.11
N ILE D 641 40.07 18.09 -37.50
CA ILE D 641 38.97 18.99 -37.20
C ILE D 641 38.20 19.29 -38.48
N ARG D 642 38.90 19.86 -39.45
CA ARG D 642 38.27 20.17 -40.74
C ARG D 642 37.66 18.92 -41.36
N LYS D 643 38.31 17.77 -41.15
CA LYS D 643 37.78 16.53 -41.70
C LYS D 643 36.39 16.23 -41.13
N ILE D 644 36.27 16.27 -39.81
CA ILE D 644 34.97 15.98 -39.21
C ILE D 644 33.97 17.05 -39.63
N VAL D 645 34.43 18.27 -39.90
CA VAL D 645 33.53 19.27 -40.45
C VAL D 645 33.05 18.85 -41.83
N ASP D 646 33.95 18.31 -42.64
CA ASP D 646 33.55 17.78 -43.94
C ASP D 646 32.53 16.68 -43.77
N LEU D 647 32.71 15.84 -42.76
CA LEU D 647 31.72 14.82 -42.47
C LEU D 647 30.39 15.46 -42.11
N ARG D 648 30.42 16.55 -41.35
CA ARG D 648 29.20 17.27 -41.01
C ARG D 648 28.49 17.75 -42.27
N ILE D 649 29.23 18.42 -43.15
CA ILE D 649 28.60 18.94 -44.36
C ILE D 649 28.13 17.81 -45.25
N ALA D 650 28.79 16.64 -45.16
CA ALA D 650 28.29 15.46 -45.84
C ALA D 650 26.94 15.06 -45.28
N GLU D 651 26.84 15.00 -43.95
CA GLU D 651 25.55 14.80 -43.29
C GLU D 651 24.52 15.80 -43.80
N ILE D 652 24.96 17.04 -44.00
CA ILE D 652 24.03 18.10 -44.40
C ILE D 652 23.49 17.81 -45.78
N GLN D 653 24.38 17.69 -46.76
CA GLN D 653 23.96 17.34 -48.11
C GLN D 653 23.15 16.06 -48.13
N LYS D 654 23.43 15.14 -47.22
CA LYS D 654 22.62 13.94 -47.11
C LYS D 654 21.20 14.29 -46.70
N ARG D 655 21.06 15.14 -45.69
CA ARG D 655 19.73 15.58 -45.29
C ARG D 655 19.04 16.33 -46.42
N LEU D 656 19.81 16.99 -47.27
CA LEU D 656 19.24 17.71 -48.40
C LEU D 656 18.66 16.76 -49.42
N THR D 657 19.46 15.77 -49.84
CA THR D 657 18.96 14.76 -50.76
C THR D 657 17.91 13.86 -50.12
N ASP D 658 17.80 13.87 -48.80
CA ASP D 658 16.65 13.24 -48.16
C ASP D 658 15.36 13.84 -48.67
N ASN D 659 15.27 15.17 -48.67
CA ASN D 659 14.15 15.87 -49.27
C ASN D 659 14.43 16.09 -50.75
N ASP D 660 13.56 16.85 -51.42
CA ASP D 660 13.72 17.13 -52.84
C ASP D 660 14.82 18.13 -53.13
N ARG D 661 15.40 18.76 -52.11
CA ARG D 661 16.37 19.84 -52.34
C ARG D 661 17.71 19.24 -52.75
N ASN D 662 18.00 19.26 -54.05
CA ASN D 662 19.29 18.84 -54.57
C ASN D 662 20.21 20.05 -54.71
N VAL D 663 20.57 20.61 -53.57
CA VAL D 663 21.35 21.84 -53.53
C VAL D 663 22.74 21.48 -53.01
N THR D 664 23.68 21.29 -53.93
CA THR D 664 25.06 21.10 -53.52
C THR D 664 25.56 22.35 -52.80
N ILE D 665 26.65 22.17 -52.05
CA ILE D 665 27.20 23.24 -51.24
C ILE D 665 28.68 23.35 -51.52
N LYS D 666 29.13 24.57 -51.86
CA LYS D 666 30.54 24.84 -52.08
C LYS D 666 31.11 25.41 -50.79
N VAL D 667 31.32 24.53 -49.82
CA VAL D 667 31.86 24.96 -48.53
C VAL D 667 33.29 25.39 -48.76
N SER D 668 33.52 26.70 -48.77
CA SER D 668 34.87 27.21 -48.95
C SER D 668 35.78 26.70 -47.85
N ASP D 669 37.06 26.54 -48.19
CA ASP D 669 38.05 26.22 -47.17
C ASP D 669 38.00 27.23 -46.03
N GLU D 670 37.84 28.51 -46.36
CA GLU D 670 37.75 29.53 -45.33
C GLU D 670 36.55 29.31 -44.42
N ALA D 671 35.44 28.87 -45.00
CA ALA D 671 34.25 28.57 -44.19
C ALA D 671 34.60 27.62 -43.06
N LYS D 672 35.10 26.43 -43.41
CA LYS D 672 35.42 25.45 -42.38
C LYS D 672 36.55 25.92 -41.47
N ASP D 673 37.55 26.61 -42.02
CA ASP D 673 38.64 27.11 -41.18
C ASP D 673 38.11 28.01 -40.08
N LYS D 674 37.32 29.02 -40.44
CA LYS D 674 36.78 29.92 -39.44
C LYS D 674 35.83 29.20 -38.50
N LEU D 675 34.96 28.35 -39.05
CA LEU D 675 34.03 27.62 -38.21
C LEU D 675 34.77 26.83 -37.14
N GLY D 676 35.89 26.21 -37.52
CA GLY D 676 36.66 25.46 -36.54
C GLY D 676 37.37 26.37 -35.55
N ALA D 677 38.05 27.40 -36.06
CA ALA D 677 38.73 28.35 -35.19
C ALA D 677 37.80 28.87 -34.11
N GLN D 678 36.53 29.05 -34.46
CA GLN D 678 35.53 29.41 -33.45
C GLN D 678 35.20 28.21 -32.57
N GLY D 679 34.67 27.16 -33.19
CA GLY D 679 34.02 26.09 -32.48
C GLY D 679 34.93 25.21 -31.67
N TYR D 680 36.24 25.29 -31.87
CA TYR D 680 37.12 24.52 -30.98
C TYR D 680 37.00 25.15 -29.61
N SER D 681 36.25 24.51 -28.75
CA SER D 681 36.16 24.95 -27.37
C SER D 681 37.12 24.13 -26.54
N PRO D 682 38.29 24.68 -26.18
CA PRO D 682 39.23 23.93 -25.34
C PRO D 682 38.61 23.46 -24.04
N VAL D 683 37.41 23.92 -23.71
CA VAL D 683 36.69 23.42 -22.56
C VAL D 683 35.88 22.18 -22.88
N TYR D 684 35.26 22.12 -24.06
CA TYR D 684 34.27 21.10 -24.35
C TYR D 684 34.50 20.46 -25.72
N GLY D 685 35.72 20.52 -26.22
CA GLY D 685 36.00 19.95 -27.52
C GLY D 685 35.12 20.54 -28.61
N ALA D 686 34.92 19.75 -29.66
CA ALA D 686 34.13 20.18 -30.81
C ALA D 686 32.70 19.68 -30.73
N ARG D 687 32.29 19.05 -29.64
CA ARG D 687 30.88 18.73 -29.47
C ARG D 687 30.02 19.99 -29.53
N PRO D 688 30.55 21.17 -29.18
CA PRO D 688 29.82 22.39 -29.55
C PRO D 688 29.90 22.72 -31.03
N LEU D 689 30.88 22.16 -31.76
CA LEU D 689 31.21 22.69 -33.08
C LEU D 689 30.12 22.43 -34.10
N GLN D 690 29.56 21.21 -34.11
CA GLN D 690 28.50 20.93 -35.07
C GLN D 690 27.32 21.85 -34.84
N ARG D 691 26.94 22.06 -33.59
CA ARG D 691 25.88 23.00 -33.29
C ARG D 691 26.25 24.39 -33.77
N LEU D 692 27.49 24.81 -33.51
CA LEU D 692 27.96 26.11 -33.97
C LEU D 692 27.75 26.25 -35.45
N LEU D 693 28.27 25.31 -36.23
CA LEU D 693 28.21 25.43 -37.68
C LEU D 693 26.78 25.41 -38.18
N GLU D 694 25.94 24.56 -37.58
CA GLU D 694 24.57 24.47 -38.09
C GLU D 694 23.81 25.75 -37.77
N LYS D 695 23.94 26.26 -36.54
CA LYS D 695 23.32 27.54 -36.23
C LYS D 695 23.84 28.63 -37.15
N GLU D 696 25.11 28.55 -37.51
CA GLU D 696 25.70 29.61 -38.32
C GLU D 696 25.13 29.60 -39.72
N VAL D 697 25.10 28.45 -40.37
CA VAL D 697 24.83 28.37 -41.80
C VAL D 697 23.47 27.74 -42.09
N LEU D 698 23.22 26.55 -41.52
CA LEU D 698 22.04 25.78 -41.89
C LEU D 698 20.77 26.61 -41.81
N ASN D 699 20.70 27.49 -40.82
CA ASN D 699 19.55 28.36 -40.70
C ASN D 699 19.39 29.21 -41.94
N ARG D 700 20.41 30.01 -42.27
CA ARG D 700 20.37 30.84 -43.47
C ARG D 700 20.09 30.00 -44.70
N LEU D 701 20.60 28.77 -44.73
CA LEU D 701 20.34 27.88 -45.85
C LEU D 701 18.86 27.66 -46.03
N ALA D 702 18.21 27.07 -45.03
CA ALA D 702 16.78 26.82 -45.12
C ALA D 702 16.01 28.10 -45.38
N ILE D 703 16.46 29.20 -44.77
CA ILE D 703 15.83 30.49 -44.97
C ILE D 703 15.81 30.86 -46.44
N LEU D 704 16.99 30.94 -47.05
CA LEU D 704 17.09 31.23 -48.48
C LEU D 704 16.26 30.26 -49.30
N ILE D 705 16.25 28.98 -48.91
CA ILE D 705 15.60 27.96 -49.73
C ILE D 705 14.09 28.20 -49.75
N LEU D 706 13.51 28.51 -48.61
CA LEU D 706 12.06 28.57 -48.56
C LEU D 706 11.51 29.96 -48.84
N ARG D 707 12.20 31.01 -48.39
CA ARG D 707 11.72 32.37 -48.60
C ARG D 707 11.68 32.73 -50.08
N GLY D 708 12.22 31.87 -50.94
CA GLY D 708 12.23 32.10 -52.37
C GLY D 708 13.57 32.50 -52.93
N GLN D 709 14.60 32.67 -52.08
CA GLN D 709 15.91 33.03 -52.59
C GLN D 709 16.63 31.85 -53.23
N ILE D 710 16.06 30.65 -53.20
CA ILE D 710 16.66 29.47 -53.80
C ILE D 710 15.60 28.68 -54.54
N ARG D 711 15.86 28.37 -55.80
CA ARG D 711 15.07 27.38 -56.51
C ARG D 711 15.84 26.05 -56.56
N GLU D 712 15.11 24.98 -56.89
CA GLU D 712 15.65 23.64 -56.73
C GLU D 712 16.88 23.43 -57.62
N GLY D 713 17.74 22.50 -57.20
CA GLY D 713 18.92 22.14 -57.98
C GLY D 713 20.05 23.12 -57.87
N GLU D 714 19.92 24.17 -57.09
CA GLU D 714 20.90 25.23 -57.04
C GLU D 714 22.19 24.75 -56.37
N VAL D 715 23.20 25.59 -56.42
CA VAL D 715 24.48 25.35 -55.75
C VAL D 715 24.56 26.29 -54.56
N ALA D 716 24.78 25.72 -53.38
CA ALA D 716 25.00 26.54 -52.17
C ALA D 716 26.46 26.97 -52.18
N CYS D 717 26.76 27.94 -53.03
CA CYS D 717 28.10 28.51 -53.08
C CYS D 717 28.30 29.40 -51.86
N VAL D 718 28.77 28.80 -50.77
CA VAL D 718 28.84 29.46 -49.48
C VAL D 718 30.29 29.89 -49.25
N GLU D 719 30.47 31.10 -48.74
CA GLU D 719 31.81 31.69 -48.62
C GLU D 719 31.93 32.49 -47.33
N LEU D 720 33.01 32.24 -46.59
CA LEU D 720 33.38 33.09 -45.48
C LEU D 720 33.69 34.49 -45.97
N VAL D 721 33.00 35.48 -45.42
CA VAL D 721 33.18 36.88 -45.81
C VAL D 721 33.32 37.72 -44.55
N ASP D 722 34.54 38.21 -44.29
CA ASP D 722 34.83 39.05 -43.14
C ASP D 722 34.48 38.34 -41.84
N GLY D 723 35.17 37.23 -41.57
CA GLY D 723 35.01 36.52 -40.31
C GLY D 723 33.67 35.84 -40.12
N LYS D 724 32.70 36.08 -41.00
CA LYS D 724 31.41 35.43 -40.94
C LYS D 724 31.09 34.85 -42.30
N VAL D 725 30.66 33.59 -42.33
CA VAL D 725 30.39 32.91 -43.58
C VAL D 725 29.00 33.29 -44.03
N GLN D 726 28.90 34.06 -45.11
CA GLN D 726 27.63 34.38 -45.73
C GLN D 726 27.64 33.83 -47.15
N VAL D 727 26.83 32.81 -47.38
CA VAL D 727 26.71 32.22 -48.70
C VAL D 727 26.41 33.30 -49.72
N LEU D 728 27.08 33.21 -50.87
CA LEU D 728 26.79 34.11 -51.96
C LEU D 728 25.34 33.92 -52.37
N PRO D 729 24.51 34.97 -52.34
CA PRO D 729 23.08 34.80 -52.65
C PRO D 729 22.90 34.21 -54.05
N ASN D 730 22.37 32.99 -54.08
CA ASN D 730 22.15 32.32 -55.36
C ASN D 730 21.03 32.98 -56.15
N HIS D 731 20.00 33.46 -55.46
CA HIS D 731 18.93 34.26 -56.05
C HIS D 731 18.47 35.27 -55.01
N PRO D 732 18.08 36.47 -55.44
CA PRO D 732 17.76 37.53 -54.47
C PRO D 732 16.49 37.27 -53.68
N ASP D 733 16.12 38.21 -52.82
CA ASP D 733 14.93 38.10 -51.99
C ASP D 733 13.65 38.32 -52.80
N ASN E 15 -17.75 -31.10 19.48
CA ASN E 15 -16.58 -30.38 20.00
C ASN E 15 -15.79 -29.79 18.85
N LEU E 16 -15.21 -28.62 19.08
CA LEU E 16 -14.37 -27.95 18.08
C LEU E 16 -12.91 -28.33 18.26
N SER E 17 -12.62 -29.62 18.31
CA SER E 17 -11.24 -30.10 18.26
C SER E 17 -10.70 -30.10 16.86
N LYS E 18 -11.51 -29.48 16.00
CA LYS E 18 -11.20 -29.38 14.58
C LYS E 18 -9.76 -28.96 14.34
N PHE E 19 -9.38 -27.79 14.85
CA PHE E 19 -8.01 -27.32 14.62
C PHE E 19 -7.02 -28.03 15.53
N CYS E 20 -7.47 -28.53 16.67
CA CYS E 20 -6.56 -29.16 17.62
C CYS E 20 -6.01 -30.47 17.09
N ILE E 21 -4.88 -30.87 17.66
CA ILE E 21 -4.29 -32.18 17.44
C ILE E 21 -3.85 -32.72 18.79
N ASP E 22 -4.48 -33.81 19.22
CA ASP E 22 -4.18 -34.40 20.52
C ASP E 22 -2.83 -35.10 20.45
N MET E 23 -1.79 -34.41 20.92
CA MET E 23 -0.49 -35.05 21.08
C MET E 23 -0.61 -36.36 21.85
N THR E 24 -1.18 -36.30 23.05
CA THR E 24 -1.25 -37.47 23.92
C THR E 24 -1.85 -38.66 23.21
N ALA E 25 -2.72 -38.43 22.23
CA ALA E 25 -3.25 -39.53 21.44
C ALA E 25 -2.12 -40.30 20.79
N MET E 26 -1.40 -39.64 19.88
CA MET E 26 -0.28 -40.32 19.20
C MET E 26 0.76 -40.79 20.19
N ALA E 27 0.87 -40.12 21.34
CA ALA E 27 1.75 -40.60 22.39
C ALA E 27 1.36 -42.00 22.81
N ARG E 28 0.12 -42.15 23.31
CA ARG E 28 -0.42 -43.48 23.55
C ARG E 28 -0.29 -44.35 22.32
N GLU E 29 -0.60 -43.79 21.15
CA GLU E 29 -0.49 -44.56 19.91
C GLU E 29 0.95 -44.95 19.62
N GLY E 30 1.90 -44.12 20.00
CA GLY E 30 3.29 -44.40 19.72
C GLY E 30 3.76 -44.05 18.33
N LYS E 31 2.93 -43.39 17.52
CA LYS E 31 3.36 -42.96 16.21
C LYS E 31 4.34 -41.80 16.28
N ILE E 32 4.38 -41.09 17.40
CA ILE E 32 5.36 -40.03 17.58
C ILE E 32 6.76 -40.64 17.58
N ASP E 33 7.69 -39.95 16.94
CA ASP E 33 9.05 -40.45 16.87
C ASP E 33 9.66 -40.49 18.27
N PRO E 34 10.46 -41.50 18.59
CA PRO E 34 11.10 -41.56 19.91
C PRO E 34 12.16 -40.48 20.05
N VAL E 35 11.93 -39.55 20.98
CA VAL E 35 12.86 -38.46 21.22
C VAL E 35 14.11 -38.99 21.92
N ILE E 36 15.14 -38.16 21.96
CA ILE E 36 16.41 -38.52 22.58
C ILE E 36 17.08 -37.25 23.07
N GLY E 37 17.83 -37.37 24.16
CA GLY E 37 18.66 -36.30 24.65
C GLY E 37 17.91 -35.07 25.10
N ARG E 38 18.63 -34.08 25.64
CA ARG E 38 18.05 -32.80 26.02
C ARG E 38 16.95 -32.97 27.08
N GLU E 39 17.37 -33.40 28.26
CA GLU E 39 16.43 -33.70 29.34
C GLU E 39 16.37 -32.59 30.39
N GLU E 40 17.51 -32.19 30.92
CA GLU E 40 17.64 -31.05 31.81
C GLU E 40 16.74 -29.90 31.35
N GLU E 41 16.73 -29.63 30.06
CA GLU E 41 15.80 -28.66 29.51
C GLU E 41 14.37 -29.05 29.79
N ILE E 42 14.04 -30.33 29.67
CA ILE E 42 12.68 -30.76 29.93
C ILE E 42 12.30 -30.46 31.37
N ARG E 43 13.20 -30.78 32.30
CA ARG E 43 12.92 -30.51 33.70
C ARG E 43 12.78 -29.01 33.94
N ARG E 44 13.57 -28.21 33.24
CA ARG E 44 13.41 -26.77 33.31
C ARG E 44 11.98 -26.40 32.90
N VAL E 45 11.54 -26.94 31.76
CA VAL E 45 10.17 -26.71 31.31
C VAL E 45 9.19 -27.06 32.42
N ILE E 46 9.36 -28.25 32.99
CA ILE E 46 8.50 -28.71 34.08
C ILE E 46 8.41 -27.65 35.16
N ARG E 47 9.57 -27.26 35.68
CA ARG E 47 9.61 -26.25 36.73
C ARG E 47 8.83 -25.00 36.32
N ILE E 48 9.00 -24.59 35.07
CA ILE E 48 8.25 -23.44 34.58
C ILE E 48 6.76 -23.70 34.67
N LEU E 49 6.32 -24.90 34.28
CA LEU E 49 4.91 -25.24 34.35
C LEU E 49 4.40 -25.08 35.77
N SER E 50 5.03 -25.77 36.71
CA SER E 50 4.55 -25.70 38.08
C SER E 50 4.89 -24.37 38.74
N ARG E 51 5.71 -23.54 38.09
CA ARG E 51 5.95 -22.21 38.61
C ARG E 51 4.65 -21.42 38.62
N ARG E 52 4.30 -20.86 39.77
CA ARG E 52 3.03 -20.15 39.89
C ARG E 52 3.03 -18.86 39.09
N THR E 53 3.96 -17.96 39.41
CA THR E 53 3.90 -16.58 38.92
C THR E 53 3.74 -16.53 37.41
N LYS E 54 4.71 -17.07 36.69
CA LYS E 54 4.65 -17.18 35.23
C LYS E 54 4.81 -18.64 34.87
N ASN E 55 3.68 -19.35 34.83
CA ASN E 55 3.68 -20.74 34.37
C ASN E 55 4.24 -20.88 32.97
N ASN E 56 4.27 -19.80 32.22
CA ASN E 56 4.42 -19.82 30.77
C ASN E 56 5.78 -20.32 30.32
N PRO E 57 5.89 -21.53 29.78
CA PRO E 57 7.12 -21.93 29.09
C PRO E 57 7.12 -21.35 27.69
N VAL E 58 7.95 -20.34 27.48
CA VAL E 58 8.09 -19.75 26.16
C VAL E 58 9.51 -20.02 25.69
N LEU E 59 9.64 -21.01 24.81
CA LEU E 59 10.91 -21.47 24.31
C LEU E 59 11.36 -20.63 23.12
N ILE E 60 12.66 -20.54 22.93
CA ILE E 60 13.22 -19.82 21.79
C ILE E 60 14.38 -20.63 21.23
N GLY E 61 14.43 -20.70 19.90
CA GLY E 61 15.52 -21.38 19.22
C GLY E 61 15.48 -21.06 17.75
N GLU E 62 16.51 -21.52 17.05
CA GLU E 62 16.58 -21.32 15.62
C GLU E 62 15.59 -22.25 14.91
N PRO E 63 14.97 -21.78 13.83
CA PRO E 63 13.92 -22.55 13.17
C PRO E 63 14.36 -23.95 12.76
N GLY E 64 13.38 -24.80 12.50
CA GLY E 64 13.67 -26.11 11.94
C GLY E 64 14.24 -27.11 12.91
N VAL E 65 14.86 -26.65 14.00
CA VAL E 65 15.43 -27.58 14.97
C VAL E 65 14.41 -28.53 15.54
N GLY E 66 13.13 -28.33 15.25
CA GLY E 66 12.12 -29.15 15.85
C GLY E 66 12.07 -28.94 17.33
N LYS E 67 12.07 -27.68 17.77
CA LYS E 67 11.53 -27.40 19.09
C LYS E 67 10.25 -28.18 19.29
N THR E 68 9.44 -28.25 18.23
CA THR E 68 8.35 -29.20 18.15
C THR E 68 8.75 -30.56 18.71
N THR E 69 9.84 -31.14 18.18
CA THR E 69 10.29 -32.44 18.67
C THR E 69 10.44 -32.42 20.18
N ILE E 70 10.93 -31.30 20.73
CA ILE E 70 11.18 -31.25 22.17
C ILE E 70 9.86 -31.26 22.93
N VAL E 71 8.92 -30.44 22.50
CA VAL E 71 7.60 -30.44 23.12
C VAL E 71 7.01 -31.83 23.11
N GLU E 72 7.07 -32.49 21.95
CA GLU E 72 6.50 -33.82 21.85
C GLU E 72 7.23 -34.81 22.73
N GLY E 73 8.54 -34.66 22.86
CA GLY E 73 9.28 -35.56 23.73
C GLY E 73 8.88 -35.38 25.18
N LEU E 74 8.65 -34.13 25.59
CA LEU E 74 8.14 -33.89 26.93
C LEU E 74 6.80 -34.56 27.11
N ALA E 75 5.92 -34.44 26.11
CA ALA E 75 4.62 -35.12 26.21
C ALA E 75 4.79 -36.62 26.30
N GLN E 76 5.74 -37.17 25.55
CA GLN E 76 6.05 -38.59 25.61
C GLN E 76 6.41 -38.97 27.04
N ARG E 77 7.37 -38.26 27.61
CA ARG E 77 7.71 -38.46 29.01
C ARG E 77 6.48 -38.35 29.90
N ILE E 78 5.56 -37.46 29.54
CA ILE E 78 4.33 -37.29 30.33
C ILE E 78 3.56 -38.60 30.38
N VAL E 79 3.15 -39.10 29.22
CA VAL E 79 2.21 -40.20 29.20
C VAL E 79 2.73 -41.43 29.94
N ASN E 80 4.04 -41.52 30.12
CA ASN E 80 4.58 -42.59 30.95
C ASN E 80 4.29 -42.38 32.43
N ALA E 81 3.73 -41.23 32.79
CA ALA E 81 3.30 -40.90 34.15
C ALA E 81 4.46 -40.80 35.12
N ASP E 82 5.68 -40.71 34.65
CA ASP E 82 6.84 -40.51 35.53
C ASP E 82 7.18 -39.03 35.60
N VAL E 83 6.19 -38.23 35.98
CA VAL E 83 6.22 -36.80 35.75
C VAL E 83 5.72 -36.06 36.99
N PRO E 84 5.73 -34.73 37.02
CA PRO E 84 5.12 -34.02 38.13
C PRO E 84 3.71 -34.49 38.40
N ASP E 85 3.47 -34.94 39.63
CA ASP E 85 2.19 -35.53 39.99
C ASP E 85 1.04 -34.56 39.70
N ASN E 86 1.12 -33.35 40.26
CA ASN E 86 0.13 -32.32 39.98
C ASN E 86 -0.07 -32.09 38.49
N LEU E 87 0.93 -32.41 37.67
CA LEU E 87 0.80 -32.32 36.23
C LEU E 87 0.73 -33.67 35.55
N ALA E 88 0.99 -34.76 36.26
CA ALA E 88 0.86 -36.09 35.68
C ALA E 88 -0.54 -36.30 35.11
N ALA E 89 -1.56 -35.85 35.84
CA ALA E 89 -2.94 -36.02 35.40
C ALA E 89 -3.30 -35.10 34.25
N CYS E 90 -2.38 -34.27 33.78
CA CYS E 90 -2.69 -33.33 32.71
C CYS E 90 -2.32 -33.94 31.36
N LYS E 91 -2.85 -33.33 30.30
CA LYS E 91 -2.63 -33.77 28.94
C LYS E 91 -2.19 -32.60 28.08
N LEU E 92 -1.61 -32.94 26.93
CA LEU E 92 -1.09 -31.95 25.99
C LEU E 92 -1.60 -32.25 24.59
N LEU E 93 -1.66 -31.20 23.80
CA LEU E 93 -2.18 -31.26 22.44
C LEU E 93 -1.70 -30.02 21.70
N SER E 94 -1.68 -30.12 20.38
CA SER E 94 -1.28 -29.01 19.54
C SER E 94 -2.49 -28.46 18.81
N LEU E 95 -2.33 -27.25 18.30
CA LEU E 95 -3.36 -26.60 17.50
C LEU E 95 -2.69 -25.50 16.70
N ASP E 96 -2.67 -25.66 15.38
CA ASP E 96 -2.04 -24.67 14.52
C ASP E 96 -2.82 -23.37 14.57
N VAL E 97 -2.14 -22.29 14.94
CA VAL E 97 -2.78 -20.98 14.94
C VAL E 97 -3.13 -20.57 13.51
N GLY E 98 -2.28 -20.92 12.55
CA GLY E 98 -2.64 -20.71 11.15
C GLY E 98 -3.94 -21.42 10.81
N ALA E 99 -4.16 -22.60 11.38
CA ALA E 99 -5.41 -23.33 11.15
C ALA E 99 -6.58 -22.58 11.76
N LEU E 100 -6.40 -22.04 12.96
CA LEU E 100 -7.49 -21.27 13.58
C LEU E 100 -7.83 -20.05 12.73
N VAL E 101 -6.82 -19.30 12.30
CA VAL E 101 -7.08 -18.20 11.40
C VAL E 101 -7.44 -18.70 10.01
N ALA E 102 -7.20 -19.98 9.73
CA ALA E 102 -7.80 -20.57 8.55
C ALA E 102 -9.29 -20.79 8.71
N GLY E 103 -9.84 -20.55 9.91
CA GLY E 103 -11.27 -20.71 10.11
C GLY E 103 -12.08 -19.80 9.21
N SER E 104 -11.82 -18.49 9.27
CA SER E 104 -12.55 -17.53 8.46
C SER E 104 -11.56 -16.61 7.77
N LYS E 105 -12.11 -15.67 7.01
CA LYS E 105 -11.30 -14.66 6.33
C LYS E 105 -11.04 -13.47 7.23
N TYR E 106 -12.10 -12.89 7.80
CA TYR E 106 -11.98 -11.69 8.60
C TYR E 106 -11.79 -12.03 10.08
N ARG E 107 -11.07 -11.14 10.78
CA ARG E 107 -10.79 -11.33 12.19
C ARG E 107 -12.06 -11.36 13.03
N GLY E 108 -13.03 -10.51 12.69
CA GLY E 108 -14.27 -10.39 13.46
C GLY E 108 -14.99 -11.69 13.70
N GLU E 109 -15.51 -12.30 12.64
CA GLU E 109 -16.12 -13.62 12.77
C GLU E 109 -15.12 -14.64 13.31
N PHE E 110 -13.84 -14.46 12.99
CA PHE E 110 -12.80 -15.32 13.54
C PHE E 110 -12.77 -15.31 15.06
N GLU E 111 -12.87 -14.12 15.66
CA GLU E 111 -12.76 -14.03 17.11
C GLU E 111 -13.83 -14.87 17.81
N GLU E 112 -14.97 -15.09 17.15
CA GLU E 112 -15.94 -16.03 17.68
C GLU E 112 -15.34 -17.43 17.77
N ARG E 113 -14.71 -17.89 16.70
CA ARG E 113 -14.00 -19.16 16.76
C ARG E 113 -12.97 -19.15 17.88
N MET E 114 -12.26 -18.03 18.05
CA MET E 114 -11.20 -17.96 19.04
C MET E 114 -11.75 -18.11 20.45
N LYS E 115 -12.79 -17.34 20.78
CA LYS E 115 -13.41 -17.47 22.08
C LYS E 115 -13.95 -18.87 22.29
N GLY E 116 -14.51 -19.46 21.23
CA GLY E 116 -14.87 -20.86 21.30
C GLY E 116 -13.72 -21.73 21.75
N VAL E 117 -12.56 -21.52 21.15
CA VAL E 117 -11.36 -22.23 21.58
C VAL E 117 -11.13 -22.02 23.06
N LEU E 118 -10.96 -20.76 23.46
CA LEU E 118 -10.67 -20.46 24.85
C LEU E 118 -11.70 -21.04 25.79
N LYS E 119 -12.97 -21.01 25.42
CA LYS E 119 -13.97 -21.57 26.32
C LYS E 119 -14.00 -23.09 26.25
N GLU E 120 -14.00 -23.66 25.04
CA GLU E 120 -14.07 -25.12 24.91
C GLU E 120 -13.03 -25.80 25.79
N ILE E 121 -11.80 -25.30 25.76
CA ILE E 121 -10.81 -25.80 26.70
C ILE E 121 -11.18 -25.39 28.13
N GLN E 122 -11.71 -24.18 28.32
CA GLN E 122 -12.13 -23.78 29.66
C GLN E 122 -13.20 -24.73 30.18
N GLU E 123 -14.27 -24.92 29.42
CA GLU E 123 -15.27 -25.89 29.84
C GLU E 123 -14.82 -27.29 29.50
N SER E 124 -13.61 -27.64 29.91
CA SER E 124 -13.09 -28.99 29.78
C SER E 124 -12.68 -29.46 31.17
N LYS E 125 -13.47 -30.37 31.74
CA LYS E 125 -13.30 -30.79 33.13
C LYS E 125 -12.06 -31.62 33.36
N GLU E 126 -11.19 -31.75 32.37
CA GLU E 126 -9.92 -32.43 32.54
C GLU E 126 -8.79 -31.48 32.18
N THR E 127 -7.79 -31.41 33.05
CA THR E 127 -6.67 -30.49 32.82
C THR E 127 -5.87 -30.94 31.61
N ILE E 128 -5.88 -30.11 30.57
CA ILE E 128 -5.13 -30.37 29.35
C ILE E 128 -4.57 -29.04 28.87
N ILE E 129 -3.35 -29.06 28.36
CA ILE E 129 -2.67 -27.85 27.93
C ILE E 129 -2.43 -27.91 26.43
N LEU E 130 -2.33 -26.73 25.82
CA LEU E 130 -2.07 -26.59 24.40
C LEU E 130 -0.69 -25.98 24.19
N PHE E 131 0.09 -26.60 23.33
CA PHE E 131 1.31 -26.00 22.82
C PHE E 131 0.97 -25.10 21.64
N VAL E 132 0.98 -23.79 21.88
CA VAL E 132 0.76 -22.83 20.82
C VAL E 132 2.06 -22.69 20.02
N ASP E 133 2.19 -23.49 18.97
CA ASP E 133 3.35 -23.39 18.11
C ASP E 133 3.35 -22.03 17.41
N GLU E 134 4.55 -21.55 17.07
CA GLU E 134 4.71 -20.28 16.37
C GLU E 134 4.01 -19.17 17.13
N ILE E 135 4.04 -19.28 18.46
CA ILE E 135 3.19 -18.55 19.39
C ILE E 135 3.02 -17.10 18.99
N HIS E 136 4.11 -16.48 18.52
CA HIS E 136 4.05 -15.06 18.19
C HIS E 136 2.90 -14.73 17.27
N LEU E 137 2.50 -15.66 16.41
CA LEU E 137 1.44 -15.39 15.46
C LEU E 137 0.15 -14.96 16.12
N LEU E 138 0.05 -15.06 17.45
CA LEU E 138 -1.00 -14.35 18.17
C LEU E 138 -1.02 -12.87 17.81
N MET E 139 0.11 -12.33 17.36
CA MET E 139 0.17 -10.91 16.98
C MET E 139 -0.87 -10.59 15.91
N GLY E 140 -0.71 -11.19 14.74
CA GLY E 140 -1.61 -10.91 13.63
C GLY E 140 -1.39 -9.54 13.02
N LEU E 155 -4.09 -9.87 23.49
CA LEU E 155 -5.31 -10.36 22.84
C LEU E 155 -6.18 -11.07 23.86
N LYS E 156 -6.85 -12.12 23.43
CA LYS E 156 -7.79 -12.85 24.27
C LYS E 156 -7.12 -13.65 25.38
N PRO E 157 -5.92 -14.22 25.21
CA PRO E 157 -5.36 -15.03 26.30
C PRO E 157 -4.83 -14.18 27.44
N MET E 158 -5.62 -13.18 27.85
CA MET E 158 -5.49 -12.61 29.18
C MET E 158 -6.24 -13.45 30.19
N LEU E 159 -7.03 -14.42 29.74
CA LEU E 159 -7.66 -15.38 30.62
C LEU E 159 -6.64 -16.17 31.44
N ALA E 160 -5.36 -16.07 31.09
CA ALA E 160 -4.33 -16.85 31.76
C ALA E 160 -4.06 -16.33 33.16
N ARG E 161 -4.73 -16.90 34.16
CA ARG E 161 -4.42 -16.67 35.56
C ARG E 161 -4.38 -17.99 36.31
N GLY E 162 -3.69 -18.97 35.75
CA GLY E 162 -3.54 -20.26 36.42
C GLY E 162 -4.64 -21.23 36.04
N GLN E 163 -5.81 -20.69 35.72
CA GLN E 163 -6.91 -21.53 35.25
C GLN E 163 -6.54 -22.30 33.99
N LEU E 164 -5.51 -21.86 33.27
CA LEU E 164 -5.11 -22.50 32.03
C LEU E 164 -3.59 -22.46 31.94
N HIS E 165 -3.07 -23.03 30.85
CA HIS E 165 -1.65 -22.96 30.56
C HIS E 165 -1.45 -22.97 29.06
N CYS E 166 -0.27 -22.55 28.64
CA CYS E 166 0.15 -22.57 27.25
C CYS E 166 1.62 -22.95 27.21
N ILE E 167 2.19 -23.03 26.00
CA ILE E 167 3.62 -23.29 25.85
C ILE E 167 4.11 -22.46 24.67
N GLY E 168 5.10 -21.61 24.91
CA GLY E 168 5.60 -20.70 23.90
C GLY E 168 6.85 -21.23 23.21
N ALA E 169 6.89 -21.06 21.89
CA ALA E 169 8.09 -21.39 21.13
C ALA E 169 8.05 -20.72 19.76
N THR E 170 9.07 -19.92 19.47
CA THR E 170 9.23 -19.28 18.17
C THR E 170 10.64 -18.69 18.13
N THR E 171 10.96 -17.94 17.07
CA THR E 171 12.31 -17.44 16.91
C THR E 171 12.57 -16.23 17.81
N LEU E 172 13.85 -15.88 17.91
CA LEU E 172 14.27 -14.76 18.75
C LEU E 172 13.75 -13.44 18.22
N ALA E 173 13.98 -13.19 16.93
CA ALA E 173 13.77 -11.86 16.37
C ALA E 173 12.35 -11.36 16.63
N GLU E 174 11.36 -12.05 16.07
CA GLU E 174 9.98 -11.62 16.23
C GLU E 174 9.59 -11.54 17.69
N TYR E 175 10.19 -12.37 18.54
CA TYR E 175 9.96 -12.25 19.97
C TYR E 175 10.34 -10.86 20.44
N ARG E 176 11.56 -10.44 20.12
CA ARG E 176 11.96 -9.08 20.45
C ARG E 176 11.10 -8.04 19.75
N LYS E 177 10.54 -8.39 18.60
CA LYS E 177 9.82 -7.39 17.80
C LYS E 177 8.44 -7.10 18.36
N TYR E 178 7.77 -8.12 18.87
CA TYR E 178 6.39 -7.97 19.34
C TYR E 178 6.24 -8.27 20.82
N ILE E 179 6.78 -9.40 21.28
CA ILE E 179 6.62 -9.76 22.68
C ILE E 179 7.37 -8.78 23.58
N GLU E 180 8.65 -8.54 23.28
CA GLU E 180 9.40 -7.57 24.04
C GLU E 180 8.75 -6.19 24.01
N LYS E 181 8.00 -5.89 22.96
CA LYS E 181 7.20 -4.67 22.93
C LYS E 181 5.77 -4.92 23.39
N ASP E 182 5.62 -5.62 24.52
CA ASP E 182 4.34 -5.69 25.21
C ASP E 182 4.62 -6.09 26.64
N ALA E 183 4.58 -5.11 27.55
CA ALA E 183 4.93 -5.37 28.94
C ALA E 183 3.98 -6.39 29.57
N ALA E 184 2.70 -6.02 29.67
CA ALA E 184 1.74 -6.82 30.43
C ALA E 184 1.79 -8.28 30.03
N PHE E 185 1.85 -8.56 28.73
CA PHE E 185 1.93 -9.94 28.28
C PHE E 185 3.23 -10.60 28.76
N GLU E 186 4.33 -9.85 28.76
CA GLU E 186 5.63 -10.48 28.89
C GLU E 186 6.03 -10.66 30.34
N ARG E 187 5.65 -9.73 31.21
CA ARG E 187 5.92 -9.83 32.65
C ARG E 187 5.31 -11.11 33.19
N ARG E 188 4.51 -11.78 32.35
CA ARG E 188 3.92 -13.08 32.65
C ARG E 188 4.60 -14.20 31.89
N PHE E 189 5.78 -13.98 31.33
CA PHE E 189 6.44 -14.98 30.52
C PHE E 189 7.92 -15.05 30.88
N GLN E 190 8.57 -16.12 30.43
CA GLN E 190 9.97 -16.38 30.78
C GLN E 190 10.67 -17.04 29.60
N GLN E 191 11.53 -16.30 28.92
CA GLN E 191 12.24 -16.82 27.76
C GLN E 191 12.94 -18.13 28.09
N VAL E 192 12.92 -19.05 27.13
CA VAL E 192 13.64 -20.30 27.25
C VAL E 192 14.45 -20.49 25.97
N LEU E 193 15.72 -20.82 26.12
CA LEU E 193 16.67 -20.88 25.03
C LEU E 193 16.76 -22.29 24.47
N VAL E 194 17.47 -22.42 23.35
CA VAL E 194 17.77 -23.71 22.76
C VAL E 194 19.21 -23.69 22.29
N LYS E 195 20.07 -24.44 22.97
CA LYS E 195 21.41 -24.66 22.46
C LYS E 195 21.31 -25.56 21.24
N GLU E 196 22.14 -25.30 20.25
CA GLU E 196 22.21 -26.21 19.12
C GLU E 196 23.16 -27.34 19.46
N PRO E 197 22.69 -28.59 19.48
CA PRO E 197 23.57 -29.71 19.80
C PRO E 197 24.75 -29.81 18.85
N SER E 198 25.68 -30.70 19.20
CA SER E 198 26.93 -30.84 18.49
C SER E 198 27.05 -32.23 17.89
N ILE E 199 28.24 -32.53 17.38
CA ILE E 199 28.51 -33.76 16.65
C ILE E 199 28.03 -34.98 17.44
N THR E 200 28.49 -35.12 18.67
CA THR E 200 28.13 -36.28 19.47
C THR E 200 26.62 -36.41 19.60
N GLU E 201 25.94 -35.29 19.75
CA GLU E 201 24.49 -35.32 19.92
C GLU E 201 23.82 -35.80 18.65
N THR E 202 24.30 -35.34 17.49
CA THR E 202 23.92 -35.97 16.24
C THR E 202 24.08 -37.47 16.36
N ILE E 203 25.31 -37.93 16.59
CA ILE E 203 25.60 -39.35 16.68
C ILE E 203 24.51 -40.06 17.46
N SER E 204 24.15 -39.49 18.61
CA SER E 204 23.09 -40.04 19.42
C SER E 204 21.78 -40.15 18.64
N ILE E 205 21.23 -38.99 18.26
CA ILE E 205 19.88 -38.97 17.71
C ILE E 205 19.80 -39.76 16.41
N LEU E 206 20.88 -39.77 15.66
CA LEU E 206 20.93 -40.50 14.41
C LEU E 206 20.98 -42.00 14.66
N ARG E 207 21.88 -42.46 15.53
CA ARG E 207 21.87 -43.87 15.89
C ARG E 207 20.50 -44.29 16.38
N GLY E 208 19.82 -43.41 17.10
CA GLY E 208 18.46 -43.70 17.51
C GLY E 208 17.55 -43.94 16.33
N LEU E 209 17.34 -42.91 15.53
CA LEU E 209 16.34 -43.02 14.47
C LEU E 209 16.78 -43.92 13.33
N LYS E 210 17.99 -44.46 13.42
CA LYS E 210 18.51 -45.35 12.38
C LYS E 210 17.53 -46.47 12.10
N GLU E 211 17.12 -47.18 13.15
CA GLU E 211 16.24 -48.32 12.95
C GLU E 211 14.92 -47.88 12.32
N LYS E 212 14.33 -46.80 12.83
CA LYS E 212 13.06 -46.34 12.32
C LYS E 212 13.15 -46.10 10.82
N TYR E 213 14.19 -45.39 10.40
CA TYR E 213 14.29 -45.05 9.00
C TYR E 213 14.59 -46.27 8.16
N GLU E 214 15.50 -47.13 8.63
CA GLU E 214 15.81 -48.34 7.90
C GLU E 214 14.55 -49.15 7.64
N VAL E 215 13.71 -49.29 8.65
CA VAL E 215 12.43 -49.94 8.44
C VAL E 215 11.64 -49.21 7.37
N HIS E 216 11.44 -47.90 7.54
CA HIS E 216 10.60 -47.18 6.58
C HIS E 216 11.11 -47.31 5.16
N HIS E 217 12.37 -47.68 4.97
CA HIS E 217 12.86 -48.03 3.66
C HIS E 217 13.18 -49.50 3.53
N GLY E 218 13.05 -50.28 4.60
CA GLY E 218 13.45 -51.67 4.56
C GLY E 218 14.86 -51.79 4.06
N VAL E 219 15.80 -51.18 4.77
CA VAL E 219 17.17 -51.07 4.32
C VAL E 219 18.12 -51.29 5.49
N ASN E 220 19.40 -51.18 5.21
CA ASN E 220 20.44 -51.31 6.22
C ASN E 220 21.41 -50.16 6.12
N ILE E 221 22.07 -49.84 7.24
CA ILE E 221 23.04 -48.77 7.32
C ILE E 221 24.20 -49.21 8.20
N ALA E 222 25.38 -48.67 7.94
CA ALA E 222 26.51 -48.78 8.84
C ALA E 222 26.80 -47.40 9.44
N ASP E 223 27.63 -47.40 10.49
CA ASP E 223 27.73 -46.22 11.33
C ASP E 223 28.70 -45.19 10.79
N ALA E 224 29.94 -45.61 10.50
CA ALA E 224 30.97 -44.68 10.06
C ALA E 224 30.47 -43.74 8.98
N ALA E 225 29.67 -44.28 8.05
CA ALA E 225 29.03 -43.43 7.06
C ALA E 225 28.19 -42.36 7.73
N ILE E 226 27.39 -42.74 8.72
CA ILE E 226 26.57 -41.78 9.42
C ILE E 226 27.44 -40.70 10.05
N VAL E 227 28.50 -41.13 10.73
CA VAL E 227 29.39 -40.20 11.41
C VAL E 227 29.94 -39.17 10.42
N ALA E 228 30.61 -39.67 9.38
CA ALA E 228 31.13 -38.79 8.34
C ALA E 228 30.04 -37.85 7.85
N ALA E 229 28.98 -38.41 7.27
CA ALA E 229 27.88 -37.64 6.73
C ALA E 229 27.47 -36.50 7.65
N ALA E 230 27.31 -36.80 8.93
CA ALA E 230 27.02 -35.76 9.90
C ALA E 230 28.07 -34.66 9.84
N ASN E 231 29.34 -35.04 10.01
CA ASN E 231 30.41 -34.06 9.96
C ASN E 231 30.37 -33.25 8.69
N LEU E 232 29.99 -33.89 7.59
CA LEU E 232 30.08 -33.27 6.28
C LEU E 232 29.00 -32.21 6.13
N ALA E 233 27.75 -32.60 6.36
CA ALA E 233 26.68 -31.63 6.41
C ALA E 233 27.05 -30.48 7.34
N ALA E 234 27.62 -30.82 8.51
CA ALA E 234 28.05 -29.78 9.43
C ALA E 234 29.05 -28.84 8.78
N ARG E 235 29.88 -29.37 7.88
CA ARG E 235 30.92 -28.52 7.31
C ARG E 235 30.40 -27.66 6.18
N TYR E 236 29.67 -28.24 5.23
CA TYR E 236 29.40 -27.54 3.98
C TYR E 236 27.95 -27.15 3.81
N LEU E 237 27.03 -28.11 3.79
CA LEU E 237 25.63 -27.73 3.61
C LEU E 237 25.19 -27.15 4.93
N THR E 238 25.23 -25.84 5.03
CA THR E 238 25.09 -25.18 6.31
C THR E 238 24.09 -24.05 6.28
N SER E 239 23.41 -23.83 5.17
CA SER E 239 22.32 -22.87 5.13
C SER E 239 21.24 -23.21 6.16
N ARG E 240 21.20 -24.44 6.63
CA ARG E 240 20.32 -24.84 7.70
C ARG E 240 21.17 -25.30 8.88
N ARG E 241 20.51 -25.83 9.90
CA ARG E 241 21.19 -26.17 11.14
C ARG E 241 21.09 -27.66 11.43
N LEU E 242 22.03 -28.12 12.25
CA LEU E 242 21.91 -29.42 12.87
C LEU E 242 20.60 -29.50 13.65
N PRO E 243 20.09 -30.71 13.89
CA PRO E 243 20.63 -31.93 13.32
C PRO E 243 19.77 -32.46 12.18
N ASP E 244 18.54 -31.96 12.12
CA ASP E 244 17.59 -32.44 11.12
C ASP E 244 18.18 -32.40 9.72
N SER E 245 19.16 -31.53 9.50
CA SER E 245 19.85 -31.45 8.22
C SER E 245 20.48 -32.80 7.84
N ALA E 246 21.41 -33.27 8.66
CA ALA E 246 21.99 -34.58 8.38
C ALA E 246 20.92 -35.65 8.36
N VAL E 247 19.84 -35.44 9.10
CA VAL E 247 18.74 -36.40 9.08
C VAL E 247 18.20 -36.54 7.66
N ASP E 248 17.73 -35.45 7.08
CA ASP E 248 17.20 -35.51 5.72
C ASP E 248 18.28 -35.93 4.74
N LEU E 249 19.54 -35.69 5.06
CA LEU E 249 20.62 -36.27 4.26
C LEU E 249 20.50 -37.78 4.23
N ILE E 250 20.50 -38.40 5.40
CA ILE E 250 20.22 -39.83 5.51
C ILE E 250 19.01 -40.18 4.68
N ASP E 251 17.96 -39.38 4.82
CA ASP E 251 16.72 -39.59 4.11
C ASP E 251 16.96 -39.78 2.63
N GLU E 252 17.54 -38.77 1.99
CA GLU E 252 17.73 -38.82 0.55
C GLU E 252 18.66 -39.96 0.16
N ALA E 253 19.70 -40.20 0.97
CA ALA E 253 20.59 -41.32 0.67
C ALA E 253 19.82 -42.62 0.63
N ALA E 254 19.07 -42.89 1.69
CA ALA E 254 18.30 -44.12 1.77
C ALA E 254 17.29 -44.20 0.65
N ALA E 255 16.67 -43.08 0.29
CA ALA E 255 15.72 -43.09 -0.80
C ALA E 255 16.38 -43.52 -2.08
N ALA E 256 17.50 -42.88 -2.42
CA ALA E 256 18.22 -43.24 -3.63
C ALA E 256 18.57 -44.71 -3.65
N VAL E 257 19.06 -45.23 -2.54
CA VAL E 257 19.50 -46.62 -2.60
C VAL E 257 18.33 -47.58 -2.62
N ARG E 258 17.21 -47.16 -2.01
CA ARG E 258 15.97 -47.98 -1.97
C ARG E 258 15.37 -47.98 -3.38
N VAL E 259 15.53 -46.86 -4.09
CA VAL E 259 15.02 -46.76 -5.49
C VAL E 259 15.77 -47.78 -6.34
N ALA E 260 17.09 -47.89 -6.13
CA ALA E 260 17.92 -48.84 -6.91
C ALA E 260 17.49 -50.28 -6.63
N ARG E 261 17.27 -50.63 -5.36
CA ARG E 261 16.82 -52.01 -5.03
C ARG E 261 15.41 -52.25 -5.58
N GLU E 262 14.54 -51.23 -5.46
CA GLU E 262 13.14 -51.32 -5.98
C GLU E 262 13.18 -51.49 -7.50
N SER E 263 14.09 -50.77 -8.15
CA SER E 263 14.25 -50.83 -9.63
C SER E 263 14.82 -52.20 -10.04
N GLN E 264 14.50 -52.63 -11.26
CA GLN E 264 15.09 -53.88 -11.83
C GLN E 264 16.58 -53.66 -12.14
N PRO E 265 17.43 -54.71 -12.09
CA PRO E 265 18.86 -54.58 -12.38
C PRO E 265 19.08 -54.24 -13.86
N GLU E 266 20.19 -53.58 -14.18
CA GLU E 266 20.49 -53.14 -15.57
C GLU E 266 20.53 -54.35 -16.51
N ILE E 267 21.10 -55.47 -16.06
CA ILE E 267 21.16 -56.74 -16.86
C ILE E 267 19.72 -57.23 -17.10
N ILE E 268 18.86 -57.09 -16.10
CA ILE E 268 17.43 -57.54 -16.19
C ILE E 268 16.65 -56.71 -17.21
N ASP E 269 16.78 -55.38 -17.20
CA ASP E 269 15.98 -54.57 -18.12
C ASP E 269 16.50 -54.66 -19.54
N SER E 270 17.82 -54.72 -19.69
CA SER E 270 18.41 -54.99 -21.01
C SER E 270 17.97 -56.34 -21.51
N LEU E 271 18.01 -57.36 -20.64
CA LEU E 271 17.52 -58.68 -21.02
C LEU E 271 16.08 -58.62 -21.50
N GLU E 272 15.24 -57.83 -20.82
CA GLU E 272 13.82 -57.84 -21.11
C GLU E 272 13.51 -57.08 -22.40
N ARG E 273 14.09 -55.90 -22.57
CA ARG E 273 14.02 -55.22 -23.86
C ARG E 273 14.50 -56.12 -24.98
N ARG E 274 15.64 -56.78 -24.76
CA ARG E 274 16.17 -57.71 -25.74
C ARG E 274 15.12 -58.75 -26.11
N LEU E 275 14.65 -59.53 -25.13
CA LEU E 275 13.71 -60.62 -25.41
C LEU E 275 12.43 -60.12 -26.05
N ARG E 276 12.00 -58.91 -25.69
CA ARG E 276 10.84 -58.33 -26.37
C ARG E 276 11.13 -58.18 -27.86
N GLN E 277 12.27 -57.57 -28.20
CA GLN E 277 12.63 -57.46 -29.60
C GLN E 277 12.91 -58.84 -30.22
N LEU E 278 13.26 -59.81 -29.39
CA LEU E 278 13.58 -61.14 -29.88
C LEU E 278 12.32 -61.87 -30.31
N LYS E 279 11.28 -61.86 -29.47
CA LYS E 279 10.00 -62.41 -29.89
C LYS E 279 9.40 -61.61 -31.04
N ILE E 280 9.66 -60.30 -31.06
CA ILE E 280 9.33 -59.49 -32.23
C ILE E 280 9.89 -60.14 -33.49
N GLU E 281 11.21 -60.35 -33.49
CA GLU E 281 11.86 -60.96 -34.64
C GLU E 281 11.31 -62.36 -34.92
N ILE E 282 11.11 -63.15 -33.86
CA ILE E 282 10.64 -64.52 -34.01
C ILE E 282 9.35 -64.56 -34.80
N HIS E 283 8.35 -63.80 -34.35
CA HIS E 283 7.07 -63.91 -35.03
C HIS E 283 7.06 -63.18 -36.37
N ALA E 284 7.75 -62.03 -36.46
CA ALA E 284 7.85 -61.35 -37.75
C ALA E 284 8.43 -62.28 -38.81
N LEU E 285 9.35 -63.16 -38.42
CA LEU E 285 9.83 -64.19 -39.33
C LEU E 285 8.82 -65.32 -39.48
N SER E 286 8.05 -65.62 -38.42
CA SER E 286 6.98 -66.62 -38.54
C SER E 286 5.97 -66.22 -39.58
N ARG E 287 5.85 -64.92 -39.89
CA ARG E 287 4.97 -64.49 -40.96
C ARG E 287 5.57 -64.79 -42.33
N GLU E 288 6.84 -64.48 -42.52
CA GLU E 288 7.50 -64.68 -43.82
C GLU E 288 7.89 -66.15 -43.98
N LYS E 289 8.02 -66.56 -45.24
CA LYS E 289 8.35 -67.95 -45.59
C LYS E 289 9.50 -67.96 -46.58
N ASP E 290 10.73 -67.94 -46.05
CA ASP E 290 11.94 -68.14 -46.85
C ASP E 290 13.04 -68.60 -45.90
N GLU E 291 14.05 -69.26 -46.48
CA GLU E 291 15.00 -70.01 -45.68
C GLU E 291 15.76 -69.11 -44.70
N ALA E 292 16.10 -67.90 -45.11
CA ALA E 292 16.75 -66.97 -44.20
C ALA E 292 15.84 -66.62 -43.04
N SER E 293 14.55 -66.41 -43.32
CA SER E 293 13.59 -66.08 -42.29
C SER E 293 13.50 -67.19 -41.25
N LYS E 294 13.39 -68.44 -41.70
CA LYS E 294 13.33 -69.57 -40.77
C LYS E 294 14.65 -69.75 -40.02
N ALA E 295 15.77 -69.45 -40.69
CA ALA E 295 17.07 -69.54 -40.03
C ALA E 295 17.15 -68.59 -38.84
N ARG E 296 16.98 -67.29 -39.09
CA ARG E 296 16.99 -66.35 -37.97
C ARG E 296 15.79 -66.55 -37.05
N LEU E 297 14.75 -67.26 -37.51
CA LEU E 297 13.67 -67.66 -36.62
C LEU E 297 14.15 -68.62 -35.55
N ALA E 298 14.76 -69.73 -35.97
CA ALA E 298 15.32 -70.66 -35.01
C ALA E 298 16.39 -69.98 -34.16
N GLN E 299 17.18 -69.10 -34.75
CA GLN E 299 18.25 -68.44 -34.01
C GLN E 299 17.70 -67.52 -32.93
N ALA E 300 16.65 -66.75 -33.25
CA ALA E 300 16.06 -65.87 -32.25
C ALA E 300 15.25 -66.65 -31.22
N LYS E 301 14.71 -67.81 -31.61
CA LYS E 301 14.14 -68.71 -30.62
C LYS E 301 15.20 -69.12 -29.60
N GLN E 302 16.37 -69.52 -30.09
CA GLN E 302 17.47 -69.86 -29.19
C GLN E 302 17.90 -68.65 -28.36
N ASP E 303 17.86 -67.46 -28.95
CA ASP E 303 18.23 -66.24 -28.23
C ASP E 303 17.27 -65.99 -27.07
N ALA E 304 15.97 -65.95 -27.37
CA ALA E 304 14.96 -65.77 -26.32
C ALA E 304 15.08 -66.87 -25.27
N GLN E 305 15.36 -68.10 -25.70
CA GLN E 305 15.63 -69.17 -24.75
C GLN E 305 16.74 -68.77 -23.80
N ASN E 306 17.96 -68.65 -24.33
CA ASN E 306 19.11 -68.30 -23.51
C ASN E 306 18.78 -67.20 -22.52
N VAL E 307 18.18 -66.10 -23.01
CA VAL E 307 17.97 -64.95 -22.14
C VAL E 307 16.96 -65.28 -21.06
N GLU E 308 15.93 -66.07 -21.38
CA GLU E 308 14.91 -66.34 -20.36
C GLU E 308 15.41 -67.33 -19.32
N GLU E 309 16.06 -68.42 -19.74
CA GLU E 309 16.57 -69.37 -18.76
C GLU E 309 17.77 -68.80 -18.02
N GLU E 310 18.30 -67.67 -18.45
CA GLU E 310 19.30 -67.00 -17.63
C GLU E 310 18.65 -66.01 -16.68
N LEU E 311 17.61 -65.30 -17.12
CA LEU E 311 17.01 -64.29 -16.27
C LEU E 311 16.20 -64.91 -15.15
N ARG E 312 15.36 -65.90 -15.46
CA ARG E 312 14.54 -66.53 -14.43
C ARG E 312 15.36 -66.94 -13.21
N PRO E 313 16.61 -67.40 -13.33
CA PRO E 313 17.46 -67.43 -12.14
C PRO E 313 17.62 -66.06 -11.50
N LEU E 314 18.11 -65.08 -12.27
CA LEU E 314 18.31 -63.75 -11.72
C LEU E 314 16.99 -63.07 -11.43
N ARG E 315 16.03 -63.15 -12.36
CA ARG E 315 14.69 -62.66 -12.10
C ARG E 315 14.16 -63.19 -10.79
N GLU E 316 14.27 -64.50 -10.58
CA GLU E 316 13.62 -65.11 -9.42
C GLU E 316 14.37 -64.80 -8.14
N LYS E 317 15.70 -64.69 -8.20
CA LYS E 317 16.40 -64.27 -6.99
C LYS E 317 16.04 -62.83 -6.64
N TYR E 318 15.87 -61.98 -7.65
CA TYR E 318 15.34 -60.64 -7.42
C TYR E 318 13.99 -60.69 -6.73
N GLU E 319 13.07 -61.50 -7.26
CA GLU E 319 11.76 -61.64 -6.64
C GLU E 319 11.88 -62.14 -5.21
N ARG E 320 12.76 -63.12 -4.99
CA ARG E 320 12.94 -63.69 -3.66
C ARG E 320 13.40 -62.63 -2.68
N GLU E 321 14.34 -61.77 -3.10
CA GLU E 321 14.77 -60.71 -2.21
C GLU E 321 13.65 -59.71 -1.96
N ARG E 322 12.85 -59.44 -3.00
CA ARG E 322 11.64 -58.63 -2.79
C ARG E 322 10.79 -59.22 -1.68
N GLN E 323 10.51 -60.51 -1.75
CA GLN E 323 9.68 -61.18 -0.75
C GLN E 323 10.33 -61.14 0.62
N ARG E 324 11.64 -61.36 0.67
CA ARG E 324 12.38 -61.34 1.93
C ARG E 324 12.23 -60.01 2.61
N GLY E 325 12.62 -58.94 1.91
CA GLY E 325 12.44 -57.60 2.46
C GLY E 325 11.00 -57.32 2.82
N LYS E 326 10.07 -57.83 2.02
CA LYS E 326 8.65 -57.63 2.27
C LYS E 326 8.30 -58.15 3.66
N ALA E 327 8.49 -59.46 3.81
CA ALA E 327 8.30 -60.13 5.09
C ALA E 327 8.99 -59.36 6.21
N ILE E 328 10.21 -58.89 5.95
CA ILE E 328 10.94 -58.13 6.95
C ILE E 328 10.10 -56.92 7.39
N GLN E 329 9.66 -56.13 6.42
CA GLN E 329 8.87 -54.94 6.72
C GLN E 329 7.67 -55.29 7.58
N GLU E 330 6.82 -56.18 7.06
CA GLU E 330 5.56 -56.45 7.77
C GLU E 330 5.81 -57.07 9.13
N ALA E 331 6.88 -57.85 9.26
CA ALA E 331 7.23 -58.41 10.55
C ALA E 331 7.61 -57.32 11.54
N LYS E 332 8.41 -56.34 11.09
CA LYS E 332 8.70 -55.21 11.95
C LYS E 332 7.44 -54.46 12.32
N MET E 333 6.51 -54.34 11.36
CA MET E 333 5.25 -53.66 11.62
C MET E 333 4.52 -54.30 12.78
N LYS E 334 4.17 -55.58 12.63
CA LYS E 334 3.44 -56.26 13.69
C LYS E 334 4.27 -56.32 14.96
N LEU E 335 5.59 -56.40 14.84
CA LEU E 335 6.46 -56.45 16.00
C LEU E 335 6.31 -55.19 16.84
N GLU E 336 6.50 -54.03 16.22
CA GLU E 336 6.38 -52.79 16.97
C GLU E 336 4.96 -52.53 17.42
N ALA E 337 3.97 -52.96 16.64
CA ALA E 337 2.58 -52.80 17.06
C ALA E 337 2.33 -53.57 18.35
N LEU E 338 2.73 -54.83 18.38
CA LEU E 338 2.65 -55.60 19.62
C LEU E 338 3.41 -54.91 20.72
N ARG E 339 4.60 -54.40 20.42
CA ARG E 339 5.40 -53.75 21.44
C ARG E 339 4.65 -52.60 22.08
N VAL E 340 4.06 -51.73 21.26
CA VAL E 340 3.38 -50.56 21.80
C VAL E 340 2.12 -50.96 22.54
N LYS E 341 1.40 -51.96 22.03
CA LYS E 341 0.20 -52.42 22.72
C LYS E 341 0.55 -52.99 24.09
N ALA E 342 1.64 -53.76 24.16
CA ALA E 342 2.06 -54.35 25.42
C ALA E 342 2.53 -53.30 26.40
N GLU E 343 3.25 -52.29 25.91
CA GLU E 343 3.66 -51.19 26.77
C GLU E 343 2.45 -50.46 27.33
N ASP E 344 1.44 -50.24 26.49
CA ASP E 344 0.20 -49.64 26.97
C ASP E 344 -0.44 -50.50 28.06
N ALA E 345 -0.58 -51.80 27.81
CA ALA E 345 -1.23 -52.68 28.77
C ALA E 345 -0.46 -52.71 30.09
N SER E 346 0.87 -52.72 30.02
CA SER E 346 1.67 -52.63 31.23
C SER E 346 1.40 -51.33 31.97
N ARG E 347 1.31 -50.23 31.23
CA ARG E 347 0.90 -48.97 31.82
C ARG E 347 -0.52 -49.03 32.37
N MET E 348 -1.29 -50.05 31.98
CA MET E 348 -2.65 -50.23 32.47
C MET E 348 -2.75 -51.26 33.59
N GLY E 349 -2.17 -52.44 33.41
CA GLY E 349 -2.25 -53.51 34.36
C GLY E 349 -2.93 -54.77 33.85
N ASP E 350 -3.05 -54.94 32.52
CA ASP E 350 -3.73 -56.08 31.92
C ASP E 350 -2.79 -57.28 31.84
N HIS E 351 -2.38 -57.73 33.03
CA HIS E 351 -1.18 -58.56 33.18
C HIS E 351 -1.24 -59.84 32.36
N SER E 352 -2.37 -60.55 32.39
CA SER E 352 -2.43 -61.86 31.75
C SER E 352 -2.09 -61.78 30.27
N ARG E 353 -2.94 -61.10 29.50
CA ARG E 353 -2.68 -60.97 28.08
C ARG E 353 -1.36 -60.29 27.81
N ALA E 354 -1.01 -59.29 28.63
CA ALA E 354 0.25 -58.58 28.43
C ALA E 354 1.42 -59.55 28.44
N ALA E 355 1.50 -60.39 29.48
CA ALA E 355 2.61 -61.31 29.62
C ALA E 355 2.60 -62.37 28.53
N ASP E 356 1.41 -62.92 28.23
CA ASP E 356 1.36 -63.99 27.25
C ASP E 356 1.73 -63.48 25.86
N LEU E 357 1.11 -62.37 25.44
CA LEU E 357 1.51 -61.71 24.21
C LEU E 357 3.01 -61.44 24.17
N GLN E 358 3.55 -60.86 25.25
CA GLN E 358 4.97 -60.55 25.27
C GLN E 358 5.81 -61.79 25.06
N TYR E 359 5.77 -62.72 26.01
CA TYR E 359 6.68 -63.86 25.98
C TYR E 359 6.21 -64.94 25.00
N TYR E 360 5.24 -64.65 24.15
CA TYR E 360 4.94 -65.56 23.05
C TYR E 360 5.19 -64.96 21.68
N ALA E 361 4.61 -63.79 21.38
CA ALA E 361 4.71 -63.27 20.03
C ALA E 361 6.03 -62.55 19.76
N ILE E 362 6.58 -61.86 20.75
CA ILE E 362 7.91 -61.28 20.59
C ILE E 362 8.95 -62.34 20.23
N PRO E 363 9.13 -63.42 21.01
CA PRO E 363 10.21 -64.37 20.67
C PRO E 363 10.06 -65.00 19.29
N GLU E 364 8.85 -65.42 18.93
CA GLU E 364 8.67 -66.01 17.61
C GLU E 364 8.97 -64.98 16.53
N GLN E 365 8.64 -63.72 16.77
CA GLN E 365 8.94 -62.69 15.79
C GLN E 365 10.45 -62.50 15.66
N GLU E 366 11.15 -62.48 16.79
CA GLU E 366 12.62 -62.47 16.76
C GLU E 366 13.15 -63.62 15.93
N ALA E 367 12.58 -64.81 16.09
CA ALA E 367 13.02 -65.96 15.32
C ALA E 367 12.79 -65.73 13.82
N ILE E 368 11.60 -65.22 13.48
CA ILE E 368 11.30 -64.83 12.11
C ILE E 368 12.40 -63.94 11.56
N ILE E 369 12.73 -62.87 12.31
CA ILE E 369 13.70 -61.89 11.83
C ILE E 369 15.08 -62.52 11.68
N LYS E 370 15.48 -63.35 12.63
CA LYS E 370 16.83 -63.88 12.59
C LYS E 370 16.98 -64.90 11.46
N ARG E 371 15.94 -65.69 11.18
CA ARG E 371 16.04 -66.60 10.04
C ARG E 371 15.99 -65.81 8.73
N LEU E 372 15.25 -64.70 8.70
CA LEU E 372 15.29 -63.82 7.53
C LEU E 372 16.70 -63.30 7.30
N GLU E 373 17.35 -62.85 8.37
CA GLU E 373 18.71 -62.34 8.28
C GLU E 373 19.65 -63.45 7.82
N ALA E 374 19.48 -64.66 8.35
CA ALA E 374 20.33 -65.78 7.95
C ALA E 374 20.17 -66.08 6.47
N GLU E 375 18.91 -66.10 5.99
CA GLU E 375 18.70 -66.40 4.58
C GLU E 375 19.23 -65.29 3.69
N LYS E 376 19.17 -64.04 4.15
CA LYS E 376 19.75 -62.96 3.36
C LYS E 376 21.27 -63.08 3.33
N ALA E 377 21.87 -63.43 4.46
CA ALA E 377 23.31 -63.65 4.50
C ALA E 377 23.72 -64.81 3.60
N ALA E 378 22.86 -65.81 3.50
CA ALA E 378 23.13 -66.98 2.66
C ALA E 378 22.81 -66.73 1.19
N ALA E 379 22.08 -65.67 0.86
CA ALA E 379 21.75 -65.38 -0.53
C ALA E 379 22.99 -65.19 -1.39
N ASP E 380 24.15 -64.95 -0.79
CA ASP E 380 25.38 -64.77 -1.53
C ASP E 380 25.78 -66.03 -2.29
N SER E 393 20.89 -57.05 -9.30
CA SER E 393 22.23 -56.49 -9.24
C SER E 393 22.93 -56.86 -7.95
N MET E 394 22.22 -57.57 -7.09
CA MET E 394 22.76 -58.02 -5.80
C MET E 394 23.36 -56.85 -5.01
N ILE E 395 22.74 -55.68 -5.11
CA ILE E 395 23.30 -54.50 -4.47
C ILE E 395 23.28 -54.69 -2.97
N THR E 396 24.35 -54.24 -2.32
CA THR E 396 24.39 -54.26 -0.86
C THR E 396 23.35 -53.29 -0.33
N ASP E 397 22.26 -53.83 0.22
CA ASP E 397 21.20 -53.01 0.76
C ASP E 397 21.73 -51.97 1.75
N VAL E 398 22.88 -52.26 2.38
CA VAL E 398 23.49 -51.29 3.27
C VAL E 398 24.01 -50.11 2.45
N VAL E 399 23.82 -48.91 2.97
CA VAL E 399 24.30 -47.70 2.32
C VAL E 399 25.80 -47.60 2.55
N GLY E 400 26.44 -46.68 1.82
CA GLY E 400 27.85 -46.45 1.98
C GLY E 400 28.17 -44.97 2.05
N PRO E 401 29.26 -44.63 2.75
CA PRO E 401 29.62 -43.21 2.87
C PRO E 401 29.76 -42.54 1.52
N ASP E 402 30.50 -43.18 0.61
CA ASP E 402 30.62 -42.73 -0.77
C ASP E 402 29.29 -42.26 -1.35
N GLN E 403 28.20 -42.93 -1.02
CA GLN E 403 26.89 -42.47 -1.47
C GLN E 403 26.65 -41.04 -1.02
N ILE E 404 26.64 -40.82 0.29
CA ILE E 404 26.49 -39.48 0.84
C ILE E 404 27.46 -38.52 0.19
N ASN E 405 28.67 -38.99 -0.09
CA ASN E 405 29.66 -38.13 -0.72
C ASN E 405 29.16 -37.64 -2.07
N GLU E 406 28.69 -38.56 -2.90
CA GLU E 406 28.14 -38.17 -4.19
C GLU E 406 26.96 -37.23 -4.00
N ILE E 407 26.15 -37.47 -2.98
CA ILE E 407 24.96 -36.66 -2.77
C ILE E 407 25.36 -35.23 -2.44
N VAL E 408 26.22 -35.07 -1.43
CA VAL E 408 26.66 -33.74 -1.06
C VAL E 408 27.40 -33.08 -2.22
N ALA E 409 28.09 -33.88 -3.03
CA ALA E 409 28.72 -33.32 -4.22
C ALA E 409 27.69 -32.63 -5.09
N ARG E 410 26.71 -33.40 -5.58
CA ARG E 410 25.66 -32.78 -6.36
C ARG E 410 24.88 -31.73 -5.57
N TRP E 411 25.07 -31.69 -4.26
CA TRP E 411 24.53 -30.59 -3.49
C TRP E 411 25.36 -29.32 -3.66
N THR E 412 26.67 -29.47 -3.86
CA THR E 412 27.51 -28.28 -3.97
C THR E 412 28.54 -28.39 -5.08
N GLY E 413 28.45 -29.38 -5.96
CA GLY E 413 29.34 -29.48 -7.10
C GLY E 413 30.80 -29.59 -6.76
N ILE E 414 31.11 -29.76 -5.49
CA ILE E 414 32.50 -29.79 -5.03
C ILE E 414 33.09 -31.16 -5.39
N PRO E 415 34.30 -31.21 -5.91
CA PRO E 415 34.89 -32.50 -6.30
C PRO E 415 34.88 -33.51 -5.17
N VAL E 416 34.31 -34.69 -5.48
CA VAL E 416 34.26 -35.77 -4.51
C VAL E 416 35.65 -36.08 -3.98
N THR E 417 36.66 -35.95 -4.85
CA THR E 417 38.03 -36.27 -4.49
C THR E 417 38.42 -35.63 -3.17
N ARG E 418 38.30 -34.30 -3.10
CA ARG E 418 38.77 -33.58 -1.94
C ARG E 418 38.01 -33.97 -0.67
N LEU E 419 36.80 -34.49 -0.82
CA LEU E 419 35.98 -34.76 0.35
C LEU E 419 36.54 -35.92 1.15
N LYS E 420 36.78 -37.04 0.49
CA LYS E 420 37.21 -38.26 1.17
C LYS E 420 38.68 -38.11 1.56
N THR E 421 38.92 -37.18 2.48
CA THR E 421 40.29 -36.86 2.87
C THR E 421 40.49 -36.65 4.36
N SER E 422 39.47 -36.81 5.20
CA SER E 422 39.63 -36.90 6.65
C SER E 422 40.26 -35.66 7.27
N GLU E 423 40.52 -34.64 6.46
CA GLU E 423 41.20 -33.42 6.89
C GLU E 423 42.52 -33.71 7.61
N LYS E 424 43.15 -34.84 7.33
CA LYS E 424 44.38 -35.20 8.01
C LYS E 424 45.56 -35.36 7.06
N GLU E 425 45.40 -36.18 6.02
CA GLU E 425 46.47 -36.35 5.04
C GLU E 425 46.85 -35.00 4.45
N LYS E 426 45.85 -34.25 4.01
CA LYS E 426 46.09 -32.89 3.53
C LYS E 426 46.98 -32.12 4.50
N LEU E 427 46.75 -32.31 5.80
CA LEU E 427 47.63 -31.69 6.79
C LEU E 427 49.05 -32.22 6.66
N LEU E 428 49.20 -33.53 6.53
CA LEU E 428 50.54 -34.09 6.38
C LEU E 428 51.16 -33.81 5.03
N HIS E 429 50.49 -33.07 4.16
CA HIS E 429 51.04 -32.71 2.86
C HIS E 429 50.83 -31.25 2.50
N MET E 430 50.13 -30.47 3.34
CA MET E 430 49.75 -29.11 2.97
C MET E 430 50.95 -28.23 2.67
N GLU E 431 52.06 -28.45 3.36
CA GLU E 431 53.18 -27.52 3.33
C GLU E 431 53.75 -27.42 1.93
N GLN E 432 54.34 -28.52 1.46
CA GLN E 432 54.82 -28.57 0.10
C GLN E 432 53.69 -28.30 -0.89
N ALA E 433 52.48 -28.75 -0.56
CA ALA E 433 51.34 -28.54 -1.45
C ALA E 433 51.18 -27.07 -1.79
N LEU E 434 51.08 -26.23 -0.78
CA LEU E 434 50.89 -24.80 -1.01
C LEU E 434 52.17 -24.17 -1.56
N SER E 435 53.33 -24.68 -1.15
CA SER E 435 54.56 -24.28 -1.81
C SER E 435 54.45 -24.41 -3.32
N LYS E 436 53.75 -25.45 -3.77
CA LYS E 436 53.53 -25.64 -5.20
C LYS E 436 52.56 -24.62 -5.78
N ILE E 437 52.10 -23.67 -4.97
CA ILE E 437 51.23 -22.63 -5.50
C ILE E 437 51.98 -21.32 -5.64
N VAL E 438 52.63 -20.87 -4.57
CA VAL E 438 53.50 -19.70 -4.60
C VAL E 438 54.73 -20.05 -3.77
N VAL E 439 55.76 -19.25 -3.92
CA VAL E 439 57.01 -19.44 -3.18
C VAL E 439 57.43 -18.09 -2.64
N GLY E 440 58.41 -18.11 -1.74
CA GLY E 440 59.05 -16.91 -1.27
C GLY E 440 59.31 -16.85 0.21
N GLN E 441 58.42 -17.40 1.02
CA GLN E 441 58.68 -17.56 2.46
C GLN E 441 58.28 -18.98 2.85
N LYS E 442 59.18 -19.93 2.62
CA LYS E 442 58.93 -21.30 3.04
C LYS E 442 58.64 -21.35 4.53
N GLU E 443 59.31 -20.50 5.28
CA GLU E 443 59.23 -20.51 6.73
C GLU E 443 57.86 -20.04 7.19
N ALA E 444 57.37 -18.96 6.60
CA ALA E 444 56.02 -18.50 6.92
C ALA E 444 55.01 -19.60 6.65
N VAL E 445 55.16 -20.28 5.52
CA VAL E 445 54.27 -21.37 5.17
C VAL E 445 54.26 -22.42 6.25
N GLN E 446 55.42 -23.01 6.51
CA GLN E 446 55.48 -24.09 7.48
C GLN E 446 55.03 -23.62 8.85
N SER E 447 55.24 -22.35 9.16
CA SER E 447 54.82 -21.82 10.45
C SER E 447 53.32 -21.86 10.57
N VAL E 448 52.62 -21.23 9.62
CA VAL E 448 51.16 -21.24 9.66
C VAL E 448 50.66 -22.67 9.62
N SER E 449 51.37 -23.54 8.92
CA SER E 449 51.03 -24.95 8.91
C SER E 449 51.02 -25.52 10.32
N ASN E 450 52.15 -25.38 11.02
CA ASN E 450 52.23 -25.84 12.40
C ASN E 450 51.13 -25.22 13.24
N ALA E 451 50.82 -23.96 13.01
CA ALA E 451 49.78 -23.29 13.78
C ALA E 451 48.46 -24.01 13.63
N ILE E 452 48.01 -24.18 12.39
CA ILE E 452 46.73 -24.83 12.17
C ILE E 452 46.78 -26.28 12.64
N ARG E 453 47.94 -26.92 12.51
CA ARG E 453 48.12 -28.26 13.05
C ARG E 453 47.80 -28.28 14.54
N LEU E 454 48.43 -27.39 15.29
CA LEU E 454 48.22 -27.33 16.72
C LEU E 454 46.77 -27.01 17.05
N GLN E 455 46.11 -26.24 16.18
CA GLN E 455 44.69 -26.03 16.37
C GLN E 455 43.95 -27.36 16.28
N ARG E 456 44.02 -27.98 15.11
CA ARG E 456 43.23 -29.18 14.84
C ARG E 456 43.58 -30.31 15.79
N SER E 457 44.85 -30.43 16.16
CA SER E 457 45.22 -31.43 17.15
C SER E 457 44.53 -31.21 18.48
N GLY E 458 44.06 -30.00 18.74
CA GLY E 458 43.46 -29.69 20.02
C GLY E 458 44.50 -29.63 21.12
N LEU E 459 45.53 -28.80 20.95
CA LEU E 459 46.62 -28.67 21.90
C LEU E 459 46.78 -27.22 22.32
N SER E 460 45.67 -26.53 22.49
CA SER E 460 45.65 -25.11 22.82
C SER E 460 44.27 -24.78 23.35
N ASN E 461 43.99 -23.48 23.47
CA ASN E 461 42.62 -23.06 23.68
C ASN E 461 41.74 -23.66 22.59
N PRO E 462 40.69 -24.37 22.94
CA PRO E 462 39.86 -25.03 21.93
C PRO E 462 38.74 -24.13 21.44
N ASN E 463 38.80 -22.86 21.81
CA ASN E 463 37.74 -21.92 21.48
C ASN E 463 38.22 -20.70 20.72
N GLN E 464 39.45 -20.24 20.98
CA GLN E 464 40.00 -19.11 20.25
C GLN E 464 40.74 -19.62 19.03
N PRO E 465 40.22 -19.42 17.83
CA PRO E 465 40.88 -19.95 16.63
C PRO E 465 42.21 -19.26 16.40
N PRO E 466 43.12 -19.89 15.65
CA PRO E 466 44.40 -19.25 15.36
C PRO E 466 44.20 -17.95 14.61
N SER E 467 45.12 -17.01 14.82
CA SER E 467 45.00 -15.67 14.28
C SER E 467 46.29 -15.26 13.60
N PHE E 468 46.16 -14.37 12.62
CA PHE E 468 47.24 -14.12 11.68
C PHE E 468 47.32 -12.65 11.32
N LEU E 469 48.54 -12.13 11.28
CA LEU E 469 48.76 -10.73 10.94
C LEU E 469 50.10 -10.63 10.23
N PHE E 470 50.04 -10.35 8.94
CA PHE E 470 51.22 -10.38 8.09
C PHE E 470 51.93 -9.03 8.11
N CYS E 471 53.10 -9.01 7.49
CA CYS E 471 53.77 -7.77 7.15
C CYS E 471 54.73 -8.06 6.01
N GLY E 472 54.88 -7.09 5.13
CA GLY E 472 55.79 -7.23 4.02
C GLY E 472 55.23 -6.71 2.72
N PRO E 473 56.02 -6.78 1.65
CA PRO E 473 55.64 -6.13 0.39
C PRO E 473 54.59 -6.95 -0.35
N SER E 474 53.62 -6.26 -0.94
CA SER E 474 52.64 -6.96 -1.74
C SER E 474 53.29 -7.47 -3.02
N GLY E 475 52.50 -8.19 -3.82
CA GLY E 475 53.01 -8.78 -5.02
C GLY E 475 53.38 -10.23 -4.91
N THR E 476 53.98 -10.64 -3.78
CA THR E 476 54.26 -12.05 -3.54
C THR E 476 53.08 -12.92 -3.91
N GLY E 477 51.91 -12.58 -3.39
CA GLY E 477 50.77 -13.46 -3.44
C GLY E 477 50.22 -13.68 -2.05
N LYS E 478 50.56 -12.77 -1.13
CA LYS E 478 50.02 -12.82 0.23
C LYS E 478 48.53 -13.12 0.23
N THR E 479 47.77 -12.25 -0.42
CA THR E 479 46.37 -12.52 -0.73
C THR E 479 46.23 -13.91 -1.33
N LEU E 480 46.96 -14.17 -2.42
CA LEU E 480 46.89 -15.46 -3.08
C LEU E 480 47.29 -16.58 -2.14
N LEU E 481 48.25 -16.32 -1.25
CA LEU E 481 48.62 -17.31 -0.25
C LEU E 481 47.40 -17.71 0.56
N THR E 482 46.75 -16.73 1.18
CA THR E 482 45.51 -16.99 1.90
C THR E 482 44.50 -17.70 1.01
N LYS E 483 44.43 -17.32 -0.25
CA LYS E 483 43.45 -17.90 -1.16
C LYS E 483 43.66 -19.40 -1.30
N ALA E 484 44.86 -19.79 -1.72
CA ALA E 484 45.19 -21.20 -1.80
C ALA E 484 44.96 -21.90 -0.48
N LEU E 485 45.37 -21.24 0.62
CA LEU E 485 45.09 -21.76 1.95
C LEU E 485 43.64 -22.19 2.08
N ALA E 486 42.74 -21.24 1.87
CA ALA E 486 41.31 -21.52 1.98
C ALA E 486 40.91 -22.68 1.08
N GLU E 487 41.12 -22.51 -0.22
CA GLU E 487 40.62 -23.49 -1.18
C GLU E 487 41.30 -24.83 -1.01
N PHE E 488 42.27 -24.89 -0.10
CA PHE E 488 42.81 -26.18 0.30
C PHE E 488 42.22 -26.68 1.60
N LEU E 489 41.80 -25.78 2.48
CA LEU E 489 41.32 -26.15 3.80
C LEU E 489 39.83 -26.01 3.93
N PHE E 490 39.19 -25.28 3.02
CA PHE E 490 37.76 -25.22 2.93
C PHE E 490 37.28 -25.40 1.51
N ASP E 491 38.19 -25.34 0.52
CA ASP E 491 37.91 -25.70 -0.85
C ASP E 491 36.79 -24.84 -1.42
N ASP E 492 37.00 -23.53 -1.38
CA ASP E 492 36.05 -22.58 -1.93
C ASP E 492 36.65 -21.20 -2.03
N PRO E 493 36.44 -20.50 -3.14
CA PRO E 493 36.82 -19.09 -3.20
C PRO E 493 36.07 -18.24 -2.19
N LYS E 494 34.73 -18.28 -2.24
CA LYS E 494 33.92 -17.42 -1.39
C LYS E 494 34.22 -17.62 0.09
N SER E 495 34.90 -18.71 0.46
CA SER E 495 35.36 -18.86 1.82
C SER E 495 36.22 -17.70 2.28
N MET E 496 36.75 -16.91 1.36
CA MET E 496 37.48 -15.70 1.68
C MET E 496 36.54 -14.51 1.80
N ILE E 497 36.93 -13.56 2.65
CA ILE E 497 36.26 -12.29 2.79
C ILE E 497 37.32 -11.20 2.63
N ARG E 498 36.91 -9.94 2.79
CA ARG E 498 37.84 -8.84 2.67
C ARG E 498 37.46 -7.71 3.62
N PHE E 499 38.47 -7.12 4.26
CA PHE E 499 38.29 -5.98 5.14
C PHE E 499 39.50 -5.08 5.01
N ASP E 500 39.26 -3.78 4.81
CA ASP E 500 40.33 -2.81 4.55
C ASP E 500 40.09 -1.58 5.40
N MET E 501 40.91 -1.41 6.44
CA MET E 501 40.54 -0.61 7.61
C MET E 501 40.44 0.89 7.35
N SER E 502 40.88 1.39 6.20
CA SER E 502 40.55 2.78 5.89
C SER E 502 39.05 2.97 5.87
N GLU E 503 38.34 2.00 5.32
CA GLU E 503 36.88 1.94 5.40
C GLU E 503 36.39 1.79 6.82
N TYR E 504 37.25 1.44 7.77
CA TYR E 504 36.86 1.14 9.14
C TYR E 504 37.71 1.92 10.13
N GLN E 505 37.83 3.22 9.90
CA GLN E 505 38.58 4.08 10.80
C GLN E 505 37.69 5.07 11.56
N GLU E 506 36.41 5.10 11.26
CA GLU E 506 35.43 5.83 12.05
C GLU E 506 34.74 4.87 13.01
N ARG E 507 34.48 5.34 14.23
CA ARG E 507 33.77 4.50 15.19
C ARG E 507 32.39 4.10 14.66
N HIS E 508 31.74 5.00 13.93
CA HIS E 508 30.45 4.64 13.34
C HIS E 508 30.63 3.69 12.17
N SER E 509 31.77 3.76 11.48
CA SER E 509 32.09 2.71 10.52
C SER E 509 32.15 1.35 11.20
N LEU E 510 32.77 1.30 12.38
CA LEU E 510 32.73 0.09 13.19
C LEU E 510 31.30 -0.33 13.47
N SER E 511 30.49 0.62 13.95
CA SER E 511 29.09 0.36 14.22
C SER E 511 28.41 -0.35 13.06
N ARG E 512 28.44 0.30 11.89
CA ARG E 512 27.72 -0.27 10.75
C ARG E 512 28.31 -1.61 10.33
N MET E 513 29.65 -1.75 10.37
CA MET E 513 30.25 -2.98 9.89
C MET E 513 29.91 -4.15 10.79
N ILE E 514 29.79 -3.90 12.10
CA ILE E 514 29.27 -4.93 13.00
C ILE E 514 27.77 -4.89 13.10
N GLY E 515 27.11 -3.95 12.43
CA GLY E 515 25.69 -3.76 12.60
C GLY E 515 25.39 -3.14 13.95
N ALA E 516 24.18 -2.62 14.11
CA ALA E 516 23.76 -1.96 15.34
C ALA E 516 22.58 -2.72 15.93
N PRO E 517 22.34 -2.57 17.23
CA PRO E 517 21.13 -3.13 17.80
C PRO E 517 19.91 -2.62 17.06
N PRO E 518 18.84 -3.40 17.00
CA PRO E 518 17.68 -3.01 16.19
C PRO E 518 17.12 -1.64 16.53
N GLY E 519 17.41 -1.11 17.72
CA GLY E 519 16.97 0.23 18.07
C GLY E 519 17.66 1.34 17.31
N TYR E 520 18.58 1.01 16.40
CA TYR E 520 19.34 2.01 15.67
C TYR E 520 19.11 1.85 14.18
N VAL E 521 19.77 2.72 13.41
CA VAL E 521 19.59 2.75 11.96
C VAL E 521 20.23 1.52 11.31
N GLY E 522 21.16 0.87 12.00
CA GLY E 522 21.83 -0.31 11.45
C GLY E 522 20.92 -1.51 11.32
N HIS E 523 19.67 -1.37 11.73
CA HIS E 523 18.71 -2.46 11.68
C HIS E 523 18.32 -2.84 10.26
N ASP E 524 18.54 -1.96 9.28
CA ASP E 524 18.18 -2.24 7.90
C ASP E 524 19.31 -2.86 7.09
N ALA E 525 20.53 -2.89 7.62
CA ALA E 525 21.67 -3.45 6.91
C ALA E 525 22.38 -4.51 7.74
N GLY E 526 22.43 -4.30 9.06
CA GLY E 526 23.11 -5.24 9.93
C GLY E 526 24.62 -5.19 9.76
N GLY E 527 25.26 -6.24 10.26
CA GLY E 527 26.70 -6.35 10.17
C GLY E 527 27.16 -7.36 9.15
N GLN E 528 27.67 -6.87 8.00
CA GLN E 528 28.18 -7.75 6.96
C GLN E 528 29.14 -8.79 7.53
N LEU E 529 30.05 -8.34 8.38
CA LEU E 529 30.93 -9.28 9.09
C LEU E 529 30.12 -10.30 9.87
N THR E 530 29.25 -9.82 10.75
CA THR E 530 28.41 -10.70 11.55
C THR E 530 27.62 -11.66 10.67
N GLU E 531 26.87 -11.10 9.72
CA GLU E 531 26.04 -11.91 8.85
C GLU E 531 26.87 -12.92 8.07
N ALA E 532 28.10 -12.56 7.73
CA ALA E 532 28.98 -13.51 7.07
C ALA E 532 29.31 -14.66 8.00
N LEU E 533 29.65 -14.35 9.25
CA LEU E 533 29.83 -15.40 10.25
C LEU E 533 28.60 -16.30 10.30
N ARG E 534 27.41 -15.69 10.26
CA ARG E 534 26.17 -16.45 10.29
C ARG E 534 26.10 -17.43 9.14
N ARG E 535 26.15 -16.93 7.92
CA ARG E 535 25.90 -17.77 6.75
C ARG E 535 26.91 -18.92 6.67
N ARG E 536 28.20 -18.61 6.76
CA ARG E 536 29.25 -19.60 6.54
C ARG E 536 30.30 -19.49 7.63
N PRO E 537 30.05 -20.08 8.79
CA PRO E 537 31.08 -20.09 9.84
C PRO E 537 32.39 -20.71 9.41
N PHE E 538 32.35 -21.84 8.71
CA PHE E 538 33.58 -22.43 8.22
C PHE E 538 34.09 -21.63 7.03
N SER E 539 34.84 -20.58 7.31
CA SER E 539 35.27 -19.65 6.27
C SER E 539 36.54 -18.94 6.75
N ILE E 540 36.96 -17.92 6.00
CA ILE E 540 38.23 -17.25 6.24
C ILE E 540 37.95 -15.76 6.44
N LEU E 541 38.82 -15.10 7.20
CA LEU E 541 38.62 -13.71 7.56
C LEU E 541 39.86 -12.90 7.19
N LEU E 542 39.68 -11.94 6.29
CA LEU E 542 40.74 -11.05 5.86
C LEU E 542 40.57 -9.69 6.53
N PHE E 543 41.70 -9.09 6.89
CA PHE E 543 41.69 -7.73 7.43
C PHE E 543 42.93 -7.01 6.94
N ASP E 544 42.77 -5.75 6.56
CA ASP E 544 43.82 -5.03 5.86
C ASP E 544 43.70 -3.55 6.18
N GLU E 545 44.79 -2.82 5.97
CA GLU E 545 44.94 -1.44 6.40
C GLU E 545 44.85 -1.30 7.91
N VAL E 546 45.12 -2.41 8.61
CA VAL E 546 44.91 -2.48 10.06
C VAL E 546 45.59 -1.33 10.77
N GLU E 547 46.67 -0.81 10.20
CA GLU E 547 47.29 0.39 10.74
C GLU E 547 46.37 1.59 10.64
N LYS E 548 45.57 1.67 9.58
CA LYS E 548 44.62 2.77 9.39
C LYS E 548 43.28 2.50 10.05
N ALA E 549 43.24 1.63 11.05
CA ALA E 549 41.97 1.25 11.64
C ALA E 549 41.58 2.19 12.77
N ALA E 550 40.29 2.15 13.12
CA ALA E 550 39.83 2.75 14.36
C ALA E 550 40.18 1.83 15.52
N LYS E 551 40.56 2.43 16.65
CA LYS E 551 41.04 1.62 17.76
C LYS E 551 39.95 0.70 18.31
N GLU E 552 38.69 1.13 18.21
CA GLU E 552 37.60 0.39 18.83
C GLU E 552 37.33 -0.92 18.09
N VAL E 553 37.28 -0.87 16.77
CA VAL E 553 37.13 -2.11 16.01
C VAL E 553 38.37 -2.99 16.19
N LEU E 554 39.54 -2.37 16.31
CA LEU E 554 40.73 -3.12 16.65
C LEU E 554 40.52 -3.92 17.94
N THR E 555 39.92 -3.27 18.93
CA THR E 555 39.69 -3.94 20.20
C THR E 555 38.63 -5.02 20.07
N VAL E 556 37.58 -4.79 19.29
CA VAL E 556 36.56 -5.82 19.20
C VAL E 556 37.11 -7.02 18.46
N LEU E 557 38.01 -6.80 17.51
CA LEU E 557 38.71 -7.91 16.88
C LEU E 557 39.62 -8.61 17.87
N LEU E 558 40.29 -7.84 18.74
CA LEU E 558 41.09 -8.46 19.80
C LEU E 558 40.23 -9.37 20.65
N GLN E 559 39.06 -8.90 21.04
CA GLN E 559 38.10 -9.73 21.75
C GLN E 559 37.85 -11.00 20.97
N LEU E 560 37.36 -10.86 19.74
CA LEU E 560 37.11 -12.00 18.86
C LEU E 560 38.24 -13.02 18.93
N MET E 561 39.49 -12.53 18.83
CA MET E 561 40.64 -13.39 19.05
C MET E 561 40.50 -14.14 20.36
N ASP E 562 40.41 -13.39 21.45
CA ASP E 562 40.33 -14.03 22.76
C ASP E 562 38.94 -14.55 23.09
N ASP E 563 37.92 -14.12 22.34
CA ASP E 563 36.56 -14.61 22.52
C ASP E 563 36.26 -15.84 21.68
N GLY E 564 36.94 -16.02 20.55
CA GLY E 564 36.53 -17.06 19.62
C GLY E 564 35.16 -16.87 19.05
N ARG E 565 34.58 -15.69 19.24
CA ARG E 565 33.25 -15.33 18.78
C ARG E 565 33.09 -13.84 19.00
N ILE E 566 31.89 -13.33 18.73
CA ILE E 566 31.57 -11.92 18.96
C ILE E 566 30.16 -11.78 19.48
N THR E 567 30.03 -11.17 20.65
CA THR E 567 28.72 -10.77 21.17
C THR E 567 28.20 -9.63 20.30
N ASP E 568 27.24 -9.95 19.44
CA ASP E 568 26.64 -8.95 18.58
C ASP E 568 25.90 -7.91 19.42
N GLY E 569 25.46 -6.84 18.77
CA GLY E 569 24.59 -5.90 19.43
C GLY E 569 23.18 -6.40 19.68
N GLN E 570 22.95 -7.71 19.51
CA GLN E 570 21.63 -8.29 19.65
C GLN E 570 21.56 -9.48 20.59
N GLY E 571 22.68 -10.17 20.83
CA GLY E 571 22.70 -11.31 21.72
C GLY E 571 23.20 -12.58 21.07
N ARG E 572 23.08 -12.72 19.76
CA ARG E 572 23.54 -13.93 19.09
C ARG E 572 25.05 -13.93 19.04
N VAL E 573 25.69 -14.43 20.10
CA VAL E 573 27.15 -14.49 20.14
C VAL E 573 27.56 -15.66 19.25
N VAL E 574 27.93 -15.36 18.01
CA VAL E 574 28.14 -16.38 16.99
C VAL E 574 29.59 -16.85 17.03
N ASP E 575 29.77 -18.17 17.07
CA ASP E 575 31.09 -18.79 17.15
C ASP E 575 32.00 -18.33 16.01
N ALA E 576 33.29 -18.42 16.27
CA ALA E 576 34.31 -18.27 15.25
C ALA E 576 35.22 -19.48 15.14
N LYS E 577 35.01 -20.53 15.94
CA LYS E 577 35.94 -21.65 15.95
C LYS E 577 36.17 -22.27 14.58
N ASN E 578 35.34 -21.94 13.60
CA ASN E 578 35.50 -22.43 12.24
C ASN E 578 36.16 -21.41 11.32
N CYS E 579 36.86 -20.41 11.87
CA CYS E 579 37.33 -19.29 11.08
C CYS E 579 38.85 -19.26 10.99
N ILE E 580 39.32 -18.41 10.10
CA ILE E 580 40.75 -18.10 9.95
C ILE E 580 40.85 -16.60 9.71
N VAL E 581 41.71 -15.93 10.47
CA VAL E 581 41.67 -14.49 10.60
C VAL E 581 43.06 -13.91 10.32
N VAL E 582 43.16 -13.08 9.28
CA VAL E 582 44.44 -12.57 8.81
C VAL E 582 44.40 -11.05 8.75
N MET E 583 45.51 -10.42 9.15
CA MET E 583 45.67 -8.98 9.00
C MET E 583 46.96 -8.71 8.23
N THR E 584 46.99 -7.55 7.58
CA THR E 584 48.02 -7.22 6.61
C THR E 584 48.85 -6.03 7.06
N SER E 585 50.14 -6.06 6.72
CA SER E 585 51.02 -4.92 6.94
C SER E 585 52.06 -4.85 5.83
N ASN E 586 52.52 -3.63 5.58
CA ASN E 586 53.61 -3.41 4.63
C ASN E 586 54.56 -2.34 5.14
N LEU E 587 54.45 -1.93 6.40
CA LEU E 587 55.10 -0.70 6.85
C LEU E 587 56.60 -0.88 7.00
N GLY E 588 57.01 -1.79 7.89
CA GLY E 588 58.43 -2.03 8.09
C GLY E 588 59.17 -2.53 6.87
N ALA E 589 58.44 -2.91 5.81
CA ALA E 589 59.06 -3.43 4.60
C ALA E 589 60.05 -2.45 3.99
N GLU E 590 59.97 -1.17 4.35
CA GLU E 590 61.03 -0.22 4.01
C GLU E 590 62.40 -0.72 4.46
N TYR E 591 62.44 -1.52 5.53
CA TYR E 591 63.69 -2.15 5.94
C TYR E 591 64.19 -3.17 4.93
N LEU E 592 63.30 -3.76 4.13
CA LEU E 592 63.62 -4.96 3.38
C LEU E 592 64.66 -4.66 2.31
N SER E 593 65.90 -5.06 2.57
CA SER E 593 66.94 -5.13 1.55
C SER E 593 67.02 -6.57 1.04
N ARG E 594 67.40 -6.72 -0.22
CA ARG E 594 67.50 -8.06 -0.79
C ARG E 594 68.52 -8.87 -0.03
N ALA E 595 68.14 -10.09 0.35
CA ALA E 595 69.00 -10.95 1.16
C ALA E 595 68.71 -12.42 0.91
N ILE E 603 67.47 -15.83 7.51
CA ILE E 603 67.18 -14.40 7.39
C ILE E 603 67.55 -13.70 8.70
N ASP E 604 67.98 -12.45 8.59
CA ASP E 604 68.58 -11.77 9.74
C ASP E 604 67.53 -11.56 10.83
N PRO E 605 67.92 -11.66 12.10
CA PRO E 605 66.99 -11.32 13.18
C PRO E 605 66.91 -9.83 13.38
N THR E 606 67.99 -9.13 13.04
CA THR E 606 68.09 -7.69 13.30
C THR E 606 66.83 -6.96 12.88
N THR E 607 66.53 -7.00 11.59
CA THR E 607 65.32 -6.34 11.09
C THR E 607 64.07 -6.90 11.73
N ARG E 608 64.09 -8.18 12.11
CA ARG E 608 62.92 -8.75 12.78
C ARG E 608 62.60 -7.97 14.04
N GLU E 609 63.61 -7.67 14.86
CA GLU E 609 63.36 -6.84 16.03
C GLU E 609 63.02 -5.41 15.66
N LEU E 610 63.61 -4.91 14.57
CA LEU E 610 63.23 -3.61 14.04
C LEU E 610 61.72 -3.50 13.93
N VAL E 611 61.12 -4.39 13.13
CA VAL E 611 59.69 -4.34 12.95
C VAL E 611 58.95 -4.80 14.21
N MET E 612 59.58 -5.62 15.05
CA MET E 612 59.01 -5.93 16.34
C MET E 612 58.63 -4.65 17.06
N ASN E 613 59.61 -3.80 17.33
CA ASN E 613 59.34 -2.51 17.94
C ASN E 613 58.39 -1.69 17.07
N THR E 614 58.65 -1.67 15.77
CA THR E 614 57.85 -0.90 14.82
C THR E 614 56.38 -1.28 14.88
N LEU E 615 56.05 -2.39 15.51
CA LEU E 615 54.67 -2.79 15.73
C LEU E 615 54.24 -2.64 17.18
N ARG E 616 55.09 -3.04 18.13
CA ARG E 616 54.78 -2.86 19.55
C ARG E 616 54.35 -1.44 19.83
N ASN E 617 55.00 -0.48 19.17
CA ASN E 617 54.55 0.90 19.25
C ASN E 617 53.09 1.04 18.80
N TYR E 618 52.71 0.34 17.74
CA TYR E 618 51.44 0.62 17.09
C TYR E 618 50.26 0.14 17.92
N PHE E 619 50.39 -0.98 18.61
CA PHE E 619 49.23 -1.62 19.22
C PHE E 619 49.59 -2.12 20.60
N LEU E 620 48.57 -2.48 21.35
CA LEU E 620 48.76 -3.07 22.66
C LEU E 620 49.60 -4.33 22.54
N PRO E 621 50.77 -4.40 23.17
CA PRO E 621 51.55 -5.65 23.14
C PRO E 621 50.75 -6.85 23.60
N GLU E 622 49.78 -6.65 24.51
CA GLU E 622 48.87 -7.72 24.88
C GLU E 622 48.02 -8.15 23.69
N PHE E 623 47.36 -7.18 23.06
CA PHE E 623 46.73 -7.40 21.76
C PHE E 623 47.66 -8.13 20.82
N LEU E 624 48.87 -7.63 20.67
CA LEU E 624 49.83 -8.23 19.75
C LEU E 624 50.17 -9.66 20.14
N ASN E 625 49.96 -10.03 21.41
CA ASN E 625 50.23 -11.39 21.82
C ASN E 625 49.22 -12.38 21.29
N ARG E 626 48.26 -11.94 20.49
CA ARG E 626 47.12 -12.78 20.13
C ARG E 626 47.17 -13.26 18.69
N ILE E 627 48.23 -12.95 17.93
CA ILE E 627 48.45 -13.65 16.68
C ILE E 627 48.80 -15.09 17.01
N SER E 628 48.56 -15.99 16.06
CA SER E 628 49.17 -17.31 16.18
C SER E 628 50.68 -17.16 16.35
N SER E 629 51.29 -16.30 15.55
CA SER E 629 52.69 -15.93 15.65
C SER E 629 52.95 -14.80 14.65
N ILE E 630 53.96 -13.99 14.94
CA ILE E 630 54.26 -12.86 14.07
C ILE E 630 54.46 -13.34 12.65
N VAL E 631 53.81 -12.68 11.71
CA VAL E 631 53.84 -13.07 10.30
C VAL E 631 54.59 -12.01 9.53
N ILE E 632 55.61 -12.42 8.78
CA ILE E 632 56.57 -11.52 8.16
C ILE E 632 56.74 -11.95 6.71
N PHE E 633 57.58 -11.21 5.99
CA PHE E 633 57.93 -11.46 4.60
C PHE E 633 59.39 -11.08 4.40
N ASN E 634 59.79 -10.93 3.15
CA ASN E 634 61.16 -10.54 2.81
C ASN E 634 61.15 -9.95 1.40
N ARG E 635 62.34 -9.65 0.90
CA ARG E 635 62.48 -9.14 -0.46
C ARG E 635 62.27 -10.29 -1.44
N LEU E 636 62.52 -10.02 -2.72
CA LEU E 636 62.22 -10.99 -3.78
C LEU E 636 63.38 -11.01 -4.77
N THR E 637 64.30 -11.95 -4.59
CA THR E 637 65.42 -12.11 -5.50
C THR E 637 64.92 -12.44 -6.90
N ARG E 638 65.80 -12.26 -7.89
CA ARG E 638 65.38 -12.47 -9.26
C ARG E 638 64.93 -13.91 -9.50
N ARG E 639 65.70 -14.87 -9.00
CA ARG E 639 65.47 -16.27 -9.33
C ARG E 639 64.02 -16.67 -9.12
N GLU E 640 63.50 -16.40 -7.93
CA GLU E 640 62.09 -16.69 -7.66
C GLU E 640 61.17 -15.92 -8.60
N ILE E 641 61.55 -14.70 -8.97
CA ILE E 641 60.70 -13.93 -9.87
C ILE E 641 60.58 -14.61 -11.21
N ARG E 642 61.71 -15.00 -11.79
CA ARG E 642 61.66 -15.68 -13.08
C ARG E 642 61.00 -17.04 -12.95
N LYS E 643 61.11 -17.69 -11.79
CA LYS E 643 60.29 -18.87 -11.55
C LYS E 643 58.81 -18.52 -11.66
N ILE E 644 58.42 -17.39 -11.08
CA ILE E 644 57.04 -16.94 -11.21
C ILE E 644 56.71 -16.74 -12.68
N VAL E 645 57.66 -16.22 -13.45
CA VAL E 645 57.47 -16.07 -14.90
C VAL E 645 57.18 -17.42 -15.54
N ASP E 646 57.92 -18.44 -15.11
CA ASP E 646 57.66 -19.79 -15.60
C ASP E 646 56.23 -20.19 -15.29
N LEU E 647 55.80 -19.93 -14.07
CA LEU E 647 54.41 -20.19 -13.71
C LEU E 647 53.46 -19.38 -14.58
N ARG E 648 53.88 -18.18 -14.97
CA ARG E 648 53.02 -17.33 -15.79
C ARG E 648 52.79 -17.96 -17.15
N ILE E 649 53.88 -18.20 -17.87
CA ILE E 649 53.77 -18.88 -19.16
C ILE E 649 53.07 -20.22 -18.99
N ALA E 650 53.15 -20.79 -17.79
CA ALA E 650 52.43 -22.04 -17.52
C ALA E 650 50.92 -21.81 -17.58
N GLU E 651 50.42 -20.81 -16.85
CA GLU E 651 48.97 -20.60 -16.90
C GLU E 651 48.57 -20.11 -18.28
N ILE E 652 49.50 -19.51 -19.02
CA ILE E 652 49.21 -19.14 -20.40
C ILE E 652 48.95 -20.40 -21.22
N GLN E 653 49.89 -21.35 -21.17
CA GLN E 653 49.68 -22.62 -21.85
C GLN E 653 48.41 -23.30 -21.35
N LYS E 654 48.08 -23.10 -20.08
CA LYS E 654 46.83 -23.63 -19.57
C LYS E 654 45.65 -23.02 -20.30
N ARG E 655 45.65 -21.70 -20.44
CA ARG E 655 44.62 -21.02 -21.21
C ARG E 655 44.54 -21.57 -22.63
N LEU E 656 45.71 -21.84 -23.22
CA LEU E 656 45.74 -22.48 -24.53
C LEU E 656 45.01 -23.82 -24.50
N THR E 657 45.26 -24.61 -23.46
CA THR E 657 44.60 -25.91 -23.32
C THR E 657 43.11 -25.76 -23.04
N ASP E 658 42.67 -24.60 -22.54
CA ASP E 658 41.25 -24.40 -22.26
C ASP E 658 40.41 -24.70 -23.50
N ASN E 659 40.93 -24.37 -24.67
CA ASN E 659 40.33 -24.75 -25.94
C ASN E 659 41.25 -25.72 -26.66
N ASP E 660 40.77 -26.19 -27.82
CA ASP E 660 41.52 -27.14 -28.62
C ASP E 660 42.83 -26.56 -29.15
N ARG E 661 42.93 -25.22 -29.22
CA ARG E 661 44.06 -24.58 -29.88
C ARG E 661 45.39 -25.00 -29.27
N ASN E 662 46.18 -25.75 -30.04
CA ASN E 662 47.55 -26.04 -29.67
C ASN E 662 48.41 -24.84 -30.02
N VAL E 663 49.11 -24.31 -29.02
CA VAL E 663 50.05 -23.21 -29.21
C VAL E 663 51.23 -23.47 -28.29
N THR E 664 52.43 -23.26 -28.82
CA THR E 664 53.64 -23.80 -28.23
C THR E 664 54.54 -22.65 -27.79
N ILE E 665 54.32 -22.18 -26.55
CA ILE E 665 55.02 -21.04 -26.01
C ILE E 665 56.50 -21.35 -25.87
N LYS E 666 57.33 -20.70 -26.68
CA LYS E 666 58.78 -20.86 -26.60
C LYS E 666 59.37 -19.58 -26.04
N VAL E 667 59.36 -19.46 -24.72
CA VAL E 667 59.98 -18.33 -24.06
C VAL E 667 61.48 -18.59 -24.00
N SER E 668 62.23 -17.89 -24.84
CA SER E 668 63.68 -17.89 -24.68
C SER E 668 64.02 -17.50 -23.25
N ASP E 669 65.10 -18.09 -22.73
CA ASP E 669 65.61 -17.69 -21.43
C ASP E 669 65.66 -16.17 -21.32
N GLU E 670 66.35 -15.52 -22.26
CA GLU E 670 66.48 -14.08 -22.24
C GLU E 670 65.13 -13.38 -22.31
N ALA E 671 64.14 -14.00 -22.95
CA ALA E 671 62.81 -13.41 -22.97
C ALA E 671 62.34 -13.21 -21.55
N LYS E 672 62.16 -14.33 -20.84
CA LYS E 672 61.84 -14.29 -19.42
C LYS E 672 62.73 -13.32 -18.66
N ASP E 673 64.02 -13.32 -18.98
CA ASP E 673 64.97 -12.49 -18.24
C ASP E 673 64.58 -11.03 -18.33
N LYS E 674 64.35 -10.54 -19.55
CA LYS E 674 63.95 -9.16 -19.74
C LYS E 674 62.59 -8.90 -19.11
N LEU E 675 61.63 -9.80 -19.34
CA LEU E 675 60.30 -9.64 -18.74
C LEU E 675 60.42 -9.36 -17.26
N GLY E 676 61.09 -10.25 -16.54
CA GLY E 676 61.28 -10.09 -15.12
C GLY E 676 62.03 -8.82 -14.76
N ALA E 677 63.27 -8.72 -15.25
CA ALA E 677 64.11 -7.57 -14.95
C ALA E 677 63.37 -6.25 -15.16
N GLN E 678 62.40 -6.23 -16.08
CA GLN E 678 61.62 -5.02 -16.29
C GLN E 678 60.52 -4.88 -15.26
N GLY E 679 59.61 -5.84 -15.23
CA GLY E 679 58.36 -5.56 -14.56
C GLY E 679 58.32 -5.66 -13.06
N TYR E 680 59.45 -5.86 -12.39
CA TYR E 680 59.41 -5.82 -10.93
C TYR E 680 58.98 -4.44 -10.48
N SER E 681 58.09 -4.40 -9.50
CA SER E 681 57.66 -3.13 -8.93
C SER E 681 58.24 -2.96 -7.54
N PRO E 682 59.06 -1.95 -7.30
CA PRO E 682 59.45 -1.63 -5.93
C PRO E 682 58.28 -1.37 -5.01
N VAL E 683 57.07 -1.27 -5.53
CA VAL E 683 55.88 -1.10 -4.70
C VAL E 683 54.87 -2.23 -4.86
N TYR E 684 54.89 -2.97 -5.97
CA TYR E 684 53.92 -4.04 -6.16
C TYR E 684 54.54 -5.31 -6.74
N GLY E 685 55.85 -5.40 -6.81
CA GLY E 685 56.48 -6.60 -7.34
C GLY E 685 55.99 -6.91 -8.74
N ALA E 686 55.46 -8.12 -8.91
CA ALA E 686 55.06 -8.61 -10.21
C ALA E 686 53.57 -8.44 -10.49
N ARG E 687 52.78 -8.03 -9.50
CA ARG E 687 51.37 -7.71 -9.73
C ARG E 687 51.25 -6.82 -10.95
N PRO E 688 52.07 -5.76 -11.08
CA PRO E 688 52.09 -5.07 -12.37
C PRO E 688 52.64 -5.93 -13.47
N LEU E 689 53.80 -6.57 -13.25
CA LEU E 689 54.45 -7.36 -14.28
C LEU E 689 53.54 -8.45 -14.81
N GLN E 690 52.68 -9.01 -13.97
CA GLN E 690 51.74 -10.02 -14.44
C GLN E 690 50.96 -9.51 -15.64
N ARG E 691 50.18 -8.46 -15.43
CA ARG E 691 49.39 -7.90 -16.53
C ARG E 691 50.28 -7.31 -17.60
N LEU E 692 51.46 -6.82 -17.21
CA LEU E 692 52.43 -6.34 -18.20
C LEU E 692 52.67 -7.39 -19.26
N LEU E 693 53.14 -8.57 -18.83
CA LEU E 693 53.42 -9.64 -19.77
C LEU E 693 52.15 -10.15 -20.42
N GLU E 694 51.08 -10.22 -19.64
CA GLU E 694 49.77 -10.56 -20.19
C GLU E 694 49.50 -9.77 -21.46
N LYS E 695 49.50 -8.45 -21.34
CA LYS E 695 49.38 -7.59 -22.50
C LYS E 695 50.45 -7.93 -23.53
N GLU E 696 51.71 -7.85 -23.14
CA GLU E 696 52.83 -7.85 -24.06
C GLU E 696 53.04 -9.20 -24.74
N VAL E 697 52.19 -10.17 -24.45
CA VAL E 697 52.19 -11.36 -25.29
C VAL E 697 50.81 -11.49 -25.90
N LEU E 698 49.78 -11.62 -25.07
CA LEU E 698 48.41 -11.83 -25.50
C LEU E 698 48.05 -10.96 -26.69
N ASN E 699 48.56 -9.72 -26.73
CA ASN E 699 48.26 -8.86 -27.86
C ASN E 699 48.65 -9.53 -29.18
N ARG E 700 49.94 -9.77 -29.39
CA ARG E 700 50.38 -10.31 -30.66
C ARG E 700 49.94 -11.75 -30.83
N LEU E 701 49.82 -12.48 -29.73
CA LEU E 701 49.28 -13.84 -29.80
C LEU E 701 47.91 -13.82 -30.46
N ALA E 702 46.95 -13.13 -29.83
CA ALA E 702 45.62 -13.01 -30.41
C ALA E 702 45.66 -12.38 -31.78
N ILE E 703 46.63 -11.49 -32.04
CA ILE E 703 46.80 -10.92 -33.37
C ILE E 703 46.93 -12.04 -34.39
N LEU E 704 47.93 -12.89 -34.20
CA LEU E 704 48.16 -13.98 -35.14
C LEU E 704 47.10 -15.06 -35.03
N ILE E 705 46.35 -15.07 -33.94
CA ILE E 705 45.28 -16.04 -33.77
C ILE E 705 44.08 -15.67 -34.63
N LEU E 706 43.56 -14.46 -34.42
CA LEU E 706 42.64 -13.86 -35.37
C LEU E 706 43.13 -14.01 -36.80
N ARG E 707 44.41 -13.71 -37.04
CA ARG E 707 44.96 -13.83 -38.38
C ARG E 707 45.12 -15.26 -38.83
N GLY E 708 45.35 -16.20 -37.90
CA GLY E 708 45.55 -17.59 -38.27
C GLY E 708 46.83 -17.83 -39.04
N GLN E 709 47.54 -16.75 -39.39
CA GLN E 709 48.83 -16.84 -40.06
C GLN E 709 49.75 -17.83 -39.38
N ILE E 710 49.74 -17.86 -38.05
CA ILE E 710 50.27 -18.96 -37.27
C ILE E 710 49.13 -19.94 -37.09
N ARG E 711 49.19 -21.04 -37.83
CA ARG E 711 48.05 -21.94 -38.00
C ARG E 711 48.03 -23.00 -36.91
N GLU E 712 47.21 -24.03 -37.12
CA GLU E 712 47.00 -25.07 -36.12
C GLU E 712 48.32 -25.79 -35.81
N GLY E 713 48.45 -26.22 -34.56
CA GLY E 713 49.61 -26.99 -34.15
C GLY E 713 50.94 -26.28 -34.26
N GLU E 714 50.93 -24.97 -34.47
CA GLU E 714 52.16 -24.24 -34.68
C GLU E 714 52.80 -23.85 -33.34
N VAL E 715 53.94 -23.17 -33.42
CA VAL E 715 54.82 -22.95 -32.28
C VAL E 715 54.83 -21.47 -31.95
N ALA E 716 54.49 -21.15 -30.69
CA ALA E 716 54.59 -19.78 -30.20
C ALA E 716 56.04 -19.52 -29.83
N CYS E 717 56.83 -19.21 -30.85
CA CYS E 717 58.23 -18.86 -30.62
C CYS E 717 58.30 -17.48 -29.99
N VAL E 718 58.33 -17.44 -28.65
CA VAL E 718 58.35 -16.18 -27.93
C VAL E 718 59.74 -15.58 -28.06
N GLU E 719 59.88 -14.57 -28.89
CA GLU E 719 61.17 -14.00 -29.22
C GLU E 719 61.30 -12.59 -28.66
N LEU E 720 62.51 -12.05 -28.77
CA LEU E 720 62.83 -10.71 -28.32
C LEU E 720 63.66 -10.03 -29.39
N VAL E 721 63.42 -8.73 -29.57
CA VAL E 721 64.11 -7.95 -30.60
C VAL E 721 64.82 -6.80 -29.90
N ASP E 722 66.13 -6.94 -29.70
CA ASP E 722 67.02 -5.87 -29.28
C ASP E 722 66.51 -5.17 -28.02
N GLY E 723 66.48 -5.94 -26.93
CA GLY E 723 65.98 -5.44 -25.68
C GLY E 723 64.49 -5.24 -25.61
N LYS E 724 63.75 -5.57 -26.67
CA LYS E 724 62.30 -5.53 -26.67
C LYS E 724 61.78 -6.90 -27.05
N VAL E 725 61.00 -7.50 -26.16
CA VAL E 725 60.39 -8.79 -26.48
C VAL E 725 59.49 -8.65 -27.70
N GLN E 726 59.56 -9.62 -28.60
CA GLN E 726 58.61 -9.68 -29.70
C GLN E 726 58.53 -11.11 -30.19
N VAL E 727 57.46 -11.81 -29.82
CA VAL E 727 57.16 -13.08 -30.47
C VAL E 727 57.09 -12.85 -31.97
N LEU E 728 57.61 -13.80 -32.73
CA LEU E 728 57.70 -13.64 -34.17
C LEU E 728 56.66 -14.51 -34.86
N PRO E 729 55.78 -13.93 -35.66
CA PRO E 729 54.83 -14.74 -36.43
C PRO E 729 55.57 -15.72 -37.33
N ASN E 730 55.07 -16.95 -37.35
CA ASN E 730 55.64 -17.96 -38.22
C ASN E 730 55.59 -17.52 -39.68
N HIS E 731 54.61 -16.67 -40.02
CA HIS E 731 54.46 -16.16 -41.37
C HIS E 731 53.76 -14.81 -41.27
N PRO E 732 54.00 -13.91 -42.22
CA PRO E 732 53.05 -12.82 -42.45
C PRO E 732 51.80 -13.36 -43.15
N ASP E 733 50.92 -12.47 -43.61
CA ASP E 733 49.70 -12.89 -44.29
C ASP E 733 50.01 -13.77 -45.50
N ASN F 15 -20.31 -0.50 26.43
CA ASN F 15 -19.62 -0.60 27.70
C ASN F 15 -18.37 -1.43 27.55
N LEU F 16 -17.34 -0.86 26.92
CA LEU F 16 -16.13 -1.60 26.59
C LEU F 16 -15.08 -1.50 27.67
N SER F 17 -15.47 -1.78 28.92
CA SER F 17 -14.51 -2.02 29.98
C SER F 17 -13.78 -3.34 29.79
N LYS F 18 -14.24 -4.15 28.82
CA LYS F 18 -13.64 -5.44 28.54
C LYS F 18 -12.12 -5.38 28.55
N PHE F 19 -11.54 -4.30 28.02
CA PHE F 19 -10.10 -4.16 27.94
C PHE F 19 -9.48 -3.72 29.25
N CYS F 20 -10.29 -3.50 30.27
CA CYS F 20 -9.83 -2.94 31.54
C CYS F 20 -10.33 -3.80 32.70
N ILE F 21 -9.53 -3.86 33.76
CA ILE F 21 -9.85 -4.65 34.94
C ILE F 21 -10.02 -3.72 36.12
N ASP F 22 -11.08 -3.95 36.90
CA ASP F 22 -11.33 -3.14 38.08
C ASP F 22 -10.37 -3.51 39.20
N MET F 23 -9.21 -2.87 39.24
CA MET F 23 -8.24 -3.12 40.29
C MET F 23 -8.89 -3.08 41.67
N THR F 24 -9.76 -2.09 41.89
CA THR F 24 -10.46 -1.98 43.18
C THR F 24 -11.23 -3.25 43.48
N ALA F 25 -11.94 -3.79 42.49
CA ALA F 25 -12.63 -5.06 42.68
C ALA F 25 -11.66 -6.14 43.12
N MET F 26 -10.58 -6.32 42.34
CA MET F 26 -9.56 -7.31 42.68
C MET F 26 -9.13 -7.18 44.13
N ALA F 27 -8.94 -5.95 44.59
CA ALA F 27 -8.66 -5.71 46.00
C ALA F 27 -9.78 -6.29 46.85
N ARG F 28 -11.01 -5.81 46.65
CA ARG F 28 -12.15 -6.40 47.33
C ARG F 28 -12.25 -7.89 47.05
N GLU F 29 -11.82 -8.32 45.87
CA GLU F 29 -11.70 -9.75 45.61
C GLU F 29 -10.59 -10.37 46.45
N GLY F 30 -9.60 -9.59 46.86
CA GLY F 30 -8.55 -10.14 47.69
C GLY F 30 -7.67 -11.15 47.01
N LYS F 31 -7.51 -11.06 45.69
CA LYS F 31 -6.60 -11.94 44.97
C LYS F 31 -5.25 -11.27 44.74
N ILE F 32 -4.86 -10.35 45.60
CA ILE F 32 -3.66 -9.54 45.40
C ILE F 32 -2.72 -9.82 46.56
N ASP F 33 -1.49 -9.32 46.45
CA ASP F 33 -0.48 -9.55 47.46
C ASP F 33 -0.10 -8.24 48.13
N PRO F 34 -0.29 -8.09 49.44
CA PRO F 34 -0.04 -6.80 50.09
C PRO F 34 1.44 -6.45 50.04
N VAL F 35 1.75 -5.36 49.33
CA VAL F 35 3.13 -4.92 49.18
C VAL F 35 3.39 -3.88 50.25
N ILE F 36 4.67 -3.69 50.57
CA ILE F 36 5.10 -2.78 51.61
C ILE F 36 6.20 -1.88 51.06
N GLY F 37 6.71 -1.01 51.91
CA GLY F 37 7.70 -0.04 51.48
C GLY F 37 7.09 1.07 50.63
N ARG F 38 7.86 2.14 50.48
CA ARG F 38 7.46 3.28 49.65
C ARG F 38 6.10 3.84 50.02
N GLU F 39 5.69 3.65 51.27
CA GLU F 39 4.38 4.11 51.69
C GLU F 39 4.34 5.63 51.81
N GLU F 40 5.47 6.25 52.15
CA GLU F 40 5.55 7.70 52.08
C GLU F 40 5.33 8.19 50.66
N GLU F 41 5.80 7.44 49.66
CA GLU F 41 5.46 7.74 48.28
C GLU F 41 3.96 7.63 48.05
N ILE F 42 3.32 6.67 48.74
CA ILE F 42 1.88 6.54 48.65
C ILE F 42 1.21 7.81 49.14
N ARG F 43 1.59 8.30 50.32
CA ARG F 43 1.08 9.57 50.79
C ARG F 43 1.38 10.70 49.82
N ARG F 44 2.56 10.67 49.19
CA ARG F 44 2.91 11.69 48.22
C ARG F 44 1.89 11.74 47.09
N VAL F 45 1.68 10.62 46.41
CA VAL F 45 0.75 10.60 45.30
C VAL F 45 -0.67 10.85 45.78
N ILE F 46 -0.95 10.49 47.04
CA ILE F 46 -2.28 10.73 47.60
C ILE F 46 -2.54 12.22 47.68
N ARG F 47 -1.67 12.95 48.38
CA ARG F 47 -1.83 14.40 48.46
C ARG F 47 -1.80 15.04 47.08
N ILE F 48 -1.03 14.45 46.16
CA ILE F 48 -1.03 14.94 44.79
C ILE F 48 -2.43 14.86 44.20
N LEU F 49 -3.06 13.69 44.28
CA LEU F 49 -4.43 13.55 43.81
C LEU F 49 -5.38 14.48 44.56
N SER F 50 -5.05 14.80 45.81
CA SER F 50 -5.84 15.79 46.53
C SER F 50 -5.73 17.18 45.91
N ARG F 51 -4.64 17.47 45.22
CA ARG F 51 -4.45 18.78 44.63
C ARG F 51 -5.50 19.04 43.55
N ARG F 52 -5.70 20.32 43.26
CA ARG F 52 -6.50 20.74 42.12
C ARG F 52 -5.67 21.41 41.04
N THR F 53 -4.44 21.81 41.34
CA THR F 53 -3.57 22.45 40.37
C THR F 53 -3.26 21.50 39.22
N LYS F 54 -2.55 20.41 39.52
CA LYS F 54 -2.33 19.33 38.57
C LYS F 54 -2.15 18.06 39.38
N ASN F 55 -3.23 17.32 39.56
CA ASN F 55 -3.23 16.16 40.42
C ASN F 55 -2.93 14.85 39.69
N ASN F 56 -2.57 14.94 38.42
CA ASN F 56 -2.33 13.74 37.62
C ASN F 56 -0.83 13.54 37.43
N PRO F 57 -0.20 12.76 38.28
CA PRO F 57 1.26 12.68 38.27
C PRO F 57 1.78 11.55 37.40
N VAL F 58 3.10 11.52 37.22
CA VAL F 58 3.79 10.40 36.63
C VAL F 58 4.89 9.97 37.58
N LEU F 59 5.04 8.67 37.77
CA LEU F 59 6.09 8.15 38.61
C LEU F 59 7.37 8.00 37.81
N ILE F 60 8.47 8.56 38.33
CA ILE F 60 9.79 8.27 37.78
C ILE F 60 10.17 6.87 38.23
N GLY F 61 10.11 5.91 37.29
CA GLY F 61 10.29 4.52 37.66
C GLY F 61 11.21 3.72 36.76
N GLU F 62 12.28 3.18 37.35
CA GLU F 62 13.14 2.25 36.65
C GLU F 62 12.37 0.95 36.37
N PRO F 63 12.54 0.36 35.18
CA PRO F 63 11.79 -0.87 34.88
C PRO F 63 12.17 -2.01 35.82
N GLY F 64 11.28 -2.99 35.89
CA GLY F 64 11.56 -4.19 36.65
C GLY F 64 11.53 -4.04 38.15
N VAL F 65 11.08 -2.89 38.65
CA VAL F 65 10.99 -2.70 40.09
C VAL F 65 9.63 -3.16 40.58
N GLY F 66 8.85 -3.77 39.69
CA GLY F 66 7.48 -4.08 40.04
C GLY F 66 6.69 -2.86 40.45
N LYS F 67 7.01 -1.69 39.88
CA LYS F 67 6.25 -0.48 40.16
C LYS F 67 4.75 -0.75 40.13
N THR F 68 4.35 -1.74 39.33
CA THR F 68 3.04 -2.35 39.47
C THR F 68 2.71 -2.57 40.94
N THR F 69 3.54 -3.35 41.64
CA THR F 69 3.29 -3.65 43.05
C THR F 69 2.99 -2.38 43.83
N ILE F 70 3.67 -1.30 43.50
CA ILE F 70 3.38 -0.02 44.13
C ILE F 70 1.95 0.39 43.85
N VAL F 71 1.60 0.45 42.56
CA VAL F 71 0.25 0.86 42.16
C VAL F 71 -0.80 0.02 42.90
N GLU F 72 -0.56 -1.27 43.03
CA GLU F 72 -1.57 -2.12 43.65
C GLU F 72 -1.64 -1.87 45.15
N GLY F 73 -0.48 -1.67 45.79
CA GLY F 73 -0.52 -1.23 47.18
C GLY F 73 -1.35 0.03 47.34
N LEU F 74 -1.21 0.96 46.41
CA LEU F 74 -2.03 2.16 46.42
C LEU F 74 -3.50 1.79 46.45
N ALA F 75 -3.92 1.02 45.45
CA ALA F 75 -5.31 0.59 45.36
C ALA F 75 -5.77 -0.05 46.66
N GLN F 76 -4.96 -0.95 47.22
CA GLN F 76 -5.37 -1.68 48.41
C GLN F 76 -5.63 -0.73 49.56
N ARG F 77 -4.68 0.18 49.83
CA ARG F 77 -4.94 1.20 50.82
C ARG F 77 -6.19 2.00 50.48
N ILE F 78 -6.44 2.21 49.19
CA ILE F 78 -7.57 3.02 48.77
C ILE F 78 -8.87 2.38 49.21
N VAL F 79 -9.01 1.08 49.00
CA VAL F 79 -10.27 0.42 49.35
C VAL F 79 -10.55 0.41 50.84
N ASN F 80 -9.60 0.88 51.66
CA ASN F 80 -9.74 0.64 53.09
C ASN F 80 -9.62 1.91 53.93
N ALA F 81 -10.36 2.94 53.55
CA ALA F 81 -10.49 4.16 54.34
C ALA F 81 -9.18 4.93 54.47
N ASP F 82 -8.12 4.44 53.83
CA ASP F 82 -6.85 5.15 53.80
C ASP F 82 -6.90 6.20 52.69
N VAL F 83 -7.91 7.06 52.71
CA VAL F 83 -8.21 7.89 51.56
C VAL F 83 -8.58 9.31 51.98
N PRO F 84 -8.04 10.33 51.32
CA PRO F 84 -8.63 11.66 51.41
C PRO F 84 -10.04 11.64 50.85
N ASP F 85 -11.00 12.11 51.65
CA ASP F 85 -12.41 11.89 51.36
C ASP F 85 -12.80 12.30 49.95
N ASN F 86 -12.08 13.26 49.37
CA ASN F 86 -12.37 13.64 47.99
C ASN F 86 -12.30 12.44 47.06
N LEU F 87 -11.41 11.49 47.34
CA LEU F 87 -11.27 10.28 46.54
C LEU F 87 -12.02 9.12 47.17
N ALA F 88 -13.15 9.42 47.82
CA ALA F 88 -13.89 8.40 48.56
C ALA F 88 -14.12 7.14 47.74
N ALA F 89 -14.79 7.27 46.61
CA ALA F 89 -15.14 6.13 45.78
C ALA F 89 -14.57 6.27 44.38
N CYS F 90 -13.34 6.76 44.27
CA CYS F 90 -12.65 6.68 42.99
C CYS F 90 -12.19 5.25 42.75
N LYS F 91 -12.10 4.88 41.48
CA LYS F 91 -11.85 3.50 41.10
C LYS F 91 -10.55 3.43 40.31
N LEU F 92 -9.51 2.91 40.94
CA LEU F 92 -8.33 2.49 40.22
C LEU F 92 -8.65 1.24 39.42
N LEU F 93 -8.50 1.31 38.11
CA LEU F 93 -8.70 0.19 37.24
C LEU F 93 -7.42 -0.04 36.45
N SER F 94 -7.40 -1.09 35.63
CA SER F 94 -6.19 -1.48 34.93
C SER F 94 -6.50 -1.79 33.47
N LEU F 95 -5.99 -0.95 32.57
CA LEU F 95 -6.13 -1.14 31.15
C LEU F 95 -4.80 -1.62 30.58
N ASP F 96 -4.82 -2.74 29.86
CA ASP F 96 -3.62 -3.21 29.20
C ASP F 96 -3.35 -2.32 28.00
N VAL F 97 -2.66 -1.20 28.24
CA VAL F 97 -2.47 -0.23 27.17
C VAL F 97 -1.66 -0.81 26.02
N GLY F 98 -0.67 -1.65 26.33
CA GLY F 98 0.20 -2.20 25.32
C GLY F 98 -0.52 -3.06 24.30
N ALA F 99 -1.10 -4.16 24.77
CA ALA F 99 -1.90 -4.99 23.88
C ALA F 99 -2.96 -4.19 23.16
N LEU F 100 -3.52 -3.16 23.82
CA LEU F 100 -4.52 -2.33 23.18
C LEU F 100 -3.94 -1.60 21.98
N VAL F 101 -2.76 -1.00 22.13
CA VAL F 101 -2.22 -0.15 21.08
C VAL F 101 -1.56 -0.96 19.98
N ALA F 102 -0.66 -1.87 20.35
CA ALA F 102 0.15 -2.55 19.34
C ALA F 102 -0.64 -3.63 18.59
N GLY F 103 -1.61 -4.25 19.24
CA GLY F 103 -2.36 -5.31 18.59
C GLY F 103 -3.24 -4.87 17.45
N SER F 104 -3.54 -3.57 17.37
CA SER F 104 -4.38 -3.04 16.31
C SER F 104 -3.57 -2.99 15.01
N LYS F 105 -3.98 -3.79 14.02
CA LYS F 105 -3.28 -3.79 12.74
C LYS F 105 -3.47 -2.47 12.00
N TYR F 106 -4.56 -1.76 12.30
CA TYR F 106 -4.84 -0.47 11.68
C TYR F 106 -5.15 0.54 12.77
N ARG F 107 -4.47 1.69 12.72
CA ARG F 107 -4.59 2.69 13.77
C ARG F 107 -6.00 3.25 13.89
N GLY F 108 -6.83 3.13 12.85
CA GLY F 108 -8.18 3.65 12.92
C GLY F 108 -9.02 2.97 13.97
N GLU F 109 -9.08 1.63 13.92
CA GLU F 109 -9.70 0.88 15.00
C GLU F 109 -9.05 1.23 16.34
N PHE F 110 -7.72 1.21 16.38
CA PHE F 110 -6.99 1.81 17.49
C PHE F 110 -7.52 3.20 17.82
N GLU F 111 -7.73 4.02 16.80
CA GLU F 111 -8.22 5.38 17.05
C GLU F 111 -9.62 5.35 17.64
N GLU F 112 -10.53 4.58 17.05
CA GLU F 112 -11.88 4.53 17.59
C GLU F 112 -11.90 3.84 18.95
N ARG F 113 -11.00 2.88 19.17
CA ARG F 113 -10.86 2.30 20.49
C ARG F 113 -10.53 3.37 21.51
N MET F 114 -9.47 4.12 21.24
CA MET F 114 -9.09 5.25 22.08
C MET F 114 -10.27 6.17 22.33
N LYS F 115 -10.99 6.54 21.27
CA LYS F 115 -12.14 7.43 21.42
C LYS F 115 -13.17 6.82 22.37
N GLY F 116 -13.68 5.64 22.02
CA GLY F 116 -14.71 5.01 22.83
C GLY F 116 -14.33 4.89 24.28
N VAL F 117 -13.13 4.37 24.55
CA VAL F 117 -12.72 4.23 25.94
C VAL F 117 -12.66 5.60 26.61
N LEU F 118 -12.18 6.61 25.88
CA LEU F 118 -12.13 7.96 26.43
C LEU F 118 -13.52 8.43 26.84
N LYS F 119 -14.46 8.42 25.90
CA LYS F 119 -15.79 8.93 26.20
C LYS F 119 -16.49 8.08 27.26
N GLU F 120 -16.39 6.76 27.16
CA GLU F 120 -17.05 5.92 28.14
C GLU F 120 -16.46 6.14 29.53
N ILE F 121 -15.18 6.48 29.61
CA ILE F 121 -14.63 6.94 30.87
C ILE F 121 -15.42 8.13 31.39
N GLN F 122 -15.71 9.08 30.51
CA GLN F 122 -16.51 10.22 30.92
C GLN F 122 -17.91 9.80 31.33
N GLU F 123 -18.36 8.62 30.93
CA GLU F 123 -19.63 8.12 31.43
C GLU F 123 -19.43 7.59 32.85
N SER F 124 -18.88 8.45 33.71
CA SER F 124 -18.53 8.07 35.07
C SER F 124 -19.80 7.99 35.91
N LYS F 125 -20.48 6.85 35.81
CA LYS F 125 -21.60 6.60 36.69
C LYS F 125 -21.15 6.69 38.14
N GLU F 126 -19.99 6.10 38.44
CA GLU F 126 -19.20 6.43 39.61
C GLU F 126 -17.86 6.95 39.14
N THR F 127 -17.17 7.67 40.02
CA THR F 127 -15.88 8.24 39.64
C THR F 127 -14.83 7.15 39.65
N ILE F 128 -14.05 7.08 38.58
CA ILE F 128 -12.98 6.10 38.44
C ILE F 128 -11.71 6.87 38.07
N ILE F 129 -10.56 6.26 38.37
CA ILE F 129 -9.29 6.80 37.92
C ILE F 129 -8.43 5.64 37.42
N LEU F 130 -8.31 5.53 36.10
CA LEU F 130 -7.64 4.40 35.48
C LEU F 130 -6.14 4.57 35.55
N PHE F 131 -5.44 3.46 35.78
CA PHE F 131 -4.00 3.48 35.61
C PHE F 131 -3.64 3.32 34.14
N VAL F 132 -2.62 4.04 33.71
CA VAL F 132 -2.10 3.97 32.36
C VAL F 132 -0.59 4.10 32.44
N ASP F 133 0.11 3.47 31.50
CA ASP F 133 1.55 3.55 31.48
C ASP F 133 2.02 3.93 30.08
N GLU F 134 3.29 4.33 29.99
CA GLU F 134 3.97 4.52 28.73
C GLU F 134 3.24 5.54 27.86
N ILE F 135 2.73 6.59 28.51
CA ILE F 135 1.90 7.58 27.84
C ILE F 135 2.62 8.15 26.62
N HIS F 136 3.95 8.06 26.60
CA HIS F 136 4.68 8.37 25.36
C HIS F 136 4.21 7.48 24.22
N LEU F 137 3.83 6.25 24.53
CA LEU F 137 3.26 5.38 23.50
C LEU F 137 1.90 5.89 23.06
N LEU F 138 1.30 6.79 23.82
CA LEU F 138 0.09 7.46 23.34
C LEU F 138 0.44 8.55 22.35
N MET F 139 1.67 9.08 22.43
CA MET F 139 2.15 9.97 21.38
C MET F 139 2.49 9.18 20.12
N GLY F 140 3.31 8.14 20.26
CA GLY F 140 3.70 7.31 19.14
C GLY F 140 4.86 6.40 19.49
N LEU F 155 -1.97 13.24 20.48
CA LEU F 155 -2.34 14.40 21.28
C LEU F 155 -3.81 14.33 21.65
N LYS F 156 -4.41 13.16 21.43
CA LYS F 156 -5.84 12.98 21.67
C LYS F 156 -6.27 13.23 23.12
N PRO F 157 -5.41 13.10 24.13
CA PRO F 157 -5.87 13.61 25.43
C PRO F 157 -6.05 15.13 25.43
N MET F 158 -7.05 15.59 24.66
CA MET F 158 -7.25 17.02 24.52
C MET F 158 -7.67 17.64 25.84
N LEU F 159 -8.60 17.00 26.55
CA LEU F 159 -8.97 17.41 27.89
C LEU F 159 -8.56 16.29 28.84
N ALA F 160 -7.29 16.31 29.24
CA ALA F 160 -6.81 15.39 30.26
C ALA F 160 -6.86 16.13 31.59
N ARG F 161 -6.43 17.39 31.58
CA ARG F 161 -6.47 18.18 32.80
C ARG F 161 -7.89 18.39 33.28
N GLY F 162 -8.87 18.17 32.42
CA GLY F 162 -10.26 18.22 32.81
C GLY F 162 -10.95 16.91 32.52
N GLN F 163 -11.96 16.61 33.33
CA GLN F 163 -12.81 15.42 33.25
C GLN F 163 -11.97 14.15 33.16
N LEU F 164 -10.76 14.12 33.71
CA LEU F 164 -9.87 13.02 33.43
C LEU F 164 -8.73 13.03 34.45
N HIS F 165 -8.24 11.84 34.75
CA HIS F 165 -7.12 11.66 35.67
C HIS F 165 -6.07 10.78 35.02
N CYS F 166 -4.83 10.90 35.48
CA CYS F 166 -3.70 10.21 34.86
C CYS F 166 -2.81 9.62 35.94
N ILE F 167 -2.69 8.30 35.93
CA ILE F 167 -1.81 7.59 36.85
C ILE F 167 -0.55 7.22 36.07
N GLY F 168 0.43 8.11 36.06
CA GLY F 168 1.60 7.90 35.24
C GLY F 168 2.78 7.28 35.95
N ALA F 169 3.62 6.57 35.20
CA ALA F 169 4.81 5.95 35.76
C ALA F 169 5.72 5.51 34.63
N THR F 170 7.00 5.86 34.72
CA THR F 170 8.04 5.38 33.80
C THR F 170 9.39 5.91 34.25
N THR F 171 10.47 5.58 33.54
CA THR F 171 11.74 6.22 33.83
C THR F 171 11.67 7.70 33.46
N LEU F 172 12.59 8.48 34.02
CA LEU F 172 12.72 9.87 33.62
C LEU F 172 13.17 9.98 32.17
N ALA F 173 13.72 8.90 31.61
CA ALA F 173 14.18 8.92 30.23
C ALA F 173 13.03 9.19 29.27
N GLU F 174 11.95 8.43 29.40
CA GLU F 174 10.79 8.65 28.54
C GLU F 174 10.16 10.01 28.82
N TYR F 175 10.03 10.36 30.10
CA TYR F 175 9.52 11.67 30.45
C TYR F 175 10.27 12.77 29.71
N ARG F 176 11.59 12.61 29.61
CA ARG F 176 12.38 13.59 28.88
C ARG F 176 12.12 13.50 27.38
N LYS F 177 12.39 12.34 26.79
CA LYS F 177 12.41 12.22 25.34
C LYS F 177 11.05 12.48 24.71
N TYR F 178 9.96 12.30 25.45
CA TYR F 178 8.64 12.55 24.89
C TYR F 178 7.87 13.62 25.65
N ILE F 179 7.85 13.53 26.98
CA ILE F 179 6.98 14.37 27.77
C ILE F 179 7.59 15.75 27.97
N GLU F 180 8.87 15.79 28.35
CA GLU F 180 9.56 17.06 28.52
C GLU F 180 9.55 17.89 27.25
N LYS F 181 9.34 17.25 26.09
CA LYS F 181 9.22 17.98 24.85
C LYS F 181 7.94 18.81 24.83
N ASP F 182 6.80 18.16 24.96
CA ASP F 182 5.53 18.87 24.93
C ASP F 182 5.37 19.74 26.18
N ALA F 183 4.55 20.77 26.06
CA ALA F 183 4.37 21.75 27.12
C ALA F 183 3.05 21.56 27.87
N ALA F 184 1.93 21.58 27.14
CA ALA F 184 0.63 21.47 27.79
C ALA F 184 0.46 20.11 28.47
N PHE F 185 0.59 19.04 27.69
CA PHE F 185 0.44 17.69 28.23
C PHE F 185 1.35 17.49 29.44
N GLU F 186 2.64 17.80 29.28
CA GLU F 186 3.58 17.65 30.37
C GLU F 186 3.16 18.47 31.59
N ARG F 187 3.00 19.77 31.41
CA ARG F 187 2.65 20.66 32.50
C ARG F 187 1.36 20.25 33.20
N ARG F 188 0.53 19.44 32.54
CA ARG F 188 -0.62 18.87 33.24
C ARG F 188 -0.23 17.91 34.35
N PHE F 189 1.05 17.53 34.46
CA PHE F 189 1.46 16.44 35.34
C PHE F 189 2.40 16.92 36.43
N GLN F 190 2.88 15.95 37.22
CA GLN F 190 3.83 16.17 38.29
C GLN F 190 4.80 14.99 38.34
N GLN F 191 5.99 15.25 38.86
CA GLN F 191 7.06 14.26 38.88
C GLN F 191 7.23 13.67 40.27
N VAL F 192 7.28 12.34 40.34
CA VAL F 192 7.55 11.60 41.57
C VAL F 192 8.38 10.38 41.22
N LEU F 193 9.28 10.01 42.13
CA LEU F 193 10.29 9.00 41.84
C LEU F 193 10.30 7.92 42.91
N VAL F 194 10.55 6.69 42.47
CA VAL F 194 10.88 5.61 43.39
C VAL F 194 12.22 5.03 42.97
N LYS F 195 12.96 4.56 43.96
CA LYS F 195 14.36 4.20 43.82
C LYS F 195 14.52 2.68 43.80
N GLU F 196 15.74 2.25 43.52
CA GLU F 196 16.07 0.84 43.67
C GLU F 196 15.86 0.43 45.13
N PRO F 197 15.24 -0.71 45.37
CA PRO F 197 15.04 -1.15 46.76
C PRO F 197 16.36 -1.45 47.45
N SER F 198 16.48 -0.97 48.68
CA SER F 198 17.60 -1.39 49.51
C SER F 198 17.39 -2.83 49.94
N ILE F 199 18.45 -3.40 50.50
CA ILE F 199 18.38 -4.77 51.01
C ILE F 199 17.21 -4.92 51.97
N THR F 200 17.14 -4.03 52.97
CA THR F 200 16.14 -4.16 54.03
C THR F 200 14.72 -4.26 53.47
N GLU F 201 14.40 -3.45 52.47
CA GLU F 201 13.09 -3.53 51.84
C GLU F 201 12.80 -4.93 51.32
N THR F 202 13.75 -5.47 50.55
CA THR F 202 13.62 -6.83 50.06
C THR F 202 13.45 -7.80 51.21
N ILE F 203 14.24 -7.62 52.28
CA ILE F 203 14.15 -8.49 53.44
C ILE F 203 12.71 -8.56 53.93
N SER F 204 12.14 -7.39 54.23
CA SER F 204 10.80 -7.31 54.76
C SER F 204 9.78 -7.93 53.81
N ILE F 205 9.81 -7.50 52.54
CA ILE F 205 8.78 -7.94 51.61
C ILE F 205 8.88 -9.43 51.37
N LEU F 206 10.10 -9.99 51.35
CA LEU F 206 10.26 -11.42 51.22
C LEU F 206 9.73 -12.15 52.45
N ARG F 207 9.97 -11.59 53.63
CA ARG F 207 9.36 -12.16 54.83
C ARG F 207 7.86 -12.24 54.67
N GLY F 208 7.27 -11.20 54.10
CA GLY F 208 5.86 -11.25 53.77
C GLY F 208 5.51 -12.38 52.82
N LEU F 209 6.14 -12.36 51.64
CA LEU F 209 5.85 -13.34 50.59
C LEU F 209 6.07 -14.77 51.04
N LYS F 210 6.84 -14.96 52.11
CA LYS F 210 7.13 -16.31 52.59
C LYS F 210 5.85 -17.11 52.77
N GLU F 211 4.95 -16.59 53.60
CA GLU F 211 3.71 -17.30 53.87
C GLU F 211 2.91 -17.54 52.61
N LYS F 212 2.76 -16.50 51.78
CA LYS F 212 1.95 -16.64 50.58
C LYS F 212 2.46 -17.77 49.69
N TYR F 213 3.76 -17.73 49.38
CA TYR F 213 4.30 -18.75 48.49
C TYR F 213 4.25 -20.12 49.14
N GLU F 214 4.51 -20.20 50.44
CA GLU F 214 4.35 -21.45 51.17
C GLU F 214 2.97 -22.04 50.95
N VAL F 215 1.93 -21.24 51.24
CA VAL F 215 0.56 -21.70 51.08
C VAL F 215 0.29 -22.09 49.64
N HIS F 216 0.95 -21.45 48.69
CA HIS F 216 0.76 -21.94 47.33
C HIS F 216 1.54 -23.22 47.06
N HIS F 217 2.52 -23.55 47.90
CA HIS F 217 3.43 -24.64 47.59
C HIS F 217 3.46 -25.77 48.59
N GLY F 218 3.03 -25.54 49.83
CA GLY F 218 3.05 -26.60 50.82
C GLY F 218 4.45 -27.12 51.06
N VAL F 219 5.38 -26.22 51.29
CA VAL F 219 6.76 -26.54 51.61
C VAL F 219 7.24 -25.54 52.66
N ASN F 220 8.49 -25.69 53.08
CA ASN F 220 9.03 -24.84 54.12
C ASN F 220 10.19 -24.02 53.59
N ILE F 221 10.47 -22.92 54.28
CA ILE F 221 11.47 -21.95 53.84
C ILE F 221 12.22 -21.46 55.08
N ALA F 222 13.50 -21.20 54.92
CA ALA F 222 14.35 -20.71 55.99
C ALA F 222 14.61 -19.23 55.81
N ASP F 223 14.40 -18.45 56.88
CA ASP F 223 14.61 -17.01 56.82
C ASP F 223 15.99 -16.67 56.27
N ALA F 224 17.04 -17.14 56.97
CA ALA F 224 18.40 -16.82 56.55
C ALA F 224 18.68 -17.31 55.14
N ALA F 225 18.05 -18.40 54.72
CA ALA F 225 18.14 -18.81 53.33
C ALA F 225 17.69 -17.70 52.42
N ILE F 226 16.52 -17.12 52.70
CA ILE F 226 16.03 -15.99 51.93
C ILE F 226 17.02 -14.83 51.99
N VAL F 227 17.58 -14.58 53.16
CA VAL F 227 18.47 -13.43 53.32
C VAL F 227 19.68 -13.58 52.41
N ALA F 228 20.43 -14.67 52.58
CA ALA F 228 21.59 -14.90 51.72
C ALA F 228 21.19 -14.97 50.26
N ALA F 229 20.01 -15.51 49.98
CA ALA F 229 19.53 -15.58 48.61
C ALA F 229 19.44 -14.20 47.99
N ALA F 230 18.64 -13.33 48.60
CA ALA F 230 18.49 -11.98 48.09
C ALA F 230 19.83 -11.25 48.06
N ASN F 231 20.69 -11.51 49.05
CA ASN F 231 22.02 -10.94 49.02
C ASN F 231 22.72 -11.26 47.72
N LEU F 232 22.93 -12.55 47.45
CA LEU F 232 23.56 -12.94 46.19
C LEU F 232 22.78 -12.45 44.98
N ALA F 233 21.46 -12.34 45.11
CA ALA F 233 20.64 -11.83 44.03
C ALA F 233 20.99 -10.39 43.70
N ALA F 234 21.44 -9.64 44.72
CA ALA F 234 21.96 -8.30 44.46
C ALA F 234 23.38 -8.35 43.93
N ARG F 235 24.22 -9.18 44.57
CA ARG F 235 25.60 -9.38 44.11
C ARG F 235 25.64 -9.60 42.60
N TYR F 236 24.77 -10.46 42.11
CA TYR F 236 24.62 -10.78 40.71
C TYR F 236 23.29 -10.24 40.23
N LEU F 237 22.87 -10.66 39.03
CA LEU F 237 21.54 -10.44 38.48
C LEU F 237 21.33 -9.03 38.00
N THR F 238 22.33 -8.15 38.07
CA THR F 238 22.16 -6.74 37.72
C THR F 238 21.39 -6.55 36.42
N SER F 239 21.45 -7.52 35.52
CA SER F 239 20.55 -7.56 34.37
C SER F 239 19.12 -7.25 34.79
N ARG F 240 18.57 -8.07 35.68
CA ARG F 240 17.22 -7.86 36.17
C ARG F 240 17.27 -7.04 37.46
N ARG F 241 16.09 -6.56 37.86
CA ARG F 241 15.99 -5.62 38.96
C ARG F 241 15.41 -6.27 40.22
N LEU F 242 16.00 -5.93 41.35
CA LEU F 242 15.38 -6.24 42.63
C LEU F 242 14.17 -5.34 42.83
N PRO F 243 13.19 -5.79 43.63
CA PRO F 243 13.16 -7.01 44.42
C PRO F 243 12.67 -8.25 43.68
N ASP F 244 11.73 -8.04 42.74
CA ASP F 244 11.01 -9.16 42.14
C ASP F 244 11.94 -10.22 41.56
N SER F 245 13.19 -9.86 41.25
CA SER F 245 14.16 -10.86 40.84
C SER F 245 14.37 -11.91 41.92
N ALA F 246 14.70 -11.47 43.13
CA ALA F 246 14.82 -12.40 44.24
C ALA F 246 13.55 -13.20 44.41
N VAL F 247 12.40 -12.54 44.31
CA VAL F 247 11.13 -13.22 44.43
C VAL F 247 11.06 -14.40 43.46
N ASP F 248 11.32 -14.13 42.18
CA ASP F 248 11.11 -15.17 41.18
C ASP F 248 12.10 -16.30 41.36
N LEU F 249 13.37 -15.99 41.67
CA LEU F 249 14.32 -17.07 41.87
C LEU F 249 13.94 -17.91 43.08
N ILE F 250 13.41 -17.27 44.12
CA ILE F 250 12.88 -18.00 45.25
C ILE F 250 11.77 -18.93 44.79
N ASP F 251 10.85 -18.40 43.99
CA ASP F 251 9.75 -19.21 43.47
C ASP F 251 10.28 -20.42 42.69
N GLU F 252 11.34 -20.22 41.92
CA GLU F 252 11.85 -21.31 41.10
C GLU F 252 12.48 -22.38 41.98
N ALA F 253 13.31 -21.96 42.93
CA ALA F 253 13.82 -22.92 43.90
C ALA F 253 12.68 -23.66 44.57
N ALA F 254 11.62 -22.95 44.92
CA ALA F 254 10.47 -23.55 45.58
C ALA F 254 9.85 -24.62 44.72
N ALA F 255 9.58 -24.31 43.46
CA ALA F 255 8.99 -25.29 42.57
C ALA F 255 9.92 -26.47 42.36
N ALA F 256 11.23 -26.24 42.33
CA ALA F 256 12.16 -27.36 42.25
C ALA F 256 11.99 -28.28 43.44
N VAL F 257 11.91 -27.69 44.63
CA VAL F 257 11.67 -28.48 45.83
C VAL F 257 10.32 -29.18 45.75
N ARG F 258 9.36 -28.49 45.13
CA ARG F 258 7.97 -29.01 44.97
C ARG F 258 7.99 -30.17 43.98
N VAL F 259 8.76 -30.04 42.89
CA VAL F 259 8.85 -31.13 41.87
C VAL F 259 9.42 -32.38 42.55
N ALA F 260 10.46 -32.20 43.36
CA ALA F 260 11.07 -33.34 44.09
C ALA F 260 10.04 -33.91 45.05
N ARG F 261 9.31 -33.04 45.75
CA ARG F 261 8.26 -33.46 46.72
C ARG F 261 7.14 -34.18 45.97
N GLU F 262 6.75 -33.65 44.81
CA GLU F 262 5.66 -34.25 43.99
C GLU F 262 6.07 -35.67 43.55
N SER F 263 7.33 -35.83 43.15
CA SER F 263 7.86 -37.16 42.71
C SER F 263 7.90 -38.11 43.91
N GLN F 264 7.59 -39.39 43.66
CA GLN F 264 7.91 -40.49 44.61
C GLN F 264 9.42 -40.77 44.58
N PRO F 265 10.02 -41.35 45.64
CA PRO F 265 11.46 -41.61 45.67
C PRO F 265 11.86 -42.54 44.52
N GLU F 266 13.01 -42.27 43.90
CA GLU F 266 13.51 -43.03 42.73
C GLU F 266 13.71 -44.51 43.09
N ILE F 267 14.20 -44.78 44.30
CA ILE F 267 14.43 -46.20 44.75
C ILE F 267 13.08 -46.93 44.76
N ILE F 268 12.02 -46.27 45.23
CA ILE F 268 10.67 -46.89 45.28
C ILE F 268 10.18 -47.13 43.84
N ASP F 269 10.24 -46.10 42.99
CA ASP F 269 9.79 -46.23 41.60
C ASP F 269 10.51 -47.37 40.90
N SER F 270 11.83 -47.43 41.05
CA SER F 270 12.60 -48.51 40.45
C SER F 270 12.15 -49.86 40.99
N LEU F 271 11.92 -49.93 42.29
CA LEU F 271 11.47 -51.19 42.89
C LEU F 271 10.09 -51.58 42.36
N GLU F 272 9.19 -50.62 42.20
CA GLU F 272 7.86 -50.92 41.70
C GLU F 272 7.91 -51.32 40.23
N ARG F 273 8.81 -50.72 39.47
CA ARG F 273 9.00 -51.12 38.08
C ARG F 273 9.49 -52.57 38.01
N ARG F 274 10.50 -52.90 38.82
CA ARG F 274 10.92 -54.28 38.97
C ARG F 274 9.74 -55.17 39.34
N LEU F 275 8.87 -54.67 40.21
CA LEU F 275 7.71 -55.44 40.64
C LEU F 275 6.74 -55.70 39.48
N ARG F 276 6.54 -54.70 38.62
CA ARG F 276 5.68 -54.90 37.47
C ARG F 276 6.28 -55.93 36.53
N GLN F 277 7.59 -55.83 36.28
CA GLN F 277 8.26 -56.88 35.53
C GLN F 277 8.03 -58.24 36.17
N LEU F 278 8.07 -58.29 37.50
CA LEU F 278 7.89 -59.56 38.19
C LEU F 278 6.47 -60.09 38.04
N LYS F 279 5.48 -59.20 38.07
CA LYS F 279 4.09 -59.64 37.86
C LYS F 279 3.92 -60.20 36.46
N ILE F 280 4.47 -59.51 35.47
CA ILE F 280 4.41 -60.00 34.09
C ILE F 280 5.10 -61.36 34.01
N GLU F 281 6.26 -61.49 34.66
CA GLU F 281 6.99 -62.75 34.65
C GLU F 281 6.21 -63.85 35.35
N ILE F 282 5.46 -63.51 36.40
CA ILE F 282 4.64 -64.49 37.10
C ILE F 282 3.53 -64.99 36.19
N HIS F 283 2.80 -64.07 35.57
CA HIS F 283 1.75 -64.48 34.64
C HIS F 283 2.32 -65.30 33.49
N ALA F 284 3.53 -64.98 33.06
CA ALA F 284 4.14 -65.73 31.97
C ALA F 284 4.60 -67.12 32.41
N LEU F 285 5.12 -67.23 33.62
CA LEU F 285 5.76 -68.46 34.08
C LEU F 285 4.76 -69.46 34.65
N SER F 286 3.67 -68.99 35.26
CA SER F 286 2.71 -69.90 35.87
C SER F 286 2.13 -70.85 34.84
N ARG F 287 2.00 -70.42 33.59
CA ARG F 287 1.44 -71.23 32.52
C ARG F 287 2.47 -72.12 31.85
N GLU F 288 3.61 -72.36 32.50
CA GLU F 288 4.69 -73.16 31.94
C GLU F 288 4.89 -74.42 32.77
N LYS F 289 5.21 -75.52 32.08
CA LYS F 289 5.47 -76.80 32.74
C LYS F 289 6.97 -77.06 32.73
N ASP F 290 7.66 -76.51 33.74
CA ASP F 290 9.06 -76.80 33.97
C ASP F 290 9.47 -76.31 35.36
N GLU F 291 10.14 -77.18 36.13
CA GLU F 291 10.52 -76.83 37.49
C GLU F 291 11.44 -75.62 37.54
N ALA F 292 12.14 -75.31 36.45
CA ALA F 292 12.82 -74.02 36.37
C ALA F 292 11.82 -72.88 36.48
N SER F 293 10.79 -72.90 35.63
CA SER F 293 9.75 -71.89 35.68
C SER F 293 9.05 -71.89 37.03
N LYS F 294 8.75 -73.07 37.56
CA LYS F 294 8.02 -73.15 38.83
C LYS F 294 8.84 -72.59 39.98
N ALA F 295 10.12 -72.95 40.04
CA ALA F 295 10.99 -72.46 41.11
C ALA F 295 11.18 -70.96 41.01
N ARG F 296 11.52 -70.45 39.83
CA ARG F 296 11.66 -69.01 39.68
C ARG F 296 10.33 -68.29 39.86
N LEU F 297 9.21 -68.97 39.66
CA LEU F 297 7.91 -68.35 39.86
C LEU F 297 7.58 -68.21 41.34
N ALA F 298 7.84 -69.26 42.11
CA ALA F 298 7.77 -69.13 43.56
C ALA F 298 8.71 -68.03 44.04
N GLN F 299 9.92 -67.98 43.49
CA GLN F 299 10.87 -66.91 43.82
C GLN F 299 10.28 -65.54 43.50
N ALA F 300 9.60 -65.42 42.36
CA ALA F 300 9.07 -64.13 41.93
C ALA F 300 7.93 -63.69 42.84
N LYS F 301 7.01 -64.60 43.17
CA LYS F 301 5.96 -64.26 44.14
C LYS F 301 6.57 -63.86 45.47
N GLN F 302 7.57 -64.62 45.93
CA GLN F 302 8.21 -64.34 47.20
C GLN F 302 8.81 -62.94 47.22
N ASP F 303 9.64 -62.62 46.23
CA ASP F 303 10.27 -61.31 46.20
C ASP F 303 9.26 -60.21 45.92
N ALA F 304 8.14 -60.54 45.27
CA ALA F 304 7.04 -59.58 45.17
C ALA F 304 6.54 -59.21 46.56
N GLN F 305 6.27 -60.22 47.39
CA GLN F 305 5.88 -59.95 48.76
C GLN F 305 6.97 -59.16 49.49
N ASN F 306 8.23 -59.48 49.22
CA ASN F 306 9.34 -58.76 49.82
C ASN F 306 9.26 -57.27 49.51
N VAL F 307 9.33 -56.94 48.22
CA VAL F 307 9.37 -55.54 47.81
C VAL F 307 8.08 -54.82 48.21
N GLU F 308 6.97 -55.55 48.28
CA GLU F 308 5.73 -54.94 48.76
C GLU F 308 5.85 -54.55 50.23
N GLU F 309 6.15 -55.52 51.10
CA GLU F 309 6.34 -55.21 52.50
C GLU F 309 7.48 -54.21 52.72
N GLU F 310 8.32 -53.99 51.71
CA GLU F 310 9.36 -52.97 51.81
C GLU F 310 8.81 -51.58 51.48
N LEU F 311 8.27 -51.42 50.27
CA LEU F 311 7.86 -50.12 49.80
C LEU F 311 6.59 -49.63 50.48
N ARG F 312 5.58 -50.50 50.58
CA ARG F 312 4.31 -50.10 51.15
C ARG F 312 4.43 -49.41 52.50
N PRO F 313 5.35 -49.76 53.39
CA PRO F 313 5.63 -48.86 54.52
C PRO F 313 6.07 -47.48 54.07
N LEU F 314 7.14 -47.43 53.27
CA LEU F 314 7.63 -46.14 52.78
C LEU F 314 6.62 -45.51 51.84
N ARG F 315 5.97 -46.29 50.99
CA ARG F 315 4.95 -45.76 50.11
C ARG F 315 3.83 -45.11 50.91
N GLU F 316 3.36 -45.79 51.96
CA GLU F 316 2.26 -45.26 52.75
C GLU F 316 2.68 -44.06 53.57
N LYS F 317 3.92 -44.02 54.05
CA LYS F 317 4.36 -42.83 54.76
C LYS F 317 4.55 -41.66 53.80
N TYR F 318 4.92 -41.95 52.55
CA TYR F 318 4.89 -40.94 51.50
C TYR F 318 3.49 -40.39 51.32
N GLU F 319 2.51 -41.29 51.17
CA GLU F 319 1.12 -40.86 51.11
C GLU F 319 0.73 -40.05 52.33
N ARG F 320 1.22 -40.46 53.50
CA ARG F 320 0.81 -39.83 54.75
C ARG F 320 1.34 -38.41 54.85
N GLU F 321 2.65 -38.24 54.65
CA GLU F 321 3.23 -36.90 54.64
C GLU F 321 2.61 -36.05 53.55
N ARG F 322 2.21 -36.66 52.43
CA ARG F 322 1.49 -35.92 51.41
C ARG F 322 0.15 -35.43 51.95
N GLN F 323 -0.58 -36.31 52.65
CA GLN F 323 -1.82 -35.88 53.29
C GLN F 323 -1.57 -34.81 54.33
N ARG F 324 -0.42 -34.87 55.00
CA ARG F 324 -0.07 -33.84 55.97
C ARG F 324 0.08 -32.50 55.29
N GLY F 325 0.91 -32.45 54.24
CA GLY F 325 1.04 -31.22 53.47
C GLY F 325 -0.27 -30.76 52.88
N LYS F 326 -1.14 -31.69 52.50
CA LYS F 326 -2.44 -31.32 51.95
C LYS F 326 -3.31 -30.68 53.00
N ALA F 327 -3.35 -31.28 54.19
CA ALA F 327 -4.02 -30.65 55.32
C ALA F 327 -3.45 -29.27 55.59
N ILE F 328 -2.13 -29.13 55.52
CA ILE F 328 -1.48 -27.84 55.70
C ILE F 328 -2.02 -26.84 54.69
N GLN F 329 -1.97 -27.21 53.41
CA GLN F 329 -2.36 -26.31 52.34
C GLN F 329 -3.81 -25.89 52.48
N GLU F 330 -4.71 -26.87 52.61
CA GLU F 330 -6.12 -26.53 52.70
C GLU F 330 -6.44 -25.80 54.00
N ALA F 331 -5.68 -26.06 55.06
CA ALA F 331 -5.91 -25.38 56.32
C ALA F 331 -5.56 -23.91 56.20
N LYS F 332 -4.35 -23.62 55.71
CA LYS F 332 -4.00 -22.24 55.43
C LYS F 332 -4.98 -21.60 54.44
N MET F 333 -5.47 -22.40 53.48
CA MET F 333 -6.37 -21.87 52.48
C MET F 333 -7.68 -21.40 53.10
N LYS F 334 -8.33 -22.29 53.87
CA LYS F 334 -9.55 -21.90 54.55
C LYS F 334 -9.28 -20.83 55.59
N LEU F 335 -8.08 -20.81 56.16
CA LEU F 335 -7.70 -19.72 57.05
C LEU F 335 -7.80 -18.38 56.32
N GLU F 336 -7.11 -18.27 55.18
CA GLU F 336 -7.19 -17.05 54.40
C GLU F 336 -8.62 -16.76 53.97
N ALA F 337 -9.37 -17.80 53.62
CA ALA F 337 -10.74 -17.61 53.15
C ALA F 337 -11.60 -16.98 54.22
N LEU F 338 -11.68 -17.61 55.39
CA LEU F 338 -12.50 -17.08 56.47
C LEU F 338 -11.96 -15.73 56.95
N ARG F 339 -10.64 -15.55 56.93
CA ARG F 339 -10.10 -14.27 57.39
C ARG F 339 -10.50 -13.15 56.44
N VAL F 340 -10.46 -13.39 55.14
CA VAL F 340 -10.84 -12.33 54.22
C VAL F 340 -12.35 -12.16 54.19
N LYS F 341 -13.11 -13.21 54.51
CA LYS F 341 -14.54 -13.02 54.70
C LYS F 341 -14.81 -12.11 55.90
N ALA F 342 -14.08 -12.32 56.99
CA ALA F 342 -14.20 -11.45 58.14
C ALA F 342 -13.77 -10.03 57.81
N GLU F 343 -12.72 -9.89 57.00
CA GLU F 343 -12.28 -8.56 56.58
C GLU F 343 -13.32 -7.89 55.70
N ASP F 344 -13.99 -8.67 54.86
CA ASP F 344 -15.09 -8.14 54.06
C ASP F 344 -16.21 -7.65 54.94
N ALA F 345 -16.58 -8.44 55.95
CA ALA F 345 -17.62 -8.01 56.89
C ALA F 345 -17.19 -6.78 57.68
N SER F 346 -15.89 -6.68 57.99
CA SER F 346 -15.37 -5.48 58.62
C SER F 346 -15.59 -4.27 57.72
N ARG F 347 -15.25 -4.41 56.45
CA ARG F 347 -15.54 -3.36 55.48
C ARG F 347 -17.04 -3.13 55.35
N MET F 348 -17.85 -4.13 55.67
CA MET F 348 -19.28 -3.95 55.84
C MET F 348 -19.60 -3.36 57.21
N GLY F 349 -18.67 -3.39 58.15
CA GLY F 349 -18.91 -2.92 59.49
C GLY F 349 -19.48 -3.96 60.44
N ASP F 350 -19.51 -5.23 60.04
CA ASP F 350 -20.12 -6.29 60.84
C ASP F 350 -19.18 -6.73 61.95
N HIS F 351 -18.78 -5.74 62.77
CA HIS F 351 -17.88 -6.01 63.90
C HIS F 351 -18.37 -7.18 64.74
N SER F 352 -19.69 -7.32 64.90
CA SER F 352 -20.24 -8.47 65.60
C SER F 352 -19.79 -9.78 64.94
N ARG F 353 -20.21 -9.98 63.69
CA ARG F 353 -19.90 -11.25 63.04
C ARG F 353 -18.45 -11.32 62.59
N ALA F 354 -17.81 -10.17 62.33
CA ALA F 354 -16.38 -10.17 62.03
C ALA F 354 -15.58 -10.68 63.23
N ALA F 355 -15.85 -10.13 64.40
CA ALA F 355 -15.20 -10.63 65.62
C ALA F 355 -15.59 -12.07 65.90
N ASP F 356 -16.83 -12.44 65.57
CA ASP F 356 -17.24 -13.83 65.72
C ASP F 356 -16.33 -14.75 64.89
N LEU F 357 -16.07 -14.37 63.64
CA LEU F 357 -15.14 -15.15 62.82
C LEU F 357 -13.75 -15.14 63.43
N GLN F 358 -13.27 -13.95 63.82
CA GLN F 358 -11.92 -13.82 64.36
C GLN F 358 -11.70 -14.70 65.58
N TYR F 359 -12.71 -14.84 66.43
CA TYR F 359 -12.57 -15.58 67.68
C TYR F 359 -13.28 -16.93 67.64
N TYR F 360 -13.74 -17.35 66.46
CA TYR F 360 -14.27 -18.69 66.29
C TYR F 360 -13.49 -19.54 65.30
N ALA F 361 -12.68 -18.94 64.43
CA ALA F 361 -11.92 -19.77 63.51
C ALA F 361 -10.43 -19.46 63.49
N ILE F 362 -10.05 -18.19 63.59
CA ILE F 362 -8.67 -17.76 63.36
C ILE F 362 -7.71 -18.47 64.31
N PRO F 363 -7.80 -18.30 65.63
CA PRO F 363 -6.82 -18.97 66.49
C PRO F 363 -7.02 -20.47 66.52
N GLU F 364 -8.23 -20.95 66.25
CA GLU F 364 -8.43 -22.40 66.13
C GLU F 364 -7.76 -22.93 64.88
N GLN F 365 -7.86 -22.19 63.77
CA GLN F 365 -7.09 -22.54 62.59
C GLN F 365 -5.60 -22.56 62.91
N GLU F 366 -5.14 -21.58 63.71
CA GLU F 366 -3.74 -21.56 64.10
C GLU F 366 -3.38 -22.79 64.93
N ALA F 367 -4.29 -23.24 65.79
CA ALA F 367 -4.04 -24.45 66.57
C ALA F 367 -3.96 -25.67 65.67
N ILE F 368 -4.84 -25.74 64.67
CA ILE F 368 -4.72 -26.77 63.64
C ILE F 368 -3.33 -26.72 63.02
N ILE F 369 -2.87 -25.52 62.70
CA ILE F 369 -1.55 -25.35 62.09
C ILE F 369 -0.47 -25.87 63.03
N LYS F 370 -0.58 -25.57 64.32
CA LYS F 370 0.43 -26.00 65.27
C LYS F 370 0.46 -27.52 65.37
N ARG F 371 -0.72 -28.15 65.43
CA ARG F 371 -0.78 -29.60 65.43
C ARG F 371 -0.16 -30.19 64.17
N LEU F 372 -0.38 -29.53 63.03
CA LEU F 372 0.17 -30.02 61.78
C LEU F 372 1.70 -29.95 61.80
N GLU F 373 2.25 -28.81 62.20
CA GLU F 373 3.69 -28.70 62.37
C GLU F 373 4.20 -29.77 63.32
N ALA F 374 3.45 -30.02 64.40
CA ALA F 374 3.87 -31.01 65.39
C ALA F 374 3.99 -32.39 64.76
N GLU F 375 2.92 -32.83 64.07
CA GLU F 375 2.95 -34.16 63.48
C GLU F 375 3.99 -34.27 62.38
N LYS F 376 4.21 -33.18 61.63
CA LYS F 376 5.19 -33.24 60.55
C LYS F 376 6.61 -33.33 61.11
N ALA F 377 6.93 -32.50 62.11
CA ALA F 377 8.23 -32.63 62.76
C ALA F 377 8.37 -33.98 63.45
N ALA F 378 7.27 -34.54 63.95
CA ALA F 378 7.31 -35.86 64.57
C ALA F 378 7.60 -36.94 63.56
N ALA F 379 7.16 -36.77 62.31
CA ALA F 379 7.58 -37.68 61.25
C ALA F 379 9.09 -37.73 61.11
N ASP F 380 9.80 -36.69 61.55
CA ASP F 380 11.25 -36.70 61.57
C ASP F 380 11.76 -37.08 62.96
N SER F 393 12.35 -39.18 55.68
CA SER F 393 13.46 -38.20 55.65
C SER F 393 13.98 -38.06 54.21
N MET F 394 13.45 -38.86 53.29
CA MET F 394 13.87 -38.83 51.87
C MET F 394 13.52 -37.44 51.27
N ILE F 395 12.35 -36.91 51.63
CA ILE F 395 11.86 -35.63 51.02
C ILE F 395 11.74 -34.57 52.12
N THR F 396 12.30 -33.37 51.87
CA THR F 396 12.26 -32.26 52.85
C THR F 396 11.50 -31.08 52.24
N ASP F 397 10.54 -30.51 52.98
CA ASP F 397 9.75 -29.35 52.48
C ASP F 397 10.60 -28.08 52.53
N VAL F 398 11.62 -28.04 53.38
CA VAL F 398 12.47 -26.88 53.59
C VAL F 398 13.31 -26.64 52.33
N VAL F 399 13.79 -25.42 52.20
CA VAL F 399 14.58 -25.02 51.03
C VAL F 399 15.98 -24.67 51.53
N GLY F 400 16.89 -25.64 51.46
CA GLY F 400 18.27 -25.37 51.72
C GLY F 400 18.78 -24.32 50.76
N PRO F 401 19.56 -23.36 51.27
CA PRO F 401 20.13 -22.34 50.37
C PRO F 401 20.84 -22.96 49.19
N ASP F 402 21.53 -24.09 49.40
CA ASP F 402 22.26 -24.76 48.35
C ASP F 402 21.46 -24.88 47.06
N GLN F 403 20.16 -25.14 47.17
CA GLN F 403 19.35 -25.34 45.96
C GLN F 403 19.34 -24.08 45.09
N ILE F 404 18.86 -22.96 45.65
CA ILE F 404 18.85 -21.72 44.90
C ILE F 404 20.26 -21.32 44.51
N ASN F 405 21.24 -21.72 45.31
CA ASN F 405 22.63 -21.48 44.94
C ASN F 405 22.98 -22.19 43.64
N GLU F 406 22.54 -23.43 43.50
CA GLU F 406 22.73 -24.16 42.26
C GLU F 406 22.00 -23.48 41.10
N ILE F 407 20.79 -23.00 41.37
CA ILE F 407 20.05 -22.27 40.35
C ILE F 407 20.87 -21.10 39.83
N VAL F 408 21.21 -20.18 40.73
CA VAL F 408 21.99 -19.01 40.34
C VAL F 408 23.33 -19.43 39.77
N ALA F 409 23.85 -20.59 40.17
CA ALA F 409 25.09 -21.09 39.61
C ALA F 409 24.96 -21.32 38.12
N ARG F 410 24.03 -22.19 37.72
CA ARG F 410 23.83 -22.36 36.29
C ARG F 410 23.20 -21.14 35.65
N TRP F 411 22.86 -20.12 36.44
CA TRP F 411 22.62 -18.79 35.90
C TRP F 411 23.91 -17.99 35.75
N THR F 412 25.01 -18.45 36.32
CA THR F 412 26.27 -17.72 36.28
C THR F 412 27.48 -18.59 35.95
N GLY F 413 27.36 -19.91 35.98
CA GLY F 413 28.49 -20.76 35.66
C GLY F 413 29.58 -20.77 36.71
N ILE F 414 29.23 -20.63 37.98
CA ILE F 414 30.21 -20.60 39.06
C ILE F 414 29.66 -21.42 40.22
N PRO F 415 30.44 -22.30 40.83
CA PRO F 415 29.93 -23.07 41.97
C PRO F 415 29.83 -22.22 43.22
N VAL F 416 28.75 -22.44 43.97
CA VAL F 416 28.56 -21.76 45.25
C VAL F 416 29.71 -22.03 46.19
N THR F 417 30.47 -23.10 45.95
CA THR F 417 31.75 -23.32 46.60
C THR F 417 32.54 -22.01 46.62
N ARG F 418 32.43 -21.25 45.54
CA ARG F 418 32.99 -19.90 45.52
C ARG F 418 32.11 -18.90 46.26
N LEU F 419 30.79 -19.08 46.22
CA LEU F 419 29.85 -18.08 46.73
C LEU F 419 29.43 -18.40 48.16
N LYS F 420 30.41 -18.50 49.06
CA LYS F 420 30.11 -18.79 50.45
C LYS F 420 30.97 -18.06 51.47
N THR F 421 31.85 -17.15 51.03
CA THR F 421 32.84 -16.58 51.95
C THR F 421 32.41 -15.25 52.55
N SER F 422 31.58 -14.47 51.87
CA SER F 422 31.34 -13.07 52.24
C SER F 422 32.66 -12.32 52.39
N GLU F 423 33.64 -12.72 51.59
CA GLU F 423 34.99 -12.17 51.54
C GLU F 423 35.79 -12.57 52.78
N LYS F 424 35.16 -13.20 53.76
CA LYS F 424 35.86 -13.55 54.99
C LYS F 424 36.84 -14.69 54.77
N GLU F 425 36.32 -15.87 54.41
CA GLU F 425 37.20 -16.98 54.06
C GLU F 425 38.03 -16.67 52.84
N LYS F 426 37.50 -15.81 51.95
CA LYS F 426 38.31 -15.29 50.85
C LYS F 426 39.59 -14.67 51.38
N LEU F 427 39.54 -14.07 52.57
CA LEU F 427 40.74 -13.53 53.19
C LEU F 427 41.51 -14.61 53.93
N LEU F 428 40.82 -15.36 54.79
CA LEU F 428 41.48 -16.30 55.70
C LEU F 428 42.20 -17.41 54.95
N HIS F 429 42.09 -17.40 53.63
CA HIS F 429 42.88 -18.32 52.79
C HIS F 429 43.48 -17.57 51.62
N MET F 430 43.50 -16.24 51.68
CA MET F 430 43.94 -15.45 50.54
C MET F 430 45.40 -15.70 50.21
N GLU F 431 46.28 -15.56 51.21
CA GLU F 431 47.71 -15.82 51.01
C GLU F 431 47.93 -17.12 50.24
N GLN F 432 47.39 -18.22 50.77
CA GLN F 432 47.71 -19.54 50.26
C GLN F 432 47.09 -19.75 48.88
N ALA F 433 45.80 -19.43 48.74
CA ALA F 433 45.14 -19.61 47.46
C ALA F 433 45.85 -18.83 46.36
N LEU F 434 46.19 -17.58 46.62
CA LEU F 434 46.91 -16.79 45.61
C LEU F 434 48.29 -17.37 45.33
N SER F 435 48.99 -17.83 46.38
CA SER F 435 50.26 -18.49 46.16
C SER F 435 50.12 -19.65 45.19
N LYS F 436 49.08 -20.46 45.36
CA LYS F 436 48.81 -21.55 44.43
C LYS F 436 48.65 -21.06 43.00
N ILE F 437 48.42 -19.77 42.80
CA ILE F 437 48.33 -19.22 41.45
C ILE F 437 49.71 -18.78 41.00
N VAL F 438 50.27 -17.79 41.69
CA VAL F 438 51.59 -17.28 41.37
C VAL F 438 52.39 -17.20 42.65
N VAL F 439 53.71 -17.31 42.52
CA VAL F 439 54.61 -17.24 43.67
C VAL F 439 55.82 -16.39 43.33
N GLY F 440 56.77 -16.30 44.26
CA GLY F 440 58.03 -15.64 44.04
C GLY F 440 58.14 -14.27 44.69
N GLN F 441 57.02 -13.61 44.94
CA GLN F 441 57.02 -12.28 45.54
C GLN F 441 56.21 -12.31 46.83
N LYS F 442 56.51 -13.30 47.67
CA LYS F 442 55.77 -13.53 48.91
C LYS F 442 55.59 -12.23 49.69
N GLU F 443 56.62 -11.39 49.72
CA GLU F 443 56.50 -10.09 50.38
C GLU F 443 55.40 -9.25 49.74
N ALA F 444 55.42 -9.13 48.41
CA ALA F 444 54.46 -8.28 47.73
C ALA F 444 53.04 -8.78 47.93
N VAL F 445 52.81 -10.06 47.65
CA VAL F 445 51.48 -10.62 47.83
C VAL F 445 51.06 -10.54 49.29
N GLN F 446 52.02 -10.67 50.21
CA GLN F 446 51.72 -10.57 51.62
C GLN F 446 51.17 -9.20 51.95
N SER F 447 51.84 -8.15 51.49
CA SER F 447 51.37 -6.79 51.73
C SER F 447 50.03 -6.55 51.06
N VAL F 448 49.88 -7.03 49.83
CA VAL F 448 48.60 -6.93 49.12
C VAL F 448 47.49 -7.51 49.97
N SER F 449 47.72 -8.73 50.47
CA SER F 449 46.72 -9.41 51.28
C SER F 449 46.42 -8.65 52.56
N ASN F 450 47.45 -8.09 53.19
CA ASN F 450 47.24 -7.32 54.41
C ASN F 450 46.33 -6.13 54.17
N ALA F 451 46.67 -5.31 53.16
CA ALA F 451 45.88 -4.13 52.90
C ALA F 451 44.47 -4.48 52.41
N ILE F 452 44.33 -5.58 51.67
CA ILE F 452 43.00 -5.97 51.24
C ILE F 452 42.18 -6.48 52.42
N ARG F 453 42.84 -7.17 53.36
CA ARG F 453 42.21 -7.49 54.62
C ARG F 453 41.68 -6.23 55.28
N LEU F 454 42.52 -5.21 55.37
CA LEU F 454 42.10 -3.94 55.95
C LEU F 454 40.87 -3.38 55.23
N GLN F 455 40.88 -3.44 53.90
CA GLN F 455 39.71 -2.97 53.14
C GLN F 455 38.46 -3.75 53.53
N ARG F 456 38.53 -5.07 53.50
CA ARG F 456 37.40 -5.89 53.92
C ARG F 456 37.09 -5.67 55.40
N SER F 457 38.11 -5.38 56.21
CA SER F 457 37.90 -5.21 57.64
C SER F 457 37.01 -4.03 57.98
N GLY F 458 36.60 -3.24 56.99
CA GLY F 458 35.69 -2.13 57.23
C GLY F 458 36.23 -1.03 58.09
N LEU F 459 37.51 -1.09 58.47
CA LEU F 459 38.12 -0.07 59.31
C LEU F 459 38.94 0.94 58.51
N SER F 460 39.66 0.49 57.48
CA SER F 460 40.27 1.42 56.56
C SER F 460 39.19 2.20 55.82
N ASN F 461 39.60 3.32 55.22
CA ASN F 461 38.68 4.24 54.56
C ASN F 461 37.85 3.51 53.50
N PRO F 462 36.56 3.27 53.75
CA PRO F 462 35.75 2.58 52.74
C PRO F 462 35.45 3.44 51.54
N ASN F 463 35.46 4.77 51.72
CA ASN F 463 35.28 5.67 50.60
C ASN F 463 36.39 5.49 49.58
N GLN F 464 37.64 5.56 50.03
CA GLN F 464 38.84 5.41 49.22
C GLN F 464 39.35 3.98 49.34
N PRO F 465 38.99 3.10 48.41
CA PRO F 465 39.45 1.72 48.48
C PRO F 465 40.96 1.66 48.34
N PRO F 466 41.63 0.88 49.20
CA PRO F 466 43.10 0.78 49.14
C PRO F 466 43.64 0.63 47.72
N SER F 467 44.64 1.44 47.38
CA SER F 467 45.23 1.42 46.05
C SER F 467 46.71 1.06 46.16
N PHE F 468 47.24 0.52 45.08
CA PHE F 468 48.51 -0.20 45.14
C PHE F 468 49.35 0.14 43.93
N LEU F 469 50.66 0.07 44.11
CA LEU F 469 51.61 0.41 43.04
C LEU F 469 52.52 -0.78 42.80
N PHE F 470 52.16 -1.61 41.84
CA PHE F 470 53.07 -2.62 41.32
C PHE F 470 54.37 -1.96 40.89
N CYS F 471 55.49 -2.45 41.42
CA CYS F 471 56.78 -1.90 41.03
C CYS F 471 57.84 -2.99 41.14
N GLY F 472 58.41 -3.37 40.00
CA GLY F 472 59.45 -4.38 39.94
C GLY F 472 59.87 -4.63 38.51
N PRO F 473 60.23 -5.87 38.20
CA PRO F 473 60.52 -6.23 36.81
C PRO F 473 59.22 -6.45 36.03
N SER F 474 59.38 -6.71 34.74
CA SER F 474 58.26 -6.94 33.84
C SER F 474 58.23 -8.39 33.39
N GLY F 475 57.11 -8.77 32.77
CA GLY F 475 56.91 -10.16 32.40
C GLY F 475 56.96 -11.12 33.57
N THR F 476 56.69 -10.62 34.77
CA THR F 476 56.79 -11.40 36.00
C THR F 476 55.46 -11.99 36.41
N GLY F 477 54.58 -12.26 35.46
CA GLY F 477 53.20 -12.48 35.84
C GLY F 477 52.52 -11.24 36.34
N LYS F 478 53.12 -10.07 36.11
CA LYS F 478 52.60 -8.79 36.59
C LYS F 478 51.12 -8.61 36.31
N THR F 479 50.77 -8.54 35.02
CA THR F 479 49.37 -8.48 34.65
C THR F 479 48.66 -9.77 35.01
N LEU F 480 49.38 -10.88 34.96
CA LEU F 480 48.81 -12.14 35.45
C LEU F 480 48.43 -12.02 36.91
N LEU F 481 49.28 -11.39 37.72
CA LEU F 481 48.95 -11.15 39.12
C LEU F 481 47.73 -10.25 39.25
N THR F 482 47.66 -9.21 38.42
CA THR F 482 46.49 -8.33 38.44
C THR F 482 45.22 -9.12 38.21
N LYS F 483 45.17 -9.89 37.12
CA LYS F 483 44.01 -10.72 36.84
C LYS F 483 43.76 -11.72 37.98
N ALA F 484 44.82 -12.22 38.58
CA ALA F 484 44.68 -13.18 39.67
C ALA F 484 43.92 -12.56 40.83
N LEU F 485 44.33 -11.36 41.24
CA LEU F 485 43.59 -10.66 42.29
C LEU F 485 42.15 -10.39 41.84
N ALA F 486 42.00 -9.91 40.61
CA ALA F 486 40.68 -9.64 40.04
C ALA F 486 39.73 -10.80 40.28
N GLU F 487 40.11 -11.97 39.78
CA GLU F 487 39.24 -13.14 39.95
C GLU F 487 39.13 -13.53 41.42
N PHE F 488 40.26 -13.63 42.11
CA PHE F 488 40.24 -14.15 43.47
C PHE F 488 39.33 -13.35 44.38
N LEU F 489 39.07 -12.09 44.05
CA LEU F 489 38.10 -11.31 44.78
C LEU F 489 36.73 -11.30 44.12
N PHE F 490 36.61 -11.85 42.92
CA PHE F 490 35.31 -11.96 42.26
C PHE F 490 35.04 -13.29 41.60
N ASP F 491 36.07 -14.08 41.29
CA ASP F 491 35.91 -15.36 40.58
C ASP F 491 35.25 -15.15 39.23
N ASP F 492 35.65 -14.07 38.56
CA ASP F 492 35.16 -13.72 37.23
C ASP F 492 36.05 -12.65 36.60
N PRO F 493 36.49 -12.85 35.37
CA PRO F 493 37.39 -11.87 34.74
C PRO F 493 36.70 -10.59 34.33
N LYS F 494 35.39 -10.61 34.10
CA LYS F 494 34.67 -9.41 33.70
C LYS F 494 34.80 -8.29 34.73
N SER F 495 35.09 -8.64 35.99
CA SER F 495 35.30 -7.65 37.04
C SER F 495 36.65 -6.95 36.94
N MET F 496 37.36 -7.10 35.82
CA MET F 496 38.62 -6.39 35.59
C MET F 496 38.66 -5.91 34.16
N ILE F 497 39.02 -4.64 33.98
CA ILE F 497 39.12 -4.04 32.65
C ILE F 497 40.50 -3.43 32.52
N ARG F 498 41.08 -3.55 31.32
CA ARG F 498 42.43 -3.05 31.07
C ARG F 498 42.41 -1.54 30.90
N PHE F 499 43.29 -0.85 31.63
CA PHE F 499 43.46 0.60 31.46
C PHE F 499 44.92 0.92 31.75
N ASP F 500 45.72 0.97 30.70
CA ASP F 500 47.14 1.28 30.83
C ASP F 500 47.35 2.79 30.84
N MET F 501 48.19 3.25 31.76
CA MET F 501 48.50 4.67 31.85
C MET F 501 49.41 5.14 30.72
N SER F 502 49.88 4.23 29.85
CA SER F 502 50.73 4.64 28.74
C SER F 502 49.95 5.44 27.72
N GLU F 503 48.74 4.99 27.37
CA GLU F 503 47.86 5.81 26.56
C GLU F 503 47.41 7.07 27.28
N TYR F 504 47.72 7.20 28.57
CA TYR F 504 47.11 8.25 29.38
C TYR F 504 48.17 9.14 30.01
N GLN F 505 49.06 9.63 29.17
CA GLN F 505 50.16 10.50 29.57
C GLN F 505 49.79 11.98 29.59
N GLU F 506 48.61 12.37 29.10
CA GLU F 506 48.31 13.77 28.86
C GLU F 506 46.89 14.11 29.32
N ARG F 507 46.58 15.42 29.23
CA ARG F 507 45.26 15.92 29.60
C ARG F 507 44.21 15.64 28.53
N HIS F 508 44.61 15.45 27.28
CA HIS F 508 43.71 14.85 26.30
C HIS F 508 43.31 13.44 26.74
N SER F 509 44.28 12.66 27.18
CA SER F 509 43.98 11.37 27.78
C SER F 509 43.14 11.53 29.04
N LEU F 510 43.39 12.61 29.81
CA LEU F 510 42.51 12.94 30.91
C LEU F 510 41.06 13.07 30.43
N SER F 511 40.84 13.86 29.38
CA SER F 511 39.49 14.13 28.94
C SER F 511 38.82 12.89 28.39
N ARG F 512 39.59 12.01 27.75
CA ARG F 512 38.97 10.78 27.25
C ARG F 512 38.69 9.78 28.37
N MET F 513 39.52 9.73 29.41
CA MET F 513 39.32 8.78 30.49
C MET F 513 38.22 9.24 31.45
N ILE F 514 38.30 10.49 31.91
CA ILE F 514 37.31 11.04 32.84
C ILE F 514 36.04 11.49 32.14
N GLY F 515 35.94 11.26 30.83
CA GLY F 515 34.82 11.79 30.07
C GLY F 515 34.96 13.29 29.92
N ALA F 516 33.95 13.88 29.30
CA ALA F 516 34.02 15.30 28.99
C ALA F 516 32.60 15.83 28.83
N PRO F 517 32.41 17.14 28.91
CA PRO F 517 31.14 17.74 28.50
C PRO F 517 30.88 17.47 27.03
N PRO F 518 29.65 17.70 26.55
CA PRO F 518 29.37 17.50 25.12
C PRO F 518 30.35 18.20 24.19
N GLY F 519 31.06 19.21 24.68
CA GLY F 519 31.97 19.98 23.85
C GLY F 519 33.45 19.70 24.01
N TYR F 520 33.85 18.45 24.21
CA TYR F 520 35.26 18.09 24.15
C TYR F 520 35.42 16.72 23.52
N VAL F 521 36.63 16.47 23.00
CA VAL F 521 36.91 15.29 22.19
C VAL F 521 36.85 13.99 23.01
N GLY F 522 36.96 14.06 24.32
CA GLY F 522 36.94 12.87 25.14
C GLY F 522 35.58 12.54 25.71
N HIS F 523 34.54 12.68 24.88
CA HIS F 523 33.17 12.56 25.36
C HIS F 523 32.32 11.59 24.55
N ASP F 524 32.57 11.50 23.24
CA ASP F 524 31.65 10.77 22.35
C ASP F 524 31.49 9.32 22.77
N ALA F 525 32.58 8.68 23.16
CA ALA F 525 32.51 7.34 23.73
C ALA F 525 32.27 7.36 25.23
N GLY F 526 31.71 8.45 25.73
CA GLY F 526 31.65 8.63 27.18
C GLY F 526 33.04 8.93 27.69
N GLY F 527 33.40 8.24 28.75
CA GLY F 527 34.80 8.15 29.17
C GLY F 527 35.11 6.72 29.50
N GLN F 528 36.28 6.26 29.05
CA GLN F 528 36.64 4.86 29.18
C GLN F 528 36.44 4.37 30.61
N LEU F 529 37.17 4.97 31.55
CA LEU F 529 36.97 4.62 32.95
C LEU F 529 35.57 5.01 33.42
N THR F 530 35.01 6.09 32.90
CA THR F 530 33.67 6.49 33.33
C THR F 530 32.66 5.39 33.08
N GLU F 531 32.48 5.00 31.82
CA GLU F 531 31.56 3.91 31.51
C GLU F 531 31.97 2.62 32.20
N ALA F 532 33.28 2.34 32.23
CA ALA F 532 33.78 1.14 32.91
C ALA F 532 33.24 1.04 34.34
N LEU F 533 33.14 2.18 35.01
CA LEU F 533 32.59 2.19 36.36
C LEU F 533 31.07 2.32 36.36
N ARG F 534 30.52 2.97 35.33
CA ARG F 534 29.07 3.06 35.19
C ARG F 534 28.44 1.67 35.16
N ARG F 535 29.17 0.69 34.65
CA ARG F 535 28.61 -0.66 34.64
C ARG F 535 28.83 -1.36 35.98
N ARG F 536 30.04 -1.30 36.51
CA ARG F 536 30.32 -2.17 37.65
C ARG F 536 30.27 -1.40 38.96
N PRO F 537 29.62 -1.94 39.99
CA PRO F 537 29.83 -1.45 41.35
C PRO F 537 30.94 -2.18 42.09
N PHE F 538 31.46 -3.25 41.51
CA PHE F 538 32.47 -4.09 42.14
C PHE F 538 33.46 -4.56 41.08
N SER F 539 34.68 -4.03 41.14
CA SER F 539 35.71 -4.33 40.16
C SER F 539 37.02 -3.74 40.65
N ILE F 540 38.11 -4.13 39.98
CA ILE F 540 39.40 -3.51 40.20
C ILE F 540 39.66 -2.55 39.05
N LEU F 541 40.41 -1.49 39.33
CA LEU F 541 40.73 -0.48 38.34
C LEU F 541 42.22 -0.55 38.04
N LEU F 542 42.54 -1.04 36.85
CA LEU F 542 43.92 -1.21 36.43
C LEU F 542 44.50 0.12 35.97
N PHE F 543 45.65 0.48 36.53
CA PHE F 543 46.42 1.66 36.10
C PHE F 543 47.82 1.14 35.79
N ASP F 544 48.05 0.79 34.53
CA ASP F 544 49.27 0.10 34.17
C ASP F 544 50.37 1.10 33.83
N GLU F 545 51.56 0.84 34.37
CA GLU F 545 52.76 1.60 34.06
C GLU F 545 52.51 3.11 34.21
N VAL F 546 52.15 3.48 35.44
CA VAL F 546 51.67 4.83 35.70
C VAL F 546 52.77 5.87 35.55
N GLU F 547 54.03 5.44 35.44
CA GLU F 547 55.11 6.38 35.21
C GLU F 547 55.02 6.98 33.81
N LYS F 548 53.99 6.57 33.05
CA LYS F 548 53.61 7.24 31.82
C LYS F 548 52.53 8.29 32.07
N ALA F 549 51.56 7.98 32.94
CA ALA F 549 50.55 8.95 33.31
C ALA F 549 51.20 10.15 34.00
N ALA F 550 50.97 11.34 33.46
CA ALA F 550 51.60 12.53 34.00
C ALA F 550 51.01 12.88 35.37
N LYS F 551 51.64 13.87 36.01
CA LYS F 551 51.21 14.29 37.33
C LYS F 551 49.74 14.71 37.33
N GLU F 552 49.27 15.27 36.22
CA GLU F 552 47.87 15.68 36.14
C GLU F 552 46.95 14.47 36.21
N VAL F 553 47.36 13.36 35.61
CA VAL F 553 46.57 12.13 35.74
C VAL F 553 46.57 11.67 37.19
N LEU F 554 47.72 11.74 37.84
CA LEU F 554 47.81 11.42 39.26
C LEU F 554 46.81 12.25 40.06
N THR F 555 46.72 13.55 39.77
CA THR F 555 45.86 14.42 40.57
C THR F 555 44.38 14.20 40.27
N VAL F 556 44.03 13.94 39.00
CA VAL F 556 42.62 13.75 38.68
C VAL F 556 42.13 12.42 39.23
N LEU F 557 42.92 11.36 39.07
CA LEU F 557 42.54 10.11 39.70
C LEU F 557 42.69 10.19 41.21
N LEU F 558 43.41 11.18 41.73
CA LEU F 558 43.36 11.47 43.16
C LEU F 558 42.00 12.01 43.54
N GLN F 559 41.51 12.99 42.79
CA GLN F 559 40.13 13.45 42.97
C GLN F 559 39.19 12.26 43.03
N LEU F 560 39.35 11.34 42.07
CA LEU F 560 38.54 10.14 42.05
C LEU F 560 38.70 9.32 43.32
N MET F 561 39.92 8.84 43.56
CA MET F 561 40.14 7.78 44.54
C MET F 561 39.96 8.27 45.96
N ASP F 562 40.29 9.54 46.24
CA ASP F 562 40.25 10.05 47.61
C ASP F 562 38.95 9.71 48.31
N ASP F 563 37.86 9.59 47.54
CA ASP F 563 36.65 8.93 48.00
C ASP F 563 36.23 7.84 47.03
N GLY F 564 37.16 7.32 46.25
CA GLY F 564 36.82 6.37 45.20
C GLY F 564 35.73 6.88 44.29
N ARG F 565 35.73 8.18 44.00
CA ARG F 565 34.56 8.79 43.39
C ARG F 565 34.90 10.18 42.86
N ILE F 566 34.38 10.48 41.68
CA ILE F 566 34.24 11.84 41.17
C ILE F 566 32.98 11.92 40.32
N THR F 567 32.69 13.10 39.82
CA THR F 567 31.57 13.31 38.91
C THR F 567 32.08 13.15 37.49
N ASP F 568 31.40 12.32 36.71
CA ASP F 568 31.85 12.02 35.36
C ASP F 568 31.79 13.25 34.49
N GLY F 569 32.55 13.21 33.39
CA GLY F 569 32.52 14.30 32.44
C GLY F 569 31.23 14.39 31.66
N GLN F 570 30.58 13.24 31.45
CA GLN F 570 29.32 13.22 30.71
C GLN F 570 28.18 13.86 31.50
N GLY F 571 28.25 13.90 32.82
CA GLY F 571 27.28 14.57 33.64
C GLY F 571 26.33 13.69 34.44
N ARG F 572 26.73 12.47 34.77
CA ARG F 572 25.90 11.53 35.50
C ARG F 572 26.38 11.44 36.95
N VAL F 573 25.76 10.54 37.70
CA VAL F 573 26.17 10.23 39.07
C VAL F 573 26.90 8.90 39.08
N VAL F 574 28.12 8.90 39.62
CA VAL F 574 28.94 7.69 39.64
C VAL F 574 29.76 7.61 40.92
N ASP F 575 29.59 6.51 41.65
CA ASP F 575 30.38 6.23 42.83
C ASP F 575 30.63 4.73 42.93
N ALA F 576 31.86 4.36 43.24
CA ALA F 576 32.29 2.97 43.23
C ALA F 576 33.15 2.65 44.44
N LYS F 577 32.72 3.11 45.63
CA LYS F 577 33.48 2.81 46.85
C LYS F 577 33.66 1.32 47.06
N ASN F 578 32.80 0.48 46.45
CA ASN F 578 32.96 -0.96 46.53
C ASN F 578 34.03 -1.49 45.56
N CYS F 579 34.35 -0.73 44.51
CA CYS F 579 35.36 -1.17 43.54
C CYS F 579 36.76 -1.06 44.13
N ILE F 580 37.76 -1.36 43.29
CA ILE F 580 39.16 -1.40 43.70
C ILE F 580 39.99 -0.69 42.64
N VAL F 581 41.13 -0.13 43.08
CA VAL F 581 42.01 0.64 42.22
C VAL F 581 43.45 0.24 42.54
N VAL F 582 44.25 0.02 41.50
CA VAL F 582 45.65 -0.41 41.65
C VAL F 582 46.47 0.17 40.51
N MET F 583 47.65 0.69 40.84
CA MET F 583 48.60 1.23 39.89
C MET F 583 49.79 0.28 39.72
N THR F 584 50.55 0.48 38.65
CA THR F 584 51.73 -0.35 38.39
C THR F 584 52.90 0.53 37.96
N SER F 585 54.08 -0.06 38.02
CA SER F 585 55.32 0.58 37.58
C SER F 585 56.38 -0.51 37.43
N ASN F 586 57.46 -0.16 36.73
CA ASN F 586 58.59 -1.07 36.63
C ASN F 586 59.95 -0.39 36.69
N LEU F 587 60.01 0.93 36.91
CA LEU F 587 61.28 1.62 36.97
C LEU F 587 62.15 1.15 38.12
N GLY F 588 61.58 0.41 39.08
CA GLY F 588 62.38 -0.15 40.16
C GLY F 588 63.19 -1.35 39.74
N ALA F 589 62.83 -2.00 38.64
CA ALA F 589 63.62 -3.11 38.12
C ALA F 589 65.05 -2.68 37.86
N GLU F 590 65.21 -1.50 37.24
CA GLU F 590 66.53 -0.95 36.95
C GLU F 590 67.42 -0.95 38.19
N TYR F 591 66.84 -0.68 39.36
CA TYR F 591 67.59 -0.85 40.61
C TYR F 591 68.01 -2.30 40.80
N LEU F 592 67.11 -3.23 40.49
CA LEU F 592 67.25 -4.61 40.95
C LEU F 592 68.46 -5.27 40.31
N SER F 593 69.23 -5.97 41.14
CA SER F 593 70.40 -6.72 40.70
C SER F 593 70.09 -8.21 40.76
N ARG F 594 70.58 -8.95 39.76
CA ARG F 594 70.29 -10.38 39.67
C ARG F 594 70.83 -11.10 40.90
N ALA F 595 69.92 -11.74 41.63
CA ALA F 595 70.29 -12.49 42.83
C ALA F 595 71.02 -13.78 42.45
N ILE F 603 62.70 -8.13 49.22
CA ILE F 603 63.52 -7.15 48.53
C ILE F 603 64.17 -6.26 49.57
N ASP F 604 65.44 -5.91 49.35
CA ASP F 604 66.14 -5.09 50.33
C ASP F 604 65.55 -3.70 50.37
N PRO F 605 65.32 -3.13 51.55
CA PRO F 605 64.84 -1.75 51.61
C PRO F 605 65.84 -0.73 51.09
N THR F 606 67.13 -1.06 51.13
CA THR F 606 68.16 -0.14 50.66
C THR F 606 67.86 0.34 49.24
N THR F 607 67.80 -0.60 48.29
CA THR F 607 67.38 -0.25 46.94
C THR F 607 65.96 0.31 46.95
N ARG F 608 65.04 -0.40 47.61
CA ARG F 608 63.67 0.07 47.75
C ARG F 608 63.59 1.51 48.24
N GLU F 609 64.50 1.90 49.15
CA GLU F 609 64.52 3.27 49.63
C GLU F 609 64.68 4.24 48.47
N LEU F 610 65.76 4.07 47.70
CA LEU F 610 66.02 4.97 46.58
C LEU F 610 64.91 4.88 45.54
N VAL F 611 64.31 3.70 45.38
CA VAL F 611 63.16 3.56 44.50
C VAL F 611 62.05 4.51 44.93
N MET F 612 61.61 4.38 46.18
CA MET F 612 60.52 5.21 46.68
C MET F 612 60.89 6.69 46.63
N ASN F 613 62.18 7.01 46.83
CA ASN F 613 62.62 8.39 46.64
C ASN F 613 62.34 8.84 45.22
N THR F 614 62.79 8.06 44.24
CA THR F 614 62.57 8.40 42.84
C THR F 614 61.08 8.51 42.51
N LEU F 615 60.26 7.72 43.21
CA LEU F 615 58.82 7.80 42.98
C LEU F 615 58.25 9.10 43.52
N ARG F 616 58.49 9.39 44.79
CA ARG F 616 57.94 10.60 45.39
C ARG F 616 58.45 11.86 44.70
N ASN F 617 59.66 11.83 44.16
CA ASN F 617 60.11 12.99 43.38
C ASN F 617 59.68 12.91 41.92
N TYR F 618 59.19 11.76 41.45
CA TYR F 618 58.55 11.68 40.15
C TYR F 618 57.04 11.82 40.23
N PHE F 619 56.44 11.51 41.38
CA PHE F 619 55.00 11.49 41.53
C PHE F 619 54.63 12.08 42.87
N LEU F 620 53.51 12.81 42.90
CA LEU F 620 53.09 13.60 44.06
C LEU F 620 53.15 12.78 45.34
N PRO F 621 54.06 13.10 46.25
CA PRO F 621 54.14 12.33 47.51
C PRO F 621 52.83 12.30 48.28
N GLU F 622 52.03 13.37 48.23
CA GLU F 622 50.71 13.32 48.86
C GLU F 622 49.80 12.35 48.11
N PHE F 623 49.83 12.40 46.78
CA PHE F 623 49.13 11.39 45.99
C PHE F 623 49.70 10.00 46.25
N LEU F 624 51.02 9.90 46.42
CA LEU F 624 51.62 8.61 46.72
C LEU F 624 51.18 8.11 48.09
N ASN F 625 50.79 9.01 48.99
CA ASN F 625 50.23 8.61 50.27
C ASN F 625 48.85 8.01 50.13
N ARG F 626 48.20 8.16 48.97
CA ARG F 626 46.95 7.48 48.72
C ARG F 626 47.16 6.02 48.33
N ILE F 627 48.37 5.66 47.89
CA ILE F 627 48.70 4.27 47.66
C ILE F 627 48.72 3.55 49.00
N SER F 628 47.82 2.58 49.16
CA SER F 628 47.76 1.86 50.42
C SER F 628 49.01 1.02 50.65
N SER F 629 49.68 0.61 49.57
CA SER F 629 50.91 -0.18 49.69
C SER F 629 51.68 -0.13 48.38
N ILE F 630 52.97 0.15 48.47
CA ILE F 630 53.85 0.12 47.31
C ILE F 630 54.23 -1.34 47.06
N VAL F 631 53.86 -1.86 45.90
CA VAL F 631 53.97 -3.29 45.64
C VAL F 631 55.37 -3.56 45.07
N ILE F 632 56.27 -4.02 45.93
CA ILE F 632 57.68 -4.16 45.59
C ILE F 632 57.93 -5.51 44.93
N PHE F 633 58.98 -5.59 44.12
CA PHE F 633 59.33 -6.84 43.45
C PHE F 633 60.84 -6.91 43.29
N ASN F 634 61.33 -8.09 42.92
CA ASN F 634 62.76 -8.33 42.82
C ASN F 634 63.05 -9.20 41.59
N ARG F 635 64.33 -9.48 41.37
CA ARG F 635 64.73 -10.33 40.27
C ARG F 635 64.24 -11.75 40.50
N LEU F 636 63.48 -12.27 39.54
CA LEU F 636 62.95 -13.62 39.65
C LEU F 636 64.09 -14.61 39.46
N THR F 637 64.52 -15.25 40.55
CA THR F 637 65.56 -16.25 40.43
C THR F 637 65.04 -17.44 39.62
N ARG F 638 65.94 -18.40 39.39
CA ARG F 638 65.60 -19.47 38.46
C ARG F 638 64.64 -20.49 39.06
N ARG F 639 64.52 -20.57 40.38
CA ARG F 639 63.67 -21.59 40.99
C ARG F 639 62.19 -21.30 40.72
N GLU F 640 61.75 -20.06 41.00
CA GLU F 640 60.38 -19.71 40.73
C GLU F 640 60.05 -19.85 39.25
N ILE F 641 61.02 -19.56 38.38
CA ILE F 641 60.78 -19.70 36.95
C ILE F 641 60.66 -21.17 36.57
N ARG F 642 61.50 -22.03 37.16
CA ARG F 642 61.35 -23.46 36.98
C ARG F 642 59.93 -23.90 37.34
N LYS F 643 59.47 -23.49 38.52
CA LYS F 643 58.13 -23.87 38.94
C LYS F 643 57.07 -23.29 38.00
N ILE F 644 57.31 -22.08 37.49
CA ILE F 644 56.41 -21.48 36.51
C ILE F 644 56.29 -22.36 35.28
N VAL F 645 57.42 -22.76 34.71
CA VAL F 645 57.40 -23.62 33.52
C VAL F 645 56.74 -24.94 33.85
N ASP F 646 56.94 -25.43 35.07
CA ASP F 646 56.24 -26.63 35.49
C ASP F 646 54.73 -26.43 35.46
N LEU F 647 54.28 -25.29 35.96
CA LEU F 647 52.86 -24.97 35.89
C LEU F 647 52.39 -24.91 34.44
N ARG F 648 53.26 -24.44 33.56
CA ARG F 648 52.87 -24.32 32.16
C ARG F 648 52.72 -25.69 31.52
N ILE F 649 53.71 -26.56 31.69
CA ILE F 649 53.57 -27.93 31.21
C ILE F 649 52.41 -28.62 31.90
N ALA F 650 52.02 -28.14 33.08
CA ALA F 650 50.81 -28.66 33.70
C ALA F 650 49.56 -28.22 32.94
N GLU F 651 49.50 -26.94 32.57
CA GLU F 651 48.42 -26.48 31.70
C GLU F 651 48.38 -27.32 30.44
N ILE F 652 49.54 -27.72 29.96
CA ILE F 652 49.60 -28.54 28.76
C ILE F 652 48.99 -29.91 29.04
N GLN F 653 49.55 -30.63 30.00
CA GLN F 653 49.04 -31.98 30.29
C GLN F 653 47.55 -31.96 30.59
N LYS F 654 47.06 -30.90 31.24
CA LYS F 654 45.64 -30.86 31.51
C LYS F 654 44.83 -30.58 30.24
N ARG F 655 45.37 -29.80 29.30
CA ARG F 655 44.63 -29.67 28.05
C ARG F 655 44.68 -30.96 27.25
N LEU F 656 45.74 -31.76 27.45
CA LEU F 656 45.72 -33.12 26.95
C LEU F 656 44.57 -33.91 27.55
N THR F 657 44.38 -33.77 28.85
CA THR F 657 43.21 -34.38 29.50
C THR F 657 41.91 -33.84 28.92
N ASP F 658 41.91 -32.59 28.45
CA ASP F 658 40.69 -31.99 27.92
C ASP F 658 40.11 -32.78 26.76
N ASN F 659 40.85 -33.75 26.23
CA ASN F 659 40.34 -34.72 25.28
C ASN F 659 40.84 -36.09 25.70
N ASP F 660 40.34 -37.12 25.01
CA ASP F 660 40.88 -38.46 25.21
C ASP F 660 42.34 -38.52 24.83
N ARG F 661 42.75 -37.70 23.87
CA ARG F 661 44.15 -37.67 23.42
C ARG F 661 44.97 -37.08 24.55
N ASN F 662 45.65 -37.94 25.30
CA ASN F 662 46.27 -37.51 26.55
C ASN F 662 47.45 -38.43 26.86
N VAL F 663 48.65 -37.92 26.66
CA VAL F 663 49.88 -38.61 27.04
C VAL F 663 50.51 -37.75 28.13
N THR F 664 51.65 -38.16 28.66
CA THR F 664 52.29 -37.42 29.72
C THR F 664 53.57 -36.77 29.23
N ILE F 665 53.75 -35.50 29.56
CA ILE F 665 55.03 -34.84 29.39
C ILE F 665 56.00 -35.40 30.41
N LYS F 666 57.29 -35.45 30.06
CA LYS F 666 58.34 -35.67 31.05
C LYS F 666 59.41 -34.62 30.77
N VAL F 667 59.23 -33.43 31.34
CA VAL F 667 60.25 -32.40 31.27
C VAL F 667 61.41 -32.82 32.17
N SER F 668 62.52 -33.18 31.57
CA SER F 668 63.69 -33.52 32.36
C SER F 668 64.23 -32.27 33.04
N ASP F 669 64.92 -32.49 34.16
CA ASP F 669 65.45 -31.38 34.95
C ASP F 669 66.31 -30.46 34.09
N GLU F 670 67.31 -31.02 33.42
CA GLU F 670 68.19 -30.21 32.57
C GLU F 670 67.39 -29.49 31.48
N ALA F 671 66.36 -30.15 30.94
CA ALA F 671 65.53 -29.50 29.94
C ALA F 671 64.82 -28.29 30.52
N LYS F 672 64.14 -28.48 31.66
CA LYS F 672 63.52 -27.36 32.35
C LYS F 672 64.49 -26.23 32.56
N ASP F 673 65.66 -26.53 33.12
CA ASP F 673 66.62 -25.50 33.47
C ASP F 673 67.12 -24.77 32.24
N LYS F 674 67.48 -25.51 31.19
CA LYS F 674 68.01 -24.89 29.99
C LYS F 674 66.96 -24.03 29.30
N LEU F 675 65.72 -24.52 29.23
CA LEU F 675 64.66 -23.73 28.62
C LEU F 675 64.37 -22.48 29.42
N GLY F 676 64.46 -22.57 30.74
CA GLY F 676 64.34 -21.37 31.55
C GLY F 676 65.44 -20.37 31.24
N ALA F 677 66.69 -20.85 31.25
CA ALA F 677 67.82 -20.00 30.89
C ALA F 677 67.62 -19.36 29.53
N GLN F 678 67.04 -20.09 28.59
CA GLN F 678 66.89 -19.58 27.23
C GLN F 678 65.79 -18.54 27.17
N GLY F 679 64.56 -18.94 27.49
CA GLY F 679 63.45 -18.00 27.45
C GLY F 679 63.50 -16.92 28.49
N TYR F 680 64.47 -16.97 29.41
CA TYR F 680 64.67 -15.89 30.35
C TYR F 680 64.98 -14.61 29.58
N SER F 681 64.06 -13.65 29.62
CA SER F 681 64.22 -12.38 28.94
C SER F 681 64.51 -11.31 29.98
N PRO F 682 65.78 -11.04 30.28
CA PRO F 682 66.08 -9.96 31.25
C PRO F 682 65.35 -8.68 30.95
N VAL F 683 65.06 -8.42 29.67
CA VAL F 683 64.19 -7.32 29.32
C VAL F 683 62.81 -7.46 29.92
N TYR F 684 62.22 -8.66 29.89
CA TYR F 684 60.87 -8.88 30.38
C TYR F 684 60.74 -10.16 31.20
N GLY F 685 61.75 -10.48 32.01
CA GLY F 685 61.67 -11.69 32.80
C GLY F 685 61.73 -12.94 31.94
N ALA F 686 60.58 -13.60 31.79
CA ALA F 686 60.45 -14.70 30.85
C ALA F 686 59.12 -14.61 30.09
N ARG F 687 58.56 -13.41 29.99
CA ARG F 687 57.29 -13.23 29.31
C ARG F 687 57.22 -13.89 27.93
N PRO F 688 58.25 -13.84 27.08
CA PRO F 688 58.19 -14.60 25.83
C PRO F 688 58.52 -16.07 25.99
N LEU F 689 59.17 -16.47 27.09
CA LEU F 689 59.57 -17.85 27.27
C LEU F 689 58.42 -18.82 27.07
N GLN F 690 57.19 -18.40 27.32
CA GLN F 690 56.05 -19.29 27.14
C GLN F 690 55.84 -19.64 25.68
N ARG F 691 55.73 -18.63 24.81
CA ARG F 691 55.72 -18.89 23.38
C ARG F 691 56.94 -19.69 22.98
N LEU F 692 58.11 -19.31 23.51
CA LEU F 692 59.33 -20.04 23.22
C LEU F 692 59.15 -21.53 23.45
N LEU F 693 58.72 -21.89 24.65
CA LEU F 693 58.58 -23.29 25.03
C LEU F 693 57.56 -23.99 24.15
N GLU F 694 56.40 -23.38 23.97
CA GLU F 694 55.36 -24.05 23.22
C GLU F 694 55.77 -24.26 21.76
N LYS F 695 56.29 -23.23 21.12
CA LYS F 695 56.77 -23.40 19.76
C LYS F 695 57.92 -24.38 19.70
N GLU F 696 58.67 -24.51 20.79
CA GLU F 696 59.82 -25.41 20.77
C GLU F 696 59.38 -26.86 20.77
N VAL F 697 58.46 -27.22 21.65
CA VAL F 697 58.10 -28.61 21.86
C VAL F 697 56.78 -28.96 21.19
N LEU F 698 55.74 -28.18 21.48
CA LEU F 698 54.37 -28.56 21.14
C LEU F 698 54.22 -28.82 19.64
N ASN F 699 54.98 -28.11 18.82
CA ASN F 699 54.92 -28.27 17.37
C ASN F 699 55.24 -29.70 16.96
N ARG F 700 56.49 -30.12 17.19
CA ARG F 700 56.90 -31.46 16.85
C ARG F 700 56.11 -32.49 17.64
N LEU F 701 55.65 -32.12 18.82
CA LEU F 701 54.80 -33.00 19.61
C LEU F 701 53.59 -33.38 18.78
N ALA F 702 52.76 -32.39 18.44
CA ALA F 702 51.57 -32.65 17.64
C ALA F 702 51.93 -33.27 16.30
N ILE F 703 53.08 -32.91 15.75
CA ILE F 703 53.54 -33.53 14.50
C ILE F 703 53.59 -35.04 14.66
N LEU F 704 54.38 -35.50 15.63
CA LEU F 704 54.51 -36.93 15.88
C LEU F 704 53.17 -37.53 16.24
N ILE F 705 52.37 -36.79 17.02
CA ILE F 705 51.10 -37.30 17.53
C ILE F 705 50.16 -37.64 16.38
N LEU F 706 49.82 -36.62 15.59
CA LEU F 706 48.96 -36.85 14.45
C LEU F 706 49.64 -37.70 13.39
N ARG F 707 50.95 -37.89 13.48
CA ARG F 707 51.57 -38.97 12.72
C ARG F 707 51.47 -40.29 13.46
N GLY F 708 51.56 -40.28 14.79
CA GLY F 708 51.46 -41.48 15.58
C GLY F 708 52.76 -42.06 16.10
N GLN F 709 53.86 -41.30 16.05
CA GLN F 709 55.12 -41.82 16.57
C GLN F 709 55.10 -42.04 18.07
N ILE F 710 54.13 -41.46 18.77
CA ILE F 710 53.86 -41.77 20.17
C ILE F 710 52.35 -41.74 20.35
N ARG F 711 51.80 -42.82 20.90
CA ARG F 711 50.35 -42.95 21.00
C ARG F 711 49.88 -42.61 22.42
N GLU F 712 48.59 -42.83 22.66
CA GLU F 712 47.92 -42.28 23.82
C GLU F 712 48.54 -42.77 25.12
N GLY F 713 48.54 -41.89 26.13
CA GLY F 713 48.95 -42.24 27.48
C GLY F 713 50.44 -42.31 27.71
N GLU F 714 51.25 -42.45 26.67
CA GLU F 714 52.67 -42.67 26.85
C GLU F 714 53.38 -41.37 27.23
N VAL F 715 54.70 -41.42 27.24
CA VAL F 715 55.50 -40.34 27.79
C VAL F 715 55.94 -39.39 26.69
N ALA F 716 55.68 -38.11 26.89
CA ALA F 716 56.35 -37.05 26.13
C ALA F 716 57.64 -36.73 26.88
N CYS F 717 58.61 -37.62 26.70
CA CYS F 717 59.87 -37.54 27.44
C CYS F 717 60.68 -36.37 26.91
N VAL F 718 60.58 -35.23 27.58
CA VAL F 718 61.29 -34.03 27.18
C VAL F 718 62.73 -34.16 27.69
N GLU F 719 63.61 -34.69 26.84
CA GLU F 719 64.99 -34.97 27.21
C GLU F 719 65.91 -34.10 26.38
N LEU F 720 66.59 -33.17 27.04
CA LEU F 720 67.39 -32.15 26.36
C LEU F 720 68.58 -32.80 25.66
N VAL F 721 68.55 -32.83 24.34
CA VAL F 721 69.64 -33.35 23.53
C VAL F 721 70.41 -32.18 22.95
N ASP F 722 71.72 -32.13 23.22
CA ASP F 722 72.61 -31.10 22.68
C ASP F 722 72.11 -29.70 23.01
N GLY F 723 71.47 -29.54 24.17
CA GLY F 723 70.88 -28.27 24.55
C GLY F 723 69.63 -27.90 23.81
N LYS F 724 69.32 -28.54 22.70
CA LYS F 724 68.09 -28.31 21.93
C LYS F 724 67.29 -29.60 22.03
N VAL F 725 66.46 -29.69 23.06
CA VAL F 725 65.68 -30.89 23.30
C VAL F 725 64.91 -31.28 22.05
N GLN F 726 64.82 -32.58 21.82
CA GLN F 726 63.95 -33.13 20.80
C GLN F 726 62.87 -33.97 21.48
N VAL F 727 61.68 -33.97 20.89
CA VAL F 727 60.61 -34.79 21.43
C VAL F 727 60.92 -36.23 21.04
N LEU F 728 61.50 -36.97 21.97
CA LEU F 728 62.02 -38.30 21.67
C LEU F 728 60.88 -39.22 21.29
N PRO F 729 60.79 -39.62 20.02
CA PRO F 729 59.66 -40.42 19.56
C PRO F 729 59.75 -41.85 20.08
N ASN F 730 58.68 -42.60 19.83
CA ASN F 730 58.62 -43.99 20.27
C ASN F 730 58.14 -44.95 19.20
N HIS F 731 57.44 -44.50 18.17
CA HIS F 731 56.98 -45.39 17.13
C HIS F 731 57.59 -44.98 15.81
N PRO F 732 58.35 -45.84 15.16
CA PRO F 732 58.99 -45.45 13.90
C PRO F 732 58.01 -45.45 12.73
N ASP F 733 58.52 -45.17 11.53
CA ASP F 733 57.72 -45.18 10.31
C ASP F 733 57.35 -46.60 9.93
#